data_6PMD
#
_entry.id   6PMD
#
_cell.length_a   94.377
_cell.length_b   125.972
_cell.length_c   145.603
_cell.angle_alpha   90.000
_cell.angle_beta   93.770
_cell.angle_gamma   90.000
#
_symmetry.space_group_name_H-M   'P 1 21 1'
#
loop_
_entity.id
_entity.type
_entity.pdbx_description
1 polymer 'ATP-dependent Clp protease proteolytic subunit'
2 polymer 'SHV-WFP-SER-PRO-YCP-ALA-MP8 Acyldepsipeptide'
3 non-polymer (4S)-2-METHYL-2,4-PENTANEDIOL
4 water water
#
loop_
_entity_poly.entity_id
_entity_poly.type
_entity_poly.pdbx_seq_one_letter_code
_entity_poly.pdbx_strand_id
1 'polypeptide(L)'
;MNLIPTVIETTNRGERAYDIYSRLLKDRIIMLGSQIDDNVANSIVSQLLFLQAQDSEKDIYLYINSPGGSVTAGFAIYDT
IQHIKPDVQTICIGMAASMGSFLLAAGAKGKRFALPNAEVMIHQPLGGAQGQATEIEIAANHILKTREKLNRILSERTGQ
SIEKIQKDTDRDNFLTAEEAKEYGLIDEVMVPETKLEHHHHHH
;
A,B,C,D,E,F,G,I,K,L,M,N,S,T
2 'polypeptide(L)' (SHV)(WFP)SP(YCP)A(MP8) H,J,O,P,Q,R,U,V,X,Y,Z
#
loop_
_chem_comp.id
_chem_comp.type
_chem_comp.name
_chem_comp.formula
MPD non-polymer (4S)-2-METHYL-2,4-PENTANEDIOL 'C6 H14 O2'
SHV non-polymer 'HEPTANOIC ACID' 'C7 H14 O2'
#
# COMPACT_ATOMS: atom_id res chain seq x y z
N LEU A 3 28.31 -4.66 11.32
CA LEU A 3 29.01 -5.95 11.56
C LEU A 3 29.39 -6.06 13.05
N ILE A 4 29.32 -7.29 13.56
CA ILE A 4 29.87 -7.65 14.86
C ILE A 4 31.35 -7.95 14.67
N PRO A 5 32.28 -7.26 15.37
CA PRO A 5 33.70 -7.51 15.18
C PRO A 5 34.13 -8.89 15.71
N THR A 6 35.28 -9.33 15.18
CA THR A 6 35.91 -10.61 15.46
C THR A 6 37.20 -10.32 16.25
N VAL A 7 37.55 -11.21 17.19
CA VAL A 7 38.80 -11.14 17.94
C VAL A 7 39.54 -12.47 17.78
N ILE A 8 40.88 -12.40 17.76
CA ILE A 8 41.78 -13.56 17.60
C ILE A 8 43.02 -13.31 18.47
N ALA A 17 39.25 -17.68 16.43
CA ALA A 17 38.39 -16.62 15.90
C ALA A 17 37.01 -16.65 16.58
N TYR A 18 36.73 -15.63 17.41
CA TYR A 18 35.45 -15.43 18.08
C TYR A 18 34.82 -14.11 17.64
N ASP A 19 33.51 -14.10 17.34
CA ASP A 19 32.73 -12.85 17.44
C ASP A 19 32.80 -12.36 18.90
N ILE A 20 32.63 -11.05 19.11
CA ILE A 20 32.94 -10.43 20.41
C ILE A 20 32.06 -11.06 21.53
N TYR A 21 30.80 -11.37 21.22
CA TYR A 21 29.87 -11.91 22.22
C TYR A 21 30.30 -13.33 22.63
N SER A 22 30.71 -14.13 21.65
CA SER A 22 31.21 -15.47 21.90
C SER A 22 32.49 -15.41 22.76
N ARG A 23 33.33 -14.40 22.52
CA ARG A 23 34.55 -14.22 23.30
C ARG A 23 34.17 -13.91 24.77
N LEU A 24 33.14 -13.09 24.97
CA LEU A 24 32.68 -12.78 26.33
C LEU A 24 32.07 -14.04 26.98
N LEU A 25 31.37 -14.86 26.20
CA LEU A 25 30.73 -16.05 26.75
C LEU A 25 31.81 -17.01 27.30
N LYS A 26 32.99 -17.02 26.68
CA LYS A 26 34.11 -17.81 27.15
C LYS A 26 34.48 -17.43 28.59
N ASP A 27 34.28 -16.16 28.98
CA ASP A 27 34.53 -15.71 30.37
C ASP A 27 33.24 -15.68 31.21
N ARG A 28 32.21 -16.41 30.77
CA ARG A 28 30.96 -16.62 31.53
C ARG A 28 30.11 -15.34 31.57
N ILE A 29 30.26 -14.47 30.56
CA ILE A 29 29.43 -13.27 30.42
C ILE A 29 28.37 -13.53 29.34
N ILE A 30 27.10 -13.32 29.72
CA ILE A 30 25.94 -13.36 28.80
C ILE A 30 25.42 -11.94 28.62
N MET A 31 25.20 -11.54 27.35
CA MET A 31 24.68 -10.18 27.04
C MET A 31 23.20 -10.28 26.65
N LEU A 32 22.34 -9.66 27.46
CA LEU A 32 20.93 -9.47 27.12
C LEU A 32 20.77 -8.01 26.71
N GLY A 33 20.88 -7.78 25.39
CA GLY A 33 20.98 -6.43 24.83
C GLY A 33 19.86 -6.13 23.85
N SER A 34 18.67 -6.70 24.07
CA SER A 34 17.57 -6.51 23.18
C SER A 34 16.24 -6.75 23.90
N GLN A 35 15.15 -6.56 23.16
CA GLN A 35 13.81 -6.97 23.53
C GLN A 35 13.86 -8.47 23.89
N ILE A 36 13.05 -8.88 24.86
CA ILE A 36 12.96 -10.27 25.29
C ILE A 36 11.82 -10.93 24.50
N ASP A 37 12.19 -11.88 23.62
CA ASP A 37 11.24 -12.72 22.94
C ASP A 37 11.71 -14.17 23.11
N ASP A 38 10.98 -15.10 22.49
CA ASP A 38 11.22 -16.53 22.63
C ASP A 38 12.63 -16.87 22.14
N ASN A 39 13.07 -16.28 21.01
CA ASN A 39 14.39 -16.56 20.43
C ASN A 39 15.50 -16.16 21.41
N VAL A 40 15.39 -14.95 21.96
CA VAL A 40 16.36 -14.41 22.88
C VAL A 40 16.41 -15.28 24.14
N ALA A 41 15.24 -15.65 24.66
CA ALA A 41 15.15 -16.48 25.87
C ALA A 41 15.79 -17.85 25.62
N ASN A 42 15.53 -18.44 24.45
CA ASN A 42 16.06 -19.74 24.12
C ASN A 42 17.60 -19.71 24.10
N SER A 43 18.16 -18.63 23.56
CA SER A 43 19.59 -18.44 23.50
C SER A 43 20.18 -18.27 24.90
N ILE A 44 19.55 -17.41 25.72
CA ILE A 44 20.06 -17.10 27.06
C ILE A 44 20.00 -18.38 27.92
N VAL A 45 18.85 -19.07 27.86
CA VAL A 45 18.67 -20.31 28.61
C VAL A 45 19.77 -21.31 28.20
N SER A 46 20.00 -21.45 26.90
CA SER A 46 21.00 -22.39 26.39
C SER A 46 22.39 -22.02 26.91
N GLN A 47 22.69 -20.73 26.93
CA GLN A 47 23.98 -20.23 27.42
C GLN A 47 24.13 -20.55 28.91
N LEU A 48 23.06 -20.36 29.69
CA LEU A 48 23.11 -20.61 31.13
C LEU A 48 23.39 -22.09 31.39
N LEU A 49 22.71 -22.97 30.64
CA LEU A 49 22.85 -24.41 30.80
C LEU A 49 24.27 -24.85 30.40
N PHE A 50 24.77 -24.32 29.30
CA PHE A 50 26.12 -24.59 28.85
C PHE A 50 27.13 -24.19 29.93
N LEU A 51 26.98 -23.00 30.51
CA LEU A 51 27.96 -22.49 31.45
C LEU A 51 27.94 -23.34 32.73
N GLN A 52 26.75 -23.78 33.17
CA GLN A 52 26.63 -24.61 34.36
C GLN A 52 27.35 -25.95 34.13
N ALA A 53 27.17 -26.52 32.93
CA ALA A 53 27.76 -27.81 32.56
C ALA A 53 29.29 -27.71 32.52
N GLN A 54 29.81 -26.57 32.07
CA GLN A 54 31.25 -26.32 32.04
C GLN A 54 31.82 -26.21 33.46
N ASP A 55 31.08 -25.52 34.33
CA ASP A 55 31.54 -25.27 35.70
C ASP A 55 30.34 -24.89 36.56
N SER A 56 29.97 -25.78 37.49
CA SER A 56 28.78 -25.67 38.30
C SER A 56 28.98 -24.72 39.50
N GLU A 57 30.20 -24.20 39.70
CA GLU A 57 30.55 -23.45 40.91
C GLU A 57 30.86 -21.98 40.61
N LYS A 58 31.47 -21.68 39.45
CA LYS A 58 31.89 -20.31 39.12
C LYS A 58 30.68 -19.44 38.74
N ASP A 59 30.71 -18.19 39.19
CA ASP A 59 29.68 -17.20 38.88
C ASP A 59 29.53 -17.03 37.37
N ILE A 60 28.30 -16.69 36.97
CA ILE A 60 27.92 -16.21 35.65
C ILE A 60 27.56 -14.72 35.77
N TYR A 61 27.81 -13.95 34.71
CA TYR A 61 27.50 -12.52 34.70
C TYR A 61 26.52 -12.24 33.55
N LEU A 62 25.32 -11.75 33.92
CA LEU A 62 24.28 -11.38 32.95
C LEU A 62 24.19 -9.84 32.88
N TYR A 63 24.65 -9.30 31.74
CA TYR A 63 24.57 -7.86 31.46
C TYR A 63 23.22 -7.58 30.81
N ILE A 64 22.50 -6.58 31.32
CA ILE A 64 21.13 -6.30 30.88
C ILE A 64 21.04 -4.87 30.37
N ASN A 65 20.71 -4.75 29.08
CA ASN A 65 20.24 -3.51 28.46
C ASN A 65 19.03 -3.87 27.59
N SER A 66 17.82 -3.73 28.14
CA SER A 66 16.65 -4.33 27.56
C SER A 66 15.42 -3.52 27.93
N PRO A 67 14.51 -3.24 26.96
CA PRO A 67 13.23 -2.61 27.27
C PRO A 67 12.17 -3.62 27.73
N GLY A 68 12.54 -4.90 27.89
CA GLY A 68 11.60 -5.90 28.30
C GLY A 68 11.07 -6.68 27.12
N GLY A 69 9.85 -7.18 27.23
CA GLY A 69 9.22 -8.01 26.20
C GLY A 69 8.31 -9.07 26.82
N SER A 70 8.33 -10.25 26.21
CA SER A 70 7.41 -11.34 26.58
C SER A 70 7.66 -11.77 28.04
N VAL A 71 6.56 -11.85 28.80
CA VAL A 71 6.61 -12.27 30.18
C VAL A 71 6.97 -13.76 30.27
N THR A 72 6.40 -14.60 29.41
CA THR A 72 6.68 -16.04 29.45
C THR A 72 8.14 -16.30 29.03
N ALA A 73 8.63 -15.58 28.02
CA ALA A 73 10.03 -15.69 27.64
C ALA A 73 10.92 -15.28 28.80
N GLY A 74 10.54 -14.19 29.47
CA GLY A 74 11.23 -13.70 30.65
C GLY A 74 11.26 -14.75 31.76
N PHE A 75 10.14 -15.46 31.95
CA PHE A 75 10.08 -16.49 33.00
C PHE A 75 10.92 -17.72 32.64
N ALA A 76 11.10 -18.01 31.34
CA ALA A 76 12.02 -19.07 30.93
C ALA A 76 13.43 -18.76 31.47
N ILE A 77 13.85 -17.50 31.32
CA ILE A 77 15.16 -17.07 31.79
C ILE A 77 15.18 -17.09 33.32
N TYR A 78 14.17 -16.49 33.95
CA TYR A 78 14.09 -16.37 35.39
C TYR A 78 14.22 -17.75 36.05
N ASP A 79 13.40 -18.72 35.62
CA ASP A 79 13.36 -20.03 36.23
C ASP A 79 14.70 -20.76 36.01
N THR A 80 15.35 -20.54 34.86
CA THR A 80 16.63 -21.15 34.58
C THR A 80 17.69 -20.57 35.54
N ILE A 81 17.67 -19.25 35.74
CA ILE A 81 18.61 -18.62 36.68
C ILE A 81 18.45 -19.29 38.06
N GLN A 82 17.21 -19.41 38.56
CA GLN A 82 17.02 -19.92 39.92
C GLN A 82 17.37 -21.42 39.98
N HIS A 83 17.20 -22.15 38.87
CA HIS A 83 17.39 -23.59 38.87
C HIS A 83 18.87 -23.98 38.94
N ILE A 84 19.75 -23.30 38.20
CA ILE A 84 21.15 -23.74 38.06
C ILE A 84 21.92 -23.46 39.35
N LYS A 85 23.03 -24.17 39.54
CA LYS A 85 23.84 -24.12 40.76
C LYS A 85 24.62 -22.81 40.83
N PRO A 86 25.31 -22.36 39.76
CA PRO A 86 26.08 -21.11 39.85
C PRO A 86 25.21 -19.89 40.18
N ASP A 87 25.78 -18.95 40.93
CA ASP A 87 25.23 -17.64 41.11
C ASP A 87 25.27 -16.90 39.77
N VAL A 88 24.16 -16.19 39.46
CA VAL A 88 24.12 -15.30 38.30
C VAL A 88 24.08 -13.86 38.79
N GLN A 89 25.17 -13.14 38.54
CA GLN A 89 25.24 -11.71 38.82
C GLN A 89 24.49 -10.98 37.71
N THR A 90 23.80 -9.90 38.04
CA THR A 90 23.13 -9.06 37.05
C THR A 90 23.72 -7.65 37.11
N ILE A 91 23.98 -7.10 35.93
CA ILE A 91 24.49 -5.75 35.78
C ILE A 91 23.65 -5.01 34.73
N CYS A 92 22.95 -3.96 35.17
CA CYS A 92 22.19 -3.11 34.30
C CYS A 92 23.08 -2.01 33.73
N ILE A 93 23.20 -1.98 32.40
CA ILE A 93 23.82 -0.89 31.64
C ILE A 93 22.75 -0.27 30.75
N GLY A 94 22.66 1.05 30.73
CA GLY A 94 21.69 1.70 29.86
C GLY A 94 20.30 1.68 30.47
N MET A 95 19.55 0.58 30.27
CA MET A 95 18.17 0.53 30.71
C MET A 95 17.76 -0.92 30.98
N ALA A 96 17.01 -1.11 32.07
CA ALA A 96 16.29 -2.34 32.34
C ALA A 96 14.84 -1.96 32.64
N ALA A 97 13.95 -2.23 31.67
CA ALA A 97 12.55 -1.87 31.81
C ALA A 97 11.69 -3.12 31.74
N SER A 98 10.58 -3.07 32.50
CA SER A 98 9.57 -4.08 32.46
C SER A 98 10.20 -5.43 32.81
N MET A 99 10.04 -6.44 31.96
CA MET A 99 10.57 -7.74 32.24
C MET A 99 12.09 -7.69 32.39
N GLY A 100 12.72 -6.66 31.79
CA GLY A 100 14.16 -6.42 31.94
C GLY A 100 14.53 -6.09 33.38
N SER A 101 13.71 -5.28 34.04
CA SER A 101 13.97 -4.90 35.42
C SER A 101 13.64 -6.09 36.34
N PHE A 102 12.68 -6.93 35.94
CA PHE A 102 12.36 -8.14 36.69
C PHE A 102 13.58 -9.08 36.73
N LEU A 103 14.23 -9.26 35.57
CA LEU A 103 15.40 -10.13 35.48
C LEU A 103 16.59 -9.51 36.25
N LEU A 104 16.73 -8.19 36.23
CA LEU A 104 17.79 -7.54 36.99
C LEU A 104 17.65 -7.91 38.47
N ALA A 105 16.41 -7.84 38.98
CA ALA A 105 16.11 -8.11 40.38
C ALA A 105 16.28 -9.60 40.71
N ALA A 106 16.34 -10.47 39.68
CA ALA A 106 16.38 -11.92 39.83
C ALA A 106 17.81 -12.44 40.05
N GLY A 107 18.83 -11.57 39.93
CA GLY A 107 20.20 -11.96 40.14
C GLY A 107 20.43 -12.42 41.59
N ALA A 108 21.55 -13.12 41.80
CA ALA A 108 21.96 -13.60 43.14
C ALA A 108 22.00 -12.42 44.12
N LYS A 109 21.42 -12.62 45.30
CA LYS A 109 21.36 -11.57 46.33
C LYS A 109 22.78 -11.15 46.69
N GLY A 110 23.03 -9.84 46.71
CA GLY A 110 24.34 -9.26 46.92
C GLY A 110 25.08 -9.01 45.62
N LYS A 111 24.58 -9.53 44.49
CA LYS A 111 25.33 -9.49 43.22
C LYS A 111 24.46 -8.92 42.08
N ARG A 112 23.57 -7.98 42.42
CA ARG A 112 22.78 -7.23 41.47
C ARG A 112 23.29 -5.79 41.44
N PHE A 113 23.71 -5.33 40.26
CA PHE A 113 24.35 -4.04 40.07
C PHE A 113 23.67 -3.23 38.97
N ALA A 114 23.83 -1.91 39.05
CA ALA A 114 23.52 -1.00 37.94
C ALA A 114 24.65 0.03 37.84
N LEU A 115 24.99 0.41 36.61
CA LEU A 115 25.94 1.50 36.39
C LEU A 115 25.23 2.80 36.71
N PRO A 116 25.97 3.89 37.03
CA PRO A 116 25.37 5.06 37.68
C PRO A 116 24.29 5.79 36.89
N ASN A 117 24.37 5.75 35.56
CA ASN A 117 23.43 6.50 34.72
C ASN A 117 22.42 5.56 34.08
N ALA A 118 22.42 4.29 34.51
CA ALA A 118 21.45 3.30 34.06
C ALA A 118 20.06 3.67 34.56
N GLU A 119 19.05 3.34 33.74
CA GLU A 119 17.65 3.58 34.06
C GLU A 119 16.98 2.24 34.33
N VAL A 120 16.13 2.22 35.35
CA VAL A 120 15.34 1.06 35.65
C VAL A 120 13.88 1.53 35.61
N MET A 121 13.02 0.75 34.95
CA MET A 121 11.60 1.10 34.93
C MET A 121 10.76 -0.14 35.27
N ILE A 122 9.79 0.09 36.15
CA ILE A 122 8.85 -0.95 36.55
C ILE A 122 7.44 -0.47 36.21
N HIS A 123 6.57 -1.42 35.86
CA HIS A 123 5.19 -1.13 35.49
C HIS A 123 4.42 -2.44 35.44
N GLN A 124 3.11 -2.35 35.23
CA GLN A 124 2.27 -3.52 35.15
C GLN A 124 2.35 -4.11 33.75
N PRO A 125 2.08 -5.42 33.60
CA PRO A 125 2.10 -6.07 32.29
C PRO A 125 1.03 -5.52 31.32
N LEU A 126 1.36 -5.63 30.03
CA LEU A 126 0.57 -5.14 28.93
C LEU A 126 0.06 -6.33 28.13
N GLY A 127 -1.11 -6.18 27.51
CA GLY A 127 -1.63 -7.20 26.63
C GLY A 127 -2.89 -6.74 25.92
N GLY A 128 -3.65 -7.71 25.45
CA GLY A 128 -4.70 -7.45 24.48
C GLY A 128 -5.65 -8.62 24.39
N ALA A 129 -6.92 -8.32 24.06
CA ALA A 129 -7.96 -9.32 24.00
C ALA A 129 -9.08 -8.80 23.11
N GLN A 130 -9.57 -9.68 22.24
CA GLN A 130 -10.60 -9.34 21.27
C GLN A 130 -11.53 -10.55 21.15
N GLY A 131 -12.84 -10.32 21.09
CA GLY A 131 -13.82 -11.36 20.76
C GLY A 131 -15.02 -11.30 21.70
N GLN A 132 -15.54 -12.48 22.06
CA GLN A 132 -16.71 -12.59 22.90
C GLN A 132 -16.39 -12.15 24.33
N ALA A 133 -17.40 -11.67 25.03
CA ALA A 133 -17.28 -11.28 26.44
C ALA A 133 -16.51 -12.35 27.25
N THR A 134 -16.90 -13.63 27.06
CA THR A 134 -16.28 -14.75 27.76
C THR A 134 -14.77 -14.85 27.45
N GLU A 135 -14.38 -14.58 26.20
CA GLU A 135 -12.98 -14.63 25.78
C GLU A 135 -12.23 -13.48 26.44
N ILE A 136 -12.86 -12.31 26.51
CA ILE A 136 -12.22 -11.15 27.12
C ILE A 136 -12.01 -11.40 28.61
N GLU A 137 -12.99 -12.04 29.25
CA GLU A 137 -12.94 -12.40 30.66
C GLU A 137 -11.73 -13.32 30.90
N ILE A 138 -11.57 -14.34 30.07
CA ILE A 138 -10.46 -15.32 30.21
C ILE A 138 -9.12 -14.59 30.10
N ALA A 139 -8.97 -13.74 29.07
CA ALA A 139 -7.75 -12.97 28.88
C ALA A 139 -7.50 -12.02 30.07
N ALA A 140 -8.54 -11.36 30.58
CA ALA A 140 -8.38 -10.44 31.70
C ALA A 140 -7.90 -11.21 32.95
N ASN A 141 -8.54 -12.35 33.24
CA ASN A 141 -8.20 -13.18 34.39
C ASN A 141 -6.73 -13.65 34.26
N HIS A 142 -6.33 -14.01 33.04
CA HIS A 142 -4.98 -14.48 32.80
C HIS A 142 -3.95 -13.37 33.09
N ILE A 143 -4.16 -12.17 32.56
CA ILE A 143 -3.15 -11.14 32.75
C ILE A 143 -3.15 -10.65 34.20
N LEU A 144 -4.29 -10.69 34.90
CA LEU A 144 -4.33 -10.31 36.32
C LEU A 144 -3.57 -11.33 37.17
N LYS A 145 -3.72 -12.63 36.86
CA LYS A 145 -2.94 -13.69 37.53
C LYS A 145 -1.43 -13.50 37.23
N THR A 146 -1.09 -13.17 35.99
CA THR A 146 0.30 -12.95 35.62
C THR A 146 0.86 -11.81 36.47
N ARG A 147 0.09 -10.73 36.62
CA ARG A 147 0.54 -9.58 37.41
C ARG A 147 0.76 -9.96 38.88
N GLU A 148 -0.19 -10.73 39.46
CA GLU A 148 -0.07 -11.21 40.86
C GLU A 148 1.24 -12.00 41.04
N LYS A 149 1.54 -12.89 40.08
CA LYS A 149 2.74 -13.72 40.11
C LYS A 149 3.99 -12.83 40.07
N LEU A 150 4.04 -11.86 39.13
CA LEU A 150 5.19 -10.97 39.03
C LEU A 150 5.37 -10.18 40.34
N ASN A 151 4.26 -9.66 40.89
CA ASN A 151 4.30 -8.79 42.06
C ASN A 151 4.80 -9.57 43.28
N ARG A 152 4.29 -10.79 43.44
CA ARG A 152 4.67 -11.66 44.55
C ARG A 152 6.19 -11.92 44.50
N ILE A 153 6.72 -12.29 43.33
CA ILE A 153 8.13 -12.60 43.22
C ILE A 153 8.94 -11.32 43.45
N LEU A 154 8.47 -10.19 42.91
CA LEU A 154 9.20 -8.95 43.07
C LEU A 154 9.21 -8.53 44.56
N SER A 155 8.14 -8.86 45.28
CA SER A 155 8.06 -8.63 46.72
C SER A 155 9.16 -9.43 47.44
N GLU A 156 9.25 -10.73 47.12
CA GLU A 156 10.26 -11.62 47.67
C GLU A 156 11.66 -11.10 47.33
N ARG A 157 11.90 -10.60 46.12
CA ARG A 157 13.27 -10.26 45.68
C ARG A 157 13.71 -8.88 46.21
N THR A 158 12.75 -7.98 46.50
CA THR A 158 13.08 -6.60 46.88
C THR A 158 12.93 -6.37 48.39
N GLY A 159 12.09 -7.17 49.06
CA GLY A 159 11.70 -6.90 50.44
C GLY A 159 10.53 -5.93 50.57
N GLN A 160 10.01 -5.39 49.45
CA GLN A 160 8.85 -4.49 49.51
C GLN A 160 7.59 -5.34 49.64
N SER A 161 6.55 -4.78 50.26
CA SER A 161 5.25 -5.46 50.35
C SER A 161 4.60 -5.54 48.96
N ILE A 162 3.75 -6.55 48.79
CA ILE A 162 2.94 -6.74 47.61
C ILE A 162 2.08 -5.50 47.34
N GLU A 163 1.52 -4.91 48.41
CA GLU A 163 0.65 -3.73 48.31
C GLU A 163 1.46 -2.56 47.73
N LYS A 164 2.70 -2.40 48.19
CA LYS A 164 3.52 -1.29 47.70
C LYS A 164 3.92 -1.54 46.23
N ILE A 165 4.26 -2.78 45.87
CA ILE A 165 4.66 -3.10 44.50
C ILE A 165 3.48 -2.76 43.57
N GLN A 166 2.27 -3.17 43.97
CA GLN A 166 1.03 -2.96 43.20
C GLN A 166 0.86 -1.45 42.91
N LYS A 167 0.99 -0.62 43.94
CA LYS A 167 0.83 0.83 43.82
C LYS A 167 1.93 1.42 42.93
N ASP A 168 3.17 0.96 43.10
CA ASP A 168 4.31 1.57 42.45
C ASP A 168 4.43 1.15 40.98
N THR A 169 3.68 0.12 40.55
CA THR A 169 3.73 -0.36 39.17
C THR A 169 2.43 -0.04 38.42
N ASP A 170 1.54 0.73 39.04
CA ASP A 170 0.24 1.02 38.44
C ASP A 170 0.44 1.76 37.12
N ARG A 171 1.41 2.69 37.10
CA ARG A 171 1.87 3.38 35.90
C ARG A 171 3.38 3.21 35.77
N ASP A 172 3.92 3.61 34.62
CA ASP A 172 5.35 3.62 34.37
C ASP A 172 6.04 4.38 35.50
N ASN A 173 7.02 3.73 36.11
CA ASN A 173 7.75 4.25 37.25
C ASN A 173 9.25 4.12 36.93
N PHE A 174 9.88 5.26 36.62
CA PHE A 174 11.28 5.35 36.24
C PHE A 174 12.14 5.59 37.48
N LEU A 175 13.18 4.77 37.67
CA LEU A 175 14.10 4.87 38.81
C LEU A 175 15.52 5.13 38.31
N THR A 176 16.25 5.97 39.03
CA THR A 176 17.73 6.04 38.91
C THR A 176 18.33 4.77 39.51
N ALA A 177 19.60 4.52 39.21
CA ALA A 177 20.34 3.39 39.79
C ALA A 177 20.27 3.46 41.32
N GLU A 178 20.49 4.65 41.88
CA GLU A 178 20.49 4.85 43.33
C GLU A 178 19.09 4.54 43.89
N GLU A 179 18.03 4.99 43.19
CA GLU A 179 16.66 4.71 43.63
C GLU A 179 16.37 3.21 43.53
N ALA A 180 16.90 2.54 42.51
CA ALA A 180 16.69 1.11 42.34
C ALA A 180 17.33 0.35 43.51
N LYS A 181 18.47 0.83 43.97
CA LYS A 181 19.15 0.25 45.13
C LYS A 181 18.30 0.44 46.39
N GLU A 182 17.82 1.66 46.62
CA GLU A 182 16.95 1.97 47.76
C GLU A 182 15.69 1.10 47.71
N TYR A 183 15.19 0.81 46.51
CA TYR A 183 13.97 0.04 46.36
C TYR A 183 14.21 -1.45 46.66
N GLY A 184 15.45 -1.94 46.48
CA GLY A 184 15.77 -3.36 46.64
C GLY A 184 15.81 -4.15 45.34
N LEU A 185 15.77 -3.45 44.18
CA LEU A 185 15.86 -4.11 42.86
C LEU A 185 17.31 -4.52 42.56
N ILE A 186 18.27 -3.74 43.06
CA ILE A 186 19.68 -4.05 42.98
C ILE A 186 20.30 -3.90 44.38
N ASP A 187 21.54 -4.39 44.52
CA ASP A 187 22.27 -4.34 45.80
C ASP A 187 23.24 -3.15 45.82
N GLU A 188 23.87 -2.83 44.67
CA GLU A 188 24.91 -1.80 44.61
C GLU A 188 24.87 -1.04 43.29
N VAL A 189 25.19 0.26 43.37
CA VAL A 189 25.57 1.05 42.22
C VAL A 189 27.07 0.85 42.00
N MET A 190 27.42 0.38 40.80
CA MET A 190 28.79 0.12 40.42
C MET A 190 29.46 1.44 40.03
N VAL A 191 30.28 1.97 40.94
CA VAL A 191 30.90 3.30 40.80
C VAL A 191 32.24 3.15 40.07
N PRO A 192 32.67 4.18 39.31
CA PRO A 192 34.01 4.16 38.69
C PRO A 192 35.18 4.49 39.64
N GLU A 193 36.29 3.74 39.53
CA GLU A 193 37.53 3.92 40.31
C GLU A 193 38.23 5.22 39.88
N THR A 194 38.77 5.23 38.66
CA THR A 194 39.18 6.46 37.96
C THR A 194 40.33 7.12 38.71
N ILE B 4 32.37 -4.65 2.99
CA ILE B 4 33.44 -4.28 3.94
C ILE B 4 34.69 -5.06 3.56
N PRO B 5 35.81 -4.39 3.22
CA PRO B 5 37.00 -5.11 2.74
C PRO B 5 37.67 -5.95 3.83
N THR B 6 38.47 -6.91 3.38
CA THR B 6 39.26 -7.82 4.18
C THR B 6 40.75 -7.44 4.03
N VAL B 7 41.52 -7.59 5.11
CA VAL B 7 42.97 -7.41 5.06
C VAL B 7 43.65 -8.68 5.60
N ILE B 8 44.82 -9.02 5.02
CA ILE B 8 45.65 -10.16 5.44
C ILE B 8 47.13 -9.75 5.39
N ARG B 16 46.45 -14.29 9.18
CA ARG B 16 45.18 -13.87 9.78
C ARG B 16 44.39 -12.98 8.80
N ALA B 17 43.10 -13.27 8.66
CA ALA B 17 42.15 -12.57 7.79
C ALA B 17 41.13 -11.80 8.64
N TYR B 18 41.17 -10.47 8.54
CA TYR B 18 40.32 -9.56 9.31
C TYR B 18 39.46 -8.71 8.35
N ASP B 19 38.16 -8.53 8.65
CA ASP B 19 37.43 -7.36 8.15
C ASP B 19 38.12 -6.10 8.68
N ILE B 20 37.99 -4.97 7.98
CA ILE B 20 38.81 -3.77 8.24
C ILE B 20 38.58 -3.27 9.68
N TYR B 21 37.34 -3.36 10.17
CA TYR B 21 37.00 -2.87 11.53
C TYR B 21 37.67 -3.75 12.58
N SER B 22 37.65 -5.06 12.38
CA SER B 22 38.30 -6.01 13.27
C SER B 22 39.82 -5.77 13.27
N ARG B 23 40.40 -5.41 12.12
CA ARG B 23 41.82 -5.11 12.03
C ARG B 23 42.13 -3.87 12.87
N LEU B 24 41.24 -2.86 12.81
CA LEU B 24 41.44 -1.65 13.63
C LEU B 24 41.27 -1.99 15.12
N LEU B 25 40.34 -2.89 15.46
CA LEU B 25 40.09 -3.24 16.85
C LEU B 25 41.35 -3.89 17.45
N LYS B 26 42.13 -4.60 16.63
CA LYS B 26 43.40 -5.19 17.06
C LYS B 26 44.33 -4.10 17.58
N ASP B 27 44.26 -2.87 17.03
CA ASP B 27 45.08 -1.74 17.49
C ASP B 27 44.30 -0.82 18.45
N ARG B 28 43.23 -1.35 19.06
CA ARG B 28 42.48 -0.70 20.15
C ARG B 28 41.65 0.49 19.61
N ILE B 29 41.27 0.45 18.32
CA ILE B 29 40.41 1.45 17.71
C ILE B 29 38.99 0.88 17.57
N ILE B 30 38.03 1.62 18.13
CA ILE B 30 36.59 1.33 17.99
C ILE B 30 35.97 2.40 17.09
N MET B 31 35.18 1.96 16.09
CA MET B 31 34.52 2.87 15.14
C MET B 31 33.03 2.97 15.49
N LEU B 32 32.60 4.18 15.86
CA LEU B 32 31.18 4.49 16.03
C LEU B 32 30.77 5.32 14.83
N GLY B 33 30.28 4.63 13.79
CA GLY B 33 30.03 5.21 12.50
C GLY B 33 28.55 5.14 12.07
N SER B 34 27.63 5.18 13.03
CA SER B 34 26.22 5.03 12.74
C SER B 34 25.38 5.65 13.84
N GLN B 35 24.07 5.60 13.64
CA GLN B 35 23.07 5.90 14.65
C GLN B 35 23.36 5.03 15.88
N ILE B 36 23.12 5.57 17.07
CA ILE B 36 23.30 4.84 18.32
C ILE B 36 21.97 4.16 18.71
N ASP B 37 21.95 2.84 18.66
CA ASP B 37 20.85 2.04 19.15
C ASP B 37 21.43 0.96 20.08
N ASP B 38 20.55 0.10 20.59
CA ASP B 38 20.92 -0.92 21.57
C ASP B 38 21.97 -1.86 20.99
N ASN B 39 21.82 -2.27 19.73
CA ASN B 39 22.77 -3.20 19.07
C ASN B 39 24.16 -2.58 19.01
N VAL B 40 24.25 -1.32 18.55
CA VAL B 40 25.50 -0.62 18.43
C VAL B 40 26.15 -0.47 19.82
N ALA B 41 25.35 -0.08 20.81
CA ALA B 41 25.85 0.10 22.18
C ALA B 41 26.40 -1.22 22.74
N ASN B 42 25.68 -2.31 22.49
CA ASN B 42 26.08 -3.61 23.00
C ASN B 42 27.43 -4.02 22.40
N SER B 43 27.63 -3.74 21.12
CA SER B 43 28.87 -4.02 20.43
C SER B 43 30.01 -3.17 21.00
N ILE B 44 29.77 -1.86 21.15
CA ILE B 44 30.81 -0.93 21.60
C ILE B 44 31.20 -1.30 23.04
N VAL B 45 30.20 -1.53 23.90
CA VAL B 45 30.44 -1.91 25.30
C VAL B 45 31.30 -3.18 25.32
N SER B 46 30.93 -4.18 24.52
CA SER B 46 31.66 -5.44 24.49
C SER B 46 33.12 -5.21 24.06
N GLN B 47 33.31 -4.34 23.06
CA GLN B 47 34.63 -4.02 22.57
C GLN B 47 35.47 -3.34 23.67
N LEU B 48 34.85 -2.42 24.41
CA LEU B 48 35.57 -1.70 25.45
C LEU B 48 36.03 -2.68 26.54
N LEU B 49 35.14 -3.60 26.93
CA LEU B 49 35.42 -4.58 27.97
C LEU B 49 36.53 -5.53 27.52
N PHE B 50 36.45 -5.98 26.26
CA PHE B 50 37.46 -6.84 25.68
C PHE B 50 38.83 -6.15 25.71
N LEU B 51 38.88 -4.87 25.30
CA LEU B 51 40.14 -4.18 25.20
C LEU B 51 40.75 -3.97 26.60
N GLN B 52 39.92 -3.69 27.60
CA GLN B 52 40.40 -3.50 28.96
C GLN B 52 41.01 -4.81 29.48
N ALA B 53 40.36 -5.94 29.18
CA ALA B 53 40.79 -7.27 29.62
C ALA B 53 42.13 -7.64 28.98
N GLN B 54 42.33 -7.23 27.71
CA GLN B 54 43.57 -7.48 27.00
C GLN B 54 44.71 -6.66 27.62
N ASP B 55 44.42 -5.40 27.97
CA ASP B 55 45.42 -4.50 28.50
C ASP B 55 44.72 -3.32 29.20
N SER B 56 44.86 -3.27 30.53
CA SER B 56 44.14 -2.34 31.38
C SER B 56 44.82 -0.97 31.40
N GLU B 57 45.97 -0.81 30.74
CA GLU B 57 46.80 0.42 30.84
C GLU B 57 46.86 1.19 29.52
N LYS B 58 46.85 0.51 28.37
CA LYS B 58 46.99 1.17 27.06
C LYS B 58 45.68 1.90 26.68
N ASP B 59 45.85 3.07 26.07
CA ASP B 59 44.75 3.88 25.58
C ASP B 59 43.90 3.08 24.57
N ILE B 60 42.61 3.44 24.53
CA ILE B 60 41.64 3.04 23.52
C ILE B 60 41.28 4.29 22.71
N TYR B 61 40.97 4.13 21.43
CA TYR B 61 40.61 5.22 20.53
C TYR B 61 39.20 4.98 19.98
N LEU B 62 38.28 5.91 20.29
CA LEU B 62 36.90 5.88 19.81
C LEU B 62 36.70 6.96 18.74
N TYR B 63 36.57 6.51 17.49
CA TYR B 63 36.30 7.39 16.35
C TYR B 63 34.78 7.55 16.21
N ILE B 64 34.31 8.80 16.10
CA ILE B 64 32.87 9.10 16.13
C ILE B 64 32.48 9.84 14.86
N ASN B 65 31.60 9.21 14.09
CA ASN B 65 30.83 9.83 13.01
C ASN B 65 29.39 9.34 13.14
N SER B 66 28.54 10.13 13.82
CA SER B 66 27.25 9.62 14.30
C SER B 66 26.28 10.78 14.43
N PRO B 67 25.02 10.61 13.96
CA PRO B 67 23.97 11.61 14.20
C PRO B 67 23.31 11.45 15.58
N GLY B 68 23.79 10.53 16.41
CA GLY B 68 23.19 10.31 17.70
C GLY B 68 22.25 9.13 17.70
N GLY B 69 21.23 9.18 18.58
CA GLY B 69 20.27 8.08 18.75
C GLY B 69 19.81 7.94 20.18
N SER B 70 19.59 6.70 20.60
CA SER B 70 19.01 6.39 21.90
C SER B 70 19.91 6.92 23.04
N VAL B 71 19.29 7.63 23.97
CA VAL B 71 19.96 8.20 25.11
C VAL B 71 20.43 7.07 26.06
N THR B 72 19.58 6.06 26.30
CA THR B 72 19.93 4.97 27.19
C THR B 72 21.06 4.12 26.59
N ALA B 73 20.99 3.88 25.28
CA ALA B 73 22.08 3.17 24.60
C ALA B 73 23.38 3.97 24.74
N GLY B 74 23.27 5.29 24.55
CA GLY B 74 24.37 6.20 24.71
C GLY B 74 24.96 6.13 26.12
N PHE B 75 24.10 6.04 27.12
CA PHE B 75 24.58 5.99 28.50
C PHE B 75 25.25 4.62 28.82
N ALA B 76 24.83 3.55 28.15
CA ALA B 76 25.52 2.27 28.28
C ALA B 76 27.00 2.45 27.89
N ILE B 77 27.24 3.16 26.78
CA ILE B 77 28.59 3.40 26.30
C ILE B 77 29.31 4.34 27.26
N TYR B 78 28.64 5.45 27.61
CA TYR B 78 29.22 6.47 28.48
C TYR B 78 29.73 5.85 29.79
N ASP B 79 28.85 5.11 30.48
CA ASP B 79 29.18 4.55 31.78
C ASP B 79 30.32 3.52 31.66
N THR B 80 30.36 2.79 30.55
CA THR B 80 31.42 1.81 30.33
C THR B 80 32.75 2.53 30.14
N ILE B 81 32.75 3.63 29.36
CA ILE B 81 33.96 4.44 29.19
C ILE B 81 34.50 4.87 30.57
N GLN B 82 33.63 5.43 31.42
CA GLN B 82 34.08 5.99 32.69
C GLN B 82 34.50 4.84 33.64
N HIS B 83 33.91 3.66 33.51
CA HIS B 83 34.17 2.57 34.42
C HIS B 83 35.55 1.94 34.20
N ILE B 84 35.96 1.72 32.95
CA ILE B 84 37.17 0.95 32.66
C ILE B 84 38.42 1.79 32.99
N LYS B 85 39.54 1.08 33.19
CA LYS B 85 40.81 1.69 33.65
C LYS B 85 41.45 2.47 32.50
N PRO B 86 41.56 1.93 31.27
CA PRO B 86 42.21 2.67 30.20
C PRO B 86 41.51 4.00 29.86
N ASP B 87 42.32 5.00 29.48
CA ASP B 87 41.85 6.21 28.89
C ASP B 87 41.22 5.89 27.51
N VAL B 88 40.06 6.50 27.23
CA VAL B 88 39.43 6.42 25.92
C VAL B 88 39.52 7.79 25.24
N GLN B 89 40.34 7.87 24.19
CA GLN B 89 40.46 9.05 23.37
C GLN B 89 39.25 9.10 22.42
N THR B 90 38.73 10.28 22.13
CA THR B 90 37.63 10.45 21.19
C THR B 90 38.08 11.35 20.04
N ILE B 91 37.74 10.93 18.81
CA ILE B 91 38.02 11.68 17.61
C ILE B 91 36.76 11.80 16.76
N CYS B 92 36.27 13.02 16.58
CA CYS B 92 35.14 13.30 15.72
C CYS B 92 35.63 13.49 14.28
N ILE B 93 35.13 12.65 13.38
CA ILE B 93 35.30 12.80 11.93
C ILE B 93 33.89 12.97 11.34
N GLY B 94 33.73 13.94 10.45
CA GLY B 94 32.45 14.14 9.80
C GLY B 94 31.47 14.88 10.71
N MET B 95 30.78 14.14 11.58
CA MET B 95 29.74 14.73 12.40
C MET B 95 29.60 13.96 13.72
N ALA B 96 29.43 14.71 14.81
CA ALA B 96 28.98 14.16 16.08
C ALA B 96 27.82 15.02 16.55
N ALA B 97 26.61 14.45 16.46
CA ALA B 97 25.38 15.18 16.80
C ALA B 97 24.68 14.46 17.94
N SER B 98 24.04 15.27 18.79
CA SER B 98 23.17 14.81 19.83
C SER B 98 23.97 13.87 20.74
N MET B 99 23.49 12.64 20.96
CA MET B 99 24.17 11.75 21.84
C MET B 99 25.59 11.45 21.33
N GLY B 100 25.83 11.64 20.03
CA GLY B 100 27.15 11.52 19.43
C GLY B 100 28.13 12.56 19.96
N SER B 101 27.64 13.80 20.12
CA SER B 101 28.47 14.87 20.65
C SER B 101 28.66 14.67 22.16
N PHE B 102 27.68 14.08 22.83
CA PHE B 102 27.81 13.76 24.26
C PHE B 102 28.96 12.76 24.48
N LEU B 103 29.03 11.72 23.63
CA LEU B 103 30.08 10.72 23.73
C LEU B 103 31.44 11.33 23.36
N LEU B 104 31.48 12.25 22.39
CA LEU B 104 32.73 12.91 22.04
C LEU B 104 33.29 13.60 23.28
N ALA B 105 32.42 14.31 24.01
CA ALA B 105 32.80 15.07 25.20
C ALA B 105 33.20 14.14 26.36
N ALA B 106 32.83 12.86 26.28
CA ALA B 106 33.03 11.88 27.33
C ALA B 106 34.44 11.25 27.30
N GLY B 107 35.23 11.54 26.27
CA GLY B 107 36.59 11.04 26.17
C GLY B 107 37.47 11.56 27.31
N ALA B 108 38.60 10.89 27.53
CA ALA B 108 39.58 11.28 28.56
C ALA B 108 39.99 12.74 28.36
N LYS B 109 40.03 13.49 29.45
CA LYS B 109 40.35 14.92 29.40
C LYS B 109 41.75 15.09 28.82
N GLY B 110 41.88 15.99 27.85
CA GLY B 110 43.11 16.22 27.10
C GLY B 110 43.20 15.35 25.84
N LYS B 111 42.29 14.40 25.65
CA LYS B 111 42.40 13.43 24.55
C LYS B 111 41.08 13.36 23.74
N ARG B 112 40.38 14.49 23.65
CA ARG B 112 39.19 14.64 22.82
C ARG B 112 39.53 15.55 21.64
N PHE B 113 39.35 15.02 20.42
CA PHE B 113 39.76 15.66 19.19
C PHE B 113 38.60 15.74 18.18
N ALA B 114 38.70 16.72 17.27
CA ALA B 114 37.87 16.76 16.07
C ALA B 114 38.77 17.16 14.91
N LEU B 115 38.49 16.59 13.73
CA LEU B 115 39.17 16.98 12.52
C LEU B 115 38.62 18.34 12.09
N PRO B 116 39.38 19.15 11.30
CA PRO B 116 39.07 20.56 11.14
C PRO B 116 37.71 20.91 10.52
N ASN B 117 37.19 20.03 9.67
CA ASN B 117 35.94 20.29 8.97
C ASN B 117 34.79 19.48 9.57
N ALA B 118 35.06 18.82 10.70
CA ALA B 118 34.04 18.04 11.41
C ALA B 118 32.97 19.00 11.98
N GLU B 119 31.74 18.51 12.05
CA GLU B 119 30.62 19.24 12.63
C GLU B 119 30.24 18.58 13.96
N VAL B 120 29.95 19.43 14.94
CA VAL B 120 29.45 18.97 16.22
C VAL B 120 28.12 19.68 16.42
N MET B 121 27.09 18.94 16.84
CA MET B 121 25.80 19.55 17.07
C MET B 121 25.26 19.11 18.43
N ILE B 122 24.74 20.09 19.18
CA ILE B 122 24.13 19.85 20.47
C ILE B 122 22.69 20.35 20.41
N HIS B 123 21.82 19.65 21.13
CA HIS B 123 20.39 20.00 21.19
C HIS B 123 19.75 19.22 22.34
N GLN B 124 18.49 19.52 22.62
CA GLN B 124 17.78 18.85 23.70
C GLN B 124 17.27 17.50 23.21
N PRO B 125 17.02 16.55 24.14
CA PRO B 125 16.46 15.26 23.77
C PRO B 125 15.06 15.35 23.16
N LEU B 126 14.77 14.36 22.31
CA LEU B 126 13.52 14.27 21.56
C LEU B 126 12.76 13.04 22.07
N GLY B 127 11.44 13.11 22.05
CA GLY B 127 10.60 11.99 22.41
C GLY B 127 9.15 12.22 22.03
N GLY B 128 8.28 11.51 22.73
CA GLY B 128 6.87 11.47 22.45
C GLY B 128 6.12 10.77 23.55
N ALA B 129 4.80 10.97 23.53
CA ALA B 129 3.89 10.54 24.56
C ALA B 129 2.47 10.63 24.00
N GLN B 130 1.67 9.59 24.25
CA GLN B 130 0.30 9.49 23.81
C GLN B 130 -0.50 8.85 24.93
N GLY B 131 -1.71 9.35 25.18
CA GLY B 131 -2.65 8.70 26.11
C GLY B 131 -3.28 9.68 27.07
N GLN B 132 -3.51 9.23 28.30
CA GLN B 132 -4.18 10.00 29.33
C GLN B 132 -3.27 11.14 29.79
N ALA B 133 -3.88 12.22 30.28
CA ALA B 133 -3.15 13.36 30.83
C ALA B 133 -2.05 12.90 31.80
N THR B 134 -2.40 12.00 32.72
CA THR B 134 -1.48 11.47 33.73
C THR B 134 -0.29 10.76 33.07
N GLU B 135 -0.52 10.04 31.96
CA GLU B 135 0.53 9.32 31.26
C GLU B 135 1.46 10.34 30.59
N ILE B 136 0.87 11.40 30.03
CA ILE B 136 1.66 12.42 29.35
C ILE B 136 2.53 13.15 30.39
N GLU B 137 1.98 13.39 31.58
CA GLU B 137 2.69 14.02 32.68
C GLU B 137 3.92 13.18 33.03
N ILE B 138 3.74 11.86 33.18
CA ILE B 138 4.84 10.95 33.53
C ILE B 138 5.93 11.00 32.46
N ALA B 139 5.54 10.90 31.20
CA ALA B 139 6.48 10.98 30.07
C ALA B 139 7.22 12.33 30.05
N ALA B 140 6.50 13.44 30.30
CA ALA B 140 7.13 14.76 30.27
C ALA B 140 8.17 14.86 31.40
N ASN B 141 7.79 14.42 32.61
CA ASN B 141 8.68 14.47 33.77
C ASN B 141 9.93 13.62 33.48
N HIS B 142 9.74 12.47 32.84
CA HIS B 142 10.84 11.58 32.53
C HIS B 142 11.83 12.23 31.56
N ILE B 143 11.33 12.84 30.47
CA ILE B 143 12.26 13.39 29.50
C ILE B 143 12.93 14.66 30.06
N LEU B 144 12.24 15.41 30.92
CA LEU B 144 12.84 16.59 31.55
C LEU B 144 13.96 16.17 32.53
N LYS B 145 13.75 15.09 33.28
CA LYS B 145 14.79 14.52 34.15
C LYS B 145 15.98 14.03 33.31
N THR B 146 15.69 13.37 32.18
CA THR B 146 16.74 12.90 31.30
C THR B 146 17.58 14.08 30.83
N ARG B 147 16.91 15.18 30.45
CA ARG B 147 17.63 16.37 29.98
C ARG B 147 18.52 16.95 31.10
N GLU B 148 17.99 17.04 32.33
CA GLU B 148 18.76 17.53 33.48
C GLU B 148 20.04 16.70 33.68
N LYS B 149 19.90 15.38 33.59
CA LYS B 149 21.01 14.44 33.75
C LYS B 149 22.07 14.68 32.65
N LEU B 150 21.63 14.78 31.39
CA LEU B 150 22.57 15.04 30.27
C LEU B 150 23.29 16.38 30.48
N ASN B 151 22.53 17.41 30.86
CA ASN B 151 23.06 18.78 30.98
C ASN B 151 24.10 18.82 32.11
N ARG B 152 23.80 18.17 33.23
CA ARG B 152 24.69 18.12 34.38
CA ARG B 152 24.69 18.12 34.38
C ARG B 152 26.03 17.52 33.97
N ILE B 153 25.99 16.36 33.30
CA ILE B 153 27.20 15.68 32.91
C ILE B 153 27.96 16.51 31.88
N LEU B 154 27.22 17.10 30.94
CA LEU B 154 27.88 17.91 29.90
C LEU B 154 28.53 19.15 30.55
N SER B 155 27.93 19.67 31.61
CA SER B 155 28.50 20.78 32.38
C SER B 155 29.85 20.36 32.99
N GLU B 156 29.86 19.18 33.64
CA GLU B 156 31.07 18.64 34.25
C GLU B 156 32.14 18.42 33.17
N ARG B 157 31.76 17.93 31.98
CA ARG B 157 32.74 17.55 30.96
C ARG B 157 33.27 18.75 30.18
N THR B 158 32.52 19.83 30.08
CA THR B 158 32.90 21.00 29.26
C THR B 158 33.45 22.15 30.12
N GLY B 159 33.03 22.23 31.38
CA GLY B 159 33.29 23.44 32.21
C GLY B 159 32.25 24.54 32.01
N GLN B 160 31.26 24.35 31.13
CA GLN B 160 30.17 25.33 30.96
C GLN B 160 29.15 25.09 32.05
N SER B 161 28.46 26.17 32.45
CA SER B 161 27.38 26.09 33.44
C SER B 161 26.20 25.30 32.84
N ILE B 162 25.41 24.69 33.73
CA ILE B 162 24.17 24.03 33.43
C ILE B 162 23.21 25.01 32.75
N GLU B 163 23.17 26.27 33.23
CA GLU B 163 22.29 27.30 32.71
C GLU B 163 22.66 27.60 31.25
N LYS B 164 23.95 27.66 30.96
CA LYS B 164 24.41 27.96 29.60
C LYS B 164 24.10 26.76 28.68
N ILE B 165 24.32 25.52 29.16
CA ILE B 165 24.05 24.33 28.34
C ILE B 165 22.56 24.33 27.98
N GLN B 166 21.69 24.61 28.96
CA GLN B 166 20.23 24.63 28.79
C GLN B 166 19.84 25.60 27.64
N LYS B 167 20.39 26.82 27.70
CA LYS B 167 20.11 27.85 26.70
C LYS B 167 20.66 27.44 25.32
N ASP B 168 21.86 26.86 25.29
CA ASP B 168 22.55 26.61 24.04
C ASP B 168 22.00 25.34 23.34
N THR B 169 21.20 24.53 24.04
CA THR B 169 20.65 23.30 23.48
C THR B 169 19.14 23.41 23.25
N ASP B 170 18.58 24.60 23.43
CA ASP B 170 17.13 24.77 23.32
C ASP B 170 16.68 24.40 21.90
N ARG B 171 17.48 24.82 20.90
CA ARG B 171 17.33 24.43 19.51
C ARG B 171 18.64 23.82 19.00
N ASP B 172 18.60 23.20 17.83
CA ASP B 172 19.76 22.67 17.17
C ASP B 172 20.83 23.75 17.09
N ASN B 173 22.03 23.42 17.60
CA ASN B 173 23.14 24.33 17.68
C ASN B 173 24.36 23.64 17.04
N PHE B 174 24.72 24.10 15.83
CA PHE B 174 25.81 23.53 15.04
C PHE B 174 27.11 24.26 15.36
N LEU B 175 28.17 23.52 15.69
CA LEU B 175 29.49 24.09 16.02
C LEU B 175 30.52 23.59 15.02
N THR B 176 31.43 24.47 14.61
CA THR B 176 32.68 24.07 13.95
C THR B 176 33.58 23.37 14.97
N ALA B 177 34.62 22.68 14.48
CA ALA B 177 35.57 22.01 15.35
C ALA B 177 36.20 23.04 16.31
N GLU B 178 36.58 24.19 15.77
CA GLU B 178 37.21 25.25 16.56
C GLU B 178 36.23 25.76 17.64
N GLU B 179 34.95 25.92 17.28
CA GLU B 179 33.95 26.35 18.26
C GLU B 179 33.73 25.26 19.32
N ALA B 180 33.78 23.99 18.92
CA ALA B 180 33.61 22.88 19.87
C ALA B 180 34.77 22.90 20.89
N LYS B 181 35.97 23.25 20.43
CA LYS B 181 37.13 23.36 21.32
C LYS B 181 36.92 24.53 22.31
N GLU B 182 36.51 25.69 21.79
CA GLU B 182 36.22 26.86 22.63
C GLU B 182 35.14 26.51 23.65
N TYR B 183 34.18 25.68 23.25
CA TYR B 183 33.07 25.34 24.14
C TYR B 183 33.50 24.36 25.24
N GLY B 184 34.57 23.58 25.01
CA GLY B 184 35.02 22.56 25.95
C GLY B 184 34.51 21.15 25.65
N LEU B 185 33.91 20.94 24.46
CA LEU B 185 33.45 19.60 24.03
C LEU B 185 34.64 18.73 23.60
N ILE B 186 35.67 19.37 23.03
CA ILE B 186 36.93 18.74 22.68
C ILE B 186 38.07 19.56 23.26
N ASP B 187 39.27 18.97 23.25
CA ASP B 187 40.49 19.62 23.77
C ASP B 187 41.31 20.24 22.64
N GLU B 188 41.33 19.59 21.47
CA GLU B 188 42.16 20.04 20.33
C GLU B 188 41.45 19.76 19.01
N VAL B 189 41.69 20.68 18.06
CA VAL B 189 41.47 20.43 16.66
C VAL B 189 42.72 19.75 16.10
N MET B 190 42.53 18.56 15.53
CA MET B 190 43.62 17.76 14.99
C MET B 190 43.94 18.28 13.59
N VAL B 191 45.03 19.04 13.50
CA VAL B 191 45.43 19.79 12.29
C VAL B 191 46.34 18.89 11.44
N PRO B 192 46.35 19.03 10.11
CA PRO B 192 47.25 18.23 9.25
C PRO B 192 48.70 18.72 9.22
N ILE C 4 30.44 -10.51 -6.38
CA ILE C 4 31.81 -9.98 -6.35
C ILE C 4 32.76 -11.17 -6.48
N PRO C 5 33.64 -11.20 -7.51
CA PRO C 5 34.53 -12.33 -7.69
C PRO C 5 35.62 -12.40 -6.60
N THR C 6 36.18 -13.60 -6.44
CA THR C 6 37.27 -13.93 -5.53
C THR C 6 38.52 -14.21 -6.38
N VAL C 7 39.70 -13.85 -5.87
CA VAL C 7 40.97 -14.17 -6.51
C VAL C 7 41.85 -14.91 -5.48
N ILE C 8 42.66 -15.87 -5.97
CA ILE C 8 43.58 -16.68 -5.17
C ILE C 8 44.87 -16.89 -6.00
N ARG C 16 46.09 -17.32 -0.12
CA ARG C 16 45.24 -16.20 0.30
C ARG C 16 44.06 -16.02 -0.67
N ALA C 17 42.85 -15.90 -0.10
CA ALA C 17 41.59 -15.73 -0.82
C ALA C 17 41.02 -14.33 -0.54
N TYR C 18 41.01 -13.49 -1.58
CA TYR C 18 40.53 -12.09 -1.49
C TYR C 18 39.32 -11.89 -2.42
N ASP C 19 38.25 -11.24 -1.94
CA ASP C 19 37.32 -10.53 -2.83
C ASP C 19 38.13 -9.48 -3.61
N ILE C 20 37.64 -9.09 -4.80
CA ILE C 20 38.44 -8.29 -5.73
C ILE C 20 38.83 -6.94 -5.10
N TYR C 21 37.94 -6.33 -4.32
CA TYR C 21 38.21 -5.01 -3.70
C TYR C 21 39.31 -5.14 -2.65
N SER C 22 39.26 -6.21 -1.85
CA SER C 22 40.29 -6.46 -0.86
C SER C 22 41.65 -6.71 -1.54
N ARG C 23 41.63 -7.37 -2.69
CA ARG C 23 42.86 -7.62 -3.45
C ARG C 23 43.45 -6.29 -3.93
N LEU C 24 42.59 -5.37 -4.38
CA LEU C 24 43.08 -4.03 -4.80
C LEU C 24 43.60 -3.25 -3.58
N LEU C 25 42.95 -3.41 -2.42
CA LEU C 25 43.37 -2.66 -1.24
C LEU C 25 44.79 -3.09 -0.83
N LYS C 26 45.15 -4.34 -1.09
CA LYS C 26 46.49 -4.84 -0.82
C LYS C 26 47.52 -4.02 -1.60
N ASP C 27 47.17 -3.50 -2.79
CA ASP C 27 48.08 -2.66 -3.59
C ASP C 27 47.77 -1.16 -3.38
N ARG C 28 47.10 -0.80 -2.28
CA ARG C 28 46.90 0.58 -1.85
C ARG C 28 45.87 1.29 -2.73
N ILE C 29 44.96 0.53 -3.35
CA ILE C 29 43.86 1.11 -4.15
C ILE C 29 42.58 1.04 -3.34
N ILE C 30 41.92 2.18 -3.20
CA ILE C 30 40.56 2.30 -2.60
C ILE C 30 39.56 2.66 -3.68
N MET C 31 38.44 1.91 -3.73
CA MET C 31 37.39 2.14 -4.75
C MET C 31 36.18 2.83 -4.11
N LEU C 32 35.91 4.06 -4.53
CA LEU C 32 34.68 4.77 -4.14
C LEU C 32 33.77 4.73 -5.35
N GLY C 33 32.89 3.73 -5.38
CA GLY C 33 32.03 3.47 -6.53
C GLY C 33 30.55 3.56 -6.21
N SER C 34 30.18 4.46 -5.30
CA SER C 34 28.78 4.57 -4.92
C SER C 34 28.48 5.97 -4.36
N GLN C 35 27.23 6.16 -3.98
CA GLN C 35 26.77 7.28 -3.18
C GLN C 35 27.62 7.37 -1.92
N ILE C 36 27.89 8.58 -1.45
CA ILE C 36 28.64 8.80 -0.21
C ILE C 36 27.63 8.91 0.95
N ASP C 37 27.65 7.93 1.84
CA ASP C 37 26.90 7.96 3.07
C ASP C 37 27.86 7.61 4.20
N ASP C 38 27.32 7.55 5.43
CA ASP C 38 28.13 7.34 6.63
C ASP C 38 28.84 5.99 6.55
N ASN C 39 28.17 4.94 6.07
CA ASN C 39 28.75 3.59 5.97
C ASN C 39 29.95 3.60 5.03
N VAL C 40 29.77 4.18 3.85
CA VAL C 40 30.82 4.26 2.85
C VAL C 40 32.01 5.06 3.39
N ALA C 41 31.73 6.21 4.03
CA ALA C 41 32.77 7.07 4.58
C ALA C 41 33.55 6.32 5.67
N ASN C 42 32.85 5.58 6.53
CA ASN C 42 33.48 4.85 7.60
C ASN C 42 34.45 3.80 7.04
N SER C 43 34.05 3.13 5.96
CA SER C 43 34.87 2.14 5.30
C SER C 43 36.12 2.81 4.66
N ILE C 44 35.91 3.92 3.95
CA ILE C 44 36.98 4.59 3.24
C ILE C 44 37.99 5.14 4.26
N VAL C 45 37.48 5.79 5.30
CA VAL C 45 38.33 6.34 6.37
C VAL C 45 39.17 5.19 6.97
N SER C 46 38.53 4.07 7.27
CA SER C 46 39.22 2.92 7.85
C SER C 46 40.32 2.41 6.92
N GLN C 47 40.02 2.36 5.62
CA GLN C 47 40.98 1.93 4.63
C GLN C 47 42.18 2.89 4.58
N LEU C 48 41.91 4.20 4.64
CA LEU C 48 42.98 5.19 4.55
C LEU C 48 43.90 5.06 5.78
N LEU C 49 43.31 4.87 6.96
CA LEU C 49 44.07 4.76 8.20
C LEU C 49 44.92 3.47 8.18
N PHE C 50 44.32 2.37 7.73
CA PHE C 50 45.02 1.11 7.59
C PHE C 50 46.24 1.27 6.65
N LEU C 51 46.04 1.93 5.51
CA LEU C 51 47.10 2.03 4.53
C LEU C 51 48.25 2.91 5.05
N GLN C 52 47.93 3.97 5.77
CA GLN C 52 48.95 4.84 6.35
C GLN C 52 49.78 4.06 7.38
N ALA C 53 49.11 3.23 8.20
CA ALA C 53 49.76 2.42 9.24
C ALA C 53 50.70 1.39 8.60
N GLN C 54 50.29 0.82 7.45
CA GLN C 54 51.10 -0.14 6.74
C GLN C 54 52.35 0.53 6.17
N ASP C 55 52.19 1.74 5.62
CA ASP C 55 53.29 2.46 4.98
C ASP C 55 52.92 3.94 4.89
N SER C 56 53.62 4.77 5.68
CA SER C 56 53.34 6.18 5.83
C SER C 56 53.89 7.01 4.68
N GLU C 57 54.61 6.41 3.73
CA GLU C 57 55.33 7.13 2.67
C GLU C 57 54.76 6.81 1.28
N LYS C 58 54.31 5.58 1.03
CA LYS C 58 53.86 5.16 -0.31
C LYS C 58 52.47 5.77 -0.62
N ASP C 59 52.32 6.16 -1.88
CA ASP C 59 51.08 6.72 -2.40
C ASP C 59 49.92 5.74 -2.19
N ILE C 60 48.72 6.33 -2.01
CA ILE C 60 47.44 5.67 -2.05
C ILE C 60 46.72 6.14 -3.32
N TYR C 61 45.89 5.27 -3.91
CA TYR C 61 45.13 5.61 -5.08
C TYR C 61 43.63 5.47 -4.76
N LEU C 62 42.90 6.60 -4.87
CA LEU C 62 41.45 6.63 -4.63
C LEU C 62 40.75 6.82 -5.97
N TYR C 63 40.08 5.76 -6.43
CA TYR C 63 39.30 5.75 -7.66
C TYR C 63 37.89 6.23 -7.31
N ILE C 64 37.37 7.22 -8.06
CA ILE C 64 36.10 7.84 -7.74
C ILE C 64 35.14 7.69 -8.93
N ASN C 65 34.03 7.00 -8.68
CA ASN C 65 32.84 7.00 -9.53
C ASN C 65 31.63 7.13 -8.60
N SER C 66 31.14 8.36 -8.42
CA SER C 66 30.21 8.67 -7.36
C SER C 66 29.35 9.85 -7.73
N PRO C 67 28.02 9.78 -7.51
CA PRO C 67 27.15 10.94 -7.67
C PRO C 67 27.15 11.88 -6.46
N GLY C 68 27.98 11.60 -5.46
CA GLY C 68 28.04 12.42 -4.27
C GLY C 68 27.24 11.82 -3.15
N GLY C 69 26.69 12.69 -2.29
CA GLY C 69 25.91 12.25 -1.12
C GLY C 69 26.13 13.17 0.06
N SER C 70 26.20 12.60 1.26
CA SER C 70 26.27 13.35 2.50
C SER C 70 27.55 14.20 2.54
N VAL C 71 27.38 15.50 2.85
CA VAL C 71 28.47 16.42 2.93
C VAL C 71 29.34 16.10 4.15
N THR C 72 28.74 15.76 5.30
CA THR C 72 29.50 15.45 6.50
C THR C 72 30.29 14.13 6.30
N ALA C 73 29.66 13.14 5.67
CA ALA C 73 30.35 11.90 5.35
C ALA C 73 31.55 12.20 4.44
N GLY C 74 31.31 13.07 3.45
CA GLY C 74 32.33 13.53 2.53
C GLY C 74 33.48 14.19 3.25
N PHE C 75 33.16 15.01 4.26
CA PHE C 75 34.21 15.71 5.00
C PHE C 75 35.00 14.75 5.90
N ALA C 76 34.39 13.66 6.37
CA ALA C 76 35.12 12.64 7.09
C ALA C 76 36.26 12.10 6.20
N ILE C 77 35.96 11.84 4.92
CA ILE C 77 36.93 11.35 3.98
C ILE C 77 37.97 12.45 3.68
N TYR C 78 37.48 13.65 3.38
CA TYR C 78 38.34 14.78 3.02
C TYR C 78 39.40 15.02 4.11
N ASP C 79 38.95 15.16 5.37
CA ASP C 79 39.84 15.49 6.46
C ASP C 79 40.84 14.35 6.70
N THR C 80 40.42 13.10 6.47
CA THR C 80 41.31 11.97 6.64
C THR C 80 42.40 12.02 5.56
N ILE C 81 42.02 12.32 4.31
CA ILE C 81 43.01 12.47 3.24
C ILE C 81 44.06 13.51 3.64
N GLN C 82 43.63 14.68 4.10
CA GLN C 82 44.57 15.76 4.39
C GLN C 82 45.41 15.41 5.63
N HIS C 83 44.86 14.63 6.56
CA HIS C 83 45.54 14.35 7.81
C HIS C 83 46.71 13.37 7.62
N ILE C 84 46.53 12.31 6.83
CA ILE C 84 47.51 11.25 6.74
C ILE C 84 48.74 11.72 5.95
N LYS C 85 49.87 11.03 6.18
CA LYS C 85 51.17 11.40 5.61
C LYS C 85 51.22 11.06 4.13
N PRO C 86 50.81 9.86 3.68
CA PRO C 86 50.88 9.53 2.26
C PRO C 86 50.05 10.47 1.37
N ASP C 87 50.58 10.71 0.16
CA ASP C 87 49.87 11.31 -0.91
C ASP C 87 48.70 10.39 -1.33
N VAL C 88 47.52 10.98 -1.53
CA VAL C 88 46.37 10.25 -2.06
C VAL C 88 46.11 10.80 -3.46
N GLN C 89 46.36 9.95 -4.47
CA GLN C 89 46.03 10.24 -5.84
C GLN C 89 44.53 10.02 -6.00
N THR C 90 43.88 10.86 -6.80
CA THR C 90 42.46 10.71 -7.11
C THR C 90 42.31 10.52 -8.61
N ILE C 91 41.51 9.53 -8.97
CA ILE C 91 41.26 9.21 -10.38
C ILE C 91 39.75 9.09 -10.56
N CYS C 92 39.20 10.00 -11.35
CA CYS C 92 37.77 9.97 -11.69
C CYS C 92 37.56 9.08 -12.90
N ILE C 93 36.75 8.03 -12.73
CA ILE C 93 36.25 7.19 -13.79
C ILE C 93 34.72 7.33 -13.79
N GLY C 94 34.12 7.46 -14.97
CA GLY C 94 32.67 7.57 -15.08
C GLY C 94 32.18 8.96 -14.71
N MET C 95 31.99 9.20 -13.41
CA MET C 95 31.42 10.46 -12.94
C MET C 95 31.91 10.76 -11.53
N ALA C 96 32.22 12.03 -11.29
CA ALA C 96 32.40 12.58 -9.94
C ALA C 96 31.51 13.82 -9.83
N ALA C 97 30.41 13.69 -9.10
CA ALA C 97 29.45 14.78 -8.96
C ALA C 97 29.32 15.16 -7.50
N SER C 98 29.08 16.46 -7.31
CA SER C 98 28.78 17.02 -6.02
C SER C 98 29.94 16.71 -5.06
N MET C 99 29.66 16.08 -3.92
CA MET C 99 30.67 15.79 -2.97
C MET C 99 31.74 14.86 -3.58
N GLY C 100 31.37 14.11 -4.63
CA GLY C 100 32.30 13.29 -5.38
C GLY C 100 33.37 14.10 -6.10
N SER C 101 32.96 15.23 -6.67
CA SER C 101 33.89 16.11 -7.37
C SER C 101 34.74 16.87 -6.34
N PHE C 102 34.18 17.13 -5.16
CA PHE C 102 34.92 17.78 -4.09
C PHE C 102 36.10 16.89 -3.65
N LEU C 103 35.83 15.58 -3.51
CA LEU C 103 36.87 14.64 -3.12
C LEU C 103 37.91 14.47 -4.25
N LEU C 104 37.47 14.50 -5.49
CA LEU C 104 38.40 14.44 -6.61
C LEU C 104 39.43 15.58 -6.51
N ALA C 105 38.93 16.78 -6.24
CA ALA C 105 39.75 17.98 -6.14
C ALA C 105 40.66 17.95 -4.90
N ALA C 106 40.36 17.08 -3.94
CA ALA C 106 41.04 16.98 -2.66
C ALA C 106 42.33 16.12 -2.74
N GLY C 107 42.56 15.45 -3.85
CA GLY C 107 43.75 14.64 -4.02
C GLY C 107 45.02 15.48 -3.97
N ALA C 108 46.17 14.79 -3.78
CA ALA C 108 47.48 15.45 -3.70
C ALA C 108 47.70 16.29 -4.98
N LYS C 109 48.19 17.51 -4.83
CA LYS C 109 48.40 18.41 -5.96
C LYS C 109 49.40 17.77 -6.92
N GLY C 110 49.08 17.75 -8.21
CA GLY C 110 49.83 17.07 -9.23
C GLY C 110 49.36 15.64 -9.47
N LYS C 111 48.49 15.11 -8.61
CA LYS C 111 48.12 13.68 -8.69
C LYS C 111 46.59 13.50 -8.68
N ARG C 112 45.88 14.46 -9.29
CA ARG C 112 44.44 14.38 -9.50
C ARG C 112 44.20 14.18 -11.00
N PHE C 113 43.51 13.07 -11.33
CA PHE C 113 43.34 12.65 -12.70
C PHE C 113 41.85 12.39 -13.00
N ALA C 114 41.50 12.48 -14.27
CA ALA C 114 40.25 11.95 -14.80
C ALA C 114 40.58 11.21 -16.10
N LEU C 115 39.84 10.12 -16.34
CA LEU C 115 39.90 9.44 -17.62
C LEU C 115 39.16 10.30 -18.65
N PRO C 116 39.45 10.15 -19.96
CA PRO C 116 39.04 11.14 -20.97
C PRO C 116 37.53 11.36 -21.11
N ASN C 117 36.73 10.33 -20.84
CA ASN C 117 35.29 10.42 -21.02
C ASN C 117 34.56 10.57 -19.69
N ALA C 118 35.33 10.72 -18.61
CA ALA C 118 34.75 10.90 -17.26
C ALA C 118 34.09 12.28 -17.19
N GLU C 119 33.01 12.34 -16.39
CA GLU C 119 32.24 13.55 -16.19
C GLU C 119 32.46 14.07 -14.77
N VAL C 120 32.61 15.37 -14.63
CA VAL C 120 32.71 16.02 -13.35
C VAL C 120 31.57 17.02 -13.25
N MET C 121 30.86 17.03 -12.13
CA MET C 121 29.78 17.99 -11.96
C MET C 121 29.93 18.67 -10.60
N ILE C 122 29.79 20.00 -10.62
CA ILE C 122 29.83 20.82 -9.41
C ILE C 122 28.51 21.57 -9.31
N HIS C 123 28.07 21.80 -8.07
CA HIS C 123 26.82 22.48 -7.77
C HIS C 123 26.79 22.83 -6.29
N GLN C 124 25.76 23.56 -5.88
CA GLN C 124 25.59 23.94 -4.50
C GLN C 124 24.98 22.79 -3.71
N PRO C 125 25.20 22.74 -2.39
CA PRO C 125 24.61 21.70 -1.54
C PRO C 125 23.09 21.74 -1.48
N LEU C 126 22.51 20.58 -1.24
CA LEU C 126 21.07 20.34 -1.20
C LEU C 126 20.67 19.97 0.23
N GLY C 127 19.45 20.31 0.63
CA GLY C 127 18.93 19.92 1.92
C GLY C 127 17.47 20.28 2.07
N GLY C 128 17.05 20.36 3.32
CA GLY C 128 15.61 20.38 3.62
C GLY C 128 15.34 20.71 5.06
N ALA C 129 14.20 21.36 5.32
CA ALA C 129 13.79 21.77 6.63
C ALA C 129 12.27 21.95 6.66
N GLN C 130 11.66 21.49 7.75
CA GLN C 130 10.24 21.60 8.00
C GLN C 130 10.05 21.95 9.48
N GLY C 131 9.11 22.84 9.78
CA GLY C 131 8.75 23.21 11.15
C GLY C 131 8.61 24.71 11.28
N GLN C 132 8.97 25.23 12.46
CA GLN C 132 8.77 26.61 12.82
C GLN C 132 9.74 27.50 12.03
N ALA C 133 9.34 28.76 11.81
CA ALA C 133 10.18 29.75 11.17
C ALA C 133 11.61 29.74 11.73
N THR C 134 11.74 29.72 13.05
CA THR C 134 13.06 29.76 13.69
C THR C 134 13.88 28.50 13.35
N GLU C 135 13.22 27.34 13.22
CA GLU C 135 13.88 26.10 12.86
C GLU C 135 14.38 26.19 11.41
N ILE C 136 13.56 26.79 10.54
CA ILE C 136 13.91 26.92 9.14
C ILE C 136 15.12 27.86 9.00
N GLU C 137 15.13 28.93 9.81
CA GLU C 137 16.21 29.89 9.87
C GLU C 137 17.52 29.17 10.22
N ILE C 138 17.48 28.33 11.26
CA ILE C 138 18.67 27.60 11.74
C ILE C 138 19.20 26.70 10.61
N ALA C 139 18.30 25.93 9.97
CA ALA C 139 18.67 25.06 8.87
C ALA C 139 19.25 25.86 7.69
N ALA C 140 18.65 27.02 7.36
CA ALA C 140 19.14 27.85 6.26
C ALA C 140 20.55 28.34 6.56
N ASN C 141 20.76 28.86 7.78
CA ASN C 141 22.07 29.38 8.20
C ASN C 141 23.11 28.26 8.12
N HIS C 142 22.72 27.05 8.54
CA HIS C 142 23.62 25.92 8.56
C HIS C 142 24.04 25.56 7.12
N ILE C 143 23.09 25.44 6.17
CA ILE C 143 23.47 25.01 4.85
C ILE C 143 24.23 26.11 4.12
N LEU C 144 23.96 27.39 4.42
CA LEU C 144 24.71 28.51 3.82
C LEU C 144 26.16 28.51 4.33
N LYS C 145 26.37 28.23 5.61
CA LYS C 145 27.72 28.10 6.18
C LYS C 145 28.44 26.89 5.55
N THR C 146 27.71 25.78 5.36
CA THR C 146 28.30 24.61 4.73
C THR C 146 28.77 24.97 3.32
N ARG C 147 27.94 25.72 2.59
CA ARG C 147 28.31 26.12 1.22
C ARG C 147 29.56 27.00 1.22
N GLU C 148 29.63 27.98 2.13
CA GLU C 148 30.81 28.87 2.27
C GLU C 148 32.07 28.04 2.50
N LYS C 149 31.99 27.05 3.39
CA LYS C 149 33.11 26.17 3.73
C LYS C 149 33.56 25.39 2.48
N LEU C 150 32.61 24.78 1.75
CA LEU C 150 32.93 24.02 0.55
C LEU C 150 33.60 24.95 -0.50
N ASN C 151 33.04 26.15 -0.68
CA ASN C 151 33.49 27.08 -1.71
C ASN C 151 34.91 27.56 -1.40
N ARG C 152 35.18 27.87 -0.13
CA ARG C 152 36.47 28.33 0.32
C ARG C 152 37.52 27.26 0.00
N ILE C 153 37.25 26.00 0.39
CA ILE C 153 38.20 24.94 0.18
C ILE C 153 38.38 24.71 -1.33
N LEU C 154 37.29 24.76 -2.09
CA LEU C 154 37.39 24.53 -3.52
C LEU C 154 38.20 25.65 -4.19
N SER C 155 38.10 26.87 -3.64
CA SER C 155 38.91 27.99 -4.11
C SER C 155 40.41 27.70 -3.89
N GLU C 156 40.74 27.26 -2.68
CA GLU C 156 42.13 26.89 -2.32
C GLU C 156 42.62 25.76 -3.23
N ARG C 157 41.77 24.77 -3.53
CA ARG C 157 42.23 23.55 -4.24
C ARG C 157 42.34 23.81 -5.76
N THR C 158 41.57 24.75 -6.30
CA THR C 158 41.51 24.96 -7.75
C THR C 158 42.32 26.20 -8.19
N GLY C 159 42.50 27.17 -7.29
CA GLY C 159 43.05 28.48 -7.66
C GLY C 159 41.99 29.46 -8.18
N GLN C 160 40.72 29.05 -8.28
CA GLN C 160 39.64 29.97 -8.71
C GLN C 160 39.23 30.80 -7.50
N SER C 161 38.77 32.04 -7.76
CA SER C 161 38.24 32.88 -6.70
C SER C 161 36.94 32.30 -6.13
N ILE C 162 36.67 32.64 -4.87
CA ILE C 162 35.44 32.29 -4.18
C ILE C 162 34.22 32.80 -4.97
N GLU C 163 34.31 34.01 -5.52
CA GLU C 163 33.22 34.64 -6.27
C GLU C 163 32.92 33.82 -7.51
N LYS C 164 33.97 33.34 -8.20
CA LYS C 164 33.77 32.55 -9.40
C LYS C 164 33.16 31.18 -9.03
N ILE C 165 33.64 30.55 -7.94
CA ILE C 165 33.12 29.24 -7.54
C ILE C 165 31.62 29.38 -7.24
N GLN C 166 31.25 30.44 -6.52
CA GLN C 166 29.85 30.73 -6.13
C GLN C 166 28.96 30.80 -7.39
N LYS C 167 29.39 31.55 -8.39
CA LYS C 167 28.66 31.73 -9.64
C LYS C 167 28.57 30.40 -10.41
N ASP C 168 29.67 29.64 -10.45
CA ASP C 168 29.76 28.47 -11.30
C ASP C 168 29.05 27.26 -10.66
N THR C 169 28.68 27.33 -9.38
CA THR C 169 27.99 26.23 -8.69
C THR C 169 26.53 26.59 -8.38
N ASP C 170 26.05 27.73 -8.91
CA ASP C 170 24.70 28.19 -8.61
C ASP C 170 23.70 27.16 -9.12
N ARG C 171 23.98 26.60 -10.29
CA ARG C 171 23.22 25.47 -10.87
C ARG C 171 24.19 24.33 -11.22
N ASP C 172 23.62 23.16 -11.52
CA ASP C 172 24.37 22.02 -11.96
C ASP C 172 25.27 22.44 -13.13
N ASN C 173 26.58 22.18 -12.98
CA ASN C 173 27.59 22.57 -13.94
C ASN C 173 28.40 21.32 -14.29
N PHE C 174 28.15 20.77 -15.48
CA PHE C 174 28.79 19.55 -15.98
C PHE C 174 30.07 19.93 -16.75
N LEU C 175 31.19 19.30 -16.39
CA LEU C 175 32.49 19.54 -17.04
C LEU C 175 32.98 18.24 -17.66
N THR C 176 33.62 18.34 -18.83
CA THR C 176 34.46 17.28 -19.38
C THR C 176 35.73 17.18 -18.53
N ALA C 177 36.48 16.09 -18.70
CA ALA C 177 37.76 15.91 -18.06
C ALA C 177 38.68 17.08 -18.38
N GLU C 178 38.73 17.46 -19.65
CA GLU C 178 39.60 18.54 -20.12
C GLU C 178 39.18 19.87 -19.47
N GLU C 179 37.86 20.11 -19.36
CA GLU C 179 37.36 21.33 -18.72
C GLU C 179 37.68 21.30 -17.22
N ALA C 180 37.62 20.11 -16.58
CA ALA C 180 37.92 19.98 -15.17
C ALA C 180 39.39 20.33 -14.92
N LYS C 181 40.25 19.95 -15.86
CA LYS C 181 41.67 20.28 -15.78
C LYS C 181 41.87 21.80 -15.90
N GLU C 182 41.23 22.42 -16.91
CA GLU C 182 41.30 23.87 -17.10
C GLU C 182 40.79 24.60 -15.85
N TYR C 183 39.77 24.02 -15.19
CA TYR C 183 39.18 24.66 -14.01
C TYR C 183 40.11 24.56 -12.80
N GLY C 184 40.97 23.54 -12.74
CA GLY C 184 41.85 23.32 -11.59
C GLY C 184 41.32 22.24 -10.63
N LEU C 185 40.28 21.50 -11.02
CA LEU C 185 39.72 20.42 -10.20
C LEU C 185 40.61 19.16 -10.28
N ILE C 186 41.26 18.96 -11.43
CA ILE C 186 42.25 17.93 -11.63
C ILE C 186 43.50 18.55 -12.24
N ASP C 187 44.60 17.76 -12.25
CA ASP C 187 45.89 18.20 -12.79
C ASP C 187 46.09 17.69 -14.21
N GLU C 188 45.61 16.48 -14.53
CA GLU C 188 45.86 15.83 -15.82
C GLU C 188 44.67 15.00 -16.25
N VAL C 189 44.45 14.96 -17.58
CA VAL C 189 43.64 13.94 -18.20
C VAL C 189 44.55 12.75 -18.50
N MET C 190 44.19 11.60 -17.96
CA MET C 190 44.96 10.38 -18.10
C MET C 190 44.63 9.75 -19.46
N VAL C 191 45.56 9.93 -20.41
CA VAL C 191 45.47 9.44 -21.78
C VAL C 191 46.02 8.00 -21.84
N PRO C 192 45.51 7.15 -22.76
CA PRO C 192 45.93 5.76 -22.85
C PRO C 192 47.28 5.51 -23.54
N LEU D 3 21.51 -21.24 -6.69
CA LEU D 3 22.91 -21.21 -6.21
C LEU D 3 23.85 -21.15 -7.42
N ILE D 4 24.95 -20.41 -7.23
CA ILE D 4 26.09 -20.43 -8.15
C ILE D 4 26.98 -21.61 -7.76
N PRO D 5 27.27 -22.55 -8.67
CA PRO D 5 28.06 -23.72 -8.33
C PRO D 5 29.52 -23.37 -8.02
N THR D 6 30.16 -24.29 -7.28
CA THR D 6 31.53 -24.22 -6.83
C THR D 6 32.31 -25.30 -7.60
N VAL D 7 33.58 -24.99 -7.93
CA VAL D 7 34.49 -25.96 -8.55
C VAL D 7 35.75 -26.07 -7.69
N ILE D 8 36.34 -27.28 -7.64
CA ILE D 8 37.58 -27.58 -6.91
C ILE D 8 38.45 -28.52 -7.74
N ALA D 17 38.86 -23.84 -3.88
CA ALA D 17 37.41 -23.68 -4.01
C ALA D 17 37.04 -22.31 -4.61
N TYR D 18 36.54 -22.34 -5.85
CA TYR D 18 36.10 -21.15 -6.59
C TYR D 18 34.59 -21.27 -6.92
N ASP D 19 33.83 -20.19 -6.72
CA ASP D 19 32.57 -20.01 -7.48
C ASP D 19 32.94 -19.96 -8.99
N ILE D 20 31.98 -20.32 -9.86
CA ILE D 20 32.30 -20.56 -11.26
C ILE D 20 32.85 -19.28 -11.93
N TYR D 21 32.34 -18.11 -11.56
CA TYR D 21 32.78 -16.83 -12.17
C TYR D 21 34.24 -16.53 -11.76
N SER D 22 34.56 -16.78 -10.49
CA SER D 22 35.92 -16.59 -9.98
C SER D 22 36.88 -17.56 -10.70
N ARG D 23 36.41 -18.77 -11.00
CA ARG D 23 37.22 -19.75 -11.73
C ARG D 23 37.50 -19.23 -13.13
N LEU D 24 36.49 -18.63 -13.77
CA LEU D 24 36.71 -18.03 -15.11
C LEU D 24 37.66 -16.83 -15.03
N LEU D 25 37.57 -16.03 -13.96
CA LEU D 25 38.43 -14.86 -13.81
C LEU D 25 39.91 -15.28 -13.73
N LYS D 26 40.16 -16.47 -13.17
CA LYS D 26 41.51 -17.04 -13.12
C LYS D 26 42.08 -17.19 -14.54
N ASP D 27 41.23 -17.44 -15.55
CA ASP D 27 41.67 -17.56 -16.96
C ASP D 27 41.42 -16.24 -17.73
N ARG D 28 41.29 -15.13 -17.01
CA ARG D 28 41.23 -13.75 -17.58
C ARG D 28 39.88 -13.52 -18.30
N ILE D 29 38.83 -14.25 -17.89
CA ILE D 29 37.49 -14.04 -18.42
C ILE D 29 36.66 -13.25 -17.41
N ILE D 30 36.08 -12.14 -17.88
CA ILE D 30 35.14 -11.30 -17.10
C ILE D 30 33.75 -11.49 -17.72
N MET D 31 32.75 -11.75 -16.86
CA MET D 31 31.35 -11.90 -17.31
C MET D 31 30.57 -10.63 -16.95
N LEU D 32 30.10 -9.90 -17.99
CA LEU D 32 29.15 -8.81 -17.82
C LEU D 32 27.78 -9.34 -18.25
N GLY D 33 27.03 -9.83 -17.26
CA GLY D 33 25.81 -10.57 -17.48
C GLY D 33 24.60 -9.93 -16.83
N SER D 34 24.59 -8.60 -16.75
CA SER D 34 23.49 -7.89 -16.11
C SER D 34 23.41 -6.46 -16.63
N GLN D 35 22.42 -5.74 -16.10
CA GLN D 35 22.28 -4.29 -16.25
C GLN D 35 23.60 -3.64 -15.79
N ILE D 36 23.99 -2.56 -16.46
CA ILE D 36 25.19 -1.80 -16.09
C ILE D 36 24.76 -0.67 -15.12
N ASP D 37 25.20 -0.78 -13.88
CA ASP D 37 25.08 0.29 -12.90
C ASP D 37 26.45 0.51 -12.27
N ASP D 38 26.51 1.42 -11.30
CA ASP D 38 27.77 1.82 -10.67
C ASP D 38 28.45 0.61 -10.01
N ASN D 39 27.67 -0.25 -9.32
CA ASN D 39 28.20 -1.42 -8.63
C ASN D 39 28.86 -2.39 -9.62
N VAL D 40 28.14 -2.68 -10.70
CA VAL D 40 28.65 -3.59 -11.74
C VAL D 40 29.92 -3.00 -12.37
N ALA D 41 29.89 -1.72 -12.69
CA ALA D 41 31.05 -1.03 -13.31
C ALA D 41 32.26 -1.08 -12.35
N ASN D 42 32.02 -0.86 -11.06
CA ASN D 42 33.09 -0.86 -10.07
C ASN D 42 33.77 -2.24 -10.02
N SER D 43 32.97 -3.31 -10.10
CA SER D 43 33.44 -4.66 -10.11
C SER D 43 34.25 -4.95 -11.39
N ILE D 44 33.71 -4.56 -12.53
CA ILE D 44 34.34 -4.84 -13.82
C ILE D 44 35.65 -4.08 -13.92
N VAL D 45 35.62 -2.80 -13.55
CA VAL D 45 36.83 -1.97 -13.55
C VAL D 45 37.89 -2.63 -12.64
N SER D 46 37.50 -3.06 -11.46
CA SER D 46 38.43 -3.67 -10.50
C SER D 46 39.03 -4.95 -11.11
N GLN D 47 38.21 -5.74 -11.79
CA GLN D 47 38.66 -6.97 -12.42
C GLN D 47 39.67 -6.65 -13.53
N LEU D 48 39.40 -5.62 -14.34
CA LEU D 48 40.27 -5.25 -15.43
C LEU D 48 41.64 -4.82 -14.88
N LEU D 49 41.64 -4.01 -13.80
CA LEU D 49 42.84 -3.50 -13.20
C LEU D 49 43.66 -4.65 -12.59
N PHE D 50 42.97 -5.55 -11.88
CA PHE D 50 43.60 -6.73 -11.31
C PHE D 50 44.27 -7.56 -12.42
N LEU D 51 43.58 -7.79 -13.53
CA LEU D 51 44.11 -8.66 -14.56
C LEU D 51 45.34 -8.01 -15.23
N GLN D 52 45.32 -6.69 -15.42
CA GLN D 52 46.44 -5.99 -16.00
C GLN D 52 47.68 -6.11 -15.06
N ALA D 53 47.46 -5.98 -13.76
CA ALA D 53 48.50 -6.06 -12.73
C ALA D 53 49.13 -7.46 -12.70
N GLN D 54 48.29 -8.49 -12.90
CA GLN D 54 48.75 -9.87 -12.94
C GLN D 54 49.61 -10.11 -14.18
N ASP D 55 49.18 -9.56 -15.33
CA ASP D 55 49.86 -9.78 -16.59
C ASP D 55 49.45 -8.68 -17.57
N SER D 56 50.41 -7.81 -17.88
CA SER D 56 50.15 -6.60 -18.67
C SER D 56 50.11 -6.90 -20.17
N GLU D 57 50.39 -8.15 -20.58
CA GLU D 57 50.55 -8.49 -22.01
C GLU D 57 49.45 -9.43 -22.52
N LYS D 58 48.96 -10.35 -21.68
CA LYS D 58 47.97 -11.35 -22.14
C LYS D 58 46.59 -10.72 -22.28
N ASP D 59 45.88 -11.18 -23.32
CA ASP D 59 44.52 -10.79 -23.60
C ASP D 59 43.61 -11.05 -22.40
N ILE D 60 42.59 -10.20 -22.28
CA ILE D 60 41.44 -10.35 -21.41
C ILE D 60 40.23 -10.62 -22.31
N TYR D 61 39.26 -11.40 -21.79
CA TYR D 61 38.05 -11.71 -22.52
C TYR D 61 36.85 -11.19 -21.71
N LEU D 62 36.10 -10.25 -22.31
CA LEU D 62 34.88 -9.71 -21.72
C LEU D 62 33.67 -10.27 -22.47
N TYR D 63 32.93 -11.15 -21.79
CA TYR D 63 31.70 -11.74 -22.29
C TYR D 63 30.54 -10.79 -21.90
N ILE D 64 29.69 -10.45 -22.87
CA ILE D 64 28.65 -9.44 -22.69
C ILE D 64 27.30 -10.06 -23.00
N ASN D 65 26.45 -10.09 -21.96
CA ASN D 65 25.02 -10.34 -22.07
C ASN D 65 24.31 -9.32 -21.17
N SER D 66 23.90 -8.19 -21.76
CA SER D 66 23.53 -7.02 -20.99
C SER D 66 22.54 -6.18 -21.76
N PRO D 67 21.46 -5.70 -21.10
CA PRO D 67 20.54 -4.74 -21.72
C PRO D 67 21.02 -3.29 -21.63
N GLY D 68 22.22 -3.07 -21.10
CA GLY D 68 22.76 -1.75 -20.95
C GLY D 68 22.51 -1.20 -19.57
N GLY D 69 22.41 0.12 -19.47
CA GLY D 69 22.21 0.79 -18.18
C GLY D 69 22.86 2.17 -18.20
N SER D 70 23.46 2.54 -17.05
CA SER D 70 24.01 3.85 -16.86
C SER D 70 25.14 4.15 -17.85
N VAL D 71 25.05 5.33 -18.50
CA VAL D 71 26.04 5.77 -19.44
C VAL D 71 27.37 6.07 -18.74
N THR D 72 27.32 6.74 -17.58
CA THR D 72 28.55 7.09 -16.86
C THR D 72 29.23 5.81 -16.32
N ALA D 73 28.43 4.86 -15.82
CA ALA D 73 28.99 3.58 -15.39
C ALA D 73 29.66 2.88 -16.57
N GLY D 74 28.97 2.92 -17.72
CA GLY D 74 29.49 2.36 -18.96
C GLY D 74 30.80 2.99 -19.37
N PHE D 75 30.90 4.33 -19.19
CA PHE D 75 32.14 5.01 -19.57
C PHE D 75 33.29 4.69 -18.59
N ALA D 76 32.98 4.39 -17.34
CA ALA D 76 34.02 3.91 -16.41
C ALA D 76 34.67 2.66 -16.97
N ILE D 77 33.87 1.73 -17.50
CA ILE D 77 34.36 0.50 -18.08
C ILE D 77 35.10 0.81 -19.38
N TYR D 78 34.47 1.59 -20.25
CA TYR D 78 35.04 1.95 -21.55
C TYR D 78 36.45 2.54 -21.39
N ASP D 79 36.58 3.55 -20.55
CA ASP D 79 37.85 4.26 -20.39
C ASP D 79 38.91 3.34 -19.78
N THR D 80 38.50 2.43 -18.90
CA THR D 80 39.43 1.47 -18.32
C THR D 80 39.92 0.52 -19.40
N ILE D 81 39.02 0.03 -20.27
CA ILE D 81 39.43 -0.85 -21.37
C ILE D 81 40.50 -0.15 -22.22
N GLN D 82 40.26 1.12 -22.60
CA GLN D 82 41.19 1.79 -23.52
C GLN D 82 42.50 2.11 -22.79
N HIS D 83 42.45 2.32 -21.47
CA HIS D 83 43.62 2.72 -20.72
C HIS D 83 44.65 1.58 -20.55
N ILE D 84 44.18 0.38 -20.23
CA ILE D 84 45.06 -0.73 -19.83
C ILE D 84 45.82 -1.26 -21.06
N LYS D 85 46.96 -1.91 -20.79
CA LYS D 85 47.88 -2.37 -21.83
C LYS D 85 47.31 -3.60 -22.54
N PRO D 86 46.78 -4.62 -21.85
CA PRO D 86 46.26 -5.80 -22.54
C PRO D 86 45.09 -5.47 -23.49
N ASP D 87 45.01 -6.20 -24.60
CA ASP D 87 43.86 -6.22 -25.45
C ASP D 87 42.68 -6.84 -24.69
N VAL D 88 41.50 -6.22 -24.82
CA VAL D 88 40.27 -6.78 -24.28
C VAL D 88 39.41 -7.25 -25.46
N GLN D 89 39.25 -8.57 -25.58
CA GLN D 89 38.35 -9.16 -26.54
C GLN D 89 36.93 -9.04 -25.99
N THR D 90 35.95 -8.79 -26.87
CA THR D 90 34.56 -8.73 -26.47
C THR D 90 33.79 -9.80 -27.24
N ILE D 91 32.95 -10.52 -26.51
CA ILE D 91 32.09 -11.56 -27.05
C ILE D 91 30.67 -11.34 -26.57
N CYS D 92 29.78 -11.04 -27.51
CA CYS D 92 28.35 -10.92 -27.23
C CYS D 92 27.69 -12.30 -27.27
N ILE D 93 27.11 -12.71 -26.15
CA ILE D 93 26.23 -13.88 -26.04
C ILE D 93 24.84 -13.38 -25.61
N GLY D 94 23.80 -13.85 -26.24
CA GLY D 94 22.45 -13.46 -25.91
C GLY D 94 22.10 -12.08 -26.47
N MET D 95 22.48 -11.03 -25.75
CA MET D 95 22.08 -9.68 -26.13
C MET D 95 23.13 -8.66 -25.63
N ALA D 96 23.44 -7.68 -26.48
CA ALA D 96 24.16 -6.49 -26.09
C ALA D 96 23.36 -5.29 -26.59
N ALA D 97 22.70 -4.60 -25.65
CA ALA D 97 21.83 -3.48 -25.99
C ALA D 97 22.34 -2.21 -25.32
N SER D 98 22.15 -1.10 -26.02
CA SER D 98 22.42 0.22 -25.51
C SER D 98 23.89 0.29 -25.10
N MET D 99 24.17 0.66 -23.85
CA MET D 99 25.54 0.80 -23.42
C MET D 99 26.26 -0.56 -23.51
N GLY D 100 25.51 -1.65 -23.51
CA GLY D 100 26.06 -3.00 -23.73
C GLY D 100 26.67 -3.16 -25.12
N SER D 101 25.98 -2.63 -26.12
CA SER D 101 26.48 -2.70 -27.50
C SER D 101 27.63 -1.72 -27.67
N PHE D 102 27.62 -0.61 -26.92
CA PHE D 102 28.73 0.34 -26.96
C PHE D 102 30.02 -0.33 -26.47
N LEU D 103 29.92 -1.09 -25.38
CA LEU D 103 31.07 -1.79 -24.81
C LEU D 103 31.52 -2.94 -25.74
N LEU D 104 30.59 -3.61 -26.41
CA LEU D 104 30.93 -4.64 -27.36
C LEU D 104 31.84 -4.04 -28.44
N ALA D 105 31.45 -2.87 -28.96
CA ALA D 105 32.18 -2.17 -30.03
C ALA D 105 33.53 -1.66 -29.54
N ALA D 106 33.72 -1.57 -28.20
CA ALA D 106 34.90 -0.99 -27.59
C ALA D 106 36.06 -1.99 -27.45
N GLY D 107 35.82 -3.27 -27.76
CA GLY D 107 36.85 -4.28 -27.70
C GLY D 107 37.97 -3.99 -28.69
N ALA D 108 39.12 -4.64 -28.48
CA ALA D 108 40.31 -4.50 -29.36
C ALA D 108 39.89 -4.81 -30.81
N LYS D 109 40.34 -3.98 -31.73
CA LYS D 109 40.01 -4.14 -33.15
C LYS D 109 40.54 -5.50 -33.63
N GLY D 110 39.69 -6.24 -34.33
CA GLY D 110 39.95 -7.60 -34.75
C GLY D 110 39.49 -8.64 -33.74
N LYS D 111 39.10 -8.24 -32.53
CA LYS D 111 38.82 -9.20 -31.46
C LYS D 111 37.45 -8.90 -30.79
N ARG D 112 36.50 -8.41 -31.60
CA ARG D 112 35.11 -8.22 -31.19
C ARG D 112 34.25 -9.25 -31.91
N PHE D 113 33.54 -10.07 -31.13
CA PHE D 113 32.79 -11.21 -31.62
C PHE D 113 31.34 -11.18 -31.12
N ALA D 114 30.46 -11.85 -31.86
CA ALA D 114 29.12 -12.19 -31.39
C ALA D 114 28.84 -13.63 -31.79
N LEU D 115 28.14 -14.37 -30.92
CA LEU D 115 27.68 -15.70 -31.26
C LEU D 115 26.51 -15.55 -32.24
N PRO D 116 26.21 -16.58 -33.07
CA PRO D 116 25.37 -16.37 -34.27
C PRO D 116 23.94 -15.89 -33.99
N ASN D 117 23.37 -16.26 -32.84
CA ASN D 117 21.98 -15.93 -32.54
C ASN D 117 21.89 -14.76 -31.55
N ALA D 118 23.06 -14.16 -31.21
CA ALA D 118 23.11 -13.02 -30.33
C ALA D 118 22.48 -11.81 -30.99
N GLU D 119 21.86 -10.97 -30.16
CA GLU D 119 21.18 -9.74 -30.61
C GLU D 119 21.98 -8.53 -30.15
N VAL D 120 22.11 -7.56 -31.04
CA VAL D 120 22.76 -6.31 -30.71
C VAL D 120 21.73 -5.21 -30.98
N MET D 121 21.59 -4.28 -30.03
CA MET D 121 20.66 -3.18 -30.20
C MET D 121 21.35 -1.87 -29.89
N ILE D 122 21.16 -0.88 -30.75
CA ILE D 122 21.70 0.46 -30.58
C ILE D 122 20.54 1.45 -30.56
N HIS D 123 20.69 2.50 -29.76
CA HIS D 123 19.69 3.54 -29.63
C HIS D 123 20.32 4.76 -28.92
N GLN D 124 19.58 5.86 -28.84
CA GLN D 124 20.06 7.06 -28.22
C GLN D 124 19.89 6.94 -26.70
N PRO D 125 20.68 7.71 -25.92
CA PRO D 125 20.54 7.72 -24.46
C PRO D 125 19.18 8.24 -23.98
N LEU D 126 18.81 7.74 -22.82
CA LEU D 126 17.51 8.01 -22.16
C LEU D 126 17.83 8.80 -20.87
N GLY D 127 16.91 9.66 -20.47
CA GLY D 127 17.06 10.35 -19.20
C GLY D 127 15.80 11.10 -18.81
N GLY D 128 16.01 12.09 -17.95
CA GLY D 128 14.95 12.75 -17.23
C GLY D 128 15.41 14.13 -16.78
N ALA D 129 14.43 15.03 -16.64
CA ALA D 129 14.66 16.38 -16.18
C ALA D 129 13.34 16.92 -15.60
N GLN D 130 13.47 17.60 -14.47
CA GLN D 130 12.39 18.09 -13.66
C GLN D 130 12.82 19.45 -13.10
N GLY D 131 11.91 20.43 -13.06
CA GLY D 131 12.14 21.67 -12.31
C GLY D 131 11.88 22.92 -13.14
N GLN D 132 12.70 23.95 -12.87
CA GLN D 132 12.61 25.22 -13.55
C GLN D 132 13.09 25.07 -15.00
N ALA D 133 12.59 25.95 -15.85
CA ALA D 133 12.98 26.00 -17.27
C ALA D 133 14.51 25.92 -17.44
N THR D 134 15.23 26.73 -16.68
CA THR D 134 16.69 26.80 -16.75
C THR D 134 17.32 25.44 -16.37
N GLU D 135 16.73 24.72 -15.42
CA GLU D 135 17.22 23.43 -15.00
C GLU D 135 16.99 22.41 -16.10
N ILE D 136 15.83 22.49 -16.77
CA ILE D 136 15.51 21.58 -17.85
C ILE D 136 16.47 21.81 -19.02
N GLU D 137 16.80 23.08 -19.29
CA GLU D 137 17.72 23.46 -20.33
C GLU D 137 19.11 22.81 -20.04
N ILE D 138 19.58 22.91 -18.80
CA ILE D 138 20.89 22.35 -18.40
C ILE D 138 20.90 20.84 -18.61
N ALA D 139 19.84 20.15 -18.15
CA ALA D 139 19.72 18.71 -18.33
C ALA D 139 19.67 18.34 -19.83
N ALA D 140 18.94 19.11 -20.63
CA ALA D 140 18.83 18.81 -22.06
C ALA D 140 20.20 18.95 -22.73
N ASN D 141 20.92 20.05 -22.43
CA ASN D 141 22.23 20.32 -23.00
C ASN D 141 23.19 19.17 -22.60
N HIS D 142 23.08 18.70 -21.36
CA HIS D 142 23.94 17.65 -20.88
C HIS D 142 23.71 16.34 -21.64
N ILE D 143 22.44 15.92 -21.79
CA ILE D 143 22.18 14.64 -22.42
C ILE D 143 22.49 14.73 -23.95
N LEU D 144 22.32 15.91 -24.55
CA LEU D 144 22.65 16.07 -25.97
C LEU D 144 24.17 15.98 -26.18
N LYS D 145 24.95 16.58 -25.29
CA LYS D 145 26.44 16.45 -25.30
C LYS D 145 26.83 14.98 -25.09
N THR D 146 26.17 14.28 -24.16
CA THR D 146 26.46 12.90 -23.92
C THR D 146 26.22 12.09 -25.20
N ARG D 147 25.12 12.36 -25.90
CA ARG D 147 24.81 11.66 -27.14
C ARG D 147 25.87 11.92 -28.21
N GLU D 148 26.29 13.18 -28.36
CA GLU D 148 27.35 13.56 -29.33
C GLU D 148 28.63 12.76 -29.03
N LYS D 149 29.01 12.65 -27.76
CA LYS D 149 30.20 11.92 -27.32
C LYS D 149 30.08 10.44 -27.69
N LEU D 150 28.93 9.82 -27.39
CA LEU D 150 28.70 8.41 -27.71
C LEU D 150 28.80 8.19 -29.23
N ASN D 151 28.17 9.08 -30.00
CA ASN D 151 28.08 8.94 -31.45
C ASN D 151 29.47 9.09 -32.09
N ARG D 152 30.24 10.05 -31.61
CA ARG D 152 31.60 10.30 -32.08
C ARG D 152 32.44 9.02 -31.89
N ILE D 153 32.41 8.46 -30.68
CA ILE D 153 33.22 7.28 -30.37
C ILE D 153 32.72 6.10 -31.22
N LEU D 154 31.40 5.96 -31.34
CA LEU D 154 30.87 4.85 -32.11
C LEU D 154 31.26 4.97 -33.60
N SER D 155 31.36 6.23 -34.08
CA SER D 155 31.84 6.48 -35.43
C SER D 155 33.28 6.00 -35.60
N GLU D 156 34.14 6.37 -34.65
CA GLU D 156 35.54 5.96 -34.64
C GLU D 156 35.64 4.44 -34.58
N ARG D 157 34.79 3.76 -33.78
CA ARG D 157 34.96 2.32 -33.55
C ARG D 157 34.38 1.49 -34.71
N THR D 158 33.40 2.03 -35.44
CA THR D 158 32.71 1.26 -36.49
C THR D 158 33.21 1.63 -37.90
N GLY D 159 33.71 2.85 -38.09
CA GLY D 159 33.97 3.41 -39.42
C GLY D 159 32.76 4.06 -40.06
N GLN D 160 31.59 4.05 -39.40
CA GLN D 160 30.39 4.73 -39.94
C GLN D 160 30.51 6.22 -39.63
N SER D 161 29.90 7.06 -40.48
CA SER D 161 29.86 8.51 -40.20
C SER D 161 28.98 8.79 -38.97
N ILE D 162 29.26 9.92 -38.32
CA ILE D 162 28.51 10.44 -37.22
C ILE D 162 27.04 10.65 -37.64
N GLU D 163 26.82 11.15 -38.85
CA GLU D 163 25.46 11.42 -39.38
C GLU D 163 24.69 10.10 -39.48
N LYS D 164 25.35 9.04 -39.95
CA LYS D 164 24.66 7.75 -40.08
C LYS D 164 24.37 7.17 -38.69
N ILE D 165 25.30 7.28 -37.74
CA ILE D 165 25.10 6.76 -36.38
C ILE D 165 23.88 7.45 -35.77
N GLN D 166 23.81 8.77 -35.92
CA GLN D 166 22.71 9.61 -35.41
C GLN D 166 21.36 9.10 -35.93
N LYS D 167 21.27 8.86 -37.23
CA LYS D 167 20.03 8.39 -37.89
C LYS D 167 19.70 6.98 -37.41
N ASP D 168 20.71 6.10 -37.29
CA ASP D 168 20.48 4.70 -37.01
C ASP D 168 20.17 4.45 -35.53
N THR D 169 20.39 5.43 -34.65
CA THR D 169 20.13 5.29 -33.23
C THR D 169 18.94 6.16 -32.78
N ASP D 170 18.23 6.76 -33.72
CA ASP D 170 17.14 7.67 -33.42
C ASP D 170 16.06 6.92 -32.64
N ARG D 171 15.80 5.68 -33.06
CA ARG D 171 14.93 4.74 -32.36
C ARG D 171 15.70 3.42 -32.16
N ASP D 172 15.11 2.54 -31.36
CA ASP D 172 15.63 1.22 -31.12
C ASP D 172 15.89 0.52 -32.46
N ASN D 173 17.14 0.07 -32.65
CA ASN D 173 17.60 -0.54 -33.86
C ASN D 173 18.24 -1.90 -33.50
N PHE D 174 17.53 -2.99 -33.81
CA PHE D 174 17.95 -4.35 -33.51
C PHE D 174 18.74 -4.93 -34.68
N LEU D 175 19.93 -5.46 -34.42
CA LEU D 175 20.81 -6.07 -35.43
C LEU D 175 21.03 -7.55 -35.09
N THR D 176 21.08 -8.39 -36.13
CA THR D 176 21.64 -9.74 -36.02
C THR D 176 23.16 -9.63 -35.88
N ALA D 177 23.80 -10.75 -35.46
CA ALA D 177 25.25 -10.80 -35.37
C ALA D 177 25.90 -10.41 -36.71
N GLU D 178 25.36 -10.97 -37.80
CA GLU D 178 25.87 -10.74 -39.13
C GLU D 178 25.73 -9.25 -39.50
N GLU D 179 24.59 -8.65 -39.15
CA GLU D 179 24.37 -7.22 -39.43
C GLU D 179 25.32 -6.38 -38.58
N ALA D 180 25.58 -6.80 -37.34
CA ALA D 180 26.49 -6.05 -36.46
C ALA D 180 27.90 -6.05 -37.05
N LYS D 181 28.29 -7.17 -37.66
CA LYS D 181 29.58 -7.27 -38.34
C LYS D 181 29.64 -6.32 -39.54
N GLU D 182 28.60 -6.36 -40.38
CA GLU D 182 28.51 -5.46 -41.54
C GLU D 182 28.56 -4.00 -41.09
N TYR D 183 27.96 -3.70 -39.91
CA TYR D 183 27.93 -2.34 -39.42
C TYR D 183 29.31 -1.87 -38.91
N GLY D 184 30.15 -2.81 -38.46
CA GLY D 184 31.43 -2.47 -37.86
C GLY D 184 31.43 -2.48 -36.33
N LEU D 185 30.35 -2.98 -35.71
CA LEU D 185 30.25 -3.08 -34.24
C LEU D 185 31.10 -4.25 -33.72
N ILE D 186 31.19 -5.31 -34.51
CA ILE D 186 32.03 -6.46 -34.24
C ILE D 186 32.87 -6.75 -35.50
N ASP D 187 33.88 -7.61 -35.32
CA ASP D 187 34.78 -8.01 -36.41
C ASP D 187 34.35 -9.35 -37.02
N GLU D 188 33.84 -10.26 -36.21
CA GLU D 188 33.53 -11.63 -36.67
C GLU D 188 32.31 -12.18 -35.91
N VAL D 189 31.53 -13.00 -36.63
CA VAL D 189 30.59 -13.92 -36.07
C VAL D 189 31.32 -15.20 -35.70
N MET D 190 31.24 -15.59 -34.43
CA MET D 190 31.89 -16.77 -33.92
C MET D 190 31.05 -18.01 -34.26
N VAL D 191 31.46 -18.73 -35.31
CA VAL D 191 30.70 -19.88 -35.84
C VAL D 191 31.16 -21.15 -35.14
N PRO D 192 30.27 -22.17 -34.96
CA PRO D 192 30.67 -23.44 -34.36
C PRO D 192 31.42 -24.38 -35.31
N LEU E 3 17.10 -25.80 2.87
CA LEU E 3 18.57 -25.89 2.68
C LEU E 3 18.88 -26.87 1.55
N ILE E 4 19.93 -26.54 0.79
CA ILE E 4 20.55 -27.44 -0.16
C ILE E 4 21.54 -28.32 0.61
N PRO E 5 21.40 -29.66 0.55
CA PRO E 5 22.29 -30.54 1.29
C PRO E 5 23.74 -30.52 0.78
N THR E 6 24.63 -30.94 1.67
CA THR E 6 26.07 -31.01 1.47
C THR E 6 26.46 -32.49 1.41
N VAL E 7 27.46 -32.83 0.60
CA VAL E 7 28.04 -34.17 0.58
C VAL E 7 29.56 -34.05 0.82
N ILE E 8 30.11 -35.04 1.54
CA ILE E 8 31.55 -35.15 1.85
C ILE E 8 31.94 -36.63 1.80
N TYR E 18 30.99 -30.39 -0.86
CA TYR E 18 30.22 -29.89 -2.00
C TYR E 18 28.73 -29.76 -1.63
N ASP E 19 28.10 -28.64 -1.99
CA ASP E 19 26.63 -28.62 -2.18
C ASP E 19 26.29 -29.63 -3.29
N ILE E 20 25.07 -30.16 -3.28
CA ILE E 20 24.72 -31.32 -4.13
C ILE E 20 24.90 -30.98 -5.62
N TYR E 21 24.58 -29.74 -6.01
CA TYR E 21 24.67 -29.33 -7.43
C TYR E 21 26.13 -29.27 -7.87
N SER E 22 27.00 -28.74 -7.00
CA SER E 22 28.42 -28.69 -7.28
C SER E 22 29.00 -30.10 -7.39
N ARG E 23 28.49 -31.04 -6.58
CA ARG E 23 28.94 -32.43 -6.63
C ARG E 23 28.54 -33.02 -7.99
N LEU E 24 27.34 -32.71 -8.48
CA LEU E 24 26.90 -33.19 -9.79
C LEU E 24 27.75 -32.56 -10.90
N LEU E 25 28.13 -31.28 -10.74
CA LEU E 25 28.91 -30.60 -11.78
C LEU E 25 30.28 -31.28 -11.93
N LYS E 26 30.80 -31.84 -10.84
CA LYS E 26 32.06 -32.60 -10.88
C LYS E 26 31.94 -33.77 -11.85
N ASP E 27 30.74 -34.36 -12.01
CA ASP E 27 30.51 -35.47 -12.98
C ASP E 27 29.90 -34.95 -14.29
N ARG E 28 30.05 -33.65 -14.57
CA ARG E 28 29.69 -33.02 -15.86
C ARG E 28 28.16 -32.93 -16.02
N ILE E 29 27.43 -32.87 -14.90
CA ILE E 29 25.98 -32.68 -14.91
C ILE E 29 25.68 -31.22 -14.56
N ILE E 30 24.91 -30.55 -15.42
CA ILE E 30 24.38 -29.19 -15.21
C ILE E 30 22.87 -29.28 -14.98
N MET E 31 22.39 -28.64 -13.91
CA MET E 31 20.95 -28.64 -13.58
C MET E 31 20.34 -27.27 -13.96
N LEU E 32 19.41 -27.31 -14.92
CA LEU E 32 18.58 -26.14 -15.25
C LEU E 32 17.21 -26.41 -14.66
N GLY E 33 17.01 -25.94 -13.43
CA GLY E 33 15.84 -26.26 -12.62
C GLY E 33 15.03 -25.03 -12.25
N SER E 34 15.00 -24.02 -13.12
CA SER E 34 14.30 -22.79 -12.82
C SER E 34 13.92 -22.06 -14.11
N GLN E 35 13.24 -20.93 -13.93
CA GLN E 35 13.01 -19.94 -14.98
C GLN E 35 14.37 -19.55 -15.58
N ILE E 36 14.39 -19.30 -16.89
CA ILE E 36 15.59 -18.86 -17.59
C ILE E 36 15.64 -17.33 -17.59
N ASP E 37 16.60 -16.75 -16.89
CA ASP E 37 16.89 -15.34 -16.92
C ASP E 37 18.39 -15.18 -17.15
N ASP E 38 18.86 -13.94 -17.16
CA ASP E 38 20.24 -13.60 -17.47
C ASP E 38 21.19 -14.27 -16.47
N ASN E 39 20.84 -14.28 -15.18
CA ASN E 39 21.67 -14.87 -14.12
C ASN E 39 21.86 -16.36 -14.36
N VAL E 40 20.75 -17.06 -14.62
CA VAL E 40 20.77 -18.50 -14.86
C VAL E 40 21.60 -18.80 -16.12
N ALA E 41 21.39 -18.03 -17.18
CA ALA E 41 22.13 -18.23 -18.42
C ALA E 41 23.64 -18.02 -18.20
N ASN E 42 24.00 -16.99 -17.45
CA ASN E 42 25.40 -16.69 -17.20
C ASN E 42 26.08 -17.85 -16.46
N SER E 43 25.35 -18.44 -15.50
CA SER E 43 25.85 -19.56 -14.74
C SER E 43 26.00 -20.80 -15.65
N ILE E 44 24.98 -21.08 -16.47
CA ILE E 44 24.98 -22.28 -17.31
C ILE E 44 26.10 -22.14 -18.35
N VAL E 45 26.20 -20.98 -18.98
CA VAL E 45 27.24 -20.72 -19.98
C VAL E 45 28.62 -20.96 -19.32
N SER E 46 28.82 -20.40 -18.12
CA SER E 46 30.09 -20.52 -17.43
C SER E 46 30.40 -22.00 -17.14
N GLN E 47 29.39 -22.76 -16.74
CA GLN E 47 29.54 -24.17 -16.44
C GLN E 47 29.94 -24.93 -17.71
N LEU E 48 29.30 -24.61 -18.84
CA LEU E 48 29.60 -25.31 -20.09
C LEU E 48 31.06 -25.04 -20.49
N LEU E 49 31.49 -23.79 -20.37
CA LEU E 49 32.85 -23.39 -20.76
C LEU E 49 33.89 -24.08 -19.84
N PHE E 50 33.60 -24.11 -18.54
CA PHE E 50 34.45 -24.77 -17.56
C PHE E 50 34.60 -26.26 -17.92
N LEU E 51 33.47 -26.92 -18.22
CA LEU E 51 33.51 -28.35 -18.47
C LEU E 51 34.30 -28.66 -19.76
N GLN E 52 34.15 -27.82 -20.78
CA GLN E 52 34.88 -28.01 -22.02
C GLN E 52 36.39 -27.87 -21.77
N ALA E 53 36.78 -26.89 -20.96
CA ALA E 53 38.18 -26.61 -20.63
C ALA E 53 38.79 -27.77 -19.85
N GLN E 54 38.00 -28.41 -18.97
CA GLN E 54 38.45 -29.57 -18.22
C GLN E 54 38.66 -30.77 -19.15
N ASP E 55 37.75 -30.96 -20.10
CA ASP E 55 37.79 -32.10 -21.01
C ASP E 55 36.91 -31.81 -22.22
N SER E 56 37.56 -31.65 -23.38
CA SER E 56 36.91 -31.20 -24.61
C SER E 56 36.21 -32.36 -25.34
N GLU E 57 36.33 -33.59 -24.82
CA GLU E 57 35.85 -34.80 -25.53
C GLU E 57 34.68 -35.48 -24.80
N LYS E 58 34.65 -35.45 -23.47
CA LYS E 58 33.61 -36.16 -22.68
C LYS E 58 32.28 -35.41 -22.75
N ASP E 59 31.20 -36.18 -22.85
CA ASP E 59 29.84 -35.69 -22.85
C ASP E 59 29.56 -34.84 -21.59
N ILE E 60 28.67 -33.86 -21.76
CA ILE E 60 28.04 -33.08 -20.71
C ILE E 60 26.56 -33.48 -20.67
N TYR E 61 25.95 -33.44 -19.49
CA TYR E 61 24.55 -33.77 -19.29
C TYR E 61 23.82 -32.55 -18.73
N LEU E 62 22.84 -32.04 -19.49
CA LEU E 62 21.98 -30.92 -19.09
C LEU E 62 20.59 -31.44 -18.74
N TYR E 63 20.28 -31.41 -17.44
CA TYR E 63 18.96 -31.80 -16.92
C TYR E 63 18.07 -30.55 -16.93
N ILE E 64 16.86 -30.69 -17.49
CA ILE E 64 15.97 -29.54 -17.71
C ILE E 64 14.65 -29.80 -17.01
N ASN E 65 14.36 -28.93 -16.03
CA ASN E 65 13.02 -28.76 -15.45
C ASN E 65 12.76 -27.25 -15.34
N SER E 66 12.10 -26.68 -16.35
CA SER E 66 12.07 -25.24 -16.51
C SER E 66 10.80 -24.83 -17.24
N PRO E 67 10.10 -23.77 -16.77
CA PRO E 67 8.98 -23.20 -17.51
C PRO E 67 9.41 -22.22 -18.60
N GLY E 68 10.71 -22.07 -18.84
CA GLY E 68 11.19 -21.17 -19.86
C GLY E 68 11.61 -19.83 -19.28
N GLY E 69 11.54 -18.79 -20.10
CA GLY E 69 11.92 -17.43 -19.68
C GLY E 69 12.47 -16.62 -20.84
N SER E 70 13.51 -15.83 -20.56
CA SER E 70 14.08 -14.88 -21.52
C SER E 70 14.61 -15.62 -22.75
N VAL E 71 14.20 -15.15 -23.94
CA VAL E 71 14.65 -15.73 -25.19
C VAL E 71 16.14 -15.43 -25.41
N THR E 72 16.59 -14.22 -25.11
CA THR E 72 18.00 -13.86 -25.31
C THR E 72 18.89 -14.65 -24.34
N ALA E 73 18.44 -14.80 -23.09
CA ALA E 73 19.16 -15.62 -22.14
C ALA E 73 19.24 -17.06 -22.64
N GLY E 74 18.12 -17.56 -23.16
CA GLY E 74 18.04 -18.88 -23.75
C GLY E 74 19.02 -19.04 -24.91
N PHE E 75 19.15 -18.00 -25.74
CA PHE E 75 20.06 -18.09 -26.88
C PHE E 75 21.54 -18.04 -26.44
N ALA E 76 21.84 -17.38 -25.32
CA ALA E 76 23.18 -17.44 -24.77
C ALA E 76 23.57 -18.90 -24.51
N ILE E 77 22.65 -19.66 -23.91
CA ILE E 77 22.88 -21.06 -23.61
C ILE E 77 22.95 -21.88 -24.90
N TYR E 78 21.96 -21.67 -25.78
CA TYR E 78 21.87 -22.41 -27.03
C TYR E 78 23.18 -22.29 -27.82
N ASP E 79 23.64 -21.06 -28.06
CA ASP E 79 24.82 -20.82 -28.87
C ASP E 79 26.07 -21.43 -28.22
N THR E 80 26.14 -21.41 -26.89
CA THR E 80 27.26 -21.98 -26.17
C THR E 80 27.26 -23.50 -26.35
N ILE E 81 26.08 -24.14 -26.26
CA ILE E 81 25.97 -25.58 -26.49
C ILE E 81 26.55 -25.91 -27.88
N GLN E 82 26.11 -25.18 -28.91
CA GLN E 82 26.52 -25.52 -30.28
C GLN E 82 28.01 -25.21 -30.49
N HIS E 83 28.55 -24.21 -29.77
CA HIS E 83 29.91 -23.79 -29.97
C HIS E 83 30.94 -24.80 -29.42
N ILE E 84 30.70 -25.36 -28.23
CA ILE E 84 31.70 -26.18 -27.55
C ILE E 84 31.83 -27.54 -28.25
N LYS E 85 32.98 -28.20 -28.03
CA LYS E 85 33.34 -29.45 -28.70
C LYS E 85 32.54 -30.60 -28.11
N PRO E 86 32.42 -30.76 -26.78
CA PRO E 86 31.68 -31.89 -26.23
C PRO E 86 30.21 -31.93 -26.66
N ASP E 87 29.66 -33.13 -26.82
CA ASP E 87 28.26 -33.35 -26.95
C ASP E 87 27.57 -32.98 -25.61
N VAL E 88 26.42 -32.27 -25.71
CA VAL E 88 25.59 -31.98 -24.56
C VAL E 88 24.30 -32.78 -24.69
N GLN E 89 24.14 -33.77 -23.81
CA GLN E 89 22.92 -34.54 -23.70
C GLN E 89 21.89 -33.69 -22.95
N THR E 90 20.62 -33.78 -23.35
CA THR E 90 19.53 -33.10 -22.64
C THR E 90 18.56 -34.14 -22.11
N ILE E 91 18.14 -33.97 -20.86
CA ILE E 91 17.18 -34.81 -20.20
C ILE E 91 16.10 -33.94 -19.56
N CYS E 92 14.87 -34.06 -20.05
CA CYS E 92 13.74 -33.37 -19.47
C CYS E 92 13.13 -34.21 -18.34
N ILE E 93 13.14 -33.64 -17.13
CA ILE E 93 12.44 -34.17 -15.96
C ILE E 93 11.37 -33.14 -15.57
N GLY E 94 10.15 -33.60 -15.32
CA GLY E 94 9.10 -32.71 -14.90
C GLY E 94 8.50 -31.96 -16.07
N MET E 95 9.13 -30.83 -16.46
CA MET E 95 8.56 -29.98 -17.49
C MET E 95 9.68 -29.23 -18.23
N ALA E 96 9.54 -29.14 -19.55
CA ALA E 96 10.30 -28.22 -20.37
C ALA E 96 9.33 -27.43 -21.22
N ALA E 97 9.13 -26.16 -20.87
CA ALA E 97 8.17 -25.31 -21.55
C ALA E 97 8.89 -24.11 -22.16
N SER E 98 8.36 -23.69 -23.32
CA SER E 98 8.78 -22.48 -23.98
C SER E 98 10.28 -22.60 -24.28
N MET E 99 11.08 -21.62 -23.83
CA MET E 99 12.49 -21.64 -24.13
C MET E 99 13.14 -22.89 -23.52
N GLY E 100 12.51 -23.48 -22.50
CA GLY E 100 12.95 -24.74 -21.89
C GLY E 100 12.87 -25.90 -22.88
N SER E 101 11.79 -25.95 -23.67
CA SER E 101 11.63 -26.99 -24.65
C SER E 101 12.57 -26.74 -25.84
N PHE E 102 12.85 -25.46 -26.13
CA PHE E 102 13.81 -25.13 -27.18
C PHE E 102 15.22 -25.67 -26.82
N LEU E 103 15.61 -25.51 -25.56
CA LEU E 103 16.92 -25.99 -25.11
C LEU E 103 16.96 -27.53 -25.07
N LEU E 104 15.84 -28.16 -24.72
CA LEU E 104 15.76 -29.61 -24.75
C LEU E 104 16.08 -30.12 -26.15
N ALA E 105 15.48 -29.48 -27.16
CA ALA E 105 15.65 -29.85 -28.56
C ALA E 105 17.07 -29.54 -29.07
N ALA E 106 17.83 -28.71 -28.33
CA ALA E 106 19.14 -28.24 -28.73
C ALA E 106 20.27 -29.24 -28.36
N GLY E 107 19.95 -30.29 -27.61
CA GLY E 107 20.93 -31.29 -27.24
C GLY E 107 21.48 -32.02 -28.46
N ALA E 108 22.61 -32.70 -28.29
CA ALA E 108 23.25 -33.50 -29.35
C ALA E 108 22.24 -34.51 -29.92
N LYS E 109 22.18 -34.60 -31.25
CA LYS E 109 21.28 -35.52 -31.93
C LYS E 109 21.58 -36.96 -31.47
N GLY E 110 20.51 -37.67 -31.12
CA GLY E 110 20.59 -39.00 -30.55
C GLY E 110 20.66 -39.00 -29.03
N LYS E 111 20.86 -37.84 -28.40
CA LYS E 111 21.11 -37.78 -26.96
C LYS E 111 20.18 -36.76 -26.27
N ARG E 112 18.95 -36.63 -26.79
CA ARG E 112 17.90 -35.83 -26.20
C ARG E 112 16.84 -36.78 -25.64
N PHE E 113 16.57 -36.68 -24.34
CA PHE E 113 15.72 -37.59 -23.61
C PHE E 113 14.65 -36.85 -22.81
N ALA E 114 13.55 -37.54 -22.53
CA ALA E 114 12.57 -37.13 -21.53
C ALA E 114 12.17 -38.35 -20.71
N LEU E 115 11.93 -38.13 -19.42
CA LEU E 115 11.38 -39.17 -18.56
C LEU E 115 9.90 -39.33 -18.90
N PRO E 116 9.29 -40.50 -18.62
CA PRO E 116 8.00 -40.86 -19.22
C PRO E 116 6.83 -39.93 -18.90
N ASN E 117 6.84 -39.31 -17.72
CA ASN E 117 5.73 -38.47 -17.27
C ASN E 117 6.09 -36.98 -17.42
N ALA E 118 7.23 -36.69 -18.03
CA ALA E 118 7.67 -35.32 -18.27
C ALA E 118 6.74 -34.66 -19.29
N GLU E 119 6.55 -33.35 -19.11
CA GLU E 119 5.69 -32.53 -19.97
C GLU E 119 6.59 -31.61 -20.80
N VAL E 120 6.28 -31.50 -22.08
CA VAL E 120 6.96 -30.58 -22.95
C VAL E 120 5.89 -29.64 -23.51
N MET E 121 6.16 -28.34 -23.49
CA MET E 121 5.19 -27.39 -24.05
C MET E 121 5.92 -26.44 -24.98
N ILE E 122 5.31 -26.20 -26.13
CA ILE E 122 5.82 -25.26 -27.12
C ILE E 122 4.74 -24.20 -27.37
N HIS E 123 5.19 -22.97 -27.61
CA HIS E 123 4.30 -21.85 -27.88
C HIS E 123 5.12 -20.70 -28.47
N GLN E 124 4.43 -19.65 -28.89
CA GLN E 124 5.09 -18.51 -29.49
C GLN E 124 5.64 -17.61 -28.39
N PRO E 125 6.67 -16.78 -28.70
CA PRO E 125 7.21 -15.84 -27.72
C PRO E 125 6.20 -14.77 -27.28
N LEU E 126 6.40 -14.31 -26.04
CA LEU E 126 5.58 -13.33 -25.37
C LEU E 126 6.41 -12.06 -25.21
N GLY E 127 5.73 -10.92 -25.21
CA GLY E 127 6.37 -9.65 -24.97
C GLY E 127 5.37 -8.52 -24.83
N GLY E 128 5.83 -7.33 -25.16
CA GLY E 128 5.16 -6.10 -24.83
C GLY E 128 5.73 -4.94 -25.61
N ALA E 129 4.92 -3.89 -25.72
CA ALA E 129 5.24 -2.69 -26.45
C ALA E 129 4.26 -1.60 -25.99
N GLN E 130 4.81 -0.41 -25.73
CA GLN E 130 4.09 0.72 -25.21
C GLN E 130 4.71 1.96 -25.87
N GLY E 131 3.88 2.93 -26.27
CA GLY E 131 4.36 4.24 -26.71
C GLY E 131 3.76 4.67 -28.04
N GLN E 132 4.57 5.36 -28.85
CA GLN E 132 4.17 5.88 -30.13
C GLN E 132 3.98 4.72 -31.12
N ALA E 133 3.12 4.95 -32.11
CA ALA E 133 2.84 3.94 -33.16
C ALA E 133 4.16 3.37 -33.74
N THR E 134 5.10 4.25 -34.06
CA THR E 134 6.40 3.88 -34.61
C THR E 134 7.18 2.97 -33.64
N GLU E 135 7.09 3.23 -32.34
CA GLU E 135 7.77 2.42 -31.34
C GLU E 135 7.12 1.04 -31.28
N ILE E 136 5.79 0.99 -31.38
CA ILE E 136 5.07 -0.26 -31.33
C ILE E 136 5.43 -1.11 -32.56
N GLU E 137 5.56 -0.44 -33.72
CA GLU E 137 5.93 -1.08 -34.95
C GLU E 137 7.30 -1.76 -34.79
N ILE E 138 8.27 -1.02 -34.24
CA ILE E 138 9.65 -1.53 -34.05
C ILE E 138 9.61 -2.78 -33.14
N ALA E 139 8.91 -2.67 -32.02
CA ALA E 139 8.79 -3.79 -31.07
C ALA E 139 8.10 -5.00 -31.75
N ALA E 140 7.03 -4.76 -32.53
CA ALA E 140 6.32 -5.84 -33.20
C ALA E 140 7.24 -6.56 -34.19
N ASN E 141 7.96 -5.77 -35.00
CA ASN E 141 8.88 -6.32 -36.00
C ASN E 141 9.97 -7.14 -35.30
N HIS E 142 10.44 -6.66 -34.15
CA HIS E 142 11.48 -7.35 -33.41
C HIS E 142 10.97 -8.72 -32.91
N ILE E 143 9.79 -8.77 -32.29
CA ILE E 143 9.35 -10.04 -31.72
C ILE E 143 8.96 -11.01 -32.87
N LEU E 144 8.49 -10.50 -34.01
CA LEU E 144 8.16 -11.36 -35.17
C LEU E 144 9.45 -11.96 -35.76
N LYS E 145 10.52 -11.16 -35.85
CA LYS E 145 11.84 -11.66 -36.27
C LYS E 145 12.38 -12.70 -35.27
N THR E 146 12.20 -12.46 -33.98
CA THR E 146 12.62 -13.40 -32.96
C THR E 146 11.90 -14.72 -33.18
N ARG E 147 10.59 -14.66 -33.44
CA ARG E 147 9.80 -15.88 -33.64
C ARG E 147 10.29 -16.64 -34.91
N GLU E 148 10.55 -15.93 -36.00
CA GLU E 148 11.09 -16.53 -37.23
C GLU E 148 12.40 -17.27 -36.94
N LYS E 149 13.30 -16.65 -36.17
CA LYS E 149 14.58 -17.22 -35.80
C LYS E 149 14.36 -18.51 -34.99
N LEU E 150 13.50 -18.47 -33.98
CA LEU E 150 13.21 -19.65 -33.17
C LEU E 150 12.64 -20.77 -34.03
N ASN E 151 11.71 -20.44 -34.92
CA ASN E 151 10.99 -21.43 -35.71
C ASN E 151 11.97 -22.11 -36.69
N ARG E 152 12.84 -21.32 -37.32
CA ARG E 152 13.85 -21.81 -38.23
C ARG E 152 14.75 -22.83 -37.52
N ILE E 153 15.27 -22.47 -36.36
CA ILE E 153 16.18 -23.35 -35.64
C ILE E 153 15.42 -24.60 -35.19
N LEU E 154 14.19 -24.42 -34.71
CA LEU E 154 13.41 -25.57 -34.24
C LEU E 154 13.10 -26.52 -35.43
N SER E 155 12.95 -25.95 -36.63
CA SER E 155 12.76 -26.72 -37.85
C SER E 155 14.00 -27.59 -38.12
N GLU E 156 15.18 -26.96 -38.05
CA GLU E 156 16.46 -27.65 -38.23
C GLU E 156 16.61 -28.76 -37.17
N ARG E 157 16.21 -28.51 -35.92
CA ARG E 157 16.48 -29.45 -34.84
C ARG E 157 15.49 -30.62 -34.81
N THR E 158 14.27 -30.41 -35.32
CA THR E 158 13.20 -31.42 -35.22
C THR E 158 12.99 -32.15 -36.56
N GLY E 159 13.33 -31.53 -37.68
CA GLY E 159 12.94 -32.03 -39.00
C GLY E 159 11.56 -31.55 -39.45
N GLN E 160 10.83 -30.82 -38.61
CA GLN E 160 9.49 -30.31 -39.00
C GLN E 160 9.65 -29.05 -39.82
N SER E 161 8.70 -28.79 -40.73
CA SER E 161 8.72 -27.54 -41.50
C SER E 161 8.48 -26.32 -40.58
N ILE E 162 8.97 -25.18 -41.02
CA ILE E 162 8.75 -23.88 -40.41
C ILE E 162 7.24 -23.60 -40.33
N GLU E 163 6.49 -23.93 -41.39
CA GLU E 163 5.05 -23.70 -41.47
C GLU E 163 4.34 -24.52 -40.39
N LYS E 164 4.79 -25.76 -40.19
CA LYS E 164 4.15 -26.61 -39.17
C LYS E 164 4.49 -26.08 -37.77
N ILE E 165 5.73 -25.65 -37.54
CA ILE E 165 6.14 -25.13 -36.23
C ILE E 165 5.25 -23.91 -35.91
N GLN E 166 5.09 -23.02 -36.88
CA GLN E 166 4.29 -21.79 -36.78
C GLN E 166 2.86 -22.13 -36.30
N LYS E 167 2.22 -23.11 -36.98
CA LYS E 167 0.86 -23.51 -36.67
C LYS E 167 0.78 -24.15 -35.28
N ASP E 168 1.77 -24.98 -34.94
CA ASP E 168 1.70 -25.77 -33.72
C ASP E 168 2.06 -24.94 -32.48
N THR E 169 2.63 -23.74 -32.66
CA THR E 169 3.02 -22.90 -31.54
C THR E 169 2.11 -21.65 -31.43
N ASP E 170 1.04 -21.60 -32.22
CA ASP E 170 0.17 -20.44 -32.24
C ASP E 170 -0.43 -20.23 -30.84
N ARG E 171 -0.82 -21.32 -30.19
CA ARG E 171 -1.26 -21.37 -28.81
C ARG E 171 -0.42 -22.38 -28.04
N ASP E 172 -0.54 -22.37 -26.72
CA ASP E 172 0.10 -23.32 -25.84
C ASP E 172 -0.23 -24.74 -26.34
N ASN E 173 0.80 -25.54 -26.59
CA ASN E 173 0.70 -26.87 -27.11
C ASN E 173 1.48 -27.82 -26.20
N PHE E 174 0.76 -28.60 -25.40
CA PHE E 174 1.30 -29.53 -24.42
C PHE E 174 1.51 -30.90 -25.07
N LEU E 175 2.72 -31.45 -24.92
CA LEU E 175 3.07 -32.76 -25.47
C LEU E 175 3.46 -33.70 -24.31
N THR E 176 3.06 -34.97 -24.43
CA THR E 176 3.66 -36.05 -23.63
C THR E 176 5.10 -36.29 -24.12
N ALA E 177 5.87 -37.02 -23.32
CA ALA E 177 7.23 -37.41 -23.70
C ALA E 177 7.20 -38.14 -25.05
N GLU E 178 6.27 -39.07 -25.19
CA GLU E 178 6.14 -39.87 -26.40
C GLU E 178 5.80 -38.98 -27.60
N GLU E 179 4.90 -38.00 -27.40
CA GLU E 179 4.56 -37.06 -28.48
C GLU E 179 5.77 -36.18 -28.81
N ALA E 180 6.57 -35.80 -27.81
CA ALA E 180 7.76 -34.98 -28.05
C ALA E 180 8.76 -35.75 -28.92
N LYS E 181 8.86 -37.06 -28.68
CA LYS E 181 9.71 -37.92 -29.50
C LYS E 181 9.19 -37.98 -30.95
N GLU E 182 7.89 -38.22 -31.11
CA GLU E 182 7.26 -38.23 -32.45
C GLU E 182 7.49 -36.90 -33.15
N TYR E 183 7.49 -35.79 -32.39
CA TYR E 183 7.63 -34.47 -32.99
C TYR E 183 9.08 -34.22 -33.45
N GLY E 184 10.06 -34.88 -32.81
CA GLY E 184 11.48 -34.67 -33.12
C GLY E 184 12.18 -33.72 -32.14
N LEU E 185 11.51 -33.39 -31.02
CA LEU E 185 12.09 -32.53 -29.99
C LEU E 185 13.11 -33.33 -29.14
N ILE E 186 12.82 -34.62 -28.94
CA ILE E 186 13.72 -35.56 -28.28
C ILE E 186 13.91 -36.79 -29.17
N ASP E 187 14.91 -37.60 -28.82
CA ASP E 187 15.24 -38.82 -29.56
C ASP E 187 14.63 -40.05 -28.90
N GLU E 188 14.58 -40.07 -27.56
CA GLU E 188 14.13 -41.25 -26.80
C GLU E 188 13.38 -40.83 -25.53
N VAL E 189 12.36 -41.62 -25.18
CA VAL E 189 11.79 -41.64 -23.86
C VAL E 189 12.62 -42.61 -23.01
N MET E 190 13.15 -42.10 -21.91
CA MET E 190 14.01 -42.85 -21.02
C MET E 190 13.13 -43.68 -20.09
N VAL E 191 13.02 -44.98 -20.40
CA VAL E 191 12.13 -45.92 -19.68
C VAL E 191 12.93 -46.56 -18.53
N PRO E 192 12.27 -46.92 -17.41
CA PRO E 192 12.98 -47.48 -16.25
C PRO E 192 13.34 -48.98 -16.38
N GLU E 193 14.55 -49.37 -15.94
CA GLU E 193 14.87 -50.80 -15.61
C GLU E 193 14.17 -51.18 -14.30
N LEU F 3 18.32 -21.69 13.60
CA LEU F 3 19.43 -22.43 12.96
C LEU F 3 18.99 -23.88 12.72
N ILE F 4 19.53 -24.48 11.66
CA ILE F 4 19.61 -25.92 11.52
C ILE F 4 20.85 -26.38 12.28
N PRO F 5 20.73 -27.30 13.26
CA PRO F 5 21.87 -27.74 14.04
C PRO F 5 22.89 -28.55 13.21
N THR F 6 24.10 -28.61 13.75
CA THR F 6 25.27 -29.25 13.19
C THR F 6 25.61 -30.49 14.02
N VAL F 7 26.11 -31.54 13.38
CA VAL F 7 26.65 -32.71 14.07
C VAL F 7 28.10 -32.93 13.63
N ILE F 8 28.97 -33.28 14.60
CA ILE F 8 30.43 -33.39 14.42
C ILE F 8 30.92 -34.54 15.30
N TYR F 18 28.54 -31.71 9.57
CA TYR F 18 27.32 -31.83 8.76
C TYR F 18 26.18 -31.05 9.41
N ASP F 19 25.41 -30.28 8.63
CA ASP F 19 24.03 -29.94 9.02
C ASP F 19 23.24 -31.26 9.15
N ILE F 20 22.17 -31.26 9.95
CA ILE F 20 21.51 -32.52 10.35
C ILE F 20 20.97 -33.26 9.11
N TYR F 21 20.46 -32.53 8.11
CA TYR F 21 19.88 -33.15 6.92
C TYR F 21 20.98 -33.83 6.09
N SER F 22 22.13 -33.17 5.97
CA SER F 22 23.27 -33.74 5.27
C SER F 22 23.76 -35.00 5.98
N ARG F 23 23.71 -35.00 7.32
CA ARG F 23 24.11 -36.17 8.10
C ARG F 23 23.15 -37.33 7.80
N LEU F 24 21.84 -37.04 7.69
CA LEU F 24 20.87 -38.08 7.34
C LEU F 24 21.10 -38.58 5.90
N LEU F 25 21.47 -37.67 5.00
CA LEU F 25 21.68 -38.05 3.60
C LEU F 25 22.85 -39.06 3.50
N LYS F 26 23.83 -38.94 4.39
CA LYS F 26 24.95 -39.89 4.47
C LYS F 26 24.43 -41.31 4.69
N ASP F 27 23.30 -41.47 5.41
CA ASP F 27 22.69 -42.80 5.65
C ASP F 27 21.52 -43.06 4.67
N ARG F 28 21.49 -42.34 3.54
CA ARG F 28 20.59 -42.58 2.41
C ARG F 28 19.15 -42.16 2.77
N ILE F 29 19.00 -41.20 3.70
CA ILE F 29 17.69 -40.65 4.05
C ILE F 29 17.54 -39.28 3.38
N ILE F 30 16.44 -39.12 2.62
CA ILE F 30 16.04 -37.84 2.00
C ILE F 30 14.79 -37.34 2.72
N MET F 31 14.81 -36.05 3.12
CA MET F 31 13.67 -35.44 3.82
C MET F 31 12.91 -34.51 2.85
N LEU F 32 11.64 -34.86 2.56
CA LEU F 32 10.72 -33.98 1.85
C LEU F 32 9.77 -33.41 2.89
N GLY F 33 10.12 -32.23 3.40
CA GLY F 33 9.45 -31.61 4.52
C GLY F 33 8.86 -30.24 4.19
N SER F 34 8.40 -30.07 2.96
CA SER F 34 7.86 -28.79 2.54
C SER F 34 6.93 -28.97 1.35
N GLN F 35 6.37 -27.85 0.90
CA GLN F 35 5.67 -27.74 -0.38
C GLN F 35 6.59 -28.25 -1.50
N ILE F 36 6.00 -28.90 -2.50
CA ILE F 36 6.73 -29.38 -3.66
C ILE F 36 6.73 -28.29 -4.74
N ASP F 37 7.90 -27.73 -5.02
CA ASP F 37 8.11 -26.82 -6.13
C ASP F 37 9.35 -27.30 -6.89
N ASP F 38 9.71 -26.55 -7.94
CA ASP F 38 10.80 -26.91 -8.83
C ASP F 38 12.12 -27.01 -8.06
N ASN F 39 12.37 -26.09 -7.12
CA ASN F 39 13.61 -26.07 -6.33
C ASN F 39 13.73 -27.33 -5.49
N VAL F 40 12.64 -27.69 -4.79
CA VAL F 40 12.61 -28.85 -3.93
C VAL F 40 12.80 -30.12 -4.78
N ALA F 41 12.11 -30.19 -5.93
CA ALA F 41 12.22 -31.35 -6.82
C ALA F 41 13.65 -31.50 -7.33
N ASN F 42 14.28 -30.39 -7.70
CA ASN F 42 15.63 -30.42 -8.23
C ASN F 42 16.61 -30.97 -7.20
N SER F 43 16.42 -30.58 -5.94
CA SER F 43 17.24 -31.04 -4.83
C SER F 43 17.02 -32.55 -4.60
N ILE F 44 15.75 -32.97 -4.56
CA ILE F 44 15.42 -34.37 -4.27
C ILE F 44 15.95 -35.26 -5.39
N VAL F 45 15.71 -34.84 -6.64
CA VAL F 45 16.18 -35.58 -7.81
C VAL F 45 17.72 -35.73 -7.71
N SER F 46 18.41 -34.63 -7.40
CA SER F 46 19.87 -34.64 -7.32
C SER F 46 20.34 -35.62 -6.23
N GLN F 47 19.63 -35.62 -5.10
CA GLN F 47 19.95 -36.51 -3.99
C GLN F 47 19.76 -37.97 -4.41
N LEU F 48 18.68 -38.26 -5.14
CA LEU F 48 18.39 -39.63 -5.56
C LEU F 48 19.49 -40.12 -6.50
N LEU F 49 19.91 -39.27 -7.43
CA LEU F 49 20.92 -39.61 -8.42
C LEU F 49 22.27 -39.84 -7.73
N PHE F 50 22.61 -38.95 -6.78
CA PHE F 50 23.82 -39.09 -6.01
C PHE F 50 23.84 -40.42 -5.26
N LEU F 51 22.72 -40.77 -4.61
CA LEU F 51 22.69 -41.96 -3.79
C LEU F 51 22.82 -43.22 -4.66
N GLN F 52 22.20 -43.22 -5.85
CA GLN F 52 22.29 -44.35 -6.76
C GLN F 52 23.76 -44.54 -7.21
N ALA F 53 24.44 -43.43 -7.50
CA ALA F 53 25.83 -43.43 -7.97
C ALA F 53 26.75 -43.97 -6.86
N GLN F 54 26.46 -43.64 -5.60
CA GLN F 54 27.23 -44.12 -4.45
C GLN F 54 27.03 -45.63 -4.28
N ASP F 55 25.80 -46.11 -4.46
CA ASP F 55 25.47 -47.51 -4.25
C ASP F 55 24.13 -47.82 -4.93
N SER F 56 24.19 -48.61 -6.00
CA SER F 56 23.05 -48.89 -6.87
C SER F 56 22.13 -49.96 -6.28
N GLU F 57 22.50 -50.56 -5.14
CA GLU F 57 21.79 -51.75 -4.60
C GLU F 57 21.10 -51.44 -3.27
N LYS F 58 21.67 -50.58 -2.43
CA LYS F 58 21.11 -50.28 -1.10
C LYS F 58 19.87 -49.38 -1.21
N ASP F 59 18.88 -49.68 -0.36
CA ASP F 59 17.65 -48.93 -0.25
C ASP F 59 17.95 -47.45 0.06
N ILE F 60 17.04 -46.59 -0.43
CA ILE F 60 16.94 -45.17 -0.07
C ILE F 60 15.64 -45.00 0.73
N TYR F 61 15.63 -44.05 1.66
CA TYR F 61 14.47 -43.76 2.49
C TYR F 61 14.03 -42.32 2.25
N LEU F 62 12.80 -42.15 1.74
CA LEU F 62 12.19 -40.84 1.51
C LEU F 62 11.12 -40.58 2.57
N TYR F 63 11.42 -39.65 3.50
CA TYR F 63 10.49 -39.23 4.53
C TYR F 63 9.64 -38.08 3.97
N ILE F 64 8.32 -38.17 4.12
CA ILE F 64 7.39 -37.23 3.50
C ILE F 64 6.54 -36.58 4.58
N ASN F 65 6.66 -35.26 4.69
CA ASN F 65 5.74 -34.39 5.42
C ASN F 65 5.51 -33.16 4.53
N SER F 66 4.43 -33.19 3.74
CA SER F 66 4.29 -32.25 2.65
C SER F 66 2.81 -32.06 2.32
N PRO F 67 2.36 -30.80 2.13
CA PRO F 67 1.00 -30.53 1.66
C PRO F 67 0.85 -30.65 0.14
N GLY F 68 1.91 -31.06 -0.56
CA GLY F 68 1.87 -31.19 -1.99
C GLY F 68 2.45 -29.95 -2.67
N GLY F 69 1.93 -29.63 -3.87
CA GLY F 69 2.47 -28.56 -4.71
C GLY F 69 2.40 -28.91 -6.18
N SER F 70 3.43 -28.50 -6.91
CA SER F 70 3.46 -28.59 -8.37
C SER F 70 3.41 -30.07 -8.80
N VAL F 71 2.51 -30.38 -9.72
CA VAL F 71 2.35 -31.69 -10.28
C VAL F 71 3.58 -32.07 -11.14
N THR F 72 4.07 -31.14 -11.96
CA THR F 72 5.23 -31.43 -12.82
C THR F 72 6.49 -31.61 -11.96
N ALA F 73 6.65 -30.80 -10.92
CA ALA F 73 7.76 -30.98 -9.99
C ALA F 73 7.67 -32.35 -9.32
N GLY F 74 6.44 -32.71 -8.93
CA GLY F 74 6.16 -34.01 -8.35
C GLY F 74 6.52 -35.14 -9.30
N PHE F 75 6.23 -34.97 -10.58
CA PHE F 75 6.54 -36.01 -11.56
C PHE F 75 8.05 -36.11 -11.84
N ALA F 76 8.79 -35.02 -11.67
CA ALA F 76 10.26 -35.09 -11.74
C ALA F 76 10.77 -36.08 -10.69
N ILE F 77 10.23 -35.99 -9.48
CA ILE F 77 10.61 -36.87 -8.39
C ILE F 77 10.14 -38.30 -8.68
N TYR F 78 8.85 -38.41 -9.05
CA TYR F 78 8.24 -39.72 -9.30
C TYR F 78 9.05 -40.51 -10.34
N ASP F 79 9.31 -39.89 -11.48
CA ASP F 79 9.98 -40.56 -12.58
C ASP F 79 11.42 -40.93 -12.20
N THR F 80 12.07 -40.10 -11.38
CA THR F 80 13.42 -40.41 -10.91
C THR F 80 13.39 -41.63 -9.99
N ILE F 81 12.40 -41.69 -9.08
CA ILE F 81 12.25 -42.84 -8.20
C ILE F 81 12.13 -44.12 -9.06
N GLN F 82 11.25 -44.12 -10.05
CA GLN F 82 10.99 -45.33 -10.82
C GLN F 82 12.22 -45.67 -11.69
N HIS F 83 12.99 -44.66 -12.11
CA HIS F 83 14.09 -44.89 -13.02
C HIS F 83 15.29 -45.57 -12.33
N ILE F 84 15.64 -45.15 -11.11
CA ILE F 84 16.89 -45.59 -10.47
C ILE F 84 16.75 -47.05 -10.00
N LYS F 85 17.90 -47.70 -9.81
CA LYS F 85 17.97 -49.13 -9.48
C LYS F 85 17.56 -49.37 -8.03
N PRO F 86 18.06 -48.61 -7.04
CA PRO F 86 17.67 -48.86 -5.66
C PRO F 86 16.16 -48.70 -5.40
N ASP F 87 15.63 -49.52 -4.48
CA ASP F 87 14.33 -49.35 -3.93
C ASP F 87 14.28 -48.05 -3.11
N VAL F 88 13.20 -47.28 -3.28
CA VAL F 88 12.96 -46.10 -2.45
C VAL F 88 11.78 -46.38 -1.53
N GLN F 89 12.06 -46.48 -0.23
CA GLN F 89 11.04 -46.63 0.79
C GLN F 89 10.44 -45.24 1.02
N THR F 90 9.12 -45.19 1.27
CA THR F 90 8.46 -43.94 1.62
C THR F 90 7.85 -44.07 3.01
N ILE F 91 8.05 -43.02 3.82
CA ILE F 91 7.51 -42.95 5.16
C ILE F 91 6.81 -41.59 5.35
N CYS F 92 5.49 -41.64 5.55
CA CYS F 92 4.72 -40.45 5.83
C CYS F 92 4.74 -40.16 7.33
N ILE F 93 5.26 -38.98 7.70
CA ILE F 93 5.18 -38.43 9.04
C ILE F 93 4.38 -37.14 8.96
N GLY F 94 3.44 -36.94 9.86
CA GLY F 94 2.64 -35.72 9.87
C GLY F 94 1.55 -35.76 8.82
N MET F 95 1.88 -35.39 7.57
CA MET F 95 0.87 -35.27 6.52
C MET F 95 1.52 -35.52 5.15
N ALA F 96 0.80 -36.24 4.30
CA ALA F 96 1.08 -36.33 2.87
C ALA F 96 -0.21 -36.02 2.13
N ALA F 97 -0.28 -34.82 1.54
CA ALA F 97 -1.48 -34.37 0.86
C ALA F 97 -1.15 -34.12 -0.61
N SER F 98 -2.16 -34.39 -1.45
CA SER F 98 -2.12 -34.07 -2.85
C SER F 98 -0.90 -34.76 -3.48
N MET F 99 -0.02 -34.00 -4.14
CA MET F 99 1.09 -34.62 -4.80
C MET F 99 2.00 -35.33 -3.77
N GLY F 100 1.91 -34.91 -2.50
CA GLY F 100 2.62 -35.57 -1.40
C GLY F 100 2.16 -37.01 -1.18
N SER F 101 0.84 -37.22 -1.28
CA SER F 101 0.28 -38.55 -1.11
C SER F 101 0.57 -39.39 -2.37
N PHE F 102 0.66 -38.74 -3.53
CA PHE F 102 1.03 -39.42 -4.76
C PHE F 102 2.45 -40.02 -4.64
N LEU F 103 3.38 -39.22 -4.11
CA LEU F 103 4.75 -39.67 -3.93
C LEU F 103 4.84 -40.77 -2.86
N LEU F 104 4.03 -40.67 -1.81
CA LEU F 104 4.00 -41.70 -0.79
C LEU F 104 3.65 -43.05 -1.44
N ALA F 105 2.64 -43.05 -2.31
CA ALA F 105 2.16 -44.25 -2.99
C ALA F 105 3.19 -44.76 -4.02
N ALA F 106 4.17 -43.93 -4.40
CA ALA F 106 5.14 -44.22 -5.44
C ALA F 106 6.34 -45.02 -4.91
N GLY F 107 6.44 -45.20 -3.59
CA GLY F 107 7.52 -45.97 -3.00
C GLY F 107 7.49 -47.43 -3.46
N ALA F 108 8.62 -48.12 -3.26
CA ALA F 108 8.75 -49.56 -3.61
C ALA F 108 7.63 -50.35 -2.93
N LYS F 109 6.99 -51.24 -3.68
CA LYS F 109 5.88 -52.05 -3.17
C LYS F 109 6.39 -52.89 -1.99
N GLY F 110 5.63 -52.87 -0.88
CA GLY F 110 6.01 -53.50 0.36
C GLY F 110 6.77 -52.56 1.29
N LYS F 111 7.18 -51.37 0.81
CA LYS F 111 8.06 -50.50 1.60
C LYS F 111 7.50 -49.07 1.65
N ARG F 112 6.17 -48.95 1.66
CA ARG F 112 5.48 -47.69 1.86
C ARG F 112 4.81 -47.70 3.23
N PHE F 113 5.18 -46.73 4.08
CA PHE F 113 4.78 -46.68 5.47
C PHE F 113 4.17 -45.32 5.82
N ALA F 114 3.33 -45.32 6.86
CA ALA F 114 2.90 -44.11 7.54
C ALA F 114 2.95 -44.34 9.04
N LEU F 115 3.33 -43.31 9.80
CA LEU F 115 3.27 -43.36 11.24
C LEU F 115 1.80 -43.25 11.66
N PRO F 116 1.43 -43.74 12.87
CA PRO F 116 0.03 -44.01 13.20
C PRO F 116 -0.91 -42.79 13.15
N ASN F 117 -0.39 -41.59 13.45
CA ASN F 117 -1.21 -40.40 13.53
C ASN F 117 -1.02 -39.51 12.28
N ALA F 118 -0.29 -40.03 11.29
CA ALA F 118 -0.06 -39.33 10.04
C ALA F 118 -1.37 -39.22 9.26
N GLU F 119 -1.52 -38.10 8.53
CA GLU F 119 -2.70 -37.83 7.72
C GLU F 119 -2.29 -37.97 6.24
N VAL F 120 -3.16 -38.59 5.46
CA VAL F 120 -3.00 -38.69 4.05
C VAL F 120 -4.24 -38.06 3.42
N MET F 121 -4.04 -37.19 2.43
CA MET F 121 -5.19 -36.59 1.76
C MET F 121 -5.00 -36.70 0.25
N ILE F 122 -6.08 -37.11 -0.42
CA ILE F 122 -6.12 -37.21 -1.87
C ILE F 122 -7.25 -36.31 -2.37
N HIS F 123 -7.04 -35.73 -3.56
CA HIS F 123 -8.01 -34.83 -4.18
C HIS F 123 -7.58 -34.62 -5.64
N GLN F 124 -8.42 -33.92 -6.39
CA GLN F 124 -8.14 -33.66 -7.80
C GLN F 124 -7.19 -32.46 -7.89
N PRO F 125 -6.42 -32.35 -8.99
CA PRO F 125 -5.50 -31.24 -9.18
C PRO F 125 -6.22 -29.88 -9.29
N LEU F 126 -5.50 -28.84 -8.88
CA LEU F 126 -5.99 -27.47 -8.85
C LEU F 126 -5.22 -26.66 -9.89
N GLY F 127 -5.88 -25.65 -10.45
CA GLY F 127 -5.24 -24.73 -11.37
C GLY F 127 -6.14 -23.58 -11.72
N GLY F 128 -5.92 -23.03 -12.90
CA GLY F 128 -6.52 -21.78 -13.28
C GLY F 128 -6.18 -21.41 -14.71
N ALA F 129 -6.98 -20.49 -15.24
CA ALA F 129 -7.00 -20.13 -16.65
C ALA F 129 -7.72 -18.79 -16.78
N GLN F 130 -7.16 -17.92 -17.61
CA GLN F 130 -7.70 -16.61 -17.89
C GLN F 130 -7.48 -16.33 -19.38
N GLY F 131 -8.48 -15.74 -20.05
CA GLY F 131 -8.29 -15.21 -21.40
C GLY F 131 -9.43 -15.60 -22.32
N GLN F 132 -9.08 -15.86 -23.59
CA GLN F 132 -10.03 -16.20 -24.61
C GLN F 132 -10.62 -17.60 -24.35
N ALA F 133 -11.84 -17.81 -24.82
CA ALA F 133 -12.52 -19.11 -24.71
C ALA F 133 -11.58 -20.26 -25.15
N THR F 134 -10.92 -20.11 -26.27
CA THR F 134 -10.02 -21.12 -26.82
C THR F 134 -8.83 -21.38 -25.87
N GLU F 135 -8.34 -20.33 -25.19
CA GLU F 135 -7.24 -20.48 -24.23
C GLU F 135 -7.74 -21.25 -23.01
N ILE F 136 -8.97 -20.97 -22.58
CA ILE F 136 -9.54 -21.63 -21.42
C ILE F 136 -9.75 -23.12 -21.75
N GLU F 137 -10.18 -23.41 -22.98
CA GLU F 137 -10.39 -24.76 -23.46
C GLU F 137 -9.05 -25.54 -23.37
N ILE F 138 -7.97 -24.93 -23.85
CA ILE F 138 -6.64 -25.57 -23.85
C ILE F 138 -6.21 -25.88 -22.41
N ALA F 139 -6.35 -24.89 -21.52
CA ALA F 139 -6.01 -25.07 -20.10
C ALA F 139 -6.87 -26.18 -19.46
N ALA F 140 -8.18 -26.20 -19.77
CA ALA F 140 -9.06 -27.20 -19.20
C ALA F 140 -8.66 -28.61 -19.66
N ASN F 141 -8.40 -28.75 -20.96
CA ASN F 141 -8.00 -30.04 -21.55
C ASN F 141 -6.69 -30.50 -20.90
N HIS F 142 -5.77 -29.57 -20.67
CA HIS F 142 -4.49 -29.89 -20.08
C HIS F 142 -4.67 -30.43 -18.64
N ILE F 143 -5.45 -29.74 -17.81
CA ILE F 143 -5.55 -30.18 -16.43
C ILE F 143 -6.38 -31.48 -16.34
N LEU F 144 -7.33 -31.69 -17.26
CA LEU F 144 -8.11 -32.93 -17.28
C LEU F 144 -7.21 -34.12 -17.68
N LYS F 145 -6.33 -33.90 -18.66
CA LYS F 145 -5.32 -34.92 -19.04
C LYS F 145 -4.37 -35.21 -17.87
N THR F 146 -3.94 -34.16 -17.16
CA THR F 146 -3.09 -34.33 -16.02
C THR F 146 -3.79 -35.20 -14.98
N ARG F 147 -5.07 -34.94 -14.74
CA ARG F 147 -5.83 -35.73 -13.75
C ARG F 147 -5.94 -37.19 -14.19
N GLU F 148 -6.22 -37.46 -15.47
CA GLU F 148 -6.28 -38.82 -16.01
C GLU F 148 -4.97 -39.56 -15.76
N LYS F 149 -3.84 -38.88 -16.02
CA LYS F 149 -2.50 -39.44 -15.83
C LYS F 149 -2.28 -39.80 -14.35
N LEU F 150 -2.60 -38.87 -13.44
CA LEU F 150 -2.45 -39.12 -12.00
C LEU F 150 -3.32 -40.32 -11.56
N ASN F 151 -4.57 -40.34 -12.04
CA ASN F 151 -5.54 -41.35 -11.62
C ASN F 151 -5.10 -42.74 -12.10
N ARG F 152 -4.63 -42.82 -13.35
CA ARG F 152 -4.16 -44.06 -13.94
C ARG F 152 -3.03 -44.63 -13.11
N ILE F 153 -2.02 -43.79 -12.80
CA ILE F 153 -0.87 -44.27 -12.05
C ILE F 153 -1.31 -44.65 -10.65
N LEU F 154 -2.18 -43.87 -10.04
CA LEU F 154 -2.63 -44.18 -8.69
C LEU F 154 -3.43 -45.50 -8.67
N SER F 155 -4.15 -45.78 -9.77
CA SER F 155 -4.85 -47.06 -9.93
C SER F 155 -3.84 -48.22 -9.93
N GLU F 156 -2.79 -48.08 -10.73
CA GLU F 156 -1.71 -49.07 -10.81
C GLU F 156 -1.05 -49.26 -9.44
N ARG F 157 -0.82 -48.17 -8.70
CA ARG F 157 -0.03 -48.25 -7.45
C ARG F 157 -0.87 -48.77 -6.27
N THR F 158 -2.20 -48.57 -6.32
CA THR F 158 -3.06 -48.91 -5.18
C THR F 158 -3.83 -50.22 -5.40
N GLY F 159 -4.07 -50.59 -6.68
CA GLY F 159 -4.98 -51.68 -7.00
C GLY F 159 -6.43 -51.24 -7.11
N GLN F 160 -6.76 -49.96 -6.83
CA GLN F 160 -8.13 -49.47 -6.96
C GLN F 160 -8.42 -49.18 -8.44
N SER F 161 -9.69 -49.30 -8.83
CA SER F 161 -10.08 -48.94 -10.20
C SER F 161 -9.95 -47.42 -10.40
N ILE F 162 -9.76 -47.03 -11.67
CA ILE F 162 -9.73 -45.65 -12.12
C ILE F 162 -11.04 -44.96 -11.74
N GLU F 163 -12.17 -45.65 -11.89
CA GLU F 163 -13.50 -45.11 -11.61
C GLU F 163 -13.60 -44.78 -10.12
N LYS F 164 -13.08 -45.66 -9.26
CA LYS F 164 -13.13 -45.43 -7.83
C LYS F 164 -12.20 -44.25 -7.45
N ILE F 165 -11.00 -44.17 -8.05
CA ILE F 165 -10.06 -43.10 -7.74
C ILE F 165 -10.72 -41.76 -8.10
N GLN F 166 -11.36 -41.70 -9.28
CA GLN F 166 -12.05 -40.50 -9.78
C GLN F 166 -13.10 -40.02 -8.75
N LYS F 167 -13.92 -40.93 -8.27
CA LYS F 167 -14.98 -40.62 -7.31
C LYS F 167 -14.38 -40.18 -5.97
N ASP F 168 -13.32 -40.86 -5.52
CA ASP F 168 -12.78 -40.64 -4.20
C ASP F 168 -11.91 -39.37 -4.13
N THR F 169 -11.55 -38.79 -5.28
CA THR F 169 -10.72 -37.57 -5.32
C THR F 169 -11.54 -36.36 -5.80
N ASP F 170 -12.85 -36.51 -5.95
CA ASP F 170 -13.69 -35.46 -6.48
C ASP F 170 -13.61 -34.24 -5.55
N ARG F 171 -13.61 -34.50 -4.24
CA ARG F 171 -13.38 -33.50 -3.20
C ARG F 171 -12.23 -33.96 -2.30
N ASP F 172 -11.76 -33.07 -1.44
CA ASP F 172 -10.76 -33.40 -0.44
C ASP F 172 -11.22 -34.63 0.35
N ASN F 173 -10.34 -35.64 0.39
CA ASN F 173 -10.62 -36.90 1.03
C ASN F 173 -9.46 -37.21 1.99
N PHE F 174 -9.73 -37.04 3.29
CA PHE F 174 -8.75 -37.24 4.36
C PHE F 174 -8.79 -38.68 4.85
N LEU F 175 -7.62 -39.34 4.91
CA LEU F 175 -7.50 -40.73 5.36
C LEU F 175 -6.59 -40.77 6.59
N THR F 176 -6.93 -41.63 7.56
CA THR F 176 -6.00 -42.08 8.59
C THR F 176 -4.94 -42.98 7.96
N ALA F 177 -3.85 -43.23 8.70
CA ALA F 177 -2.81 -44.15 8.25
C ALA F 177 -3.41 -45.53 7.94
N GLU F 178 -4.28 -46.00 8.84
CA GLU F 178 -4.91 -47.31 8.70
C GLU F 178 -5.79 -47.33 7.44
N GLU F 179 -6.54 -46.23 7.20
CA GLU F 179 -7.38 -46.16 6.01
C GLU F 179 -6.51 -46.10 4.75
N ALA F 180 -5.35 -45.42 4.82
CA ALA F 180 -4.45 -45.34 3.67
C ALA F 180 -3.92 -46.73 3.31
N LYS F 181 -3.67 -47.54 4.34
CA LYS F 181 -3.24 -48.92 4.14
C LYS F 181 -4.35 -49.73 3.45
N GLU F 182 -5.57 -49.64 3.98
CA GLU F 182 -6.73 -50.33 3.39
C GLU F 182 -6.92 -49.88 1.94
N TYR F 183 -6.64 -48.61 1.65
CA TYR F 183 -6.84 -48.08 0.30
C TYR F 183 -5.77 -48.59 -0.67
N GLY F 184 -4.59 -48.96 -0.17
CA GLY F 184 -3.46 -49.37 -1.02
C GLY F 184 -2.45 -48.28 -1.30
N LEU F 185 -2.54 -47.14 -0.59
CA LEU F 185 -1.58 -46.02 -0.74
C LEU F 185 -0.27 -46.35 -0.02
N ILE F 186 -0.37 -47.09 1.08
CA ILE F 186 0.78 -47.59 1.82
C ILE F 186 0.59 -49.10 2.05
N ASP F 187 1.68 -49.75 2.49
CA ASP F 187 1.70 -51.19 2.75
C ASP F 187 1.50 -51.48 4.25
N GLU F 188 2.07 -50.63 5.12
CA GLU F 188 2.06 -50.87 6.57
C GLU F 188 1.94 -49.54 7.33
N VAL F 189 1.25 -49.59 8.47
CA VAL F 189 1.35 -48.62 9.52
C VAL F 189 2.54 -49.01 10.41
N MET F 190 3.48 -48.08 10.54
CA MET F 190 4.68 -48.28 11.33
C MET F 190 4.34 -48.06 12.81
N VAL F 191 4.21 -49.18 13.53
CA VAL F 191 3.87 -49.22 14.96
C VAL F 191 5.16 -49.11 15.78
N PRO F 192 5.11 -48.52 17.00
CA PRO F 192 6.32 -48.32 17.80
C PRO F 192 6.81 -49.56 18.56
N LEU G 3 22.85 -12.33 17.46
CA LEU G 3 23.69 -13.50 17.07
C LEU G 3 23.47 -14.64 18.06
N ILE G 4 23.51 -15.87 17.54
CA ILE G 4 23.64 -17.07 18.35
C ILE G 4 25.12 -17.27 18.65
N PRO G 5 25.52 -17.35 19.94
CA PRO G 5 26.94 -17.50 20.26
C PRO G 5 27.50 -18.87 19.87
N THR G 6 28.83 -18.89 19.76
CA THR G 6 29.64 -20.05 19.39
C THR G 6 30.43 -20.48 20.64
N VAL G 7 30.65 -21.78 20.79
CA VAL G 7 31.51 -22.32 21.85
C VAL G 7 32.60 -23.20 21.20
N ILE G 8 33.80 -23.18 21.78
CA ILE G 8 34.99 -23.89 21.24
C ILE G 8 35.80 -24.48 22.40
N TYR G 18 31.02 -25.06 17.70
CA TYR G 18 29.57 -25.31 17.73
C TYR G 18 28.81 -24.00 18.03
N ASP G 19 27.75 -23.71 17.28
CA ASP G 19 26.67 -22.84 17.79
C ASP G 19 26.09 -23.48 19.06
N ILE G 20 25.51 -22.69 19.95
CA ILE G 20 25.15 -23.15 21.30
C ILE G 20 24.16 -24.33 21.22
N TYR G 21 23.22 -24.28 20.27
CA TYR G 21 22.19 -25.33 20.15
C TYR G 21 22.82 -26.65 19.71
N SER G 22 23.76 -26.58 18.76
CA SER G 22 24.49 -27.76 18.31
C SER G 22 25.31 -28.36 19.46
N ARG G 23 25.87 -27.50 20.32
CA ARG G 23 26.63 -27.97 21.47
C ARG G 23 25.69 -28.71 22.44
N LEU G 24 24.47 -28.19 22.63
CA LEU G 24 23.48 -28.89 23.48
C LEU G 24 23.05 -30.22 22.83
N LEU G 25 22.94 -30.25 21.51
CA LEU G 25 22.50 -31.47 20.82
C LEU G 25 23.53 -32.59 21.05
N LYS G 26 24.80 -32.22 21.18
CA LYS G 26 25.87 -33.18 21.48
C LYS G 26 25.57 -33.90 22.81
N ASP G 27 24.90 -33.24 23.77
CA ASP G 27 24.50 -33.86 25.05
C ASP G 27 23.04 -34.34 25.03
N ARG G 28 22.47 -34.53 23.83
CA ARG G 28 21.15 -35.15 23.61
C ARG G 28 20.02 -34.19 24.06
N ILE G 29 20.27 -32.88 24.02
CA ILE G 29 19.25 -31.87 24.31
C ILE G 29 18.76 -31.26 22.99
N ILE G 30 17.44 -31.30 22.80
CA ILE G 30 16.75 -30.65 21.66
C ILE G 30 15.95 -29.47 22.21
N MET G 31 16.09 -28.29 21.57
CA MET G 31 15.37 -27.07 21.99
C MET G 31 14.23 -26.80 21.00
N LEU G 32 13.00 -26.87 21.49
CA LEU G 32 11.81 -26.42 20.74
C LEU G 32 11.40 -25.08 21.33
N GLY G 33 11.91 -24.00 20.72
CA GLY G 33 11.79 -22.66 21.23
C GLY G 33 11.05 -21.72 20.27
N SER G 34 10.09 -22.25 19.52
CA SER G 34 9.39 -21.46 18.54
C SER G 34 8.01 -22.06 18.24
N GLN G 35 7.29 -21.37 17.36
CA GLN G 35 6.08 -21.89 16.73
C GLN G 35 6.40 -23.23 16.07
N ILE G 36 5.45 -24.15 16.07
CA ILE G 36 5.60 -25.43 15.41
C ILE G 36 5.06 -25.33 13.97
N ASP G 37 5.97 -25.44 13.01
CA ASP G 37 5.60 -25.54 11.60
C ASP G 37 6.38 -26.74 11.02
N ASP G 38 6.20 -26.96 9.72
CA ASP G 38 6.76 -28.12 9.03
C ASP G 38 8.30 -28.10 9.14
N ASN G 39 8.92 -26.92 8.99
CA ASN G 39 10.38 -26.78 9.04
C ASN G 39 10.92 -27.20 10.41
N VAL G 40 10.29 -26.67 11.46
CA VAL G 40 10.67 -26.96 12.83
C VAL G 40 10.49 -28.46 13.12
N ALA G 41 9.37 -29.03 12.69
CA ALA G 41 9.09 -30.45 12.89
C ALA G 41 10.14 -31.31 12.18
N ASN G 42 10.50 -30.94 10.95
CA ASN G 42 11.46 -31.69 10.17
C ASN G 42 12.82 -31.72 10.89
N SER G 43 13.20 -30.58 11.47
CA SER G 43 14.45 -30.46 12.20
C SER G 43 14.40 -31.33 13.47
N ILE G 44 13.31 -31.23 14.23
CA ILE G 44 13.20 -31.94 15.51
C ILE G 44 13.19 -33.46 15.24
N VAL G 45 12.39 -33.87 14.24
CA VAL G 45 12.32 -35.29 13.86
C VAL G 45 13.73 -35.78 13.49
N SER G 46 14.45 -35.00 12.68
CA SER G 46 15.80 -35.39 12.23
C SER G 46 16.73 -35.53 13.43
N GLN G 47 16.61 -34.61 14.39
CA GLN G 47 17.44 -34.63 15.59
C GLN G 47 17.13 -35.89 16.41
N LEU G 48 15.85 -36.23 16.53
CA LEU G 48 15.46 -37.39 17.33
C LEU G 48 16.03 -38.67 16.69
N LEU G 49 15.94 -38.77 15.36
CA LEU G 49 16.40 -39.95 14.63
C LEU G 49 17.93 -40.07 14.74
N PHE G 50 18.63 -38.93 14.61
CA PHE G 50 20.07 -38.89 14.76
C PHE G 50 20.47 -39.38 16.15
N LEU G 51 19.80 -38.89 17.19
CA LEU G 51 20.18 -39.22 18.55
C LEU G 51 19.94 -40.71 18.83
N GLN G 52 18.86 -41.28 18.30
CA GLN G 52 18.56 -42.69 18.47
C GLN G 52 19.66 -43.54 17.81
N ALA G 53 20.10 -43.13 16.61
CA ALA G 53 21.13 -43.83 15.83
C ALA G 53 22.47 -43.79 16.58
N GLN G 54 22.77 -42.68 17.26
CA GLN G 54 23.99 -42.54 18.05
C GLN G 54 23.94 -43.46 19.26
N ASP G 55 22.78 -43.54 19.91
CA ASP G 55 22.62 -44.33 21.14
C ASP G 55 21.14 -44.58 21.38
N SER G 56 20.74 -45.85 21.24
CA SER G 56 19.33 -46.25 21.29
C SER G 56 18.82 -46.38 22.72
N GLU G 57 19.68 -46.20 23.73
CA GLU G 57 19.34 -46.50 25.13
C GLU G 57 19.32 -45.23 26.00
N LYS G 58 20.18 -44.25 25.73
CA LYS G 58 20.27 -43.04 26.57
C LYS G 58 19.09 -42.10 26.31
N ASP G 59 18.61 -41.49 27.40
CA ASP G 59 17.54 -40.51 27.36
C ASP G 59 17.90 -39.34 26.43
N ILE G 60 16.85 -38.77 25.84
CA ILE G 60 16.86 -37.50 25.11
C ILE G 60 16.06 -36.49 25.97
N TYR G 61 16.45 -35.21 25.89
CA TYR G 61 15.78 -34.15 26.62
C TYR G 61 15.23 -33.12 25.62
N LEU G 62 13.90 -32.96 25.60
CA LEU G 62 13.21 -31.99 24.76
C LEU G 62 12.71 -30.83 25.62
N TYR G 63 13.35 -29.67 25.47
CA TYR G 63 12.98 -28.43 26.15
C TYR G 63 11.93 -27.72 25.29
N ILE G 64 10.81 -27.32 25.90
CA ILE G 64 9.68 -26.76 25.16
C ILE G 64 9.36 -25.36 25.70
N ASN G 65 9.48 -24.37 24.81
CA ASN G 65 8.94 -23.03 24.98
C ASN G 65 8.29 -22.65 23.64
N SER G 66 6.98 -22.86 23.52
CA SER G 66 6.32 -22.82 22.23
C SER G 66 4.86 -22.44 22.41
N PRO G 67 4.34 -21.52 21.56
CA PRO G 67 2.90 -21.22 21.55
C PRO G 67 2.09 -22.23 20.71
N GLY G 68 2.73 -23.27 20.19
CA GLY G 68 2.04 -24.23 19.38
C GLY G 68 2.23 -23.96 17.89
N GLY G 69 1.22 -24.31 17.07
CA GLY G 69 1.29 -24.27 15.65
C GLY G 69 0.58 -25.43 14.98
N SER G 70 1.15 -25.89 13.86
CA SER G 70 0.53 -26.88 13.00
C SER G 70 0.33 -28.21 13.75
N VAL G 71 -0.89 -28.73 13.67
CA VAL G 71 -1.24 -29.99 14.28
C VAL G 71 -0.51 -31.15 13.59
N THR G 72 -0.46 -31.15 12.25
CA THR G 72 0.19 -32.23 11.51
C THR G 72 1.70 -32.20 11.77
N ALA G 73 2.30 -31.01 11.82
CA ALA G 73 3.70 -30.88 12.16
C ALA G 73 3.95 -31.43 13.56
N GLY G 74 3.05 -31.09 14.48
CA GLY G 74 3.09 -31.57 15.85
C GLY G 74 3.02 -33.10 15.91
N PHE G 75 2.17 -33.69 15.07
CA PHE G 75 2.03 -35.15 15.06
C PHE G 75 3.27 -35.83 14.45
N ALA G 76 3.97 -35.17 13.53
CA ALA G 76 5.24 -35.70 13.02
C ALA G 76 6.20 -35.90 14.21
N ILE G 77 6.28 -34.90 15.10
CA ILE G 77 7.14 -34.96 16.26
C ILE G 77 6.63 -36.03 17.23
N TYR G 78 5.32 -35.98 17.53
CA TYR G 78 4.70 -36.88 18.48
C TYR G 78 4.99 -38.35 18.09
N ASP G 79 4.69 -38.71 16.85
CA ASP G 79 4.82 -40.09 16.40
C ASP G 79 6.29 -40.52 16.42
N THR G 80 7.22 -39.59 16.14
CA THR G 80 8.63 -39.90 16.16
C THR G 80 9.07 -40.18 17.61
N ILE G 81 8.59 -39.36 18.56
CA ILE G 81 8.90 -39.60 19.97
C ILE G 81 8.47 -41.02 20.37
N GLN G 82 7.23 -41.40 20.03
CA GLN G 82 6.70 -42.69 20.48
C GLN G 82 7.42 -43.83 19.74
N HIS G 83 7.89 -43.60 18.51
CA HIS G 83 8.48 -44.64 17.71
C HIS G 83 9.87 -45.04 18.21
N ILE G 84 10.72 -44.08 18.56
CA ILE G 84 12.13 -44.34 18.86
C ILE G 84 12.25 -45.06 20.21
N LYS G 85 13.40 -45.75 20.39
CA LYS G 85 13.66 -46.59 21.56
C LYS G 85 13.94 -45.72 22.78
N PRO G 86 14.81 -44.69 22.70
CA PRO G 86 15.11 -43.87 23.88
C PRO G 86 13.87 -43.16 24.46
N ASP G 87 13.85 -43.02 25.78
CA ASP G 87 12.93 -42.17 26.46
C ASP G 87 13.22 -40.71 26.09
N VAL G 88 12.16 -39.94 25.84
CA VAL G 88 12.26 -38.50 25.62
C VAL G 88 11.64 -37.79 26.82
N GLN G 89 12.49 -37.14 27.61
CA GLN G 89 12.04 -36.29 28.70
C GLN G 89 11.56 -34.96 28.09
N THR G 90 10.50 -34.39 28.65
CA THR G 90 10.01 -33.08 28.23
C THR G 90 10.09 -32.13 29.42
N ILE G 91 10.59 -30.92 29.14
CA ILE G 91 10.71 -29.87 30.14
C ILE G 91 10.13 -28.58 29.56
N CYS G 92 9.04 -28.10 30.15
CA CYS G 92 8.43 -26.84 29.79
C CYS G 92 9.10 -25.70 30.53
N ILE G 93 9.68 -24.76 29.77
CA ILE G 93 10.19 -23.48 30.27
C ILE G 93 9.39 -22.38 29.60
N GLY G 94 8.94 -21.39 30.37
CA GLY G 94 8.20 -20.28 29.79
C GLY G 94 6.76 -20.64 29.52
N MET G 95 6.49 -21.27 28.37
CA MET G 95 5.12 -21.56 27.96
C MET G 95 5.09 -22.78 27.04
N ALA G 96 4.09 -23.63 27.25
CA ALA G 96 3.71 -24.68 26.31
C ALA G 96 2.21 -24.54 26.07
N ALA G 97 1.86 -24.03 24.88
CA ALA G 97 0.46 -23.80 24.54
C ALA G 97 0.09 -24.62 23.32
N SER G 98 -1.17 -25.06 23.32
CA SER G 98 -1.78 -25.72 22.19
C SER G 98 -0.94 -26.96 21.86
N MET G 99 -0.48 -27.10 20.62
CA MET G 99 0.25 -28.27 20.24
C MET G 99 1.53 -28.39 21.06
N GLY G 100 2.01 -27.27 21.62
CA GLY G 100 3.16 -27.25 22.52
C GLY G 100 2.88 -28.02 23.82
N SER G 101 1.66 -27.85 24.36
CA SER G 101 1.30 -28.55 25.58
C SER G 101 1.03 -30.03 25.26
N PHE G 102 0.55 -30.32 24.04
CA PHE G 102 0.35 -31.70 23.61
C PHE G 102 1.69 -32.46 23.59
N LEU G 103 2.73 -31.81 23.06
CA LEU G 103 4.06 -32.43 23.01
C LEU G 103 4.66 -32.56 24.41
N LEU G 104 4.41 -31.60 25.29
CA LEU G 104 4.88 -31.70 26.66
C LEU G 104 4.32 -32.99 27.30
N ALA G 105 3.03 -33.24 27.09
CA ALA G 105 2.33 -34.39 27.65
C ALA G 105 2.80 -35.71 27.01
N ALA G 106 3.48 -35.62 25.85
CA ALA G 106 3.89 -36.77 25.06
C ALA G 106 5.23 -37.36 25.54
N GLY G 107 5.91 -36.69 26.46
CA GLY G 107 7.17 -37.19 27.00
C GLY G 107 6.99 -38.52 27.73
N ALA G 108 8.09 -39.24 27.95
CA ALA G 108 8.09 -40.52 28.67
C ALA G 108 7.41 -40.35 30.04
N LYS G 109 6.52 -41.28 30.39
CA LYS G 109 5.79 -41.21 31.65
C LYS G 109 6.80 -41.24 32.81
N GLY G 110 6.62 -40.32 33.76
CA GLY G 110 7.54 -40.10 34.86
C GLY G 110 8.61 -39.06 34.55
N LYS G 111 8.73 -38.63 33.28
CA LYS G 111 9.84 -37.74 32.89
C LYS G 111 9.32 -36.51 32.12
N ARG G 112 8.13 -36.03 32.49
CA ARG G 112 7.56 -34.80 31.98
C ARG G 112 7.58 -33.76 33.11
N PHE G 113 8.25 -32.63 32.84
CA PHE G 113 8.51 -31.60 33.83
C PHE G 113 8.08 -30.21 33.32
N ALA G 114 7.81 -29.32 34.27
CA ALA G 114 7.68 -27.89 34.01
C ALA G 114 8.44 -27.15 35.10
N LEU G 115 9.08 -26.03 34.74
CA LEU G 115 9.68 -25.15 35.72
C LEU G 115 8.57 -24.39 36.42
N PRO G 116 8.81 -23.87 37.65
CA PRO G 116 7.72 -23.44 38.53
C PRO G 116 6.83 -22.32 37.98
N ASN G 117 7.39 -21.43 37.15
CA ASN G 117 6.66 -20.27 36.67
C ASN G 117 6.24 -20.46 35.20
N ALA G 118 6.45 -21.68 34.68
CA ALA G 118 6.05 -22.02 33.32
C ALA G 118 4.51 -22.04 33.23
N GLU G 119 4.01 -21.68 32.05
CA GLU G 119 2.58 -21.66 31.76
C GLU G 119 2.28 -22.79 30.78
N VAL G 120 1.17 -23.48 31.00
CA VAL G 120 0.67 -24.46 30.09
C VAL G 120 -0.73 -24.01 29.67
N MET G 121 -1.04 -24.08 28.37
CA MET G 121 -2.37 -23.74 27.92
C MET G 121 -2.87 -24.84 26.99
N ILE G 122 -4.14 -25.22 27.20
CA ILE G 122 -4.82 -26.21 26.36
C ILE G 122 -6.08 -25.55 25.81
N HIS G 123 -6.44 -25.96 24.60
CA HIS G 123 -7.62 -25.43 23.91
C HIS G 123 -7.91 -26.32 22.71
N GLN G 124 -9.03 -26.05 22.03
CA GLN G 124 -9.43 -26.82 20.88
C GLN G 124 -8.65 -26.32 19.66
N PRO G 125 -8.51 -27.18 18.62
CA PRO G 125 -7.83 -26.77 17.39
C PRO G 125 -8.56 -25.65 16.64
N LEU G 126 -7.75 -24.87 15.91
CA LEU G 126 -8.17 -23.72 15.14
C LEU G 126 -8.00 -24.05 13.66
N GLY G 127 -8.85 -23.46 12.83
CA GLY G 127 -8.72 -23.60 11.39
C GLY G 127 -9.65 -22.65 10.66
N GLY G 128 -10.00 -23.06 9.45
CA GLY G 128 -10.81 -22.27 8.58
C GLY G 128 -11.33 -23.10 7.42
N ALA G 129 -12.35 -22.56 6.76
CA ALA G 129 -13.04 -23.19 5.67
C ALA G 129 -13.80 -22.10 4.89
N GLN G 130 -13.70 -22.17 3.57
CA GLN G 130 -14.29 -21.23 2.65
C GLN G 130 -14.81 -22.05 1.45
N GLY G 131 -15.98 -21.68 0.93
CA GLY G 131 -16.46 -22.17 -0.36
C GLY G 131 -17.89 -22.68 -0.31
N GLN G 132 -18.14 -23.76 -1.05
CA GLN G 132 -19.46 -24.37 -1.12
C GLN G 132 -19.81 -25.04 0.21
N ALA G 133 -21.11 -25.15 0.47
CA ALA G 133 -21.62 -25.85 1.67
C ALA G 133 -20.92 -27.20 1.86
N THR G 134 -20.84 -27.99 0.78
CA THR G 134 -20.22 -29.32 0.81
C THR G 134 -18.74 -29.23 1.22
N GLU G 135 -18.03 -28.19 0.76
CA GLU G 135 -16.62 -28.02 1.09
C GLU G 135 -16.49 -27.65 2.58
N ILE G 136 -17.42 -26.82 3.07
CA ILE G 136 -17.38 -26.41 4.47
C ILE G 136 -17.66 -27.63 5.36
N GLU G 137 -18.58 -28.50 4.92
CA GLU G 137 -18.92 -29.71 5.63
C GLU G 137 -17.67 -30.60 5.77
N ILE G 138 -16.94 -30.79 4.65
CA ILE G 138 -15.74 -31.63 4.64
C ILE G 138 -14.69 -31.07 5.61
N ALA G 139 -14.44 -29.76 5.55
CA ALA G 139 -13.49 -29.10 6.44
C ALA G 139 -13.93 -29.22 7.90
N ALA G 140 -15.23 -29.05 8.17
CA ALA G 140 -15.73 -29.16 9.55
C ALA G 140 -15.52 -30.58 10.08
N ASN G 141 -15.87 -31.59 9.28
CA ASN G 141 -15.72 -32.99 9.66
C ASN G 141 -14.25 -33.29 9.93
N HIS G 142 -13.36 -32.74 9.11
CA HIS G 142 -11.94 -32.96 9.27
C HIS G 142 -11.44 -32.38 10.59
N ILE G 143 -11.78 -31.13 10.92
CA ILE G 143 -11.25 -30.53 12.13
C ILE G 143 -11.89 -31.18 13.38
N LEU G 144 -13.14 -31.63 13.27
CA LEU G 144 -13.79 -32.33 14.40
C LEU G 144 -13.13 -33.69 14.64
N LYS G 145 -12.78 -34.41 13.58
CA LYS G 145 -12.00 -35.67 13.69
C LYS G 145 -10.62 -35.39 14.27
N THR G 146 -9.97 -34.31 13.86
CA THR G 146 -8.67 -33.94 14.39
C THR G 146 -8.79 -33.72 15.89
N ARG G 147 -9.85 -33.03 16.32
CA ARG G 147 -10.05 -32.76 17.75
C ARG G 147 -10.28 -34.07 18.52
N GLU G 148 -11.09 -34.98 17.99
CA GLU G 148 -11.33 -36.30 18.60
C GLU G 148 -10.00 -37.06 18.80
N LYS G 149 -9.15 -37.04 17.77
CA LYS G 149 -7.84 -37.70 17.80
C LYS G 149 -6.97 -37.08 18.89
N LEU G 150 -6.88 -35.75 18.96
CA LEU G 150 -6.08 -35.06 19.98
C LEU G 150 -6.60 -35.41 21.37
N ASN G 151 -7.93 -35.38 21.54
CA ASN G 151 -8.57 -35.56 22.86
C ASN G 151 -8.33 -37.01 23.33
N ARG G 152 -8.46 -37.97 22.43
CA ARG G 152 -8.25 -39.39 22.72
C ARG G 152 -6.82 -39.59 23.24
N ILE G 153 -5.83 -39.06 22.51
CA ILE G 153 -4.43 -39.25 22.90
C ILE G 153 -4.18 -38.52 24.22
N LEU G 154 -4.73 -37.32 24.37
CA LEU G 154 -4.52 -36.57 25.60
C LEU G 154 -5.17 -37.29 26.78
N SER G 155 -6.27 -37.99 26.54
CA SER G 155 -6.93 -38.82 27.55
C SER G 155 -5.98 -39.94 28.00
N GLU G 156 -5.40 -40.65 27.02
CA GLU G 156 -4.43 -41.71 27.29
C GLU G 156 -3.22 -41.15 28.06
N ARG G 157 -2.74 -39.95 27.72
CA ARG G 157 -1.48 -39.45 28.29
C ARG G 157 -1.70 -38.84 29.69
N THR G 158 -2.91 -38.36 29.98
CA THR G 158 -3.17 -37.64 31.24
C THR G 158 -3.91 -38.53 32.25
N GLY G 159 -4.66 -39.52 31.77
CA GLY G 159 -5.60 -40.27 32.62
C GLY G 159 -6.98 -39.63 32.72
N GLN G 160 -7.19 -38.41 32.16
CA GLN G 160 -8.48 -37.76 32.24
C GLN G 160 -9.40 -38.35 31.17
N SER G 161 -10.71 -38.33 31.44
CA SER G 161 -11.68 -38.80 30.44
C SER G 161 -11.72 -37.85 29.24
N ILE G 162 -12.12 -38.41 28.09
CA ILE G 162 -12.35 -37.66 26.87
C ILE G 162 -13.40 -36.56 27.11
N GLU G 163 -14.45 -36.86 27.88
CA GLU G 163 -15.54 -35.92 28.16
C GLU G 163 -14.97 -34.71 28.94
N LYS G 164 -14.08 -34.98 29.90
CA LYS G 164 -13.51 -33.90 30.68
C LYS G 164 -12.57 -33.05 29.80
N ILE G 165 -11.75 -33.70 28.95
CA ILE G 165 -10.82 -33.00 28.08
C ILE G 165 -11.61 -32.05 27.18
N GLN G 166 -12.70 -32.56 26.59
CA GLN G 166 -13.58 -31.82 25.68
C GLN G 166 -14.07 -30.53 26.37
N LYS G 167 -14.57 -30.65 27.60
CA LYS G 167 -15.09 -29.51 28.36
C LYS G 167 -13.96 -28.53 28.70
N ASP G 168 -12.79 -29.04 29.08
CA ASP G 168 -11.72 -28.20 29.60
C ASP G 168 -10.96 -27.49 28.46
N THR G 169 -11.16 -27.89 27.20
CA THR G 169 -10.48 -27.29 26.06
C THR G 169 -11.45 -26.47 25.18
N ASP G 170 -12.69 -26.29 25.65
CA ASP G 170 -13.71 -25.62 24.86
C ASP G 170 -13.25 -24.19 24.56
N ARG G 171 -12.67 -23.53 25.57
CA ARG G 171 -12.02 -22.23 25.44
C ARG G 171 -10.59 -22.33 25.99
N ASP G 172 -9.78 -21.30 25.70
CA ASP G 172 -8.43 -21.21 26.21
C ASP G 172 -8.43 -21.44 27.72
N ASN G 173 -7.61 -22.40 28.16
CA ASN G 173 -7.53 -22.83 29.54
C ASN G 173 -6.04 -22.77 29.96
N PHE G 174 -5.70 -21.76 30.76
CA PHE G 174 -4.34 -21.51 31.23
C PHE G 174 -4.12 -22.24 32.56
N LEU G 175 -3.05 -23.01 32.65
CA LEU G 175 -2.68 -23.79 33.85
C LEU G 175 -1.32 -23.32 34.36
N THR G 176 -1.18 -23.25 35.68
CA THR G 176 0.13 -23.19 36.34
C THR G 176 0.83 -24.55 36.18
N ALA G 177 2.14 -24.58 36.45
CA ALA G 177 2.90 -25.83 36.43
C ALA G 177 2.26 -26.85 37.38
N GLU G 178 1.91 -26.38 38.58
CA GLU G 178 1.31 -27.24 39.60
C GLU G 178 -0.04 -27.79 39.11
N GLU G 179 -0.85 -26.93 38.45
CA GLU G 179 -2.14 -27.37 37.92
C GLU G 179 -1.92 -28.37 36.76
N ALA G 180 -0.87 -28.16 35.96
CA ALA G 180 -0.58 -29.08 34.86
C ALA G 180 -0.23 -30.47 35.41
N LYS G 181 0.47 -30.49 36.54
CA LYS G 181 0.80 -31.74 37.22
C LYS G 181 -0.48 -32.43 37.73
N GLU G 182 -1.34 -31.68 38.41
CA GLU G 182 -2.62 -32.19 38.89
C GLU G 182 -3.45 -32.73 37.73
N TYR G 183 -3.36 -32.08 36.56
CA TYR G 183 -4.14 -32.49 35.41
C TYR G 183 -3.61 -33.79 34.79
N GLY G 184 -2.32 -34.08 34.98
CA GLY G 184 -1.67 -35.25 34.36
C GLY G 184 -0.92 -34.93 33.07
N LEU G 185 -0.71 -33.65 32.77
CA LEU G 185 0.04 -33.22 31.56
C LEU G 185 1.55 -33.38 31.81
N ILE G 186 1.98 -33.17 33.05
CA ILE G 186 3.35 -33.39 33.49
C ILE G 186 3.34 -34.29 34.74
N ASP G 187 4.51 -34.79 35.10
CA ASP G 187 4.68 -35.67 36.26
C ASP G 187 5.19 -34.88 37.47
N GLU G 188 6.06 -33.89 37.25
CA GLU G 188 6.69 -33.13 38.34
C GLU G 188 6.91 -31.66 37.96
N VAL G 189 6.80 -30.80 38.96
CA VAL G 189 7.32 -29.46 38.92
C VAL G 189 8.79 -29.53 39.36
N MET G 190 9.68 -29.06 38.48
CA MET G 190 11.10 -29.07 38.72
C MET G 190 11.46 -27.88 39.62
N VAL G 191 11.67 -28.16 40.90
CA VAL G 191 11.98 -27.15 41.93
C VAL G 191 13.50 -26.98 42.01
N PRO G 192 14.00 -25.77 42.37
CA PRO G 192 15.44 -25.53 42.39
C PRO G 192 16.17 -26.07 43.63
N LEU H 3 -19.43 17.75 -15.89
CA LEU H 3 -20.91 17.87 -15.68
C LEU H 3 -21.64 17.61 -17.01
N ILE H 4 -22.79 16.96 -16.89
CA ILE H 4 -23.71 16.76 -18.00
C ILE H 4 -24.59 18.00 -18.09
N PRO H 5 -24.63 18.70 -19.24
CA PRO H 5 -25.42 19.93 -19.35
C PRO H 5 -26.94 19.65 -19.31
N THR H 6 -27.67 20.70 -19.00
CA THR H 6 -29.10 20.77 -18.86
C THR H 6 -29.63 21.63 -20.03
N VAL H 7 -30.82 21.27 -20.55
CA VAL H 7 -31.51 22.07 -21.56
C VAL H 7 -32.92 22.39 -21.05
N ILE H 8 -33.44 23.58 -21.40
CA ILE H 8 -34.74 24.09 -20.90
C ILE H 8 -35.49 24.81 -22.04
N ALA H 17 -37.04 20.98 -17.81
CA ALA H 17 -35.60 20.89 -17.49
C ALA H 17 -35.09 19.44 -17.59
N TYR H 18 -34.29 19.18 -18.62
CA TYR H 18 -33.76 17.86 -18.96
C TYR H 18 -32.22 17.90 -18.95
N ASP H 19 -31.56 16.91 -18.35
CA ASP H 19 -30.19 16.55 -18.74
C ASP H 19 -30.20 16.16 -20.23
N ILE H 20 -29.06 16.31 -20.92
CA ILE H 20 -29.03 16.21 -22.39
C ILE H 20 -29.50 14.82 -22.86
N TYR H 21 -29.14 13.76 -22.11
CA TYR H 21 -29.51 12.39 -22.50
C TYR H 21 -31.03 12.19 -22.38
N SER H 22 -31.61 12.72 -21.31
CA SER H 22 -33.06 12.67 -21.11
C SER H 22 -33.78 13.43 -22.23
N ARG H 23 -33.20 14.54 -22.67
CA ARG H 23 -33.78 15.32 -23.76
C ARG H 23 -33.76 14.49 -25.05
N LEU H 24 -32.67 13.75 -25.29
CA LEU H 24 -32.59 12.88 -26.48
C LEU H 24 -33.60 11.72 -26.34
N LEU H 25 -33.78 11.20 -25.13
CA LEU H 25 -34.69 10.07 -24.92
C LEU H 25 -36.13 10.49 -25.27
N LYS H 26 -36.46 11.77 -25.06
CA LYS H 26 -37.76 12.30 -25.46
C LYS H 26 -37.99 12.10 -26.95
N ASP H 27 -36.93 12.15 -27.78
CA ASP H 27 -37.03 11.93 -29.23
C ASP H 27 -36.66 10.48 -29.62
N ARG H 28 -36.73 9.55 -28.65
CA ARG H 28 -36.59 8.11 -28.85
C ARG H 28 -35.13 7.72 -29.19
N ILE H 29 -34.17 8.53 -28.73
CA ILE H 29 -32.75 8.23 -28.87
C ILE H 29 -32.20 7.70 -27.54
N ILE H 30 -31.58 6.52 -27.58
CA ILE H 30 -30.85 5.92 -26.45
C ILE H 30 -29.35 5.96 -26.76
N MET H 31 -28.55 6.45 -25.80
CA MET H 31 -27.07 6.55 -25.98
C MET H 31 -26.40 5.43 -25.14
N LEU H 32 -25.74 4.51 -25.84
CA LEU H 32 -24.88 3.49 -25.19
C LEU H 32 -23.44 3.94 -25.43
N GLY H 33 -22.89 4.69 -24.45
CA GLY H 33 -21.59 5.32 -24.57
C GLY H 33 -20.59 4.85 -23.52
N SER H 34 -20.66 3.57 -23.12
CA SER H 34 -19.77 3.07 -22.10
C SER H 34 -19.62 1.55 -22.23
N GLN H 35 -18.81 0.98 -21.34
CA GLN H 35 -18.72 -0.45 -21.09
C GLN H 35 -20.13 -0.97 -20.80
N ILE H 36 -20.42 -2.20 -21.23
CA ILE H 36 -21.69 -2.84 -20.95
C ILE H 36 -21.56 -3.67 -19.66
N ASP H 37 -22.27 -3.24 -18.62
CA ASP H 37 -22.40 -3.99 -17.39
C ASP H 37 -23.89 -4.05 -17.05
N ASP H 38 -24.20 -4.67 -15.90
CA ASP H 38 -25.58 -4.92 -15.49
C ASP H 38 -26.33 -3.59 -15.32
N ASN H 39 -25.69 -2.57 -14.75
CA ASN H 39 -26.31 -1.26 -14.53
C ASN H 39 -26.72 -0.62 -15.86
N VAL H 40 -25.79 -0.61 -16.80
CA VAL H 40 -26.02 -0.02 -18.12
C VAL H 40 -27.15 -0.79 -18.84
N ALA H 41 -27.11 -2.13 -18.77
CA ALA H 41 -28.13 -2.96 -19.43
C ALA H 41 -29.51 -2.68 -18.81
N ASN H 42 -29.57 -2.56 -17.48
CA ASN H 42 -30.83 -2.33 -16.80
C ASN H 42 -31.44 -1.00 -17.25
N SER H 43 -30.60 0.01 -17.40
CA SER H 43 -31.02 1.33 -17.87
C SER H 43 -31.52 1.26 -19.31
N ILE H 44 -30.75 0.61 -20.19
CA ILE H 44 -31.09 0.56 -21.62
C ILE H 44 -32.39 -0.24 -21.79
N VAL H 45 -32.50 -1.38 -21.10
CA VAL H 45 -33.71 -2.20 -21.16
C VAL H 45 -34.91 -1.35 -20.71
N SER H 46 -34.77 -0.62 -19.60
CA SER H 46 -35.84 0.20 -19.08
C SER H 46 -36.26 1.27 -20.10
N GLN H 47 -35.26 1.87 -20.76
CA GLN H 47 -35.51 2.89 -21.77
C GLN H 47 -36.28 2.30 -22.94
N LEU H 48 -35.89 1.09 -23.38
CA LEU H 48 -36.54 0.47 -24.52
C LEU H 48 -38.02 0.19 -24.18
N LEU H 49 -38.27 -0.32 -22.97
CA LEU H 49 -39.62 -0.66 -22.53
C LEU H 49 -40.48 0.60 -22.41
N PHE H 50 -39.90 1.66 -21.85
CA PHE H 50 -40.58 2.94 -21.73
C PHE H 50 -40.98 3.46 -23.12
N LEU H 51 -40.05 3.39 -24.09
CA LEU H 51 -40.32 3.96 -25.40
C LEU H 51 -41.41 3.16 -26.12
N GLN H 52 -41.40 1.83 -25.95
CA GLN H 52 -42.42 0.98 -26.58
C GLN H 52 -43.80 1.33 -26.01
N ALA H 53 -43.87 1.54 -24.69
CA ALA H 53 -45.11 1.86 -23.99
C ALA H 53 -45.67 3.21 -24.46
N GLN H 54 -44.78 4.18 -24.71
CA GLN H 54 -45.16 5.48 -25.21
C GLN H 54 -45.72 5.38 -26.64
N ASP H 55 -45.08 4.56 -27.48
CA ASP H 55 -45.45 4.42 -28.88
C ASP H 55 -44.85 3.13 -29.43
N SER H 56 -45.73 2.16 -29.74
CA SER H 56 -45.34 0.81 -30.12
C SER H 56 -44.96 0.74 -31.61
N GLU H 57 -45.09 1.84 -32.36
CA GLU H 57 -44.95 1.84 -33.83
C GLU H 57 -43.73 2.65 -34.29
N LYS H 58 -43.39 3.75 -33.60
CA LYS H 58 -42.29 4.62 -34.03
C LYS H 58 -40.93 3.98 -33.72
N ASP H 59 -39.99 4.18 -34.64
CA ASP H 59 -38.63 3.71 -34.53
C ASP H 59 -37.97 4.28 -33.25
N ILE H 60 -37.03 3.50 -32.70
CA ILE H 60 -36.09 3.87 -31.67
C ILE H 60 -34.69 3.93 -32.31
N TYR H 61 -33.82 4.82 -31.82
CA TYR H 61 -32.47 4.96 -32.31
C TYR H 61 -31.49 4.69 -31.16
N LEU H 62 -30.65 3.65 -31.33
CA LEU H 62 -29.62 3.27 -30.36
C LEU H 62 -28.24 3.64 -30.92
N TYR H 63 -27.64 4.66 -30.33
CA TYR H 63 -26.28 5.12 -30.67
C TYR H 63 -25.28 4.30 -29.84
N ILE H 64 -24.27 3.73 -30.48
CA ILE H 64 -23.33 2.82 -29.81
C ILE H 64 -21.91 3.36 -29.97
N ASN H 65 -21.29 3.66 -28.83
CA ASN H 65 -19.85 3.86 -28.70
C ASN H 65 -19.41 3.11 -27.43
N SER H 66 -18.91 1.89 -27.60
CA SER H 66 -18.74 0.97 -26.50
C SER H 66 -17.64 -0.03 -26.80
N PRO H 67 -16.73 -0.31 -25.83
CA PRO H 67 -15.76 -1.38 -25.99
C PRO H 67 -16.31 -2.76 -25.63
N GLY H 68 -17.59 -2.86 -25.33
CA GLY H 68 -18.22 -4.12 -24.98
C GLY H 68 -18.33 -4.28 -23.47
N GLY H 69 -18.26 -5.52 -23.00
CA GLY H 69 -18.45 -5.85 -21.60
C GLY H 69 -19.15 -7.18 -21.40
N SER H 70 -20.00 -7.25 -20.38
CA SER H 70 -20.66 -8.47 -19.97
C SER H 70 -21.55 -9.02 -21.09
N VAL H 71 -21.37 -10.32 -21.38
CA VAL H 71 -22.15 -11.00 -22.38
C VAL H 71 -23.62 -11.13 -21.95
N THR H 72 -23.86 -11.47 -20.67
CA THR H 72 -25.22 -11.63 -20.17
C THR H 72 -25.94 -10.28 -20.14
N ALA H 73 -25.23 -9.22 -19.73
CA ALA H 73 -25.81 -7.87 -19.76
C ALA H 73 -26.16 -7.51 -21.21
N GLY H 74 -25.26 -7.84 -22.12
CA GLY H 74 -25.47 -7.63 -23.54
C GLY H 74 -26.71 -8.37 -24.05
N PHE H 75 -26.90 -9.60 -23.57
CA PHE H 75 -28.05 -10.38 -24.01
C PHE H 75 -29.38 -9.84 -23.42
N ALA H 76 -29.33 -9.21 -22.24
CA ALA H 76 -30.50 -8.53 -21.72
C ALA H 76 -30.99 -7.47 -22.72
N ILE H 77 -30.04 -6.69 -23.26
CA ILE H 77 -30.36 -5.66 -24.23
C ILE H 77 -30.82 -6.30 -25.55
N TYR H 78 -30.05 -7.29 -26.03
CA TYR H 78 -30.35 -7.95 -27.30
C TYR H 78 -31.79 -8.49 -27.30
N ASP H 79 -32.14 -9.27 -26.28
CA ASP H 79 -33.44 -9.93 -26.21
C ASP H 79 -34.57 -8.90 -26.12
N THR H 80 -34.31 -7.79 -25.42
CA THR H 80 -35.30 -6.72 -25.29
C THR H 80 -35.51 -6.07 -26.67
N ILE H 81 -34.43 -5.81 -27.41
CA ILE H 81 -34.55 -5.25 -28.76
C ILE H 81 -35.46 -6.16 -29.60
N GLN H 82 -35.19 -7.47 -29.60
CA GLN H 82 -35.93 -8.37 -30.50
C GLN H 82 -37.37 -8.50 -30.01
N HIS H 83 -37.62 -8.37 -28.71
CA HIS H 83 -38.95 -8.59 -28.15
C HIS H 83 -39.93 -7.45 -28.50
N ILE H 84 -39.49 -6.20 -28.42
CA ILE H 84 -40.40 -5.06 -28.53
C ILE H 84 -40.84 -4.87 -29.99
N LYS H 85 -41.98 -4.19 -30.16
CA LYS H 85 -42.63 -4.02 -31.46
C LYS H 85 -41.85 -3.01 -32.31
N PRO H 86 -41.45 -1.83 -31.80
CA PRO H 86 -40.73 -0.86 -32.61
C PRO H 86 -39.40 -1.41 -33.17
N ASP H 87 -39.06 -0.97 -34.39
CA ASP H 87 -37.76 -1.16 -34.95
C ASP H 87 -36.73 -0.35 -34.13
N VAL H 88 -35.58 -0.96 -33.83
CA VAL H 88 -34.47 -0.27 -33.19
C VAL H 88 -33.34 -0.12 -34.22
N GLN H 89 -33.10 1.11 -34.65
CA GLN H 89 -31.99 1.45 -35.51
C GLN H 89 -30.72 1.49 -34.64
N THR H 90 -29.59 1.04 -35.19
CA THR H 90 -28.31 1.11 -34.50
C THR H 90 -27.35 1.97 -35.32
N ILE H 91 -26.64 2.86 -34.62
CA ILE H 91 -25.66 3.73 -35.22
C ILE H 91 -24.36 3.67 -34.40
N CYS H 92 -23.29 3.17 -35.02
CA CYS H 92 -21.99 3.12 -34.41
C CYS H 92 -21.25 4.43 -34.67
N ILE H 93 -20.89 5.11 -33.57
CA ILE H 93 -20.00 6.27 -33.59
C ILE H 93 -18.75 5.90 -32.76
N GLY H 94 -17.58 6.23 -33.27
CA GLY H 94 -16.35 5.95 -32.54
C GLY H 94 -15.94 4.49 -32.63
N MET H 95 -16.52 3.65 -31.77
CA MET H 95 -16.13 2.24 -31.72
C MET H 95 -17.30 1.39 -31.22
N ALA H 96 -17.48 0.22 -31.84
CA ALA H 96 -18.31 -0.86 -31.32
C ALA H 96 -17.48 -2.12 -31.31
N ALA H 97 -17.06 -2.54 -30.12
CA ALA H 97 -16.19 -3.71 -29.97
C ALA H 97 -16.87 -4.76 -29.13
N SER H 98 -16.59 -6.02 -29.47
CA SER H 98 -17.01 -7.17 -28.71
C SER H 98 -18.54 -7.14 -28.63
N MET H 99 -19.10 -7.20 -27.43
CA MET H 99 -20.52 -7.24 -27.26
C MET H 99 -21.15 -5.97 -27.85
N GLY H 100 -20.37 -4.88 -27.96
CA GLY H 100 -20.81 -3.65 -28.61
C GLY H 100 -21.09 -3.84 -30.09
N SER H 101 -20.25 -4.62 -30.76
CA SER H 101 -20.44 -4.89 -32.17
C SER H 101 -21.59 -5.91 -32.36
N PHE H 102 -21.79 -6.78 -31.38
CA PHE H 102 -22.91 -7.73 -31.41
C PHE H 102 -24.24 -6.95 -31.38
N LEU H 103 -24.33 -5.94 -30.51
CA LEU H 103 -25.54 -5.13 -30.41
C LEU H 103 -25.73 -4.27 -31.67
N LEU H 104 -24.65 -3.78 -32.27
CA LEU H 104 -24.74 -3.03 -33.49
C LEU H 104 -25.43 -3.88 -34.56
N ALA H 105 -25.00 -5.14 -34.67
CA ALA H 105 -25.52 -6.08 -35.66
C ALA H 105 -26.97 -6.48 -35.36
N ALA H 106 -27.44 -6.24 -34.13
CA ALA H 106 -28.75 -6.65 -33.65
C ALA H 106 -29.86 -5.66 -34.04
N GLY H 107 -29.50 -4.51 -34.60
CA GLY H 107 -30.49 -3.52 -35.02
C GLY H 107 -31.39 -4.07 -36.11
N ALA H 108 -32.52 -3.40 -36.34
CA ALA H 108 -33.49 -3.77 -37.38
C ALA H 108 -32.77 -3.85 -38.73
N LYS H 109 -33.05 -4.91 -39.49
CA LYS H 109 -32.41 -5.12 -40.80
C LYS H 109 -32.74 -3.95 -41.72
N GLY H 110 -31.72 -3.40 -42.36
CA GLY H 110 -31.84 -2.20 -43.17
C GLY H 110 -31.57 -0.91 -42.40
N LYS H 111 -31.48 -0.99 -41.06
CA LYS H 111 -31.39 0.22 -40.23
C LYS H 111 -30.20 0.14 -39.25
N ARG H 112 -29.12 -0.52 -39.68
CA ARG H 112 -27.86 -0.59 -38.94
C ARG H 112 -26.82 0.25 -39.69
N PHE H 113 -26.26 1.25 -39.00
CA PHE H 113 -25.38 2.24 -39.58
C PHE H 113 -24.07 2.35 -38.79
N ALA H 114 -23.02 2.83 -39.47
CA ALA H 114 -21.80 3.30 -38.83
C ALA H 114 -21.38 4.59 -39.52
N LEU H 115 -20.83 5.54 -38.74
CA LEU H 115 -20.25 6.73 -39.30
C LEU H 115 -18.90 6.34 -39.93
N PRO H 116 -18.38 7.13 -40.88
CA PRO H 116 -17.32 6.65 -41.77
C PRO H 116 -15.99 6.29 -41.08
N ASN H 117 -15.68 6.93 -39.95
CA ASN H 117 -14.42 6.69 -39.27
C ASN H 117 -14.60 5.82 -38.03
N ALA H 118 -15.82 5.29 -37.85
CA ALA H 118 -16.11 4.41 -36.73
C ALA H 118 -15.37 3.09 -36.93
N GLU H 119 -14.99 2.49 -35.80
CA GLU H 119 -14.30 1.21 -35.77
C GLU H 119 -15.25 0.15 -35.21
N VAL H 120 -15.22 -1.03 -35.81
CA VAL H 120 -15.96 -2.16 -35.33
C VAL H 120 -14.95 -3.27 -35.08
N MET H 121 -15.05 -3.93 -33.92
CA MET H 121 -14.14 -5.02 -33.63
C MET H 121 -14.93 -6.23 -33.15
N ILE H 122 -14.57 -7.40 -33.68
CA ILE H 122 -15.15 -8.68 -33.29
C ILE H 122 -14.03 -9.58 -32.78
N HIS H 123 -14.36 -10.42 -31.81
CA HIS H 123 -13.44 -11.35 -31.21
C HIS H 123 -14.21 -12.37 -30.36
N GLN H 124 -13.50 -13.37 -29.85
CA GLN H 124 -14.13 -14.39 -29.03
C GLN H 124 -14.29 -13.88 -27.62
N PRO H 125 -15.27 -14.44 -26.85
CA PRO H 125 -15.47 -14.05 -25.46
C PRO H 125 -14.26 -14.37 -24.57
N LEU H 126 -14.13 -13.58 -23.51
CA LEU H 126 -13.06 -13.63 -22.54
C LEU H 126 -13.69 -14.04 -21.21
N GLY H 127 -12.92 -14.74 -20.38
CA GLY H 127 -13.33 -15.09 -19.06
C GLY H 127 -12.19 -15.71 -18.27
N GLY H 128 -12.58 -16.40 -17.20
CA GLY H 128 -11.63 -16.89 -16.22
C GLY H 128 -12.20 -18.08 -15.46
N ALA H 129 -11.30 -18.90 -14.94
CA ALA H 129 -11.64 -20.06 -14.16
C ALA H 129 -10.45 -20.43 -13.28
N GLN H 130 -10.75 -20.72 -12.01
CA GLN H 130 -9.80 -21.05 -10.99
C GLN H 130 -10.42 -22.16 -10.14
N GLY H 131 -9.61 -23.15 -9.73
CA GLY H 131 -10.03 -24.17 -8.77
C GLY H 131 -9.70 -25.59 -9.25
N GLN H 132 -10.57 -26.52 -8.91
CA GLN H 132 -10.40 -27.92 -9.22
C GLN H 132 -10.56 -28.15 -10.73
N ALA H 133 -9.92 -29.19 -11.24
CA ALA H 133 -10.03 -29.60 -12.63
C ALA H 133 -11.49 -29.61 -13.10
N THR H 134 -12.37 -30.24 -12.31
CA THR H 134 -13.79 -30.34 -12.64
C THR H 134 -14.46 -28.96 -12.74
N GLU H 135 -14.04 -28.02 -11.88
CA GLU H 135 -14.59 -26.66 -11.90
C GLU H 135 -14.12 -25.95 -13.18
N ILE H 136 -12.87 -26.17 -13.55
CA ILE H 136 -12.31 -25.54 -14.74
C ILE H 136 -13.02 -26.07 -15.98
N GLU H 137 -13.32 -27.39 -15.98
CA GLU H 137 -14.02 -28.04 -17.06
C GLU H 137 -15.40 -27.39 -17.24
N ILE H 138 -16.13 -27.19 -16.13
CA ILE H 138 -17.48 -26.60 -16.18
C ILE H 138 -17.41 -25.19 -16.75
N ALA H 139 -16.47 -24.38 -16.25
CA ALA H 139 -16.27 -23.00 -16.76
C ALA H 139 -15.90 -23.00 -18.25
N ALA H 140 -15.02 -23.92 -18.67
CA ALA H 140 -14.61 -24.00 -20.08
C ALA H 140 -15.82 -24.33 -20.96
N ASN H 141 -16.59 -25.34 -20.55
CA ASN H 141 -17.79 -25.78 -21.30
C ASN H 141 -18.78 -24.61 -21.40
N HIS H 142 -18.91 -23.85 -20.32
CA HIS H 142 -19.83 -22.73 -20.29
C HIS H 142 -19.42 -21.65 -21.30
N ILE H 143 -18.13 -21.26 -21.31
CA ILE H 143 -17.74 -20.18 -22.19
C ILE H 143 -17.74 -20.66 -23.65
N LEU H 144 -17.47 -21.95 -23.90
CA LEU H 144 -17.53 -22.49 -25.26
C LEU H 144 -18.98 -22.49 -25.78
N LYS H 145 -19.93 -22.86 -24.92
CA LYS H 145 -21.37 -22.78 -25.26
C LYS H 145 -21.79 -21.33 -25.52
N THR H 146 -21.29 -20.39 -24.70
CA THR H 146 -21.60 -18.99 -24.87
C THR H 146 -21.11 -18.54 -26.24
N ARG H 147 -19.89 -18.95 -26.61
CA ARG H 147 -19.32 -18.56 -27.91
C ARG H 147 -20.16 -19.13 -29.06
N GLU H 148 -20.58 -20.40 -28.97
CA GLU H 148 -21.45 -21.03 -29.99
C GLU H 148 -22.75 -20.21 -30.17
N LYS H 149 -23.35 -19.80 -29.05
CA LYS H 149 -24.58 -19.03 -29.05
C LYS H 149 -24.37 -17.67 -29.75
N LEU H 150 -23.28 -16.96 -29.39
CA LEU H 150 -22.97 -15.67 -30.02
C LEU H 150 -22.75 -15.84 -31.52
N ASN H 151 -22.00 -16.88 -31.90
CA ASN H 151 -21.60 -17.08 -33.30
C ASN H 151 -22.84 -17.41 -34.15
N ARG H 152 -23.74 -18.25 -33.61
CA ARG H 152 -24.96 -18.64 -34.28
C ARG H 152 -25.80 -17.38 -34.58
N ILE H 153 -26.00 -16.53 -33.57
CA ILE H 153 -26.82 -15.35 -33.75
C ILE H 153 -26.13 -14.39 -34.73
N LEU H 154 -24.81 -14.25 -34.59
CA LEU H 154 -24.09 -13.34 -35.49
C LEU H 154 -24.16 -13.86 -36.94
N SER H 155 -24.19 -15.19 -37.11
CA SER H 155 -24.36 -15.80 -38.43
C SER H 155 -25.72 -15.40 -39.02
N GLU H 156 -26.79 -15.54 -38.22
CA GLU H 156 -28.13 -15.17 -38.63
C GLU H 156 -28.18 -13.67 -38.98
N ARG H 157 -27.50 -12.81 -38.19
CA ARG H 157 -27.65 -11.36 -38.37
C ARG H 157 -26.79 -10.83 -39.53
N THR H 158 -25.71 -11.52 -39.87
CA THR H 158 -24.76 -11.03 -40.90
C THR H 158 -24.95 -11.74 -42.24
N GLY H 159 -25.44 -12.97 -42.22
CA GLY H 159 -25.45 -13.85 -43.42
C GLY H 159 -24.15 -14.62 -43.59
N GLN H 160 -23.15 -14.43 -42.71
CA GLN H 160 -21.90 -15.20 -42.78
C GLN H 160 -22.14 -16.56 -42.14
N SER H 161 -21.39 -17.56 -42.59
CA SER H 161 -21.45 -18.91 -41.98
C SER H 161 -20.85 -18.85 -40.55
N ILE H 162 -21.30 -19.79 -39.72
CA ILE H 162 -20.79 -20.01 -38.40
C ILE H 162 -19.28 -20.31 -38.47
N GLU H 163 -18.85 -21.10 -39.46
CA GLU H 163 -17.45 -21.49 -39.63
C GLU H 163 -16.60 -20.23 -39.89
N LYS H 164 -17.12 -19.31 -40.72
CA LYS H 164 -16.37 -18.10 -41.03
C LYS H 164 -16.32 -17.19 -39.79
N ILE H 165 -17.43 -17.06 -39.05
CA ILE H 165 -17.46 -16.21 -37.85
C ILE H 165 -16.40 -16.73 -36.86
N GLN H 166 -16.36 -18.06 -36.66
CA GLN H 166 -15.43 -18.73 -35.74
C GLN H 166 -13.97 -18.35 -36.10
N LYS H 167 -13.61 -18.46 -37.38
CA LYS H 167 -12.28 -18.15 -37.86
C LYS H 167 -11.97 -16.65 -37.68
N ASP H 168 -12.94 -15.79 -37.99
CA ASP H 168 -12.70 -14.37 -38.04
C ASP H 168 -12.69 -13.73 -36.63
N THR H 169 -13.13 -14.47 -35.60
CA THR H 169 -13.16 -13.98 -34.23
C THR H 169 -12.11 -14.67 -33.35
N ASP H 170 -11.24 -15.49 -33.95
CA ASP H 170 -10.27 -16.25 -33.18
C ASP H 170 -9.34 -15.28 -32.42
N ARG H 171 -8.96 -14.18 -33.09
CA ARG H 171 -8.23 -13.07 -32.49
C ARG H 171 -9.00 -11.77 -32.76
N ASP H 172 -8.58 -10.69 -32.10
CA ASP H 172 -9.11 -9.37 -32.31
C ASP H 172 -9.07 -9.04 -33.80
N ASN H 173 -10.23 -8.68 -34.35
CA ASN H 173 -10.42 -8.40 -35.75
C ASN H 173 -11.08 -7.03 -35.90
N PHE H 174 -10.28 -6.02 -36.29
CA PHE H 174 -10.72 -4.65 -36.42
C PHE H 174 -11.21 -4.40 -37.86
N LEU H 175 -12.42 -3.84 -38.00
CA LEU H 175 -13.03 -3.53 -39.28
C LEU H 175 -13.26 -2.02 -39.39
N THR H 176 -13.03 -1.46 -40.58
CA THR H 176 -13.55 -0.13 -40.94
C THR H 176 -15.08 -0.24 -41.10
N ALA H 177 -15.75 0.92 -41.15
CA ALA H 177 -17.18 0.98 -41.35
C ALA H 177 -17.55 0.27 -42.66
N GLU H 178 -16.79 0.54 -43.72
CA GLU H 178 -17.02 -0.04 -45.03
C GLU H 178 -16.85 -1.56 -44.96
N GLU H 179 -15.83 -2.04 -44.24
CA GLU H 179 -15.62 -3.48 -44.10
C GLU H 179 -16.76 -4.10 -43.27
N ALA H 180 -17.26 -3.38 -42.27
CA ALA H 180 -18.37 -3.87 -41.44
C ALA H 180 -19.62 -4.05 -42.31
N LYS H 181 -19.82 -3.13 -43.26
CA LYS H 181 -20.93 -3.23 -44.19
C LYS H 181 -20.77 -4.46 -45.09
N GLU H 182 -19.58 -4.63 -45.68
CA GLU H 182 -19.29 -5.79 -46.52
C GLU H 182 -19.49 -7.09 -45.72
N TYR H 183 -19.18 -7.07 -44.43
CA TYR H 183 -19.29 -8.26 -43.62
C TYR H 183 -20.76 -8.58 -43.29
N GLY H 184 -21.64 -7.59 -43.30
CA GLY H 184 -23.04 -7.77 -42.91
C GLY H 184 -23.36 -7.37 -41.48
N LEU H 185 -22.42 -6.70 -40.78
CA LEU H 185 -22.64 -6.23 -39.40
C LEU H 185 -23.53 -4.98 -39.41
N ILE H 186 -23.38 -4.16 -40.45
CA ILE H 186 -24.24 -2.99 -40.68
C ILE H 186 -24.79 -3.07 -42.11
N ASP H 187 -25.77 -2.21 -42.40
CA ASP H 187 -26.42 -2.12 -43.72
C ASP H 187 -25.81 -0.97 -44.55
N GLU H 188 -25.45 0.14 -43.89
CA GLU H 188 -24.98 1.34 -44.60
C GLU H 188 -23.92 2.08 -43.78
N VAL H 189 -22.96 2.67 -44.49
CA VAL H 189 -22.12 3.71 -43.97
C VAL H 189 -22.86 5.04 -44.16
N MET H 190 -23.08 5.74 -43.04
CA MET H 190 -23.76 7.01 -43.04
C MET H 190 -22.77 8.11 -43.44
N VAL H 191 -22.85 8.54 -44.70
CA VAL H 191 -21.91 9.52 -45.30
C VAL H 191 -22.46 10.93 -45.07
N PRO H 192 -21.58 11.95 -44.92
CA PRO H 192 -22.05 13.32 -44.72
C PRO H 192 -22.50 14.04 -46.00
N GLU H 193 -23.62 14.79 -45.94
CA GLU H 193 -23.90 15.90 -46.93
C GLU H 193 -22.98 17.08 -46.61
N LEU I 3 -16.90 24.75 -7.03
CA LEU I 3 -18.30 24.73 -7.55
C LEU I 3 -18.34 25.39 -8.93
N ILE I 4 -19.21 24.86 -9.77
CA ILE I 4 -19.61 25.51 -11.02
C ILE I 4 -20.73 26.50 -10.68
N PRO I 5 -20.58 27.80 -10.99
CA PRO I 5 -21.60 28.78 -10.62
C PRO I 5 -22.90 28.60 -11.44
N THR I 6 -23.97 29.17 -10.89
CA THR I 6 -25.30 29.18 -11.43
C THR I 6 -25.63 30.62 -11.86
N VAL I 7 -26.39 30.76 -12.96
CA VAL I 7 -26.86 32.05 -13.42
C VAL I 7 -28.40 31.99 -13.56
N ILE I 8 -29.06 33.13 -13.29
CA ILE I 8 -30.53 33.28 -13.35
C ILE I 8 -30.84 34.66 -13.92
N ARG I 16 -35.44 30.85 -14.95
CA ARG I 16 -34.60 29.68 -15.27
C ARG I 16 -33.24 29.80 -14.54
N ALA I 17 -32.84 28.69 -13.91
CA ALA I 17 -31.55 28.48 -13.26
C ALA I 17 -30.68 27.51 -14.08
N TYR I 18 -29.56 28.04 -14.60
CA TYR I 18 -28.59 27.28 -15.40
C TYR I 18 -27.22 27.26 -14.70
N ASP I 19 -26.57 26.11 -14.62
CA ASP I 19 -25.11 26.06 -14.48
C ASP I 19 -24.49 26.79 -15.70
N ILE I 20 -23.27 27.32 -15.54
CA ILE I 20 -22.71 28.24 -16.53
C ILE I 20 -22.59 27.56 -17.91
N TYR I 21 -22.23 26.28 -17.93
CA TYR I 21 -22.04 25.54 -19.21
C TYR I 21 -23.38 25.36 -19.93
N SER I 22 -24.43 25.05 -19.17
CA SER I 22 -25.77 24.93 -19.73
C SER I 22 -26.24 26.27 -20.29
N ARG I 23 -25.88 27.37 -19.62
CA ARG I 23 -26.24 28.71 -20.09
C ARG I 23 -25.54 28.98 -21.43
N LEU I 24 -24.26 28.56 -21.56
CA LEU I 24 -23.54 28.73 -22.82
C LEU I 24 -24.17 27.84 -23.92
N LEU I 25 -24.61 26.63 -23.55
CA LEU I 25 -25.17 25.71 -24.53
C LEU I 25 -26.45 26.32 -25.16
N LYS I 26 -27.18 27.12 -24.36
CA LYS I 26 -28.36 27.83 -24.85
C LYS I 26 -27.98 28.75 -26.03
N ASP I 27 -26.75 29.28 -26.05
CA ASP I 27 -26.26 30.13 -27.17
C ASP I 27 -25.41 29.33 -28.16
N ARG I 28 -25.55 28.00 -28.16
CA ARG I 28 -24.95 27.10 -29.15
C ARG I 28 -23.43 26.98 -28.94
N ILE I 29 -22.96 27.19 -27.71
CA ILE I 29 -21.56 27.01 -27.35
C ILE I 29 -21.40 25.69 -26.60
N ILE I 30 -20.49 24.84 -27.12
CA ILE I 30 -20.05 23.59 -26.46
C ILE I 30 -18.63 23.76 -25.95
N MET I 31 -18.40 23.39 -24.68
CA MET I 31 -17.06 23.49 -24.07
C MET I 31 -16.43 22.08 -23.99
N LEU I 32 -15.34 21.87 -24.72
CA LEU I 32 -14.50 20.69 -24.59
C LEU I 32 -13.26 21.11 -23.80
N GLY I 33 -13.34 20.92 -22.49
CA GLY I 33 -12.36 21.46 -21.54
C GLY I 33 -11.66 20.37 -20.73
N SER I 34 -11.49 19.18 -21.32
CA SER I 34 -10.91 18.08 -20.60
C SER I 34 -10.29 17.07 -21.58
N GLN I 35 -9.70 16.04 -20.98
CA GLN I 35 -9.26 14.84 -21.67
C GLN I 35 -10.46 14.26 -22.43
N ILE I 36 -10.21 13.69 -23.61
CA ILE I 36 -11.24 13.09 -24.43
C ILE I 36 -11.33 11.59 -24.09
N ASP I 37 -12.44 11.18 -23.48
CA ASP I 37 -12.76 9.80 -23.26
C ASP I 37 -14.20 9.58 -23.77
N ASP I 38 -14.70 8.36 -23.59
CA ASP I 38 -15.99 7.94 -24.10
C ASP I 38 -17.11 8.81 -23.49
N ASN I 39 -17.03 9.10 -22.19
CA ASN I 39 -18.05 9.93 -21.49
C ASN I 39 -18.11 11.32 -22.09
N VAL I 40 -16.95 11.95 -22.26
CA VAL I 40 -16.86 13.31 -22.82
C VAL I 40 -17.40 13.31 -24.26
N ALA I 41 -17.02 12.31 -25.06
CA ALA I 41 -17.48 12.21 -26.44
C ALA I 41 -19.01 12.04 -26.48
N ASN I 42 -19.56 11.21 -25.60
CA ASN I 42 -20.98 10.97 -25.55
C ASN I 42 -21.74 12.27 -25.27
N SER I 43 -21.21 13.08 -24.35
CA SER I 43 -21.80 14.35 -23.99
C SER I 43 -21.73 15.34 -25.18
N ILE I 44 -20.55 15.44 -25.81
CA ILE I 44 -20.34 16.39 -26.89
C ILE I 44 -21.22 16.01 -28.09
N VAL I 45 -21.23 14.72 -28.43
CA VAL I 45 -22.05 14.21 -29.53
C VAL I 45 -23.51 14.55 -29.25
N SER I 46 -23.98 14.30 -28.03
CA SER I 46 -25.37 14.57 -27.67
C SER I 46 -25.69 16.06 -27.82
N GLN I 47 -24.75 16.91 -27.40
CA GLN I 47 -24.92 18.35 -27.51
C GLN I 47 -25.01 18.77 -28.98
N LEU I 48 -24.16 18.19 -29.84
CA LEU I 48 -24.15 18.55 -31.25
C LEU I 48 -25.48 18.16 -31.89
N LEU I 49 -25.99 16.97 -31.56
CA LEU I 49 -27.24 16.47 -32.13
C LEU I 49 -28.42 17.34 -31.65
N PHE I 50 -28.43 17.69 -30.37
CA PHE I 50 -29.43 18.56 -29.81
C PHE I 50 -29.45 19.91 -30.54
N LEU I 51 -28.26 20.49 -30.75
CA LEU I 51 -28.20 21.82 -31.34
C LEU I 51 -28.66 21.79 -32.80
N GLN I 52 -28.33 20.73 -33.53
CA GLN I 52 -28.77 20.58 -34.91
C GLN I 52 -30.30 20.49 -34.98
N ALA I 53 -30.89 19.73 -34.04
CA ALA I 53 -32.34 19.50 -33.98
C ALA I 53 -33.07 20.83 -33.67
N GLN I 54 -32.46 21.67 -32.82
CA GLN I 54 -33.02 22.96 -32.48
C GLN I 54 -32.98 23.90 -33.69
N ASP I 55 -31.88 23.87 -34.44
CA ASP I 55 -31.68 24.76 -35.56
C ASP I 55 -30.59 24.19 -36.47
N SER I 56 -30.99 23.74 -37.66
CA SER I 56 -30.12 23.03 -38.58
C SER I 56 -29.25 24.00 -39.40
N GLU I 57 -29.42 25.31 -39.24
CA GLU I 57 -28.78 26.32 -40.10
C GLU I 57 -27.78 27.19 -39.31
N LYS I 58 -28.05 27.49 -38.03
CA LYS I 58 -27.19 28.38 -37.25
C LYS I 58 -25.90 27.66 -36.83
N ASP I 59 -24.80 28.40 -36.85
CA ASP I 59 -23.49 27.94 -36.44
C ASP I 59 -23.53 27.45 -34.99
N ILE I 60 -22.67 26.45 -34.73
CA ILE I 60 -22.30 25.97 -33.40
C ILE I 60 -20.86 26.40 -33.15
N TYR I 61 -20.53 26.67 -31.88
CA TYR I 61 -19.19 27.05 -31.48
C TYR I 61 -18.66 25.99 -30.50
N LEU I 62 -17.56 25.32 -30.90
CA LEU I 62 -16.86 24.33 -30.07
C LEU I 62 -15.56 24.94 -29.57
N TYR I 63 -15.52 25.25 -28.27
CA TYR I 63 -14.34 25.77 -27.60
C TYR I 63 -13.52 24.57 -27.12
N ILE I 64 -12.21 24.59 -27.44
CA ILE I 64 -11.35 23.44 -27.19
C ILE I 64 -10.19 23.88 -26.30
N ASN I 65 -10.13 23.28 -25.11
CA ASN I 65 -8.96 23.31 -24.23
C ASN I 65 -8.76 21.88 -23.71
N SER I 66 -7.92 21.09 -24.37
CA SER I 66 -7.89 19.65 -24.19
C SER I 66 -6.51 19.11 -24.53
N PRO I 67 -5.96 18.19 -23.71
CA PRO I 67 -4.71 17.52 -24.03
C PRO I 67 -4.91 16.30 -24.94
N GLY I 68 -6.15 16.06 -25.41
CA GLY I 68 -6.42 14.92 -26.25
C GLY I 68 -6.96 13.76 -25.41
N GLY I 69 -6.66 12.53 -25.86
CA GLY I 69 -7.23 11.32 -25.27
C GLY I 69 -7.56 10.27 -26.34
N SER I 70 -8.65 9.54 -26.13
CA SER I 70 -9.01 8.40 -26.95
C SER I 70 -9.27 8.83 -28.40
N VAL I 71 -8.62 8.11 -29.34
CA VAL I 71 -8.79 8.37 -30.75
C VAL I 71 -10.20 8.01 -31.21
N THR I 72 -10.75 6.90 -30.77
CA THR I 72 -12.09 6.47 -31.18
C THR I 72 -13.14 7.42 -30.60
N ALA I 73 -12.95 7.86 -29.35
CA ALA I 73 -13.85 8.86 -28.77
C ALA I 73 -13.78 10.14 -29.60
N GLY I 74 -12.57 10.52 -29.97
CA GLY I 74 -12.32 11.68 -30.82
C GLY I 74 -13.02 11.56 -32.16
N PHE I 75 -13.01 10.36 -32.74
CA PHE I 75 -13.66 10.14 -34.03
C PHE I 75 -15.20 10.17 -33.90
N ALA I 76 -15.75 9.79 -32.76
CA ALA I 76 -17.17 9.95 -32.52
C ALA I 76 -17.56 11.43 -32.68
N ILE I 77 -16.75 12.32 -32.10
CA ILE I 77 -16.98 13.75 -32.19
C ILE I 77 -16.76 14.23 -33.63
N TYR I 78 -15.63 13.83 -34.22
CA TYR I 78 -15.25 14.23 -35.58
C TYR I 78 -16.38 13.91 -36.57
N ASP I 79 -16.82 12.65 -36.58
CA ASP I 79 -17.80 12.20 -37.57
C ASP I 79 -19.15 12.91 -37.33
N THR I 80 -19.47 13.21 -36.07
CA THR I 80 -20.71 13.92 -35.77
C THR I 80 -20.62 15.35 -36.32
N ILE I 81 -19.47 16.01 -36.14
CA ILE I 81 -19.28 17.36 -36.69
C ILE I 81 -19.53 17.32 -38.21
N GLN I 82 -18.90 16.37 -38.93
CA GLN I 82 -19.00 16.37 -40.38
C GLN I 82 -20.43 15.97 -40.82
N HIS I 83 -21.14 15.18 -40.01
CA HIS I 83 -22.43 14.67 -40.40
C HIS I 83 -23.53 15.75 -40.34
N ILE I 84 -23.53 16.59 -39.28
CA ILE I 84 -24.62 17.52 -39.04
C ILE I 84 -24.56 18.68 -40.06
N LYS I 85 -25.71 19.33 -40.25
CA LYS I 85 -25.87 20.38 -41.27
C LYS I 85 -25.17 21.66 -40.80
N PRO I 86 -25.35 22.14 -39.56
CA PRO I 86 -24.70 23.38 -39.15
C PRO I 86 -23.17 23.33 -39.24
N ASP I 87 -22.57 24.47 -39.56
CA ASP I 87 -21.18 24.70 -39.45
C ASP I 87 -20.80 24.69 -37.95
N VAL I 88 -19.69 24.01 -37.63
CA VAL I 88 -19.13 24.00 -36.28
C VAL I 88 -17.83 24.80 -36.34
N GLN I 89 -17.84 25.96 -35.70
CA GLN I 89 -16.67 26.76 -35.52
C GLN I 89 -15.86 26.12 -34.38
N THR I 90 -14.52 26.14 -34.51
CA THR I 90 -13.65 25.64 -33.46
C THR I 90 -12.78 26.81 -33.00
N ILE I 91 -12.66 26.94 -31.68
CA ILE I 91 -11.83 27.95 -31.06
C ILE I 91 -10.95 27.27 -30.01
N CYS I 92 -9.64 27.32 -30.24
CA CYS I 92 -8.67 26.84 -29.28
C CYS I 92 -8.34 27.94 -28.26
N ILE I 93 -8.62 27.66 -26.99
CA ILE I 93 -8.18 28.45 -25.85
C ILE I 93 -7.25 27.58 -25.00
N GLY I 94 -6.12 28.12 -24.58
CA GLY I 94 -5.21 27.35 -23.72
C GLY I 94 -4.38 26.38 -24.57
N MET I 95 -4.93 25.19 -24.81
CA MET I 95 -4.17 24.14 -25.47
C MET I 95 -5.12 23.20 -26.24
N ALA I 96 -4.69 22.82 -27.43
CA ALA I 96 -5.28 21.71 -28.18
C ALA I 96 -4.14 20.77 -28.59
N ALA I 97 -4.06 19.63 -27.92
CA ALA I 97 -2.99 18.67 -28.18
C ALA I 97 -3.60 17.34 -28.65
N SER I 98 -2.85 16.68 -29.52
CA SER I 98 -3.14 15.35 -29.96
C SER I 98 -4.54 15.34 -30.60
N MET I 99 -5.43 14.48 -30.12
CA MET I 99 -6.73 14.39 -30.69
C MET I 99 -7.49 15.72 -30.54
N GLY I 100 -7.07 16.55 -29.58
CA GLY I 100 -7.61 17.89 -29.39
C GLY I 100 -7.29 18.82 -30.57
N SER I 101 -6.07 18.71 -31.08
CA SER I 101 -5.67 19.50 -32.24
C SER I 101 -6.34 18.95 -33.52
N PHE I 102 -6.59 17.65 -33.55
CA PHE I 102 -7.30 17.03 -34.67
C PHE I 102 -8.72 17.60 -34.77
N LEU I 103 -9.40 17.71 -33.62
CA LEU I 103 -10.75 18.27 -33.59
C LEU I 103 -10.75 19.77 -33.93
N LEU I 104 -9.73 20.50 -33.51
CA LEU I 104 -9.60 21.89 -33.85
C LEU I 104 -9.58 22.05 -35.38
N ALA I 105 -8.78 21.20 -36.05
CA ALA I 105 -8.62 21.22 -37.50
C ALA I 105 -9.90 20.78 -38.23
N ALA I 106 -10.82 20.13 -37.51
CA ALA I 106 -12.01 19.53 -38.07
C ALA I 106 -13.16 20.54 -38.18
N GLY I 107 -13.00 21.75 -37.64
CA GLY I 107 -14.02 22.77 -37.74
C GLY I 107 -14.29 23.18 -39.17
N ALA I 108 -15.43 23.85 -39.40
CA ALA I 108 -15.83 24.34 -40.74
C ALA I 108 -14.71 25.21 -41.31
N LYS I 109 -14.37 25.00 -42.57
CA LYS I 109 -13.31 25.74 -43.25
C LYS I 109 -13.65 27.23 -43.23
N GLY I 110 -12.69 28.05 -42.83
CA GLY I 110 -12.86 29.48 -42.62
C GLY I 110 -13.26 29.83 -41.21
N LYS I 111 -13.61 28.84 -40.37
CA LYS I 111 -14.15 29.12 -39.03
C LYS I 111 -13.42 28.31 -37.95
N ARG I 112 -12.11 28.11 -38.15
CA ARG I 112 -11.22 27.51 -37.16
C ARG I 112 -10.30 28.60 -36.63
N PHE I 113 -10.33 28.82 -35.30
CA PHE I 113 -9.64 29.89 -34.65
C PHE I 113 -8.78 29.37 -33.49
N ALA I 114 -7.77 30.16 -33.12
CA ALA I 114 -7.05 30.02 -31.87
C ALA I 114 -6.84 31.41 -31.29
N LEU I 115 -6.89 31.52 -29.96
CA LEU I 115 -6.51 32.76 -29.29
C LEU I 115 -4.97 32.87 -29.34
N PRO I 116 -4.41 34.08 -29.23
CA PRO I 116 -3.01 34.32 -29.60
C PRO I 116 -1.95 33.51 -28.82
N ASN I 117 -2.24 33.20 -27.56
CA ASN I 117 -1.28 32.52 -26.69
C ASN I 117 -1.62 31.04 -26.54
N ALA I 118 -2.63 30.57 -27.29
CA ALA I 118 -3.02 29.17 -27.27
C ALA I 118 -1.92 28.32 -27.90
N GLU I 119 -1.79 27.10 -27.37
CA GLU I 119 -0.78 26.13 -27.83
C GLU I 119 -1.51 25.00 -28.58
N VAL I 120 -0.95 24.62 -29.71
CA VAL I 120 -1.43 23.51 -30.49
C VAL I 120 -0.30 22.51 -30.60
N MET I 121 -0.58 21.25 -30.33
CA MET I 121 0.46 20.22 -30.44
C MET I 121 -0.06 19.06 -31.26
N ILE I 122 0.77 18.62 -32.20
CA ILE I 122 0.48 17.46 -33.04
C ILE I 122 1.58 16.42 -32.83
N HIS I 123 1.19 15.14 -32.92
CA HIS I 123 2.07 14.02 -32.73
C HIS I 123 1.36 12.75 -33.19
N GLN I 124 2.10 11.64 -33.21
CA GLN I 124 1.56 10.36 -33.60
C GLN I 124 0.78 9.73 -32.45
N PRO I 125 -0.20 8.86 -32.75
CA PRO I 125 -0.97 8.18 -31.70
C PRO I 125 -0.12 7.27 -30.81
N LEU I 126 -0.58 7.11 -29.57
CA LEU I 126 0.06 6.37 -28.52
C LEU I 126 -0.79 5.14 -28.20
N GLY I 127 -0.14 4.06 -27.76
CA GLY I 127 -0.84 2.89 -27.32
C GLY I 127 0.08 1.85 -26.72
N GLY I 128 -0.36 0.61 -26.74
CA GLY I 128 0.19 -0.44 -25.93
C GLY I 128 -0.35 -1.79 -26.32
N ALA I 129 0.46 -2.83 -26.10
CA ALA I 129 0.13 -4.21 -26.39
C ALA I 129 1.09 -5.09 -25.59
N GLN I 130 0.54 -6.14 -24.98
CA GLN I 130 1.25 -7.11 -24.20
C GLN I 130 0.64 -8.48 -24.51
N GLY I 131 1.47 -9.50 -24.66
CA GLY I 131 1.02 -10.88 -24.92
C GLY I 131 1.84 -11.53 -26.02
N GLN I 132 1.17 -12.40 -26.79
CA GLN I 132 1.81 -13.21 -27.80
C GLN I 132 2.27 -12.33 -28.97
N ALA I 133 3.32 -12.78 -29.66
CA ALA I 133 3.83 -12.08 -30.84
C ALA I 133 2.68 -11.72 -31.81
N THR I 134 1.81 -12.68 -32.09
CA THR I 134 0.67 -12.49 -32.99
C THR I 134 -0.27 -11.39 -32.50
N GLU I 135 -0.47 -11.29 -31.18
CA GLU I 135 -1.33 -10.27 -30.59
C GLU I 135 -0.66 -8.90 -30.75
N ILE I 136 0.66 -8.86 -30.58
CA ILE I 136 1.40 -7.60 -30.70
C ILE I 136 1.34 -7.12 -32.16
N GLU I 137 1.44 -8.08 -33.09
CA GLU I 137 1.36 -7.80 -34.52
C GLU I 137 0.00 -7.14 -34.83
N ILE I 138 -1.08 -7.72 -34.32
CA ILE I 138 -2.45 -7.21 -34.58
C ILE I 138 -2.57 -5.78 -34.05
N ALA I 139 -2.11 -5.55 -32.80
CA ALA I 139 -2.14 -4.24 -32.19
C ALA I 139 -1.29 -3.24 -32.99
N ALA I 140 -0.12 -3.65 -33.46
CA ALA I 140 0.76 -2.77 -34.22
C ALA I 140 0.09 -2.36 -35.53
N ASN I 141 -0.47 -3.34 -36.25
CA ASN I 141 -1.15 -3.10 -37.51
C ASN I 141 -2.32 -2.12 -37.29
N HIS I 142 -3.05 -2.31 -36.19
CA HIS I 142 -4.19 -1.48 -35.89
C HIS I 142 -3.77 -0.02 -35.64
N ILE I 143 -2.74 0.21 -34.81
CA ILE I 143 -2.39 1.60 -34.50
C ILE I 143 -1.73 2.26 -35.73
N LEU I 144 -1.04 1.48 -36.58
CA LEU I 144 -0.45 2.05 -37.80
C LEU I 144 -1.54 2.46 -38.79
N LYS I 145 -2.58 1.64 -38.91
CA LYS I 145 -3.77 2.00 -39.74
C LYS I 145 -4.47 3.24 -39.17
N THR I 146 -4.59 3.31 -37.85
CA THR I 146 -5.21 4.46 -37.21
C THR I 146 -4.40 5.72 -37.57
N ARG I 147 -3.07 5.63 -37.52
CA ARG I 147 -2.22 6.77 -37.84
C ARG I 147 -2.40 7.19 -39.31
N GLU I 148 -2.44 6.23 -40.24
CA GLU I 148 -2.67 6.51 -41.67
C GLU I 148 -3.99 7.27 -41.85
N LYS I 149 -5.04 6.83 -41.18
CA LYS I 149 -6.37 7.46 -41.24
C LYS I 149 -6.30 8.91 -40.72
N LEU I 150 -5.66 9.12 -39.56
CA LEU I 150 -5.53 10.47 -38.99
C LEU I 150 -4.76 11.38 -39.96
N ASN I 151 -3.66 10.86 -40.51
CA ASN I 151 -2.75 11.65 -41.36
C ASN I 151 -3.45 12.05 -42.66
N ARG I 152 -4.20 11.12 -43.25
CA ARG I 152 -4.91 11.35 -44.48
C ARG I 152 -5.92 12.49 -44.26
N ILE I 153 -6.71 12.42 -43.18
CA ILE I 153 -7.72 13.42 -42.91
C ILE I 153 -7.03 14.75 -42.64
N LEU I 154 -5.93 14.72 -41.87
CA LEU I 154 -5.25 15.95 -41.54
C LEU I 154 -4.65 16.59 -42.81
N SER I 155 -4.24 15.75 -43.78
CA SER I 155 -3.77 16.23 -45.07
C SER I 155 -4.89 16.98 -45.80
N GLU I 156 -6.06 16.37 -45.85
CA GLU I 156 -7.26 16.98 -46.47
C GLU I 156 -7.62 18.29 -45.76
N ARG I 157 -7.52 18.34 -44.43
CA ARG I 157 -8.02 19.50 -43.67
C ARG I 157 -7.01 20.67 -43.71
N THR I 158 -5.71 20.38 -43.87
CA THR I 158 -4.68 21.40 -43.79
C THR I 158 -4.17 21.83 -45.18
N GLY I 159 -4.28 20.95 -46.17
CA GLY I 159 -3.61 21.15 -47.48
C GLY I 159 -2.16 20.67 -47.50
N GLN I 160 -1.61 20.17 -46.38
CA GLN I 160 -0.23 19.66 -46.37
C GLN I 160 -0.27 18.22 -46.93
N SER I 161 0.84 17.79 -47.54
CA SER I 161 0.96 16.42 -48.02
C SER I 161 1.01 15.44 -46.83
N ILE I 162 0.58 14.20 -47.11
CA ILE I 162 0.65 13.09 -46.20
C ILE I 162 2.09 12.88 -45.71
N GLU I 163 3.06 12.99 -46.62
CA GLU I 163 4.48 12.78 -46.32
C GLU I 163 4.94 13.82 -45.30
N LYS I 164 4.51 15.08 -45.48
CA LYS I 164 4.93 16.13 -44.57
C LYS I 164 4.26 15.92 -43.19
N ILE I 165 2.98 15.54 -43.17
CA ILE I 165 2.26 15.32 -41.91
C ILE I 165 2.99 14.22 -41.12
N GLN I 166 3.34 13.13 -41.80
CA GLN I 166 4.04 11.98 -41.22
C GLN I 166 5.32 12.44 -40.51
N LYS I 167 6.14 13.23 -41.22
CA LYS I 167 7.41 13.73 -40.69
C LYS I 167 7.17 14.69 -39.52
N ASP I 168 6.15 15.55 -39.61
CA ASP I 168 5.95 16.61 -38.63
C ASP I 168 5.27 16.10 -37.36
N THR I 169 4.73 14.87 -37.37
CA THR I 169 4.08 14.27 -36.22
C THR I 169 4.90 13.12 -35.64
N ASP I 170 6.12 12.93 -36.13
CA ASP I 170 6.95 11.80 -35.71
C ASP I 170 7.23 11.93 -34.22
N ARG I 171 7.49 13.16 -33.77
CA ARG I 171 7.63 13.51 -32.36
C ARG I 171 6.67 14.65 -32.01
N ASP I 172 6.54 14.93 -30.72
CA ASP I 172 5.75 16.03 -30.23
C ASP I 172 6.21 17.31 -30.94
N ASN I 173 5.24 18.00 -31.56
CA ASN I 173 5.47 19.19 -32.33
C ASN I 173 4.54 20.28 -31.81
N PHE I 174 5.10 21.23 -31.06
CA PHE I 174 4.37 22.33 -30.44
C PHE I 174 4.33 23.52 -31.41
N LEU I 175 3.13 24.05 -31.66
CA LEU I 175 2.93 25.19 -32.57
C LEU I 175 2.31 26.33 -31.77
N THR I 176 2.72 27.57 -32.08
CA THR I 176 1.97 28.77 -31.69
C THR I 176 0.69 28.82 -32.54
N ALA I 177 -0.25 29.68 -32.14
CA ALA I 177 -1.46 29.91 -32.88
C ALA I 177 -1.13 30.34 -34.32
N GLU I 178 -0.18 31.26 -34.45
CA GLU I 178 0.24 31.77 -35.76
C GLU I 178 0.83 30.65 -36.60
N GLU I 179 1.65 29.78 -35.99
CA GLU I 179 2.23 28.64 -36.71
C GLU I 179 1.12 27.65 -37.12
N ALA I 180 0.11 27.48 -36.27
CA ALA I 180 -0.99 26.57 -36.58
C ALA I 180 -1.77 27.09 -37.79
N LYS I 181 -1.90 28.41 -37.88
CA LYS I 181 -2.54 29.05 -39.03
C LYS I 181 -1.71 28.81 -40.30
N GLU I 182 -0.41 29.06 -40.23
CA GLU I 182 0.48 28.82 -41.36
C GLU I 182 0.43 27.35 -41.79
N TYR I 183 0.27 26.45 -40.82
CA TYR I 183 0.24 25.03 -41.12
C TYR I 183 -1.08 24.62 -41.83
N GLY I 184 -2.16 25.37 -41.59
CA GLY I 184 -3.48 25.02 -42.12
C GLY I 184 -4.38 24.31 -41.12
N LEU I 185 -3.99 24.25 -39.84
CA LEU I 185 -4.79 23.61 -38.78
C LEU I 185 -5.94 24.54 -38.35
N ILE I 186 -5.72 25.85 -38.43
CA ILE I 186 -6.72 26.88 -38.20
C ILE I 186 -6.69 27.88 -39.35
N ASP I 187 -7.73 28.72 -39.42
CA ASP I 187 -7.88 29.73 -40.49
C ASP I 187 -7.42 31.10 -40.01
N GLU I 188 -7.66 31.44 -38.73
CA GLU I 188 -7.36 32.76 -38.19
C GLU I 188 -6.92 32.65 -36.73
N VAL I 189 -6.00 33.55 -36.35
CA VAL I 189 -5.72 33.91 -34.99
C VAL I 189 -6.72 35.01 -34.60
N MET I 190 -7.48 34.75 -33.54
CA MET I 190 -8.43 35.71 -33.03
C MET I 190 -7.70 36.75 -32.17
N VAL I 191 -7.43 37.91 -32.76
CA VAL I 191 -6.64 39.00 -32.14
C VAL I 191 -7.59 39.94 -31.41
N PRO I 192 -7.17 40.54 -30.27
CA PRO I 192 -8.06 41.40 -29.48
C PRO I 192 -8.23 42.82 -30.05
N ILE J 4 -20.62 25.66 1.43
CA ILE J 4 -20.81 27.01 0.82
C ILE J 4 -22.19 27.49 1.23
N PRO J 5 -22.32 28.66 1.90
CA PRO J 5 -23.63 29.18 2.27
C PRO J 5 -24.47 29.59 1.05
N THR J 6 -25.77 29.65 1.29
CA THR J 6 -26.81 30.03 0.35
C THR J 6 -27.38 31.39 0.78
N VAL J 7 -27.75 32.23 -0.20
CA VAL J 7 -28.44 33.49 0.07
C VAL J 7 -29.76 33.49 -0.74
N ILE J 8 -30.80 34.09 -0.13
CA ILE J 8 -32.16 34.17 -0.72
C ILE J 8 -32.75 35.54 -0.36
N ARG J 16 -35.41 33.27 -5.28
CA ARG J 16 -34.15 32.87 -5.94
C ARG J 16 -33.10 32.51 -4.87
N ALA J 17 -32.53 31.31 -5.03
CA ALA J 17 -31.53 30.71 -4.13
C ALA J 17 -30.18 30.63 -4.86
N TYR J 18 -29.19 31.38 -4.36
CA TYR J 18 -27.82 31.39 -4.89
C TYR J 18 -26.84 30.87 -3.83
N ASP J 19 -25.92 29.97 -4.22
CA ASP J 19 -24.65 29.83 -3.50
C ASP J 19 -23.92 31.19 -3.53
N ILE J 20 -23.05 31.45 -2.56
CA ILE J 20 -22.51 32.81 -2.35
C ILE J 20 -21.71 33.25 -3.58
N TYR J 21 -21.00 32.33 -4.24
CA TYR J 21 -20.18 32.68 -5.43
C TYR J 21 -21.09 33.08 -6.61
N SER J 22 -22.17 32.34 -6.80
CA SER J 22 -23.16 32.67 -7.83
C SER J 22 -23.79 34.04 -7.55
N ARG J 23 -24.02 34.36 -6.27
CA ARG J 23 -24.60 35.65 -5.90
C ARG J 23 -23.60 36.76 -6.26
N LEU J 24 -22.30 36.53 -6.02
CA LEU J 24 -21.28 37.52 -6.41
C LEU J 24 -21.20 37.64 -7.94
N LEU J 25 -21.36 36.53 -8.65
CA LEU J 25 -21.27 36.56 -10.13
C LEU J 25 -22.39 37.44 -10.70
N LYS J 26 -23.53 37.48 -10.02
CA LYS J 26 -24.65 38.35 -10.42
C LYS J 26 -24.18 39.82 -10.43
N ASP J 27 -23.24 40.21 -9.56
CA ASP J 27 -22.69 41.58 -9.52
C ASP J 27 -21.34 41.66 -10.27
N ARG J 28 -21.07 40.70 -11.16
CA ARG J 28 -19.94 40.71 -12.10
C ARG J 28 -18.60 40.46 -11.38
N ILE J 29 -18.66 39.76 -10.24
CA ILE J 29 -17.46 39.39 -9.49
C ILE J 29 -17.17 37.91 -9.74
N ILE J 30 -15.94 37.63 -10.18
CA ILE J 30 -15.42 36.25 -10.36
C ILE J 30 -14.35 36.02 -9.27
N MET J 31 -14.46 34.90 -8.56
CA MET J 31 -13.50 34.52 -7.51
C MET J 31 -12.58 33.42 -8.05
N LEU J 32 -11.29 33.73 -8.18
CA LEU J 32 -10.24 32.74 -8.47
C LEU J 32 -9.53 32.48 -7.15
N GLY J 33 -9.97 31.45 -6.43
CA GLY J 33 -9.53 31.16 -5.09
C GLY J 33 -8.85 29.79 -4.95
N SER J 34 -8.17 29.34 -5.98
CA SER J 34 -7.59 28.01 -5.99
C SER J 34 -6.43 27.93 -6.97
N GLN J 35 -5.81 26.76 -7.01
CA GLN J 35 -4.87 26.36 -8.06
C GLN J 35 -5.55 26.56 -9.42
N ILE J 36 -4.77 26.95 -10.44
CA ILE J 36 -5.27 27.08 -11.79
C ILE J 36 -5.02 25.76 -12.53
N ASP J 37 -6.10 25.07 -12.86
CA ASP J 37 -6.07 23.90 -13.71
C ASP J 37 -7.12 24.11 -14.81
N ASP J 38 -7.27 23.10 -15.67
CA ASP J 38 -8.14 23.18 -16.83
C ASP J 38 -9.59 23.43 -16.40
N ASN J 39 -10.05 22.75 -15.34
CA ASN J 39 -11.44 22.90 -14.84
C ASN J 39 -11.70 24.33 -14.41
N VAL J 40 -10.79 24.89 -13.60
CA VAL J 40 -10.91 26.24 -13.09
C VAL J 40 -10.90 27.23 -14.25
N ALA J 41 -9.98 27.05 -15.21
CA ALA J 41 -9.88 27.95 -16.36
C ALA J 41 -11.16 27.90 -17.20
N ASN J 42 -11.71 26.69 -17.40
CA ASN J 42 -12.90 26.54 -18.19
C ASN J 42 -14.08 27.29 -17.55
N SER J 43 -14.18 27.23 -16.22
CA SER J 43 -15.20 27.91 -15.46
C SER J 43 -15.02 29.43 -15.58
N ILE J 44 -13.79 29.91 -15.39
CA ILE J 44 -13.51 31.35 -15.38
C ILE J 44 -13.77 31.90 -16.79
N VAL J 45 -13.27 31.22 -17.81
CA VAL J 45 -13.49 31.61 -19.21
C VAL J 45 -15.02 31.72 -19.46
N SER J 46 -15.77 30.70 -19.03
CA SER J 46 -17.21 30.67 -19.24
C SER J 46 -17.87 31.86 -18.54
N GLN J 47 -17.42 32.18 -17.33
CA GLN J 47 -17.95 33.29 -16.56
C GLN J 47 -17.66 34.60 -17.29
N LEU J 48 -16.45 34.76 -17.82
CA LEU J 48 -16.08 36.00 -18.50
C LEU J 48 -16.96 36.19 -19.73
N LEU J 49 -17.18 35.12 -20.50
CA LEU J 49 -17.97 35.18 -21.73
C LEU J 49 -19.43 35.50 -21.39
N PHE J 50 -19.97 34.85 -20.36
CA PHE J 50 -21.31 35.10 -19.88
C PHE J 50 -21.46 36.57 -19.51
N LEU J 51 -20.50 37.12 -18.75
CA LEU J 51 -20.63 38.48 -18.26
C LEU J 51 -20.57 39.48 -19.42
N GLN J 52 -19.73 39.22 -20.42
CA GLN J 52 -19.64 40.08 -21.59
C GLN J 52 -20.97 40.10 -22.36
N ALA J 53 -21.59 38.92 -22.50
CA ALA J 53 -22.85 38.75 -23.22
C ALA J 53 -23.99 39.49 -22.49
N GLN J 54 -23.96 39.47 -21.15
CA GLN J 54 -24.91 40.15 -20.29
C GLN J 54 -24.78 41.65 -20.45
N ASP J 55 -23.54 42.15 -20.49
CA ASP J 55 -23.29 43.58 -20.56
C ASP J 55 -21.85 43.80 -21.04
N SER J 56 -21.72 44.33 -22.25
CA SER J 56 -20.43 44.46 -22.94
C SER J 56 -19.63 45.67 -22.45
N GLU J 57 -20.23 46.51 -21.57
CA GLU J 57 -19.63 47.81 -21.23
C GLU J 57 -19.20 47.87 -19.76
N LYS J 58 -19.94 47.21 -18.84
CA LYS J 58 -19.64 47.27 -17.41
C LYS J 58 -18.41 46.43 -17.06
N ASP J 59 -17.60 46.97 -16.15
CA ASP J 59 -16.45 46.34 -15.58
C ASP J 59 -16.82 44.97 -14.99
N ILE J 60 -15.84 44.06 -15.06
CA ILE J 60 -15.80 42.79 -14.36
C ILE J 60 -14.72 42.89 -13.29
N TYR J 61 -14.92 42.21 -12.16
CA TYR J 61 -13.97 42.19 -11.08
C TYR J 61 -13.49 40.75 -10.85
N LEU J 62 -12.18 40.52 -11.05
CA LEU J 62 -11.56 39.22 -10.82
C LEU J 62 -10.71 39.30 -9.54
N TYR J 63 -11.18 38.63 -8.50
CA TYR J 63 -10.49 38.51 -7.21
C TYR J 63 -9.57 37.28 -7.30
N ILE J 64 -8.31 37.47 -6.93
CA ILE J 64 -7.28 36.43 -7.11
C ILE J 64 -6.66 36.12 -5.76
N ASN J 65 -6.82 34.87 -5.35
CA ASN J 65 -6.06 34.25 -4.26
C ASN J 65 -5.66 32.85 -4.74
N SER J 66 -4.45 32.72 -5.31
CA SER J 66 -4.09 31.55 -6.07
C SER J 66 -2.60 31.33 -6.03
N PRO J 67 -2.13 30.09 -5.82
CA PRO J 67 -0.70 29.77 -5.93
C PRO J 67 -0.25 29.53 -7.37
N GLY J 68 -1.14 29.72 -8.35
CA GLY J 68 -0.82 29.49 -9.73
C GLY J 68 -1.27 28.10 -10.18
N GLY J 69 -0.52 27.50 -11.12
CA GLY J 69 -0.86 26.22 -11.71
C GLY J 69 -0.48 26.17 -13.19
N SER J 70 -1.34 25.54 -13.99
CA SER J 70 -1.06 25.29 -15.38
C SER J 70 -0.90 26.59 -16.18
N VAL J 71 0.17 26.69 -16.95
CA VAL J 71 0.45 27.83 -17.77
C VAL J 71 -0.57 27.92 -18.91
N THR J 72 -0.91 26.81 -19.56
CA THR J 72 -1.86 26.83 -20.67
C THR J 72 -3.27 27.17 -20.15
N ALA J 73 -3.64 26.63 -19.00
CA ALA J 73 -4.92 26.99 -18.39
C ALA J 73 -4.94 28.50 -18.08
N GLY J 74 -3.82 28.99 -17.55
CA GLY J 74 -3.64 30.40 -17.27
C GLY J 74 -3.78 31.26 -18.51
N PHE J 75 -3.23 30.78 -19.65
CA PHE J 75 -3.32 31.56 -20.88
C PHE J 75 -4.74 31.52 -21.46
N ALA J 76 -5.52 30.48 -21.19
CA ALA J 76 -6.93 30.46 -21.58
C ALA J 76 -7.63 31.67 -20.93
N ILE J 77 -7.36 31.90 -19.64
CA ILE J 77 -7.97 33.00 -18.90
C ILE J 77 -7.41 34.33 -19.43
N TYR J 78 -6.07 34.41 -19.55
CA TYR J 78 -5.41 35.63 -19.99
C TYR J 78 -6.00 36.11 -21.33
N ASP J 79 -6.02 35.21 -22.32
CA ASP J 79 -6.46 35.58 -23.68
C ASP J 79 -7.94 35.98 -23.67
N THR J 80 -8.75 35.34 -22.82
CA THR J 80 -10.16 35.68 -22.72
C THR J 80 -10.30 37.10 -22.13
N ILE J 81 -9.51 37.42 -21.09
CA ILE J 81 -9.52 38.76 -20.52
C ILE J 81 -9.23 39.80 -21.62
N GLN J 82 -8.17 39.57 -22.41
CA GLN J 82 -7.77 40.58 -23.40
C GLN J 82 -8.80 40.64 -24.53
N HIS J 83 -9.48 39.53 -24.82
CA HIS J 83 -10.40 39.46 -25.96
C HIS J 83 -11.69 40.25 -25.71
N ILE J 84 -12.28 40.14 -24.51
CA ILE J 84 -13.62 40.66 -24.27
C ILE J 84 -13.58 42.19 -24.17
N LYS J 85 -14.74 42.82 -24.39
CA LYS J 85 -14.88 44.27 -24.46
C LYS J 85 -14.79 44.88 -23.05
N PRO J 86 -15.48 44.36 -22.03
CA PRO J 86 -15.40 44.97 -20.70
C PRO J 86 -13.97 44.95 -20.11
N ASP J 87 -13.63 46.00 -19.36
CA ASP J 87 -12.47 46.04 -18.54
C ASP J 87 -12.58 44.98 -17.42
N VAL J 88 -11.48 44.24 -17.18
CA VAL J 88 -11.42 43.31 -16.06
C VAL J 88 -10.46 43.89 -15.02
N GLN J 89 -11.02 44.28 -13.88
CA GLN J 89 -10.24 44.72 -12.73
C GLN J 89 -9.71 43.45 -12.03
N THR J 90 -8.47 43.53 -11.52
CA THR J 90 -7.89 42.42 -10.79
C THR J 90 -7.56 42.91 -9.38
N ILE J 91 -7.92 42.09 -8.39
CA ILE J 91 -7.69 42.38 -7.00
C ILE J 91 -7.06 41.15 -6.35
N CYS J 92 -5.82 41.30 -5.91
CA CYS J 92 -5.12 40.26 -5.18
C CYS J 92 -5.45 40.34 -3.69
N ILE J 93 -6.03 39.26 -3.16
CA ILE J 93 -6.22 39.07 -1.72
C ILE J 93 -5.42 37.81 -1.33
N GLY J 94 -4.69 37.87 -0.23
CA GLY J 94 -3.93 36.75 0.22
C GLY J 94 -2.63 36.56 -0.55
N MET J 95 -2.71 35.91 -1.70
CA MET J 95 -1.51 35.58 -2.47
C MET J 95 -1.87 35.45 -3.96
N ALA J 96 -1.01 35.98 -4.81
CA ALA J 96 -1.01 35.71 -6.24
C ALA J 96 0.41 35.29 -6.63
N ALA J 97 0.59 33.99 -6.87
CA ALA J 97 1.89 33.44 -7.18
C ALA J 97 1.86 32.80 -8.56
N SER J 98 3.02 32.89 -9.23
CA SER J 98 3.25 32.23 -10.48
C SER J 98 2.18 32.69 -11.48
N MET J 99 1.46 31.79 -12.10
CA MET J 99 0.49 32.16 -13.09
C MET J 99 -0.60 33.05 -12.46
N GLY J 100 -0.77 32.97 -11.14
CA GLY J 100 -1.68 33.86 -10.40
C GLY J 100 -1.24 35.32 -10.47
N SER J 101 0.07 35.56 -10.36
CA SER J 101 0.60 36.91 -10.42
C SER J 101 0.58 37.40 -11.88
N PHE J 102 0.72 36.47 -12.83
CA PHE J 102 0.64 36.82 -14.25
C PHE J 102 -0.77 37.36 -14.57
N LEU J 103 -1.81 36.69 -14.04
CA LEU J 103 -3.18 37.11 -14.26
C LEU J 103 -3.46 38.44 -13.54
N LEU J 104 -2.89 38.65 -12.36
CA LEU J 104 -3.06 39.87 -11.64
C LEU J 104 -2.57 41.04 -12.52
N ALA J 105 -1.39 40.87 -13.13
CA ALA J 105 -0.76 41.89 -13.97
C ALA J 105 -1.54 42.10 -15.27
N ALA J 106 -2.43 41.16 -15.64
CA ALA J 106 -3.14 41.15 -16.89
C ALA J 106 -4.43 41.99 -16.84
N GLY J 107 -4.81 42.48 -15.66
CA GLY J 107 -5.99 43.32 -15.51
C GLY J 107 -5.86 44.61 -16.28
N ALA J 108 -7.01 45.27 -16.51
CA ALA J 108 -7.06 46.56 -17.23
C ALA J 108 -6.12 47.55 -16.56
N LYS J 109 -5.33 48.27 -17.36
CA LYS J 109 -4.37 49.24 -16.85
C LYS J 109 -5.11 50.30 -16.04
N GLY J 110 -4.59 50.60 -14.85
CA GLY J 110 -5.23 51.48 -13.90
C GLY J 110 -6.15 50.77 -12.94
N LYS J 111 -6.46 49.49 -13.17
CA LYS J 111 -7.49 48.79 -12.39
C LYS J 111 -6.95 47.43 -11.86
N ARG J 112 -5.65 47.40 -11.56
CA ARG J 112 -5.01 46.26 -10.91
C ARG J 112 -4.65 46.66 -9.48
N PHE J 113 -5.17 45.90 -8.51
CA PHE J 113 -5.07 46.20 -7.11
C PHE J 113 -4.54 45.00 -6.31
N ALA J 114 -3.95 45.30 -5.15
CA ALA J 114 -3.67 44.30 -4.12
C ALA J 114 -4.06 44.90 -2.78
N LEU J 115 -4.59 44.06 -1.88
CA LEU J 115 -4.83 44.48 -0.51
C LEU J 115 -3.49 44.55 0.20
N PRO J 116 -3.35 45.33 1.29
CA PRO J 116 -2.03 45.73 1.80
C PRO J 116 -1.14 44.59 2.27
N ASN J 117 -1.73 43.50 2.76
CA ASN J 117 -0.95 42.39 3.31
C ASN J 117 -0.90 41.22 2.32
N ALA J 118 -1.42 41.42 1.11
CA ALA J 118 -1.38 40.42 0.06
C ALA J 118 0.06 40.22 -0.41
N GLU J 119 0.37 38.99 -0.81
CA GLU J 119 1.71 38.60 -1.31
C GLU J 119 1.61 38.34 -2.81
N VAL J 120 2.61 38.78 -3.55
CA VAL J 120 2.73 38.50 -4.96
C VAL J 120 4.07 37.80 -5.15
N MET J 121 4.08 36.70 -5.91
CA MET J 121 5.32 36.00 -6.17
C MET J 121 5.44 35.73 -7.66
N ILE J 122 6.63 35.99 -8.20
CA ILE J 122 6.95 35.75 -9.60
C ILE J 122 8.14 34.80 -9.64
N HIS J 123 8.18 33.96 -10.68
CA HIS J 123 9.24 32.98 -10.87
C HIS J 123 9.13 32.41 -12.30
N GLN J 124 10.10 31.59 -12.67
CA GLN J 124 10.10 30.95 -13.97
C GLN J 124 9.19 29.73 -13.95
N PRO J 125 8.67 29.32 -15.14
CA PRO J 125 7.84 28.13 -15.23
C PRO J 125 8.56 26.83 -14.85
N LEU J 126 7.77 25.88 -14.37
CA LEU J 126 8.20 24.57 -13.91
C LEU J 126 7.64 23.52 -14.88
N GLY J 127 8.37 22.42 -15.04
CA GLY J 127 7.90 21.31 -15.83
C GLY J 127 8.79 20.09 -15.66
N GLY J 128 8.66 19.18 -16.61
CA GLY J 128 9.24 17.86 -16.54
C GLY J 128 9.36 17.23 -17.93
N ALA J 129 10.33 16.34 -18.06
CA ALA J 129 10.61 15.64 -19.30
C ALA J 129 11.37 14.35 -18.99
N GLN J 130 10.96 13.27 -19.64
CA GLN J 130 11.47 11.93 -19.46
C GLN J 130 11.54 11.26 -20.83
N GLY J 131 12.62 10.51 -21.10
CA GLY J 131 12.69 9.70 -22.32
C GLY J 131 14.01 9.89 -23.07
N GLN J 132 13.92 9.83 -24.39
CA GLN J 132 15.08 9.92 -25.27
C GLN J 132 15.62 11.36 -25.25
N ALA J 133 16.92 11.49 -25.53
CA ALA J 133 17.60 12.76 -25.65
C ALA J 133 16.79 13.75 -26.48
N THR J 134 16.35 13.30 -27.66
CA THR J 134 15.60 14.12 -28.60
C THR J 134 14.29 14.62 -27.96
N GLU J 135 13.63 13.76 -27.17
CA GLU J 135 12.38 14.11 -26.52
C GLU J 135 12.65 15.18 -25.45
N ILE J 136 13.76 15.04 -24.72
CA ILE J 136 14.11 15.99 -23.69
C ILE J 136 14.42 17.35 -24.31
N GLU J 137 15.10 17.33 -25.47
CA GLU J 137 15.42 18.53 -26.21
C GLU J 137 14.13 19.27 -26.59
N ILE J 138 13.14 18.54 -27.13
CA ILE J 138 11.86 19.13 -27.56
C ILE J 138 11.16 19.78 -26.37
N ALA J 139 11.09 19.05 -25.23
CA ALA J 139 10.47 19.57 -24.02
C ALA J 139 11.22 20.81 -23.51
N ALA J 140 12.55 20.79 -23.55
CA ALA J 140 13.34 21.94 -23.07
C ALA J 140 13.05 23.17 -23.94
N ASN J 141 13.07 22.98 -25.27
CA ASN J 141 12.83 24.07 -26.21
C ASN J 141 11.43 24.66 -25.97
N HIS J 142 10.45 23.77 -25.70
CA HIS J 142 9.09 24.20 -25.48
C HIS J 142 8.98 25.07 -24.21
N ILE J 143 9.57 24.62 -23.09
CA ILE J 143 9.40 25.38 -21.87
C ILE J 143 10.22 26.69 -21.93
N LEU J 144 11.32 26.71 -22.66
CA LEU J 144 12.12 27.94 -22.84
C LEU J 144 11.34 28.96 -23.68
N LYS J 145 10.65 28.50 -24.73
CA LYS J 145 9.77 29.38 -25.51
C LYS J 145 8.61 29.90 -24.65
N THR J 146 8.02 29.03 -23.82
CA THR J 146 6.95 29.42 -22.95
C THR J 146 7.43 30.54 -22.02
N ARG J 147 8.65 30.38 -21.46
CA ARG J 147 9.18 31.38 -20.55
C ARG J 147 9.39 32.73 -21.26
N GLU J 148 9.94 32.70 -22.48
CA GLU J 148 10.15 33.92 -23.27
C GLU J 148 8.82 34.65 -23.48
N LYS J 149 7.77 33.90 -23.83
CA LYS J 149 6.44 34.45 -24.05
C LYS J 149 5.90 35.11 -22.77
N LEU J 150 6.00 34.43 -21.62
CA LEU J 150 5.54 34.99 -20.36
C LEU J 150 6.31 36.29 -20.03
N ASN J 151 7.62 36.24 -20.21
CA ASN J 151 8.50 37.36 -19.85
C ASN J 151 8.22 38.60 -20.71
N ARG J 152 8.03 38.37 -22.00
CA ARG J 152 7.72 39.43 -22.96
C ARG J 152 6.42 40.11 -22.53
N ILE J 153 5.37 39.33 -22.25
CA ILE J 153 4.09 39.92 -21.88
C ILE J 153 4.23 40.65 -20.54
N LEU J 154 4.97 40.06 -19.61
CA LEU J 154 5.14 40.69 -18.31
C LEU J 154 5.91 42.03 -18.44
N SER J 155 6.84 42.07 -19.40
CA SER J 155 7.57 43.30 -19.73
C SER J 155 6.58 44.38 -20.22
N GLU J 156 5.72 44.01 -21.16
CA GLU J 156 4.70 44.89 -21.72
C GLU J 156 3.77 45.37 -20.61
N ARG J 157 3.36 44.48 -19.67
CA ARG J 157 2.32 44.83 -18.69
C ARG J 157 2.91 45.66 -17.52
N THR J 158 4.22 45.53 -17.25
CA THR J 158 4.83 46.22 -16.10
C THR J 158 5.62 47.48 -16.51
N GLY J 159 6.10 47.53 -17.75
CA GLY J 159 7.07 48.55 -18.17
C GLY J 159 8.52 48.20 -17.84
N GLN J 160 8.79 47.05 -17.21
CA GLN J 160 10.18 46.62 -16.95
C GLN J 160 10.74 46.00 -18.22
N SER J 161 12.06 46.08 -18.38
CA SER J 161 12.74 45.41 -19.51
C SER J 161 12.64 43.89 -19.38
N ILE J 162 12.72 43.22 -20.54
CA ILE J 162 12.76 41.77 -20.62
C ILE J 162 13.95 41.23 -19.83
N GLU J 163 15.10 41.90 -19.90
CA GLU J 163 16.33 41.49 -19.20
C GLU J 163 16.10 41.51 -17.69
N LYS J 164 15.42 42.55 -17.21
CA LYS J 164 15.14 42.65 -15.77
C LYS J 164 14.13 41.57 -15.34
N ILE J 165 13.09 41.32 -16.14
CA ILE J 165 12.09 40.31 -15.80
C ILE J 165 12.79 38.94 -15.68
N GLN J 166 13.66 38.64 -16.66
CA GLN J 166 14.43 37.37 -16.70
C GLN J 166 15.22 37.18 -15.40
N LYS J 167 15.94 38.22 -14.98
CA LYS J 167 16.78 38.19 -13.77
C LYS J 167 15.88 38.03 -12.53
N ASP J 168 14.75 38.76 -12.49
CA ASP J 168 13.95 38.84 -11.30
C ASP J 168 13.06 37.59 -11.12
N THR J 169 12.94 36.73 -12.14
CA THR J 169 12.14 35.51 -12.07
C THR J 169 13.02 34.26 -12.08
N ASP J 170 14.34 34.43 -11.97
CA ASP J 170 15.27 33.30 -12.05
C ASP J 170 14.97 32.33 -10.91
N ARG J 171 14.69 32.88 -9.74
CA ARG J 171 14.24 32.12 -8.55
C ARG J 171 12.96 32.77 -8.03
N ASP J 172 12.31 32.10 -7.07
CA ASP J 172 11.15 32.61 -6.39
C ASP J 172 11.45 34.01 -5.85
N ASN J 173 10.61 34.97 -6.22
CA ASN J 173 10.75 36.35 -5.88
C ASN J 173 9.44 36.85 -5.26
N PHE J 174 9.44 37.02 -3.93
CA PHE J 174 8.26 37.43 -3.16
C PHE J 174 8.23 38.95 -3.05
N LEU J 175 7.09 39.56 -3.39
CA LEU J 175 6.88 41.01 -3.31
C LEU J 175 5.75 41.32 -2.36
N THR J 176 5.88 42.38 -1.55
CA THR J 176 4.76 43.00 -0.86
C THR J 176 3.85 43.70 -1.90
N ALA J 177 2.64 44.06 -1.48
CA ALA J 177 1.72 44.81 -2.33
C ALA J 177 2.38 46.10 -2.83
N GLU J 178 3.04 46.82 -1.90
CA GLU J 178 3.70 48.08 -2.21
C GLU J 178 4.83 47.85 -3.23
N GLU J 179 5.60 46.78 -3.05
CA GLU J 179 6.68 46.45 -3.99
C GLU J 179 6.09 46.07 -5.36
N ALA J 180 4.96 45.37 -5.36
CA ALA J 180 4.31 44.97 -6.62
C ALA J 180 3.87 46.20 -7.40
N LYS J 181 3.40 47.22 -6.67
CA LYS J 181 3.01 48.48 -7.29
C LYS J 181 4.24 49.17 -7.89
N GLU J 182 5.33 49.28 -7.12
CA GLU J 182 6.57 49.88 -7.61
C GLU J 182 7.07 49.13 -8.83
N TYR J 183 6.88 47.82 -8.86
CA TYR J 183 7.37 46.99 -9.97
C TYR J 183 6.53 47.20 -11.24
N GLY J 184 5.26 47.59 -11.08
CA GLY J 184 4.34 47.71 -12.22
C GLY J 184 3.42 46.50 -12.42
N LEU J 185 3.37 45.58 -11.45
CA LEU J 185 2.47 44.40 -11.51
C LEU J 185 1.03 44.80 -11.18
N ILE J 186 0.87 45.80 -10.31
CA ILE J 186 -0.42 46.40 -9.99
C ILE J 186 -0.29 47.92 -10.11
N ASP J 187 -1.44 48.60 -10.10
CA ASP J 187 -1.51 50.07 -10.20
C ASP J 187 -1.63 50.73 -8.82
N GLU J 188 -2.35 50.09 -7.90
CA GLU J 188 -2.62 50.67 -6.57
C GLU J 188 -2.67 49.58 -5.50
N VAL J 189 -2.23 49.95 -4.30
CA VAL J 189 -2.55 49.25 -3.07
C VAL J 189 -3.89 49.79 -2.58
N MET J 190 -4.85 48.89 -2.41
CA MET J 190 -6.18 49.22 -1.97
C MET J 190 -6.17 49.39 -0.44
N VAL J 191 -6.16 50.65 0.01
CA VAL J 191 -6.12 51.01 1.43
C VAL J 191 -7.56 51.12 1.96
N PRO J 192 -7.80 50.84 3.26
CA PRO J 192 -9.14 50.90 3.83
C PRO J 192 -9.66 52.32 4.13
N LEU K 3 -26.01 15.26 8.99
CA LEU K 3 -26.62 16.33 8.16
C LEU K 3 -26.45 17.68 8.87
N ILE K 4 -26.34 18.74 8.07
CA ILE K 4 -26.61 20.10 8.50
C ILE K 4 -28.12 20.33 8.40
N PRO K 5 -28.80 20.70 9.50
CA PRO K 5 -30.25 20.85 9.47
C PRO K 5 -30.69 22.06 8.63
N THR K 6 -31.95 22.00 8.21
CA THR K 6 -32.65 23.01 7.42
C THR K 6 -33.69 23.68 8.32
N VAL K 7 -33.91 24.99 8.11
CA VAL K 7 -34.96 25.73 8.82
C VAL K 7 -35.85 26.42 7.77
N TYR K 18 -33.50 27.39 4.34
CA TYR K 18 -32.10 27.69 4.62
C TYR K 18 -31.44 26.53 5.38
N ASP K 19 -30.24 26.11 4.96
CA ASP K 19 -29.32 25.42 5.90
C ASP K 19 -29.01 26.38 7.06
N ILE K 20 -28.64 25.84 8.22
CA ILE K 20 -28.58 26.64 9.46
C ILE K 20 -27.56 27.80 9.31
N TYR K 21 -26.45 27.56 8.62
CA TYR K 21 -25.40 28.58 8.45
C TYR K 21 -25.91 29.72 7.56
N SER K 22 -26.62 29.38 6.50
CA SER K 22 -27.23 30.37 5.61
C SER K 22 -28.27 31.20 6.38
N ARG K 23 -29.00 30.56 7.29
CA ARG K 23 -30.00 31.26 8.11
C ARG K 23 -29.29 32.26 9.01
N LEU K 24 -28.13 31.87 9.58
CA LEU K 24 -27.36 32.80 10.43
C LEU K 24 -26.79 33.94 9.56
N LEU K 25 -26.39 33.65 8.33
CA LEU K 25 -25.81 34.67 7.45
C LEU K 25 -26.85 35.76 7.17
N LYS K 26 -28.12 35.38 7.12
CA LYS K 26 -29.22 36.33 6.94
C LYS K 26 -29.20 37.38 8.07
N ASP K 27 -28.75 37.00 9.27
CA ASP K 27 -28.65 37.95 10.41
C ASP K 27 -27.20 38.47 10.57
N ARG K 28 -26.39 38.37 9.52
CA ARG K 28 -25.06 38.97 9.44
C ARG K 28 -24.05 38.22 10.34
N ILE K 29 -24.30 36.93 10.58
CA ILE K 29 -23.39 36.08 11.33
C ILE K 29 -22.63 35.18 10.35
N ILE K 30 -21.30 35.21 10.43
CA ILE K 30 -20.40 34.33 9.67
C ILE K 30 -19.74 33.35 10.64
N MET K 31 -19.77 32.04 10.31
CA MET K 31 -19.19 30.99 11.15
C MET K 31 -17.87 30.51 10.53
N LEU K 32 -16.76 30.76 11.24
CA LEU K 32 -15.46 30.19 10.89
C LEU K 32 -15.21 29.04 11.87
N GLY K 33 -15.58 27.83 11.45
CA GLY K 33 -15.60 26.66 12.29
C GLY K 33 -14.67 25.55 11.81
N SER K 34 -13.56 25.91 11.17
CA SER K 34 -12.67 24.91 10.59
C SER K 34 -11.27 25.48 10.43
N GLN K 35 -10.38 24.62 9.94
CA GLN K 35 -9.04 24.98 9.47
C GLN K 35 -9.21 26.10 8.42
N ILE K 36 -8.26 27.04 8.38
CA ILE K 36 -8.26 28.11 7.41
C ILE K 36 -7.42 27.67 6.21
N ASP K 37 -8.09 27.48 5.06
CA ASP K 37 -7.44 27.25 3.79
C ASP K 37 -8.04 28.22 2.79
N ASP K 38 -7.60 28.11 1.52
CA ASP K 38 -7.99 29.04 0.47
C ASP K 38 -9.51 28.98 0.25
N ASN K 39 -10.12 27.79 0.29
CA ASN K 39 -11.56 27.61 0.09
C ASN K 39 -12.35 28.34 1.18
N VAL K 40 -11.95 28.13 2.43
CA VAL K 40 -12.61 28.75 3.57
C VAL K 40 -12.47 30.28 3.49
N ALA K 41 -11.27 30.76 3.15
CA ALA K 41 -11.03 32.19 3.02
C ALA K 41 -11.90 32.79 1.91
N ASN K 42 -12.02 32.09 0.79
CA ASN K 42 -12.79 32.56 -0.35
C ASN K 42 -14.26 32.70 0.04
N SER K 43 -14.78 31.76 0.82
CA SER K 43 -16.14 31.77 1.29
C SER K 43 -16.35 32.95 2.27
N ILE K 44 -15.43 33.10 3.23
CA ILE K 44 -15.59 34.12 4.26
C ILE K 44 -15.50 35.50 3.62
N VAL K 45 -14.50 35.70 2.74
CA VAL K 45 -14.34 36.96 2.02
C VAL K 45 -15.64 37.28 1.26
N SER K 46 -16.18 36.29 0.55
CA SER K 46 -17.39 36.49 -0.25
C SER K 46 -18.57 36.89 0.66
N GLN K 47 -18.66 36.25 1.82
CA GLN K 47 -19.71 36.56 2.78
C GLN K 47 -19.56 38.00 3.29
N LEU K 48 -18.33 38.42 3.59
CA LEU K 48 -18.10 39.75 4.11
C LEU K 48 -18.51 40.80 3.06
N LEU K 49 -18.13 40.56 1.80
CA LEU K 49 -18.43 41.48 0.71
C LEU K 49 -19.95 41.56 0.47
N PHE K 50 -20.62 40.42 0.49
CA PHE K 50 -22.05 40.34 0.36
C PHE K 50 -22.73 41.15 1.46
N LEU K 51 -22.29 40.98 2.71
CA LEU K 51 -22.95 41.64 3.82
C LEU K 51 -22.76 43.16 3.75
N GLN K 52 -21.58 43.61 3.32
CA GLN K 52 -21.32 45.03 3.19
C GLN K 52 -22.24 45.64 2.11
N ALA K 53 -22.42 44.91 1.01
CA ALA K 53 -23.26 45.35 -0.13
C ALA K 53 -24.73 45.43 0.30
N GLN K 54 -25.17 44.52 1.16
CA GLN K 54 -26.53 44.52 1.69
C GLN K 54 -26.74 45.73 2.61
N ASP K 55 -25.74 46.03 3.44
CA ASP K 55 -25.85 47.12 4.42
C ASP K 55 -24.44 47.50 4.90
N SER K 56 -24.00 48.70 4.52
CA SER K 56 -22.63 49.17 4.73
C SER K 56 -22.43 49.69 6.17
N GLU K 57 -23.50 49.75 6.98
CA GLU K 57 -23.46 50.41 8.30
C GLU K 57 -23.64 49.41 9.45
N LYS K 58 -24.43 48.36 9.27
CA LYS K 58 -24.72 47.39 10.35
C LYS K 58 -23.51 46.47 10.61
N ASP K 59 -23.28 46.19 11.88
CA ASP K 59 -22.25 45.29 12.35
C ASP K 59 -22.43 43.90 11.71
N ILE K 60 -21.27 43.23 11.52
CA ILE K 60 -21.15 41.82 11.16
C ILE K 60 -20.57 41.08 12.38
N TYR K 61 -20.95 39.81 12.56
CA TYR K 61 -20.46 39.00 13.67
C TYR K 61 -19.73 37.77 13.09
N LEU K 62 -18.43 37.66 13.39
CA LEU K 62 -17.59 36.53 12.99
C LEU K 62 -17.31 35.63 14.21
N TYR K 63 -17.93 34.46 14.22
CA TYR K 63 -17.72 33.45 15.25
C TYR K 63 -16.52 32.58 14.83
N ILE K 64 -15.58 32.38 15.76
CA ILE K 64 -14.33 31.69 15.45
C ILE K 64 -14.15 30.49 16.36
N ASN K 65 -14.12 29.31 15.75
CA ASN K 65 -13.66 28.07 16.36
C ASN K 65 -12.75 27.37 15.33
N SER K 66 -11.44 27.59 15.44
CA SER K 66 -10.52 27.27 14.37
C SER K 66 -9.14 27.00 14.92
N PRO K 67 -8.45 25.93 14.47
CA PRO K 67 -7.06 25.69 14.81
C PRO K 67 -6.07 26.48 13.95
N GLY K 68 -6.57 27.33 13.07
CA GLY K 68 -5.72 28.12 12.21
C GLY K 68 -5.56 27.48 10.85
N GLY K 69 -4.42 27.74 10.21
CA GLY K 69 -4.12 27.22 8.86
C GLY K 69 -3.26 28.20 8.08
N SER K 70 -3.56 28.34 6.79
CA SER K 70 -2.77 29.11 5.85
C SER K 70 -2.74 30.59 6.27
N VAL K 71 -1.53 31.15 6.34
CA VAL K 71 -1.31 32.53 6.67
C VAL K 71 -1.83 33.44 5.55
N THR K 72 -1.59 33.10 4.30
CA THR K 72 -2.03 33.93 3.17
C THR K 72 -3.57 33.90 3.09
N ALA K 73 -4.17 32.74 3.30
CA ALA K 73 -5.62 32.64 3.34
C ALA K 73 -6.17 33.52 4.49
N GLY K 74 -5.51 33.45 5.62
CA GLY K 74 -5.82 34.27 6.78
C GLY K 74 -5.74 35.75 6.47
N PHE K 75 -4.73 36.15 5.69
CA PHE K 75 -4.58 37.57 5.35
C PHE K 75 -5.64 38.03 4.34
N ALA K 76 -6.15 37.12 3.50
CA ALA K 76 -7.27 37.45 2.64
C ALA K 76 -8.45 37.91 3.49
N ILE K 77 -8.73 37.17 4.58
CA ILE K 77 -9.82 37.48 5.47
C ILE K 77 -9.50 38.78 6.25
N TYR K 78 -8.29 38.86 6.80
CA TYR K 78 -7.88 39.99 7.61
C TYR K 78 -8.06 41.31 6.83
N ASP K 79 -7.48 41.36 5.61
CA ASP K 79 -7.50 42.58 4.82
C ASP K 79 -8.95 42.94 4.42
N THR K 80 -9.79 41.93 4.19
CA THR K 80 -11.18 42.18 3.84
C THR K 80 -11.91 42.80 5.05
N ILE K 81 -11.67 42.26 6.25
CA ILE K 81 -12.25 42.83 7.45
C ILE K 81 -11.90 44.32 7.56
N GLN K 82 -10.61 44.65 7.41
CA GLN K 82 -10.18 46.04 7.62
C GLN K 82 -10.71 46.93 6.47
N HIS K 83 -10.90 46.37 5.27
CA HIS K 83 -11.28 47.15 4.11
C HIS K 83 -12.75 47.62 4.20
N ILE K 84 -13.67 46.74 4.61
CA ILE K 84 -15.10 47.02 4.50
C ILE K 84 -15.51 48.04 5.56
N LYS K 85 -16.65 48.70 5.31
CA LYS K 85 -17.14 49.81 6.16
C LYS K 85 -17.70 49.27 7.47
N PRO K 86 -18.54 48.21 7.47
CA PRO K 86 -19.08 47.72 8.73
C PRO K 86 -18.01 47.24 9.72
N ASP K 87 -18.27 47.43 11.01
CA ASP K 87 -17.51 46.83 12.06
C ASP K 87 -17.75 45.30 12.02
N VAL K 88 -16.66 44.54 12.20
CA VAL K 88 -16.76 43.09 12.35
C VAL K 88 -16.41 42.72 13.78
N GLN K 89 -17.41 42.25 14.53
CA GLN K 89 -17.23 41.72 15.86
C GLN K 89 -16.66 40.31 15.73
N THR K 90 -15.75 39.93 16.64
CA THR K 90 -15.22 38.58 16.68
C THR K 90 -15.58 37.94 18.02
N ILE K 91 -16.03 36.69 17.96
CA ILE K 91 -16.36 35.90 19.13
C ILE K 91 -15.69 34.54 19.03
N CYS K 92 -14.76 34.28 19.95
CA CYS K 92 -14.10 32.98 20.04
C CYS K 92 -14.94 32.03 20.90
N ILE K 93 -15.37 30.92 20.29
CA ILE K 93 -16.00 29.79 20.97
C ILE K 93 -15.08 28.57 20.78
N GLY K 94 -14.84 27.83 21.85
CA GLY K 94 -14.01 26.64 21.76
C GLY K 94 -12.53 26.97 21.70
N MET K 95 -12.02 27.30 20.51
CA MET K 95 -10.58 27.52 20.34
C MET K 95 -10.34 28.48 19.17
N ALA K 96 -9.40 29.40 19.36
CA ALA K 96 -8.81 30.19 18.28
C ALA K 96 -7.30 30.07 18.39
N ALA K 97 -6.71 29.30 17.48
CA ALA K 97 -5.28 29.02 17.50
C ALA K 97 -4.64 29.55 16.22
N SER K 98 -3.40 30.00 16.36
CA SER K 98 -2.55 30.38 15.27
C SER K 98 -3.26 31.48 14.47
N MET K 99 -3.43 31.29 13.16
CA MET K 99 -4.04 32.33 12.37
C MET K 99 -5.47 32.60 12.84
N GLY K 100 -6.09 31.64 13.54
CA GLY K 100 -7.41 31.81 14.14
C GLY K 100 -7.39 32.88 15.24
N SER K 101 -6.32 32.89 16.06
CA SER K 101 -6.21 33.86 17.11
C SER K 101 -5.83 35.23 16.51
N PHE K 102 -5.12 35.23 15.39
CA PHE K 102 -4.79 36.48 14.69
C PHE K 102 -6.09 37.15 14.19
N LEU K 103 -7.01 36.37 13.63
CA LEU K 103 -8.28 36.89 13.14
C LEU K 103 -9.18 37.34 14.31
N LEU K 104 -9.13 36.63 15.44
CA LEU K 104 -9.88 37.04 16.61
C LEU K 104 -9.46 38.46 17.00
N ALA K 105 -8.14 38.70 17.02
CA ALA K 105 -7.57 39.98 17.42
C ALA K 105 -7.85 41.07 16.38
N ALA K 106 -8.27 40.69 15.17
CA ALA K 106 -8.49 41.60 14.06
C ALA K 106 -9.90 42.23 14.08
N GLY K 107 -10.77 41.79 14.97
CA GLY K 107 -12.10 42.35 15.09
C GLY K 107 -12.06 43.83 15.50
N ALA K 108 -13.18 44.54 15.28
CA ALA K 108 -13.31 45.96 15.63
C ALA K 108 -12.97 46.16 17.12
N LYS K 109 -12.18 47.19 17.40
CA LYS K 109 -11.71 47.45 18.78
C LYS K 109 -12.94 47.72 19.65
N GLY K 110 -12.98 47.06 20.82
CA GLY K 110 -14.10 47.07 21.72
C GLY K 110 -15.09 45.95 21.46
N LYS K 111 -14.95 45.22 20.34
CA LYS K 111 -15.96 44.24 19.94
C LYS K 111 -15.31 42.88 19.63
N ARG K 112 -14.24 42.55 20.36
CA ARG K 112 -13.60 41.24 20.31
C ARG K 112 -13.89 40.52 21.62
N PHE K 113 -14.51 39.34 21.52
CA PHE K 113 -14.99 38.59 22.66
C PHE K 113 -14.49 37.13 22.62
N ALA K 114 -14.42 36.51 23.81
CA ALA K 114 -14.26 35.07 23.95
C ALA K 114 -15.23 34.58 25.02
N LEU K 115 -15.78 33.40 24.83
CA LEU K 115 -16.60 32.75 25.84
C LEU K 115 -15.67 32.24 26.93
N PRO K 116 -16.17 32.05 28.18
CA PRO K 116 -15.29 31.90 29.35
C PRO K 116 -14.35 30.68 29.31
N ASN K 117 -14.75 29.60 28.64
CA ASN K 117 -13.94 28.38 28.62
C ASN K 117 -13.20 28.24 27.28
N ALA K 118 -13.29 29.25 26.42
CA ALA K 118 -12.62 29.25 25.12
C ALA K 118 -11.10 29.32 25.33
N GLU K 119 -10.37 28.69 24.41
CA GLU K 119 -8.90 28.64 24.44
C GLU K 119 -8.37 29.48 23.28
N VAL K 120 -7.34 30.27 23.55
CA VAL K 120 -6.66 31.03 22.55
C VAL K 120 -5.20 30.58 22.55
N MET K 121 -4.64 30.31 21.36
CA MET K 121 -3.25 29.89 21.30
C MET K 121 -2.53 30.73 20.23
N ILE K 122 -1.34 31.20 20.59
CA ILE K 122 -0.48 31.96 19.68
C ILE K 122 0.84 31.22 19.54
N HIS K 123 1.42 31.29 18.35
CA HIS K 123 2.70 30.64 18.05
C HIS K 123 3.25 31.22 16.74
N GLN K 124 4.47 30.86 16.40
CA GLN K 124 5.12 31.35 15.19
C GLN K 124 4.62 30.52 14.00
N PRO K 125 4.71 31.09 12.78
CA PRO K 125 4.33 30.36 11.59
C PRO K 125 5.21 29.13 11.31
N LEU K 126 4.58 28.14 10.66
CA LEU K 126 5.16 26.88 10.30
C LEU K 126 5.29 26.83 8.77
N GLY K 127 6.30 26.13 8.29
CA GLY K 127 6.46 25.93 6.87
C GLY K 127 7.53 24.91 6.54
N GLY K 128 8.09 25.09 5.35
CA GLY K 128 8.99 24.15 4.75
C GLY K 128 9.87 24.79 3.70
N ALA K 129 10.98 24.13 3.41
CA ALA K 129 11.90 24.47 2.36
C ALA K 129 12.71 23.21 2.02
N GLN K 130 12.90 22.98 0.72
CA GLN K 130 13.59 21.87 0.17
C GLN K 130 14.35 22.37 -1.07
N GLY K 131 15.59 21.91 -1.26
CA GLY K 131 16.31 22.06 -2.51
C GLY K 131 17.73 22.57 -2.30
N GLN K 132 18.17 23.46 -3.20
CA GLN K 132 19.48 24.05 -3.12
C GLN K 132 19.55 25.03 -1.94
N ALA K 133 20.76 25.24 -1.43
CA ALA K 133 21.02 26.20 -0.35
C ALA K 133 20.33 27.55 -0.63
N THR K 134 20.50 28.07 -1.83
CA THR K 134 19.93 29.34 -2.26
C THR K 134 18.39 29.33 -2.18
N GLU K 135 17.76 28.19 -2.51
CA GLU K 135 16.33 28.05 -2.46
C GLU K 135 15.87 28.04 -1.00
N ILE K 136 16.64 27.38 -0.15
CA ILE K 136 16.30 27.29 1.27
C ILE K 136 16.41 28.69 1.90
N GLU K 137 17.41 29.46 1.47
CA GLU K 137 17.64 30.81 1.92
C GLU K 137 16.41 31.67 1.59
N ILE K 138 15.93 31.57 0.33
CA ILE K 138 14.76 32.35 -0.12
C ILE K 138 13.53 32.01 0.72
N ALA K 139 13.27 30.71 0.91
CA ALA K 139 12.14 30.24 1.72
C ALA K 139 12.27 30.73 3.18
N ALA K 140 13.49 30.67 3.75
CA ALA K 140 13.69 31.11 5.11
C ALA K 140 13.41 32.61 5.26
N ASN K 141 13.95 33.40 4.33
CA ASN K 141 13.76 34.86 4.33
C ASN K 141 12.28 35.17 4.22
N HIS K 142 11.56 34.41 3.37
CA HIS K 142 10.14 34.65 3.18
C HIS K 142 9.36 34.39 4.48
N ILE K 143 9.60 33.26 5.15
CA ILE K 143 8.79 32.95 6.32
C ILE K 143 9.19 33.89 7.49
N LEU K 144 10.45 34.34 7.54
CA LEU K 144 10.87 35.30 8.57
C LEU K 144 10.19 36.67 8.35
N LYS K 145 10.10 37.11 7.10
CA LYS K 145 9.36 38.34 6.74
C LYS K 145 7.87 38.19 7.08
N THR K 146 7.29 37.03 6.80
CA THR K 146 5.91 36.77 7.12
C THR K 146 5.70 36.91 8.62
N ARG K 147 6.62 36.36 9.41
CA ARG K 147 6.50 36.42 10.87
C ARG K 147 6.61 37.89 11.36
N GLU K 148 7.55 38.65 10.81
CA GLU K 148 7.69 40.10 11.13
C GLU K 148 6.36 40.85 10.87
N LYS K 149 5.75 40.57 9.73
CA LYS K 149 4.47 41.19 9.35
C LYS K 149 3.37 40.83 10.35
N LEU K 150 3.25 39.54 10.70
CA LEU K 150 2.25 39.09 11.68
C LEU K 150 2.49 39.78 13.03
N ASN K 151 3.76 39.82 13.47
CA ASN K 151 4.11 40.33 14.79
C ASN K 151 3.79 41.84 14.87
N ARG K 152 4.14 42.58 13.80
CA ARG K 152 3.89 44.00 13.71
C ARG K 152 2.39 44.28 13.87
N ILE K 153 1.56 43.57 13.10
CA ILE K 153 0.12 43.81 13.13
C ILE K 153 -0.41 43.40 14.51
N LEU K 154 0.06 42.29 15.04
CA LEU K 154 -0.43 41.84 16.34
C LEU K 154 -0.02 42.84 17.43
N SER K 155 1.13 43.49 17.27
CA SER K 155 1.57 44.54 18.17
C SER K 155 0.58 45.72 18.15
N GLU K 156 0.23 46.17 16.94
CA GLU K 156 -0.74 47.24 16.75
C GLU K 156 -2.10 46.84 17.34
N ARG K 157 -2.53 45.57 17.19
CA ARG K 157 -3.89 45.19 17.58
C ARG K 157 -3.99 44.94 19.10
N THR K 158 -2.89 44.57 19.75
CA THR K 158 -2.92 44.17 21.17
C THR K 158 -2.37 45.28 22.07
N GLY K 159 -1.51 46.15 21.56
CA GLY K 159 -0.73 47.08 22.41
C GLY K 159 0.55 46.47 22.98
N GLN K 160 0.84 45.21 22.69
CA GLN K 160 2.11 44.58 23.16
C GLN K 160 3.22 44.96 22.21
N SER K 161 4.45 45.01 22.72
CA SER K 161 5.61 45.27 21.86
C SER K 161 5.84 44.09 20.89
N ILE K 162 6.48 44.38 19.77
CA ILE K 162 6.95 43.40 18.80
C ILE K 162 7.88 42.40 19.49
N GLU K 163 8.77 42.88 20.36
CA GLU K 163 9.76 42.04 21.06
C GLU K 163 9.01 41.05 21.96
N LYS K 164 7.95 41.50 22.63
CA LYS K 164 7.20 40.62 23.52
C LYS K 164 6.43 39.58 22.69
N ILE K 165 5.83 39.99 21.56
CA ILE K 165 5.07 39.05 20.72
C ILE K 165 6.04 37.96 20.24
N GLN K 166 7.23 38.35 19.79
CA GLN K 166 8.28 37.46 19.30
C GLN K 166 8.60 36.38 20.36
N LYS K 167 8.83 36.81 21.60
CA LYS K 167 9.20 35.92 22.69
C LYS K 167 8.01 35.01 23.04
N ASP K 168 6.79 35.56 23.04
CA ASP K 168 5.64 34.83 23.53
C ASP K 168 5.12 33.82 22.48
N THR K 169 5.57 33.93 21.23
CA THR K 169 5.13 33.04 20.16
C THR K 169 6.24 32.07 19.73
N ASP K 170 7.36 32.05 20.45
CA ASP K 170 8.49 31.23 20.09
C ASP K 170 8.07 29.75 20.10
N ARG K 171 7.27 29.38 21.10
CA ARG K 171 6.63 28.09 21.23
C ARG K 171 5.11 28.27 21.40
N ASP K 172 4.37 27.19 21.27
CA ASP K 172 2.94 27.18 21.49
C ASP K 172 2.65 27.79 22.87
N ASN K 173 1.79 28.82 22.87
CA ASN K 173 1.43 29.56 24.04
C ASN K 173 -0.10 29.58 24.18
N PHE K 174 -0.62 28.79 25.11
CA PHE K 174 -2.06 28.63 25.35
C PHE K 174 -2.51 29.65 26.40
N LEU K 175 -3.57 30.40 26.09
CA LEU K 175 -4.15 31.41 26.97
C LEU K 175 -5.60 31.03 27.29
N THR K 176 -6.01 31.27 28.53
CA THR K 176 -7.44 31.33 28.89
C THR K 176 -8.08 32.58 28.28
N ALA K 177 -9.41 32.63 28.28
CA ALA K 177 -10.14 33.80 27.79
C ALA K 177 -9.69 35.05 28.57
N GLU K 178 -9.59 34.90 29.90
CA GLU K 178 -9.21 36.00 30.77
C GLU K 178 -7.78 36.46 30.44
N GLU K 179 -6.87 35.52 30.20
CA GLU K 179 -5.50 35.86 29.84
C GLU K 179 -5.46 36.53 28.46
N ALA K 180 -6.34 36.09 27.53
CA ALA K 180 -6.38 36.69 26.20
C ALA K 180 -6.82 38.16 26.30
N LYS K 181 -7.74 38.44 27.23
CA LYS K 181 -8.19 39.80 27.48
C LYS K 181 -7.04 40.64 28.04
N GLU K 182 -6.34 40.12 29.06
CA GLU K 182 -5.19 40.81 29.64
C GLU K 182 -4.12 41.06 28.57
N TYR K 183 -3.98 40.14 27.61
CA TYR K 183 -2.96 40.25 26.58
C TYR K 183 -3.33 41.31 25.55
N GLY K 184 -4.63 41.61 25.39
CA GLY K 184 -5.10 42.56 24.39
C GLY K 184 -5.56 41.89 23.07
N LEU K 185 -5.72 40.56 23.07
CA LEU K 185 -6.22 39.81 21.91
C LEU K 185 -7.75 39.99 21.78
N ILE K 186 -8.42 40.11 22.92
CA ILE K 186 -9.86 40.39 22.99
C ILE K 186 -10.09 41.56 23.94
N ASP K 187 -11.30 42.12 23.89
CA ASP K 187 -11.68 43.25 24.74
C ASP K 187 -12.44 42.79 26.00
N GLU K 188 -13.27 41.75 25.85
CA GLU K 188 -14.12 41.26 26.93
C GLU K 188 -14.27 39.73 26.89
N VAL K 189 -14.37 39.15 28.09
CA VAL K 189 -14.88 37.82 28.28
C VAL K 189 -16.42 37.92 28.38
N MET K 190 -17.10 37.22 27.48
CA MET K 190 -18.54 37.27 27.38
C MET K 190 -19.13 36.32 28.43
N VAL K 191 -19.61 36.90 29.53
CA VAL K 191 -20.14 36.16 30.68
C VAL K 191 -21.64 35.95 30.48
N PRO K 192 -22.22 34.82 30.98
CA PRO K 192 -23.64 34.54 30.82
C PRO K 192 -24.57 35.33 31.78
N GLU K 193 -25.71 35.82 31.26
CA GLU K 193 -26.90 36.24 32.06
C GLU K 193 -27.56 35.04 32.75
N LEU L 3 -30.17 6.54 3.85
CA LEU L 3 -30.89 7.84 3.60
C LEU L 3 -31.61 8.29 4.86
N ILE L 4 -31.60 9.60 5.09
CA ILE L 4 -32.38 10.25 6.13
C ILE L 4 -33.78 10.50 5.56
N PRO L 5 -34.85 9.99 6.19
CA PRO L 5 -36.19 10.17 5.65
C PRO L 5 -36.68 11.63 5.74
N THR L 6 -37.68 11.92 4.92
CA THR L 6 -38.31 13.22 4.76
C THR L 6 -39.73 13.11 5.31
N VAL L 7 -40.24 14.20 5.90
CA VAL L 7 -41.62 14.29 6.37
C VAL L 7 -42.27 15.54 5.72
N ILE L 8 -43.58 15.43 5.43
CA ILE L 8 -44.40 16.53 4.87
C ILE L 8 -45.80 16.44 5.48
N TYR L 18 -39.34 18.58 5.21
CA TYR L 18 -38.24 18.53 6.19
C TYR L 18 -37.57 17.15 6.20
N ASP L 19 -36.24 17.09 6.20
CA ASP L 19 -35.53 15.91 6.75
C ASP L 19 -35.92 15.78 8.24
N ILE L 20 -35.83 14.56 8.78
CA ILE L 20 -36.43 14.26 10.10
C ILE L 20 -35.78 15.13 11.19
N TYR L 21 -34.48 15.41 11.09
CA TYR L 21 -33.77 16.19 12.10
C TYR L 21 -34.24 17.66 12.07
N SER L 22 -34.42 18.19 10.86
CA SER L 22 -34.93 19.55 10.71
C SER L 22 -36.36 19.65 11.27
N ARG L 23 -37.16 18.59 11.10
CA ARG L 23 -38.52 18.56 11.63
C ARG L 23 -38.46 18.61 13.17
N LEU L 24 -37.52 17.87 13.77
CA LEU L 24 -37.36 17.90 15.23
C LEU L 24 -36.87 19.29 15.70
N LEU L 25 -35.99 19.92 14.90
CA LEU L 25 -35.46 21.22 15.29
C LEU L 25 -36.59 22.26 15.36
N LYS L 26 -37.61 22.09 14.52
CA LYS L 26 -38.79 22.96 14.54
C LYS L 26 -39.47 22.91 15.92
N ASP L 27 -39.39 21.77 16.63
CA ASP L 27 -39.94 21.64 17.99
C ASP L 27 -38.86 21.83 19.07
N ARG L 28 -37.74 22.46 18.71
CA ARG L 28 -36.68 22.87 19.65
C ARG L 28 -35.89 21.65 20.18
N ILE L 29 -35.84 20.58 19.38
CA ILE L 29 -35.05 19.40 19.71
C ILE L 29 -33.77 19.41 18.86
N ILE L 30 -32.62 19.31 19.54
CA ILE L 30 -31.29 19.15 18.89
C ILE L 30 -30.78 17.73 19.17
N MET L 31 -30.32 17.04 18.12
CA MET L 31 -29.79 15.66 18.26
C MET L 31 -28.25 15.70 18.16
N LEU L 32 -27.58 15.33 19.24
CA LEU L 32 -26.13 15.09 19.24
C LEU L 32 -25.94 13.59 19.25
N GLY L 33 -25.79 13.02 18.05
CA GLY L 33 -25.72 11.57 17.86
C GLY L 33 -24.41 11.10 17.24
N SER L 34 -23.30 11.77 17.57
CA SER L 34 -22.02 11.37 16.99
C SER L 34 -20.87 11.82 17.88
N GLN L 35 -19.65 11.50 17.43
CA GLN L 35 -18.41 12.06 17.96
C GLN L 35 -18.52 13.59 17.94
N ILE L 36 -17.92 14.25 18.93
CA ILE L 36 -17.89 15.70 19.00
C ILE L 36 -16.59 16.18 18.32
N ASP L 37 -16.76 16.87 17.19
CA ASP L 37 -15.65 17.54 16.51
C ASP L 37 -16.13 18.96 16.22
N ASP L 38 -15.26 19.74 15.55
CA ASP L 38 -15.50 21.14 15.29
C ASP L 38 -16.78 21.32 14.45
N ASN L 39 -16.98 20.46 13.43
CA ASN L 39 -18.14 20.53 12.54
C ASN L 39 -19.44 20.36 13.33
N VAL L 40 -19.47 19.32 14.17
CA VAL L 40 -20.64 19.00 14.98
C VAL L 40 -20.92 20.15 15.95
N ALA L 41 -19.87 20.66 16.60
CA ALA L 41 -20.02 21.77 17.55
C ALA L 41 -20.57 23.02 16.86
N ASN L 42 -20.07 23.30 15.66
CA ASN L 42 -20.48 24.48 14.92
C ASN L 42 -21.97 24.40 14.59
N SER L 43 -22.44 23.21 14.22
CA SER L 43 -23.83 22.96 13.91
C SER L 43 -24.70 23.12 15.17
N ILE L 44 -24.27 22.52 16.29
CA ILE L 44 -25.05 22.53 17.53
C ILE L 44 -25.13 23.97 18.03
N VAL L 45 -24.00 24.66 18.05
CA VAL L 45 -23.95 26.06 18.49
C VAL L 45 -24.93 26.89 17.64
N SER L 46 -24.89 26.70 16.32
CA SER L 46 -25.74 27.45 15.41
C SER L 46 -27.22 27.17 15.71
N GLN L 47 -27.55 25.91 15.99
CA GLN L 47 -28.91 25.51 16.32
C GLN L 47 -29.36 26.18 17.62
N LEU L 48 -28.48 26.22 18.62
CA LEU L 48 -28.82 26.81 19.91
C LEU L 48 -29.10 28.30 19.74
N LEU L 49 -28.27 28.99 18.95
CA LEU L 49 -28.41 30.42 18.72
C LEU L 49 -29.69 30.73 17.96
N PHE L 50 -29.98 29.91 16.93
CA PHE L 50 -31.20 30.03 16.17
C PHE L 50 -32.43 29.88 17.08
N LEU L 51 -32.42 28.87 17.95
CA LEU L 51 -33.58 28.60 18.79
C LEU L 51 -33.80 29.73 19.80
N GLN L 52 -32.71 30.29 20.34
CA GLN L 52 -32.82 31.40 21.29
C GLN L 52 -33.44 32.62 20.59
N ALA L 53 -33.02 32.88 19.34
CA ALA L 53 -33.48 34.02 18.55
C ALA L 53 -34.98 33.87 18.23
N GLN L 54 -35.42 32.63 17.98
CA GLN L 54 -36.83 32.35 17.71
C GLN L 54 -37.67 32.58 18.97
N ASP L 55 -37.15 32.16 20.13
CA ASP L 55 -37.89 32.25 21.38
C ASP L 55 -36.89 32.12 22.55
N SER L 56 -36.70 33.21 23.29
CA SER L 56 -35.70 33.32 24.33
C SER L 56 -36.17 32.68 25.65
N GLU L 57 -37.41 32.21 25.71
CA GLU L 57 -38.04 31.75 26.98
C GLU L 57 -38.31 30.25 26.98
N LYS L 58 -38.66 29.66 25.83
CA LYS L 58 -39.05 28.24 25.76
C LYS L 58 -37.81 27.33 25.87
N ASP L 59 -37.97 26.22 26.58
CA ASP L 59 -36.95 25.22 26.75
C ASP L 59 -36.48 24.68 25.39
N ILE L 60 -35.20 24.28 25.36
CA ILE L 60 -34.57 23.51 24.30
C ILE L 60 -34.28 22.11 24.85
N TYR L 61 -34.32 21.10 23.98
CA TYR L 61 -34.04 19.72 24.36
C TYR L 61 -32.85 19.22 23.55
N LEU L 62 -31.75 18.88 24.25
CA LEU L 62 -30.55 18.30 23.64
C LEU L 62 -30.48 16.81 23.98
N TYR L 63 -30.69 15.98 22.95
CA TYR L 63 -30.58 14.52 23.07
C TYR L 63 -29.12 14.15 22.80
N ILE L 64 -28.53 13.33 23.67
CA ILE L 64 -27.10 13.02 23.60
C ILE L 64 -26.92 11.51 23.50
N ASN L 65 -26.33 11.08 22.38
CA ASN L 65 -25.77 9.74 22.19
C ASN L 65 -24.41 9.92 21.52
N SER L 66 -23.34 9.94 22.32
CA SER L 66 -22.05 10.40 21.86
C SER L 66 -20.95 9.76 22.67
N PRO L 67 -19.87 9.27 22.00
CA PRO L 67 -18.68 8.79 22.71
C PRO L 67 -17.72 9.91 23.11
N GLY L 68 -18.09 11.16 22.87
CA GLY L 68 -17.24 12.28 23.19
C GLY L 68 -16.45 12.74 21.98
N GLY L 69 -15.23 13.27 22.21
CA GLY L 69 -14.42 13.85 21.16
C GLY L 69 -13.63 15.06 21.66
N SER L 70 -13.52 16.07 20.80
CA SER L 70 -12.70 17.24 21.07
C SER L 70 -13.23 18.00 22.30
N VAL L 71 -12.31 18.30 23.23
CA VAL L 71 -12.63 19.04 24.41
C VAL L 71 -12.99 20.49 24.07
N THR L 72 -12.24 21.13 23.16
CA THR L 72 -12.49 22.51 22.79
C THR L 72 -13.83 22.61 22.03
N ALA L 73 -14.11 21.65 21.15
CA ALA L 73 -15.40 21.62 20.46
C ALA L 73 -16.53 21.48 21.50
N GLY L 74 -16.30 20.60 22.48
CA GLY L 74 -17.23 20.41 23.57
C GLY L 74 -17.46 21.69 24.35
N PHE L 75 -16.40 22.45 24.58
CA PHE L 75 -16.55 23.71 25.34
C PHE L 75 -17.27 24.79 24.51
N ALA L 76 -17.17 24.74 23.18
CA ALA L 76 -17.96 25.64 22.34
C ALA L 76 -19.45 25.42 22.63
N ILE L 77 -19.87 24.16 22.72
CA ILE L 77 -21.25 23.81 23.01
C ILE L 77 -21.60 24.19 24.45
N TYR L 78 -20.73 23.81 25.39
CA TYR L 78 -20.95 24.06 26.81
C TYR L 78 -21.20 25.54 27.06
N ASP L 79 -20.28 26.40 26.58
CA ASP L 79 -20.35 27.83 26.85
C ASP L 79 -21.59 28.44 26.19
N THR L 80 -21.99 27.91 25.02
CA THR L 80 -23.18 28.39 24.35
C THR L 80 -24.43 28.04 25.18
N ILE L 81 -24.48 26.82 25.71
CA ILE L 81 -25.59 26.42 26.57
C ILE L 81 -25.70 27.40 27.75
N GLN L 82 -24.59 27.70 28.43
CA GLN L 82 -24.66 28.52 29.62
C GLN L 82 -24.97 29.97 29.25
N HIS L 83 -24.58 30.42 28.05
CA HIS L 83 -24.75 31.80 27.65
C HIS L 83 -26.23 32.14 27.35
N ILE L 84 -26.95 31.27 26.64
CA ILE L 84 -28.27 31.59 26.11
C ILE L 84 -29.30 31.61 27.26
N LYS L 85 -30.41 32.32 27.03
CA LYS L 85 -31.45 32.54 28.04
C LYS L 85 -32.26 31.27 28.27
N PRO L 86 -32.72 30.55 27.23
CA PRO L 86 -33.51 29.35 27.46
C PRO L 86 -32.77 28.26 28.25
N ASP L 87 -33.51 27.52 29.07
CA ASP L 87 -33.06 26.31 29.68
C ASP L 87 -32.83 25.26 28.57
N VAL L 88 -31.71 24.54 28.67
CA VAL L 88 -31.42 23.40 27.80
C VAL L 88 -31.51 22.14 28.64
N GLN L 89 -32.54 21.33 28.35
CA GLN L 89 -32.69 20.01 28.94
C GLN L 89 -31.72 19.07 28.21
N THR L 90 -31.12 18.13 28.94
CA THR L 90 -30.27 17.11 28.35
C THR L 90 -30.86 15.75 28.64
N ILE L 91 -30.90 14.92 27.60
CA ILE L 91 -31.40 13.56 27.69
C ILE L 91 -30.36 12.61 27.07
N CYS L 92 -29.79 11.74 27.88
CA CYS L 92 -28.86 10.72 27.42
C CYS L 92 -29.65 9.49 26.97
N ILE L 93 -29.50 9.13 25.69
CA ILE L 93 -29.99 7.88 25.13
C ILE L 93 -28.77 7.09 24.65
N GLY L 94 -28.70 5.80 24.96
CA GLY L 94 -27.58 4.99 24.49
C GLY L 94 -26.35 5.20 25.34
N MET L 95 -25.56 6.24 25.04
CA MET L 95 -24.29 6.45 25.73
C MET L 95 -23.93 7.94 25.72
N ALA L 96 -23.41 8.41 26.85
CA ALA L 96 -22.73 9.69 26.94
C ALA L 96 -21.39 9.44 27.62
N ALA L 97 -20.31 9.48 26.82
CA ALA L 97 -18.98 9.21 27.32
C ALA L 97 -18.09 10.44 27.13
N SER L 98 -17.17 10.61 28.08
CA SER L 98 -16.15 11.61 28.01
C SER L 98 -16.82 12.98 27.87
N MET L 99 -16.47 13.76 26.83
CA MET L 99 -17.01 15.07 26.69
C MET L 99 -18.54 15.00 26.52
N GLY L 100 -19.05 13.85 26.08
CA GLY L 100 -20.49 13.60 26.00
C GLY L 100 -21.16 13.62 27.36
N SER L 101 -20.51 13.03 28.35
CA SER L 101 -21.06 13.01 29.70
C SER L 101 -20.91 14.40 30.35
N PHE L 102 -19.86 15.14 29.96
CA PHE L 102 -19.68 16.50 30.44
C PHE L 102 -20.86 17.38 29.98
N LEU L 103 -21.25 17.24 28.71
CA LEU L 103 -22.36 18.02 28.18
C LEU L 103 -23.70 17.58 28.81
N LEU L 104 -23.86 16.29 29.08
CA LEU L 104 -25.05 15.81 29.76
C LEU L 104 -25.22 16.54 31.10
N ALA L 105 -24.13 16.64 31.85
CA ALA L 105 -24.10 17.27 33.17
C ALA L 105 -24.31 18.78 33.08
N ALA L 106 -24.15 19.36 31.88
CA ALA L 106 -24.20 20.80 31.64
C ALA L 106 -25.62 21.31 31.44
N GLY L 107 -26.61 20.40 31.33
CA GLY L 107 -28.00 20.80 31.16
C GLY L 107 -28.51 21.58 32.37
N ALA L 108 -29.63 22.30 32.17
CA ALA L 108 -30.29 23.08 33.24
C ALA L 108 -30.55 22.17 34.46
N LYS L 109 -30.22 22.66 35.64
CA LYS L 109 -30.39 21.89 36.88
C LYS L 109 -31.87 21.53 37.04
N GLY L 110 -32.14 20.26 37.34
CA GLY L 110 -33.46 19.69 37.41
C GLY L 110 -33.94 19.11 36.09
N LYS L 111 -33.21 19.35 34.99
CA LYS L 111 -33.69 18.96 33.66
C LYS L 111 -32.62 18.16 32.89
N ARG L 112 -31.83 17.37 33.62
CA ARG L 112 -30.86 16.45 33.07
C ARG L 112 -31.36 15.02 33.30
N PHE L 113 -31.54 14.27 32.21
CA PHE L 113 -32.16 12.96 32.23
C PHE L 113 -31.29 11.92 31.52
N ALA L 114 -31.47 10.66 31.89
CA ALA L 114 -30.97 9.53 31.12
C ALA L 114 -32.09 8.49 31.05
N LEU L 115 -32.19 7.80 29.91
CA LEU L 115 -33.08 6.67 29.78
C LEU L 115 -32.48 5.50 30.54
N PRO L 116 -33.29 4.50 30.97
CA PRO L 116 -32.87 3.54 32.00
C PRO L 116 -31.65 2.68 31.64
N ASN L 117 -31.46 2.39 30.35
CA ASN L 117 -30.41 1.49 29.91
C ASN L 117 -29.26 2.28 29.29
N ALA L 118 -29.30 3.61 29.39
CA ALA L 118 -28.25 4.48 28.91
C ALA L 118 -26.98 4.26 29.75
N GLU L 119 -25.83 4.41 29.10
CA GLU L 119 -24.52 4.32 29.75
C GLU L 119 -23.90 5.72 29.82
N VAL L 120 -23.29 6.03 30.95
CA VAL L 120 -22.55 7.24 31.13
C VAL L 120 -21.12 6.83 31.50
N MET L 121 -20.12 7.44 30.85
CA MET L 121 -18.74 7.14 31.20
C MET L 121 -17.98 8.45 31.39
N ILE L 122 -17.18 8.48 32.47
CA ILE L 122 -16.31 9.61 32.78
C ILE L 122 -14.88 9.08 32.85
N HIS L 123 -13.94 9.93 32.45
CA HIS L 123 -12.51 9.61 32.44
C HIS L 123 -11.72 10.89 32.23
N GLN L 124 -10.39 10.78 32.32
CA GLN L 124 -9.52 11.94 32.13
C GLN L 124 -9.32 12.16 30.63
N PRO L 125 -8.99 13.40 30.22
CA PRO L 125 -8.75 13.71 28.82
C PRO L 125 -7.55 12.97 28.23
N LEU L 126 -7.63 12.74 26.92
CA LEU L 126 -6.62 12.03 26.13
C LEU L 126 -5.94 13.02 25.19
N GLY L 127 -4.67 12.77 24.88
CA GLY L 127 -3.96 13.55 23.90
C GLY L 127 -2.60 12.94 23.57
N GLY L 128 -1.67 13.80 23.15
CA GLY L 128 -0.44 13.36 22.58
C GLY L 128 0.52 14.51 22.38
N ALA L 129 1.80 14.18 22.26
CA ALA L 129 2.88 15.12 22.14
C ALA L 129 4.10 14.38 21.58
N GLN L 130 4.76 15.04 20.62
CA GLN L 130 5.94 14.54 19.95
C GLN L 130 6.91 15.72 19.76
N GLY L 131 8.21 15.48 20.00
CA GLY L 131 9.22 16.49 19.70
C GLY L 131 10.20 16.68 20.86
N GLN L 132 10.65 17.92 21.01
CA GLN L 132 11.64 18.28 22.00
C GLN L 132 11.05 18.18 23.42
N ALA L 133 11.91 17.95 24.39
CA ALA L 133 11.53 17.92 25.81
C ALA L 133 10.63 19.11 26.18
N THR L 134 11.06 20.31 25.78
CA THR L 134 10.35 21.55 26.05
C THR L 134 8.93 21.54 25.43
N GLU L 135 8.79 20.95 24.22
CA GLU L 135 7.50 20.88 23.56
C GLU L 135 6.60 19.90 24.30
N ILE L 136 7.18 18.80 24.79
CA ILE L 136 6.41 17.80 25.52
C ILE L 136 5.92 18.41 26.84
N GLU L 137 6.77 19.21 27.48
CA GLU L 137 6.45 19.90 28.71
C GLU L 137 5.23 20.81 28.49
N ILE L 138 5.26 21.60 27.41
CA ILE L 138 4.16 22.53 27.10
C ILE L 138 2.85 21.76 26.91
N ALA L 139 2.90 20.69 26.11
CA ALA L 139 1.73 19.85 25.86
C ALA L 139 1.21 19.22 27.15
N ALA L 140 2.11 18.74 28.03
CA ALA L 140 1.71 18.12 29.28
C ALA L 140 1.00 19.15 30.17
N ASN L 141 1.59 20.34 30.29
CA ASN L 141 1.03 21.39 31.13
C ASN L 141 -0.35 21.77 30.61
N HIS L 142 -0.50 21.82 29.27
CA HIS L 142 -1.76 22.20 28.66
C HIS L 142 -2.85 21.16 29.00
N ILE L 143 -2.57 19.87 28.81
CA ILE L 143 -3.61 18.88 29.05
C ILE L 143 -3.93 18.76 30.56
N LEU L 144 -2.95 19.00 31.43
CA LEU L 144 -3.19 18.98 32.88
C LEU L 144 -4.09 20.14 33.30
N LYS L 145 -3.85 21.33 32.71
CA LYS L 145 -4.72 22.50 32.94
C LYS L 145 -6.14 22.22 32.41
N THR L 146 -6.24 21.59 31.24
CA THR L 146 -7.53 21.26 30.67
C THR L 146 -8.28 20.33 31.64
N ARG L 147 -7.57 19.35 32.21
CA ARG L 147 -8.21 18.40 33.13
C ARG L 147 -8.71 19.13 34.39
N GLU L 148 -7.89 20.04 34.94
CA GLU L 148 -8.27 20.83 36.12
C GLU L 148 -9.57 21.61 35.84
N LYS L 149 -9.65 22.24 34.66
CA LYS L 149 -10.81 23.02 34.24
C LYS L 149 -12.06 22.11 34.17
N LEU L 150 -11.94 20.95 33.51
CA LEU L 150 -13.06 20.03 33.39
C LEU L 150 -13.53 19.57 34.79
N ASN L 151 -12.58 19.23 35.66
CA ASN L 151 -12.86 18.67 36.97
C ASN L 151 -13.59 19.72 37.85
N ARG L 152 -13.10 20.96 37.80
CA ARG L 152 -13.67 22.06 38.55
C ARG L 152 -15.15 22.24 38.15
N ILE L 153 -15.41 22.31 36.84
CA ILE L 153 -16.77 22.54 36.37
C ILE L 153 -17.64 21.33 36.74
N LEU L 154 -17.10 20.13 36.59
CA LEU L 154 -17.86 18.94 36.90
C LEU L 154 -18.19 18.89 38.41
N SER L 155 -17.28 19.42 39.24
CA SER L 155 -17.51 19.54 40.67
C SER L 155 -18.71 20.46 40.94
N GLU L 156 -18.70 21.64 40.29
CA GLU L 156 -19.79 22.60 40.40
C GLU L 156 -21.11 21.97 39.92
N ARG L 157 -21.10 21.19 38.84
CA ARG L 157 -22.35 20.70 38.22
C ARG L 157 -22.91 19.48 38.98
N THR L 158 -22.06 18.71 39.68
CA THR L 158 -22.48 17.46 40.31
C THR L 158 -22.66 17.62 41.83
N GLY L 159 -21.94 18.58 42.44
CA GLY L 159 -21.86 18.67 43.90
C GLY L 159 -20.76 17.78 44.49
N GLN L 160 -20.04 17.00 43.67
CA GLN L 160 -18.93 16.18 44.19
C GLN L 160 -17.70 17.07 44.33
N SER L 161 -16.82 16.71 45.28
CA SER L 161 -15.55 17.41 45.44
C SER L 161 -14.64 17.17 44.22
N ILE L 162 -13.74 18.13 43.99
CA ILE L 162 -12.71 18.06 42.97
C ILE L 162 -11.83 16.82 43.22
N GLU L 163 -11.52 16.53 44.49
CA GLU L 163 -10.65 15.40 44.87
C GLU L 163 -11.33 14.09 44.46
N LYS L 164 -12.66 14.00 44.68
CA LYS L 164 -13.36 12.78 44.31
C LYS L 164 -13.45 12.65 42.78
N ILE L 165 -13.71 13.74 42.07
CA ILE L 165 -13.80 13.71 40.60
C ILE L 165 -12.46 13.20 40.03
N GLN L 166 -11.35 13.73 40.56
CA GLN L 166 -9.98 13.38 40.14
C GLN L 166 -9.78 11.86 40.26
N LYS L 167 -10.14 11.31 41.42
CA LYS L 167 -9.98 9.87 41.70
C LYS L 167 -10.90 9.04 40.78
N ASP L 168 -12.14 9.50 40.57
CA ASP L 168 -13.14 8.71 39.88
C ASP L 168 -12.94 8.76 38.35
N THR L 169 -12.10 9.67 37.84
CA THR L 169 -11.84 9.80 36.41
C THR L 169 -10.43 9.34 36.04
N ASP L 170 -9.70 8.75 37.00
CA ASP L 170 -8.32 8.37 36.78
C ASP L 170 -8.26 7.33 35.64
N ARG L 171 -9.22 6.40 35.65
CA ARG L 171 -9.44 5.44 34.59
C ARG L 171 -10.90 5.52 34.11
N ASP L 172 -11.19 4.85 32.99
CA ASP L 172 -12.54 4.74 32.49
C ASP L 172 -13.46 4.25 33.61
N ASN L 173 -14.53 5.01 33.84
CA ASN L 173 -15.48 4.76 34.90
C ASN L 173 -16.89 4.75 34.28
N PHE L 174 -17.45 3.54 34.13
CA PHE L 174 -18.76 3.33 33.51
C PHE L 174 -19.85 3.38 34.59
N LEU L 175 -20.89 4.19 34.37
CA LEU L 175 -22.03 4.34 35.29
C LEU L 175 -23.31 3.92 34.58
N THR L 176 -24.21 3.25 35.31
CA THR L 176 -25.61 3.10 34.91
C THR L 176 -26.31 4.47 35.04
N ALA L 177 -27.50 4.58 34.46
CA ALA L 177 -28.32 5.78 34.58
C ALA L 177 -28.55 6.11 36.06
N GLU L 178 -28.91 5.08 36.83
CA GLU L 178 -29.20 5.25 38.25
C GLU L 178 -27.96 5.72 38.99
N GLU L 179 -26.78 5.15 38.66
CA GLU L 179 -25.53 5.57 39.29
C GLU L 179 -25.19 7.02 38.89
N ALA L 180 -25.49 7.39 37.64
CA ALA L 180 -25.22 8.76 37.17
C ALA L 180 -26.07 9.76 37.97
N LYS L 181 -27.31 9.36 38.29
CA LYS L 181 -28.19 10.20 39.11
C LYS L 181 -27.61 10.35 40.53
N GLU L 182 -27.22 9.23 41.13
CA GLU L 182 -26.61 9.24 42.47
C GLU L 182 -25.34 10.11 42.47
N TYR L 183 -24.61 10.11 41.35
CA TYR L 183 -23.37 10.87 41.27
C TYR L 183 -23.64 12.38 41.14
N GLY L 184 -24.79 12.76 40.60
CA GLY L 184 -25.12 14.17 40.35
C GLY L 184 -24.88 14.61 38.91
N LEU L 185 -24.62 13.66 37.99
CA LEU L 185 -24.43 13.98 36.56
C LEU L 185 -25.78 14.26 35.87
N ILE L 186 -26.83 13.58 36.36
CA ILE L 186 -28.20 13.83 35.91
C ILE L 186 -29.09 14.01 37.16
N ASP L 187 -30.31 14.49 36.92
CA ASP L 187 -31.29 14.74 37.98
C ASP L 187 -32.27 13.58 38.12
N GLU L 188 -32.66 12.95 37.00
CA GLU L 188 -33.68 11.90 36.99
C GLU L 188 -33.37 10.83 35.94
N VAL L 189 -33.73 9.57 36.25
CA VAL L 189 -33.88 8.53 35.29
C VAL L 189 -35.30 8.62 34.72
N MET L 190 -35.40 8.77 33.40
CA MET L 190 -36.66 8.89 32.72
C MET L 190 -37.24 7.49 32.52
N VAL L 191 -38.22 7.14 33.36
CA VAL L 191 -38.83 5.78 33.37
C VAL L 191 -40.04 5.79 32.45
N PRO L 192 -40.38 4.66 31.79
CA PRO L 192 -41.52 4.61 30.88
C PRO L 192 -42.90 4.49 31.57
N GLU L 193 -43.90 5.24 31.08
CA GLU L 193 -45.34 5.06 31.41
C GLU L 193 -45.86 3.77 30.75
N LEU M 3 -30.29 3.30 -7.27
CA LEU M 3 -31.20 4.40 -6.83
C LEU M 3 -32.26 3.82 -5.87
N ILE M 4 -32.67 4.64 -4.92
CA ILE M 4 -33.92 4.44 -4.19
C ILE M 4 -35.04 5.05 -5.03
N PRO M 5 -36.08 4.27 -5.39
CA PRO M 5 -37.13 4.79 -6.25
C PRO M 5 -38.01 5.84 -5.53
N THR M 6 -38.70 6.63 -6.35
CA THR M 6 -39.60 7.70 -5.97
C THR M 6 -41.04 7.24 -6.31
N VAL M 7 -42.01 7.64 -5.48
CA VAL M 7 -43.42 7.40 -5.73
C VAL M 7 -44.16 8.74 -5.69
N ILE M 8 -45.22 8.86 -6.52
CA ILE M 8 -46.14 10.01 -6.53
C ILE M 8 -47.57 9.50 -6.70
N ALA M 17 -44.12 13.92 -3.94
CA ALA M 17 -42.98 13.11 -4.37
C ALA M 17 -42.17 12.62 -3.15
N TYR M 18 -42.24 11.31 -2.89
CA TYR M 18 -41.57 10.65 -1.78
C TYR M 18 -40.58 9.61 -2.30
N ASP M 19 -39.36 9.55 -1.72
CA ASP M 19 -38.57 8.31 -1.75
C ASP M 19 -39.38 7.21 -1.04
N ILE M 20 -39.14 5.95 -1.40
CA ILE M 20 -40.04 4.85 -0.98
C ILE M 20 -40.09 4.74 0.55
N TYR M 21 -38.97 4.98 1.24
CA TYR M 21 -38.90 4.86 2.70
C TYR M 21 -39.73 5.97 3.36
N SER M 22 -39.63 7.19 2.82
CA SER M 22 -40.42 8.32 3.32
C SER M 22 -41.91 8.05 3.11
N ARG M 23 -42.27 7.39 2.00
CA ARG M 23 -43.66 7.05 1.73
C ARG M 23 -44.15 6.04 2.78
N LEU M 24 -43.30 5.08 3.15
CA LEU M 24 -43.67 4.11 4.20
C LEU M 24 -43.77 4.81 5.55
N LEU M 25 -42.91 5.80 5.82
CA LEU M 25 -42.92 6.49 7.11
C LEU M 25 -44.26 7.23 7.28
N LYS M 26 -44.85 7.69 6.18
CA LYS M 26 -46.16 8.34 6.20
C LYS M 26 -47.21 7.38 6.77
N ASP M 27 -47.06 6.06 6.58
CA ASP M 27 -47.98 5.04 7.14
C ASP M 27 -47.43 4.44 8.44
N ARG M 28 -46.48 5.12 9.08
CA ARG M 28 -45.98 4.77 10.43
C ARG M 28 -45.08 3.51 10.36
N ILE M 29 -44.47 3.25 9.20
CA ILE M 29 -43.52 2.14 9.03
C ILE M 29 -42.10 2.71 9.06
N ILE M 30 -41.27 2.14 9.95
CA ILE M 30 -39.82 2.43 10.04
C ILE M 30 -39.06 1.19 9.55
N MET M 31 -38.09 1.39 8.65
CA MET M 31 -37.26 0.32 8.12
C MET M 31 -35.87 0.36 8.79
N LEU M 32 -35.55 -0.72 9.53
CA LEU M 32 -34.20 -0.95 10.03
C LEU M 32 -33.58 -2.03 9.15
N GLY M 33 -32.88 -1.60 8.10
CA GLY M 33 -32.40 -2.46 7.05
C GLY M 33 -30.87 -2.44 6.92
N SER M 34 -30.16 -2.25 8.03
CA SER M 34 -28.71 -2.17 7.98
C SER M 34 -28.11 -2.50 9.35
N GLN M 35 -26.78 -2.47 9.40
CA GLN M 35 -26.01 -2.50 10.61
C GLN M 35 -26.51 -1.38 11.53
N ILE M 36 -26.52 -1.62 12.84
CA ILE M 36 -26.91 -0.64 13.84
C ILE M 36 -25.67 0.11 14.31
N ASP M 37 -25.60 1.40 13.98
CA ASP M 37 -24.58 2.30 14.49
C ASP M 37 -25.31 3.56 14.99
N ASP M 38 -24.52 4.54 15.46
CA ASP M 38 -25.05 5.74 16.07
C ASP M 38 -25.95 6.50 15.08
N ASN M 39 -25.53 6.59 13.81
CA ASN M 39 -26.30 7.30 12.77
C ASN M 39 -27.68 6.68 12.58
N VAL M 40 -27.69 5.35 12.44
CA VAL M 40 -28.93 4.61 12.23
C VAL M 40 -29.84 4.78 13.46
N ALA M 41 -29.27 4.66 14.67
CA ALA M 41 -30.04 4.79 15.89
C ALA M 41 -30.65 6.21 16.00
N ASN M 42 -29.87 7.23 15.65
CA ASN M 42 -30.33 8.60 15.74
C ASN M 42 -31.52 8.82 14.80
N SER M 43 -31.47 8.22 13.61
CA SER M 43 -32.53 8.32 12.63
C SER M 43 -33.79 7.59 13.14
N ILE M 44 -33.62 6.36 13.66
CA ILE M 44 -34.75 5.55 14.10
C ILE M 44 -35.41 6.24 15.30
N VAL M 45 -34.60 6.69 16.26
CA VAL M 45 -35.11 7.40 17.44
C VAL M 45 -35.92 8.62 16.97
N SER M 46 -35.37 9.39 16.04
CA SER M 46 -36.02 10.61 15.55
C SER M 46 -37.37 10.25 14.90
N GLN M 47 -37.40 9.15 14.13
CA GLN M 47 -38.60 8.71 13.48
C GLN M 47 -39.65 8.31 14.52
N LEU M 48 -39.23 7.61 15.58
CA LEU M 48 -40.16 7.16 16.61
C LEU M 48 -40.78 8.37 17.31
N LEU M 49 -39.95 9.38 17.62
CA LEU M 49 -40.41 10.58 18.32
C LEU M 49 -41.38 11.37 17.42
N PHE M 50 -41.04 11.50 16.14
CA PHE M 50 -41.90 12.16 15.17
C PHE M 50 -43.27 11.48 15.12
N LEU M 51 -43.27 10.14 15.03
CA LEU M 51 -44.52 9.42 14.85
C LEU M 51 -45.39 9.54 16.11
N GLN M 52 -44.78 9.53 17.30
CA GLN M 52 -45.52 9.69 18.55
C GLN M 52 -46.18 11.07 18.61
N ALA M 53 -45.44 12.10 18.17
CA ALA M 53 -45.91 13.49 18.17
C ALA M 53 -47.08 13.66 17.20
N GLN M 54 -47.04 12.95 16.07
CA GLN M 54 -48.13 12.99 15.09
C GLN M 54 -49.38 12.32 15.65
N ASP M 55 -49.20 11.20 16.36
CA ASP M 55 -50.32 10.43 16.89
C ASP M 55 -49.80 9.48 17.98
N SER M 56 -50.20 9.77 19.22
CA SER M 56 -49.68 9.10 20.41
C SER M 56 -50.37 7.75 20.65
N GLU M 57 -51.39 7.41 19.83
CA GLU M 57 -52.25 6.24 20.09
C GLU M 57 -52.08 5.16 19.02
N LYS M 58 -51.84 5.53 17.75
CA LYS M 58 -51.74 4.56 16.65
C LYS M 58 -50.41 3.80 16.71
N ASP M 59 -50.48 2.50 16.40
CA ASP M 59 -49.34 1.62 16.33
C ASP M 59 -48.30 2.15 15.32
N ILE M 60 -47.04 1.84 15.61
CA ILE M 60 -45.88 1.99 14.73
C ILE M 60 -45.42 0.58 14.33
N TYR M 61 -44.86 0.44 13.13
CA TYR M 61 -44.35 -0.82 12.63
C TYR M 61 -42.86 -0.68 12.32
N LEU M 62 -42.04 -1.47 13.04
CA LEU M 62 -40.58 -1.53 12.84
C LEU M 62 -40.21 -2.82 12.12
N TYR M 63 -39.82 -2.69 10.84
CA TYR M 63 -39.36 -3.81 10.02
C TYR M 63 -37.85 -3.96 10.23
N ILE M 64 -37.41 -5.19 10.52
CA ILE M 64 -36.01 -5.43 10.90
C ILE M 64 -35.40 -6.45 9.93
N ASN M 65 -34.36 -5.99 9.22
CA ASN M 65 -33.43 -6.84 8.49
C ASN M 65 -32.02 -6.31 8.77
N SER M 66 -31.34 -6.88 9.77
CA SER M 66 -30.18 -6.26 10.36
C SER M 66 -29.27 -7.33 10.95
N PRO M 67 -27.94 -7.26 10.69
CA PRO M 67 -26.99 -8.16 11.35
C PRO M 67 -26.58 -7.66 12.75
N GLY M 68 -27.19 -6.58 13.23
CA GLY M 68 -26.86 -6.05 14.53
C GLY M 68 -25.88 -4.91 14.43
N GLY M 69 -25.05 -4.73 15.47
CA GLY M 69 -24.11 -3.64 15.57
C GLY M 69 -23.95 -3.17 17.00
N SER M 70 -23.78 -1.86 17.17
CA SER M 70 -23.46 -1.24 18.45
C SER M 70 -24.58 -1.52 19.47
N VAL M 71 -24.17 -1.99 20.66
CA VAL M 71 -25.07 -2.26 21.75
C VAL M 71 -25.67 -0.96 22.30
N THR M 72 -24.86 0.09 22.46
CA THR M 72 -25.34 1.36 22.99
C THR M 72 -26.31 2.02 22.00
N ALA M 73 -25.99 1.94 20.70
CA ALA M 73 -26.90 2.46 19.68
C ALA M 73 -28.22 1.68 19.75
N GLY M 74 -28.12 0.37 19.89
CA GLY M 74 -29.28 -0.51 20.04
C GLY M 74 -30.12 -0.12 21.25
N PHE M 75 -29.46 0.23 22.36
CA PHE M 75 -30.20 0.60 23.57
C PHE M 75 -30.87 1.98 23.42
N ALA M 76 -30.31 2.88 22.60
CA ALA M 76 -30.98 4.13 22.28
C ALA M 76 -32.35 3.84 21.67
N ILE M 77 -32.39 2.90 20.74
CA ILE M 77 -33.63 2.50 20.07
C ILE M 77 -34.55 1.80 21.07
N TYR M 78 -33.99 0.83 21.80
CA TYR M 78 -34.77 0.03 22.75
C TYR M 78 -35.50 0.94 23.75
N ASP M 79 -34.75 1.84 24.40
CA ASP M 79 -35.32 2.68 25.45
C ASP M 79 -36.37 3.64 24.86
N THR M 80 -36.16 4.09 23.61
CA THR M 80 -37.13 4.96 22.97
C THR M 80 -38.43 4.18 22.71
N ILE M 81 -38.32 2.93 22.24
CA ILE M 81 -39.49 2.10 22.01
C ILE M 81 -40.30 2.00 23.33
N GLN M 82 -39.63 1.67 24.44
CA GLN M 82 -40.34 1.44 25.68
C GLN M 82 -40.91 2.76 26.23
N HIS M 83 -40.26 3.89 25.93
CA HIS M 83 -40.65 5.18 26.49
C HIS M 83 -41.95 5.70 25.85
N ILE M 84 -42.09 5.60 24.52
CA ILE M 84 -43.18 6.28 23.82
C ILE M 84 -44.51 5.55 24.09
N LYS M 85 -45.61 6.27 23.88
CA LYS M 85 -46.96 5.79 24.20
C LYS M 85 -47.41 4.75 23.18
N PRO M 86 -47.25 4.97 21.86
CA PRO M 86 -47.70 3.98 20.89
C PRO M 86 -47.00 2.61 21.03
N ASP M 87 -47.75 1.55 20.75
CA ASP M 87 -47.18 0.24 20.58
C ASP M 87 -46.29 0.22 19.33
N VAL M 88 -45.12 -0.41 19.44
CA VAL M 88 -44.25 -0.64 18.29
C VAL M 88 -44.27 -2.13 17.97
N GLN M 89 -44.86 -2.48 16.83
CA GLN M 89 -44.85 -3.83 16.31
C GLN M 89 -43.47 -4.05 15.67
N THR M 90 -42.93 -5.28 15.78
CA THR M 90 -41.68 -5.63 15.12
C THR M 90 -41.95 -6.78 14.15
N ILE M 91 -41.36 -6.66 12.95
CA ILE M 91 -41.43 -7.67 11.92
C ILE M 91 -40.03 -7.97 11.39
N CYS M 92 -39.55 -9.19 11.59
CA CYS M 92 -38.28 -9.65 11.05
C CYS M 92 -38.49 -10.18 9.63
N ILE M 93 -37.81 -9.55 8.67
CA ILE M 93 -37.70 -10.04 7.28
C ILE M 93 -36.22 -10.32 7.03
N GLY M 94 -35.93 -11.47 6.42
CA GLY M 94 -34.55 -11.81 6.12
C GLY M 94 -33.77 -12.29 7.34
N MET M 95 -33.25 -11.34 8.14
CA MET M 95 -32.38 -11.73 9.26
C MET M 95 -32.47 -10.66 10.36
N ALA M 96 -32.54 -11.14 11.60
CA ALA M 96 -32.32 -10.31 12.79
C ALA M 96 -31.28 -11.01 13.66
N ALA M 97 -30.06 -10.47 13.66
CA ALA M 97 -28.94 -11.06 14.39
C ALA M 97 -28.45 -10.07 15.45
N SER M 98 -28.00 -10.65 16.57
CA SER M 98 -27.34 -9.93 17.62
C SER M 98 -28.28 -8.82 18.11
N MET M 99 -27.84 -7.56 18.12
CA MET M 99 -28.65 -6.50 18.62
C MET M 99 -29.93 -6.37 17.80
N GLY M 100 -29.92 -6.87 16.55
CA GLY M 100 -31.10 -6.92 15.70
C GLY M 100 -32.18 -7.83 16.28
N SER M 101 -31.77 -8.98 16.80
CA SER M 101 -32.72 -9.92 17.40
C SER M 101 -33.19 -9.38 18.76
N PHE M 102 -32.33 -8.62 19.45
CA PHE M 102 -32.72 -7.98 20.70
C PHE M 102 -33.87 -6.98 20.46
N LEU M 103 -33.75 -6.18 19.40
CA LEU M 103 -34.78 -5.20 19.07
C LEU M 103 -36.06 -5.89 18.60
N LEU M 104 -35.94 -7.00 17.88
CA LEU M 104 -37.11 -7.75 17.45
C LEU M 104 -37.93 -8.15 18.69
N ALA M 105 -37.24 -8.65 19.71
CA ALA M 105 -37.85 -9.12 20.96
C ALA M 105 -38.44 -7.95 21.76
N ALA M 106 -38.03 -6.72 21.46
CA ALA M 106 -38.40 -5.52 22.20
C ALA M 106 -39.75 -4.94 21.76
N GLY M 107 -40.34 -5.47 20.68
CA GLY M 107 -41.64 -5.02 20.21
C GLY M 107 -42.73 -5.28 21.25
N ALA M 108 -43.88 -4.61 21.07
CA ALA M 108 -45.05 -4.76 21.96
C ALA M 108 -45.45 -6.23 22.03
N LYS M 109 -45.70 -6.72 23.25
CA LYS M 109 -46.06 -8.13 23.47
C LYS M 109 -47.34 -8.44 22.69
N GLY M 110 -47.32 -9.55 21.95
CA GLY M 110 -48.39 -9.94 21.05
C GLY M 110 -48.20 -9.42 19.63
N LYS M 111 -47.23 -8.51 19.41
CA LYS M 111 -47.10 -7.84 18.11
C LYS M 111 -45.65 -7.92 17.59
N ARG M 112 -44.97 -9.04 17.90
CA ARG M 112 -43.66 -9.35 17.38
C ARG M 112 -43.79 -10.52 16.39
N PHE M 113 -43.36 -10.28 15.14
CA PHE M 113 -43.55 -11.20 14.04
C PHE M 113 -42.22 -11.49 13.32
N ALA M 114 -42.18 -12.65 12.66
CA ALA M 114 -41.14 -12.97 11.68
C ALA M 114 -41.80 -13.63 10.48
N LEU M 115 -41.29 -13.34 9.28
CA LEU M 115 -41.73 -14.04 8.08
C LEU M 115 -41.13 -15.45 8.11
N PRO M 116 -41.74 -16.43 7.40
CA PRO M 116 -41.46 -17.84 7.64
C PRO M 116 -40.00 -18.28 7.40
N ASN M 117 -39.31 -17.62 6.46
CA ASN M 117 -37.95 -18.02 6.11
C ASN M 117 -36.92 -17.06 6.71
N ALA M 118 -37.38 -16.14 7.57
CA ALA M 118 -36.51 -15.21 8.27
C ALA M 118 -35.62 -15.97 9.26
N GLU M 119 -34.41 -15.47 9.44
CA GLU M 119 -33.42 -16.06 10.35
C GLU M 119 -33.24 -15.11 11.54
N VAL M 120 -33.16 -15.70 12.72
CA VAL M 120 -32.88 -14.98 13.93
C VAL M 120 -31.63 -15.59 14.53
N MET M 121 -30.68 -14.75 14.97
CA MET M 121 -29.49 -15.25 15.61
C MET M 121 -29.24 -14.49 16.91
N ILE M 122 -28.91 -15.24 17.97
CA ILE M 122 -28.57 -14.68 19.27
C ILE M 122 -27.18 -15.16 19.63
N HIS M 123 -26.44 -14.33 20.36
CA HIS M 123 -25.07 -14.61 20.78
C HIS M 123 -24.66 -13.58 21.82
N GLN M 124 -23.48 -13.78 22.40
CA GLN M 124 -22.97 -12.86 23.41
C GLN M 124 -22.34 -11.65 22.72
N PRO M 125 -22.25 -10.50 23.43
CA PRO M 125 -21.61 -9.32 22.87
C PRO M 125 -20.11 -9.52 22.57
N LEU M 126 -19.64 -8.75 21.59
CA LEU M 126 -18.27 -8.76 21.11
C LEU M 126 -17.62 -7.42 21.50
N GLY M 127 -16.32 -7.45 21.72
CA GLY M 127 -15.55 -6.26 21.99
C GLY M 127 -14.06 -6.54 21.99
N GLY M 128 -13.33 -5.65 22.65
CA GLY M 128 -11.89 -5.69 22.67
C GLY M 128 -11.33 -4.80 23.75
N ALA M 129 -10.06 -5.02 24.07
CA ALA M 129 -9.35 -4.31 25.11
C ALA M 129 -7.85 -4.47 24.87
N GLN M 130 -7.12 -3.38 25.02
CA GLN M 130 -5.70 -3.30 24.81
C GLN M 130 -5.11 -2.39 25.89
N GLY M 131 -3.94 -2.75 26.44
CA GLY M 131 -3.19 -1.90 27.34
C GLY M 131 -2.77 -2.62 28.61
N GLN M 132 -2.75 -1.87 29.72
CA GLN M 132 -2.32 -2.37 31.01
C GLN M 132 -3.35 -3.39 31.55
N ALA M 133 -2.88 -4.30 32.39
CA ALA M 133 -3.72 -5.29 33.06
C ALA M 133 -5.00 -4.63 33.65
N THR M 134 -4.81 -3.53 34.38
CA THR M 134 -5.89 -2.81 35.02
C THR M 134 -6.92 -2.30 33.98
N GLU M 135 -6.44 -1.86 32.81
CA GLU M 135 -7.32 -1.37 31.75
C GLU M 135 -8.11 -2.53 31.17
N ILE M 136 -7.47 -3.69 31.02
CA ILE M 136 -8.12 -4.86 30.47
C ILE M 136 -9.21 -5.34 31.44
N GLU M 137 -8.92 -5.26 32.75
CA GLU M 137 -9.84 -5.62 33.80
C GLU M 137 -11.11 -4.74 33.68
N ILE M 138 -10.92 -3.42 33.55
CA ILE M 138 -12.03 -2.48 33.46
C ILE M 138 -12.89 -2.80 32.23
N ALA M 139 -12.26 -3.01 31.08
CA ALA M 139 -12.97 -3.36 29.85
C ALA M 139 -13.72 -4.69 30.00
N ALA M 140 -13.09 -5.69 30.63
CA ALA M 140 -13.72 -7.00 30.83
C ALA M 140 -14.98 -6.85 31.70
N ASN M 141 -14.84 -6.12 32.82
CA ASN M 141 -15.94 -5.90 33.75
C ASN M 141 -17.08 -5.18 33.03
N HIS M 142 -16.74 -4.21 32.17
CA HIS M 142 -17.74 -3.46 31.44
C HIS M 142 -18.52 -4.37 30.49
N ILE M 143 -17.84 -5.20 29.69
CA ILE M 143 -18.55 -6.00 28.71
C ILE M 143 -19.35 -7.12 29.42
N LEU M 144 -18.86 -7.61 30.57
CA LEU M 144 -19.60 -8.62 31.34
C LEU M 144 -20.88 -8.02 31.94
N LYS M 145 -20.81 -6.78 32.43
CA LYS M 145 -22.00 -6.04 32.91
C LYS M 145 -22.97 -5.80 31.75
N THR M 146 -22.45 -5.45 30.56
CA THR M 146 -23.29 -5.23 29.41
C THR M 146 -24.04 -6.52 29.08
N ARG M 147 -23.34 -7.66 29.13
CA ARG M 147 -23.95 -8.95 28.83
C ARG M 147 -25.06 -9.27 29.85
N GLU M 148 -24.79 -9.04 31.14
CA GLU M 148 -25.78 -9.27 32.22
C GLU M 148 -27.05 -8.45 31.93
N LYS M 149 -26.88 -7.18 31.55
CA LYS M 149 -27.98 -6.28 31.24
C LYS M 149 -28.80 -6.81 30.07
N LEU M 150 -28.13 -7.20 28.97
CA LEU M 150 -28.81 -7.74 27.80
C LEU M 150 -29.60 -9.02 28.17
N ASN M 151 -28.95 -9.90 28.94
CA ASN M 151 -29.52 -11.21 29.26
C ASN M 151 -30.76 -11.03 30.15
N ARG M 152 -30.68 -10.13 31.13
CA ARG M 152 -31.76 -9.84 32.04
C ARG M 152 -32.97 -9.35 31.25
N ILE M 153 -32.77 -8.38 30.34
CA ILE M 153 -33.88 -7.83 29.58
C ILE M 153 -34.43 -8.91 28.66
N LEU M 154 -33.56 -9.70 28.04
CA LEU M 154 -34.02 -10.73 27.13
C LEU M 154 -34.83 -11.79 27.91
N SER M 155 -34.46 -12.03 29.16
CA SER M 155 -35.20 -12.93 30.05
C SER M 155 -36.62 -12.39 30.27
N GLU M 156 -36.72 -11.11 30.61
CA GLU M 156 -38.00 -10.43 30.81
C GLU M 156 -38.83 -10.50 29.52
N ARG M 157 -38.22 -10.31 28.35
CA ARG M 157 -38.99 -10.18 27.10
C ARG M 157 -39.42 -11.54 26.54
N THR M 158 -38.68 -12.60 26.86
CA THR M 158 -38.91 -13.94 26.26
C THR M 158 -39.63 -14.88 27.23
N GLY M 159 -39.49 -14.65 28.54
CA GLY M 159 -39.93 -15.61 29.56
C GLY M 159 -38.90 -16.71 29.85
N GLN M 160 -37.74 -16.71 29.16
CA GLN M 160 -36.70 -17.67 29.45
C GLN M 160 -35.91 -17.21 30.68
N SER M 161 -35.38 -18.18 31.43
CA SER M 161 -34.53 -17.86 32.58
C SER M 161 -33.20 -17.25 32.08
N ILE M 162 -32.60 -16.44 32.96
CA ILE M 162 -31.28 -15.87 32.76
C ILE M 162 -30.25 -16.99 32.51
N GLU M 163 -30.35 -18.10 33.26
CA GLU M 163 -29.41 -19.21 33.14
C GLU M 163 -29.49 -19.81 31.73
N LYS M 164 -30.72 -19.95 31.20
CA LYS M 164 -30.89 -20.52 29.89
C LYS M 164 -30.37 -19.55 28.81
N ILE M 165 -30.65 -18.24 28.96
CA ILE M 165 -30.20 -17.25 27.98
C ILE M 165 -28.67 -17.30 27.90
N GLN M 166 -28.01 -17.34 29.07
CA GLN M 166 -26.54 -17.36 29.17
C GLN M 166 -25.97 -18.55 28.37
N LYS M 167 -26.54 -19.74 28.58
CA LYS M 167 -26.10 -20.96 27.92
C LYS M 167 -26.36 -20.87 26.40
N ASP M 168 -27.52 -20.35 26.01
CA ASP M 168 -27.94 -20.38 24.62
C ASP M 168 -27.26 -19.30 23.78
N THR M 169 -26.60 -18.33 24.42
CA THR M 169 -25.91 -17.26 23.71
C THR M 169 -24.38 -17.39 23.82
N ASP M 170 -23.91 -18.50 24.37
CA ASP M 170 -22.48 -18.68 24.60
C ASP M 170 -21.74 -18.65 23.26
N ARG M 171 -22.34 -19.27 22.25
CA ARG M 171 -21.88 -19.23 20.86
C ARG M 171 -23.04 -18.78 19.96
N ASP M 172 -22.75 -18.48 18.70
CA ASP M 172 -23.73 -18.15 17.71
C ASP M 172 -24.81 -19.24 17.70
N ASN M 173 -26.07 -18.80 17.84
CA ASN M 173 -27.22 -19.67 17.91
C ASN M 173 -28.24 -19.18 16.88
N PHE M 174 -28.36 -19.93 15.78
CA PHE M 174 -29.25 -19.60 14.66
C PHE M 174 -30.62 -20.26 14.88
N LEU M 175 -31.70 -19.48 14.78
CA LEU M 175 -33.07 -19.95 14.97
C LEU M 175 -33.86 -19.72 13.67
N THR M 176 -34.74 -20.68 13.33
CA THR M 176 -35.82 -20.46 12.37
C THR M 176 -36.87 -19.55 13.01
N ALA M 177 -37.78 -19.02 12.18
CA ALA M 177 -38.87 -18.18 12.68
C ALA M 177 -39.68 -18.96 13.71
N GLU M 178 -39.98 -20.22 13.41
CA GLU M 178 -40.77 -21.07 14.29
C GLU M 178 -40.02 -21.28 15.62
N GLU M 179 -38.71 -21.50 15.56
CA GLU M 179 -37.91 -21.66 16.78
C GLU M 179 -37.88 -20.35 17.57
N ALA M 180 -37.83 -19.21 16.89
CA ALA M 180 -37.81 -17.90 17.55
C ALA M 180 -39.14 -17.70 18.32
N LYS M 181 -40.24 -18.17 17.73
CA LYS M 181 -41.54 -18.12 18.39
C LYS M 181 -41.54 -19.01 19.66
N GLU M 182 -41.07 -20.25 19.52
CA GLU M 182 -40.96 -21.18 20.64
C GLU M 182 -40.08 -20.59 21.74
N TYR M 183 -39.04 -19.84 21.34
CA TYR M 183 -38.11 -19.27 22.30
C TYR M 183 -38.73 -18.09 23.05
N GLY M 184 -39.72 -17.41 22.46
CA GLY M 184 -40.33 -16.22 23.04
C GLY M 184 -39.77 -14.91 22.52
N LEU M 185 -38.97 -14.95 21.45
CA LEU M 185 -38.40 -13.74 20.82
C LEU M 185 -39.46 -13.03 19.98
N ILE M 186 -40.36 -13.81 19.39
CA ILE M 186 -41.52 -13.30 18.65
C ILE M 186 -42.78 -14.00 19.17
N ASP M 187 -43.94 -13.46 18.79
CA ASP M 187 -45.25 -13.99 19.19
C ASP M 187 -45.83 -14.88 18.10
N GLU M 188 -45.62 -14.52 16.82
CA GLU M 188 -46.23 -15.23 15.70
C GLU M 188 -45.30 -15.26 14.49
N VAL M 189 -45.36 -16.38 13.75
CA VAL M 189 -44.87 -16.46 12.41
C VAL M 189 -45.98 -15.97 11.47
N MET M 190 -45.66 -14.95 10.68
CA MET M 190 -46.59 -14.32 9.78
C MET M 190 -46.67 -15.16 8.49
N VAL M 191 -47.75 -15.95 8.39
CA VAL M 191 -47.97 -16.89 7.28
C VAL M 191 -48.71 -16.18 6.15
N PRO M 192 -48.49 -16.57 4.87
CA PRO M 192 -49.09 -15.86 3.74
C PRO M 192 -50.56 -16.19 3.46
N LEU N 3 -25.40 8.31 -15.86
CA LEU N 3 -26.65 8.92 -15.33
C LEU N 3 -27.83 7.99 -15.63
N ILE N 4 -28.78 7.95 -14.71
CA ILE N 4 -30.09 7.37 -14.94
C ILE N 4 -30.96 8.45 -15.60
N PRO N 5 -31.53 8.20 -16.79
CA PRO N 5 -32.34 9.23 -17.46
C PRO N 5 -33.67 9.50 -16.72
N THR N 6 -34.24 10.65 -17.04
CA THR N 6 -35.50 11.18 -16.53
C THR N 6 -36.55 11.13 -17.64
N VAL N 7 -37.80 10.88 -17.28
CA VAL N 7 -38.94 10.91 -18.23
C VAL N 7 -40.01 11.86 -17.68
N TYR N 18 -39.94 11.75 -13.39
CA TYR N 18 -39.53 10.45 -12.84
C TYR N 18 -38.16 10.04 -13.41
N ASP N 19 -37.26 9.52 -12.55
CA ASP N 19 -36.19 8.63 -13.03
C ASP N 19 -36.85 7.40 -13.69
N ILE N 20 -36.15 6.74 -14.61
CA ILE N 20 -36.78 5.72 -15.47
C ILE N 20 -37.33 4.57 -14.63
N TYR N 21 -36.64 4.19 -13.55
CA TYR N 21 -37.08 3.06 -12.70
C TYR N 21 -38.36 3.43 -11.96
N SER N 22 -38.43 4.65 -11.45
CA SER N 22 -39.63 5.15 -10.77
C SER N 22 -40.81 5.19 -11.76
N ARG N 23 -40.54 5.54 -13.03
CA ARG N 23 -41.59 5.56 -14.05
C ARG N 23 -42.11 4.15 -14.28
N LEU N 24 -41.21 3.15 -14.30
CA LEU N 24 -41.62 1.74 -14.46
C LEU N 24 -42.41 1.29 -13.22
N LEU N 25 -42.01 1.75 -12.03
CA LEU N 25 -42.68 1.33 -10.80
C LEU N 25 -44.13 1.80 -10.81
N LYS N 26 -44.41 2.94 -11.45
CA LYS N 26 -45.76 3.46 -11.61
C LYS N 26 -46.63 2.43 -12.35
N ASP N 27 -46.04 1.63 -13.26
CA ASP N 27 -46.79 0.56 -13.97
C ASP N 27 -46.57 -0.82 -13.33
N ARG N 28 -46.15 -0.84 -12.05
CA ARG N 28 -46.05 -2.04 -11.22
C ARG N 28 -44.88 -2.94 -11.66
N ILE N 29 -43.85 -2.35 -12.28
CA ILE N 29 -42.63 -3.07 -12.67
C ILE N 29 -41.52 -2.74 -11.66
N ILE N 30 -40.94 -3.80 -11.09
CA ILE N 30 -39.77 -3.73 -10.21
C ILE N 30 -38.56 -4.33 -10.95
N MET N 31 -37.43 -3.61 -10.94
CA MET N 31 -36.21 -4.06 -11.62
C MET N 31 -35.19 -4.54 -10.56
N LEU N 32 -34.87 -5.83 -10.61
CA LEU N 32 -33.76 -6.40 -9.83
C LEU N 32 -32.61 -6.62 -10.80
N GLY N 33 -31.73 -5.63 -10.88
CA GLY N 33 -30.68 -5.58 -11.88
C GLY N 33 -29.28 -5.54 -11.28
N SER N 34 -29.10 -6.18 -10.13
CA SER N 34 -27.80 -6.14 -9.46
C SER N 34 -27.65 -7.36 -8.54
N GLN N 35 -26.50 -7.44 -7.89
CA GLN N 35 -26.24 -8.32 -6.78
C GLN N 35 -27.31 -8.09 -5.71
N ILE N 36 -27.72 -9.15 -5.03
CA ILE N 36 -28.72 -9.07 -3.95
C ILE N 36 -27.97 -8.88 -2.62
N ASP N 37 -28.14 -7.71 -2.02
CA ASP N 37 -27.67 -7.43 -0.67
C ASP N 37 -28.84 -6.84 0.11
N ASP N 38 -28.58 -6.47 1.37
CA ASP N 38 -29.59 -5.98 2.29
C ASP N 38 -30.26 -4.72 1.74
N ASN N 39 -29.46 -3.79 1.16
CA ASN N 39 -29.99 -2.55 0.60
C ASN N 39 -30.99 -2.82 -0.52
N VAL N 40 -30.58 -3.68 -1.45
CA VAL N 40 -31.40 -4.04 -2.60
C VAL N 40 -32.70 -4.70 -2.12
N ALA N 41 -32.58 -5.64 -1.16
CA ALA N 41 -33.74 -6.36 -0.65
C ALA N 41 -34.71 -5.38 0.03
N ASN N 42 -34.17 -4.43 0.81
CA ASN N 42 -35.00 -3.47 1.52
C ASN N 42 -35.80 -2.62 0.54
N SER N 43 -35.17 -2.23 -0.58
CA SER N 43 -35.82 -1.47 -1.61
C SER N 43 -36.92 -2.30 -2.28
N ILE N 44 -36.60 -3.54 -2.66
CA ILE N 44 -37.53 -4.40 -3.39
C ILE N 44 -38.74 -4.70 -2.49
N VAL N 45 -38.47 -5.05 -1.22
CA VAL N 45 -39.53 -5.35 -0.26
C VAL N 45 -40.45 -4.11 -0.14
N SER N 46 -39.85 -2.93 0.00
CA SER N 46 -40.62 -1.70 0.15
C SER N 46 -41.50 -1.46 -1.08
N GLN N 47 -40.95 -1.73 -2.27
CA GLN N 47 -41.68 -1.56 -3.52
C GLN N 47 -42.86 -2.53 -3.57
N LEU N 48 -42.65 -3.79 -3.15
CA LEU N 48 -43.70 -4.79 -3.21
C LEU N 48 -44.85 -4.37 -2.27
N LEU N 49 -44.51 -3.89 -1.07
CA LEU N 49 -45.50 -3.50 -0.09
C LEU N 49 -46.29 -2.28 -0.57
N PHE N 50 -45.58 -1.30 -1.15
CA PHE N 50 -46.20 -0.13 -1.72
C PHE N 50 -47.20 -0.53 -2.82
N LEU N 51 -46.78 -1.42 -3.71
CA LEU N 51 -47.64 -1.79 -4.84
C LEU N 51 -48.90 -2.53 -4.36
N GLN N 52 -48.75 -3.37 -3.34
CA GLN N 52 -49.91 -4.10 -2.79
C GLN N 52 -50.90 -3.10 -2.18
N ALA N 53 -50.39 -2.09 -1.47
CA ALA N 53 -51.20 -1.06 -0.81
C ALA N 53 -51.97 -0.23 -1.86
N GLN N 54 -51.32 0.04 -3.01
CA GLN N 54 -51.95 0.78 -4.09
C GLN N 54 -53.08 -0.04 -4.72
N ASP N 55 -52.84 -1.35 -4.89
CA ASP N 55 -53.80 -2.22 -5.55
C ASP N 55 -53.46 -3.68 -5.22
N SER N 56 -54.34 -4.30 -4.43
CA SER N 56 -54.11 -5.63 -3.86
C SER N 56 -54.43 -6.73 -4.88
N GLU N 57 -54.94 -6.39 -6.07
CA GLU N 57 -55.45 -7.38 -7.04
C GLU N 57 -54.60 -7.43 -8.31
N LYS N 58 -54.04 -6.30 -8.76
CA LYS N 58 -53.30 -6.23 -10.03
C LYS N 58 -51.91 -6.88 -9.89
N ASP N 59 -51.51 -7.59 -10.94
CA ASP N 59 -50.21 -8.23 -11.03
C ASP N 59 -49.09 -7.20 -10.85
N ILE N 60 -47.98 -7.69 -10.28
CA ILE N 60 -46.69 -7.03 -10.22
C ILE N 60 -45.74 -7.79 -11.15
N TYR N 61 -44.78 -7.08 -11.75
CA TYR N 61 -43.80 -7.68 -12.64
C TYR N 61 -42.39 -7.41 -12.07
N LEU N 62 -41.68 -8.52 -11.75
CA LEU N 62 -40.30 -8.47 -11.24
C LEU N 62 -39.36 -8.95 -12.33
N TYR N 63 -38.59 -8.01 -12.89
CA TYR N 63 -37.58 -8.29 -13.91
C TYR N 63 -36.27 -8.62 -13.18
N ILE N 64 -35.64 -9.73 -13.55
CA ILE N 64 -34.46 -10.21 -12.85
C ILE N 64 -33.28 -10.33 -13.82
N ASN N 65 -32.23 -9.57 -13.54
CA ASN N 65 -30.89 -9.74 -14.10
C ASN N 65 -29.89 -9.61 -12.95
N SER N 66 -29.48 -10.74 -12.38
CA SER N 66 -28.81 -10.73 -11.10
C SER N 66 -27.92 -11.96 -10.99
N PRO N 67 -26.66 -11.80 -10.51
CA PRO N 67 -25.81 -12.95 -10.19
C PRO N 67 -26.08 -13.56 -8.82
N GLY N 68 -27.10 -13.07 -8.11
CA GLY N 68 -27.41 -13.55 -6.79
C GLY N 68 -26.79 -12.68 -5.71
N GLY N 69 -26.40 -13.28 -4.58
CA GLY N 69 -25.93 -12.55 -3.41
C GLY N 69 -26.43 -13.19 -2.11
N SER N 70 -26.74 -12.33 -1.13
CA SER N 70 -27.08 -12.75 0.21
C SER N 70 -28.36 -13.61 0.20
N VAL N 71 -28.28 -14.77 0.85
CA VAL N 71 -29.39 -15.69 0.95
C VAL N 71 -30.49 -15.09 1.84
N THR N 72 -30.12 -14.46 2.97
CA THR N 72 -31.09 -13.88 3.87
C THR N 72 -31.79 -12.69 3.20
N ALA N 73 -31.03 -11.86 2.47
CA ALA N 73 -31.62 -10.76 1.73
C ALA N 73 -32.61 -11.32 0.69
N GLY N 74 -32.19 -12.38 0.02
CA GLY N 74 -33.03 -13.09 -0.95
C GLY N 74 -34.32 -13.59 -0.31
N PHE N 75 -34.23 -14.12 0.92
CA PHE N 75 -35.42 -14.64 1.58
C PHE N 75 -36.34 -13.50 2.05
N ALA N 76 -35.81 -12.31 2.34
CA ALA N 76 -36.65 -11.16 2.62
C ALA N 76 -37.57 -10.90 1.42
N ILE N 77 -37.02 -10.96 0.21
CA ILE N 77 -37.78 -10.73 -1.01
C ILE N 77 -38.75 -11.90 -1.23
N TYR N 78 -38.24 -13.13 -1.12
CA TYR N 78 -39.03 -14.33 -1.34
C TYR N 78 -40.30 -14.32 -0.47
N ASP N 79 -40.11 -14.13 0.85
CA ASP N 79 -41.22 -14.21 1.80
C ASP N 79 -42.22 -13.08 1.55
N THR N 80 -41.72 -11.91 1.11
CA THR N 80 -42.61 -10.79 0.81
C THR N 80 -43.46 -11.13 -0.43
N ILE N 81 -42.84 -11.72 -1.46
CA ILE N 81 -43.58 -12.16 -2.64
C ILE N 81 -44.73 -13.09 -2.22
N GLN N 82 -44.42 -14.11 -1.41
CA GLN N 82 -45.43 -15.12 -1.07
C GLN N 82 -46.51 -14.49 -0.15
N HIS N 83 -46.14 -13.49 0.65
CA HIS N 83 -47.05 -12.92 1.62
C HIS N 83 -48.15 -12.06 0.96
N ILE N 84 -47.78 -11.23 -0.02
CA ILE N 84 -48.70 -10.22 -0.54
C ILE N 84 -49.76 -10.90 -1.43
N LYS N 85 -50.89 -10.20 -1.61
CA LYS N 85 -52.07 -10.73 -2.32
C LYS N 85 -51.81 -10.77 -3.82
N PRO N 86 -51.28 -9.70 -4.45
CA PRO N 86 -51.06 -9.74 -5.89
C PRO N 86 -50.10 -10.85 -6.35
N ASP N 87 -50.36 -11.41 -7.53
CA ASP N 87 -49.44 -12.26 -8.22
C ASP N 87 -48.19 -11.44 -8.61
N VAL N 88 -47.01 -12.04 -8.41
CA VAL N 88 -45.75 -11.45 -8.88
C VAL N 88 -45.22 -12.31 -10.03
N GLN N 89 -45.25 -11.74 -11.24
CA GLN N 89 -44.66 -12.35 -12.40
C GLN N 89 -43.14 -12.14 -12.32
N THR N 90 -42.37 -13.15 -12.76
CA THR N 90 -40.91 -13.02 -12.82
C THR N 90 -40.47 -13.19 -14.28
N ILE N 91 -39.58 -12.30 -14.70
CA ILE N 91 -39.01 -12.33 -16.04
C ILE N 91 -37.48 -12.23 -15.93
N CYS N 92 -36.80 -13.29 -16.34
CA CYS N 92 -35.35 -13.30 -16.40
C CYS N 92 -34.87 -12.71 -17.74
N ILE N 93 -34.10 -11.63 -17.65
CA ILE N 93 -33.37 -11.05 -18.79
C ILE N 93 -31.88 -11.15 -18.46
N GLY N 94 -31.08 -11.59 -19.42
CA GLY N 94 -29.64 -11.67 -19.18
C GLY N 94 -29.26 -12.90 -18.39
N MET N 95 -29.34 -12.81 -17.06
CA MET N 95 -28.89 -13.90 -16.18
C MET N 95 -29.66 -13.86 -14.85
N ALA N 96 -30.02 -15.05 -14.38
CA ALA N 96 -30.48 -15.26 -13.02
C ALA N 96 -29.65 -16.41 -12.44
N ALA N 97 -28.72 -16.07 -11.55
CA ALA N 97 -27.83 -17.05 -10.96
C ALA N 97 -28.03 -17.07 -9.44
N SER N 98 -27.85 -18.28 -8.89
CA SER N 98 -27.85 -18.48 -7.47
C SER N 98 -29.16 -17.97 -6.87
N MET N 99 -29.11 -17.07 -5.90
CA MET N 99 -30.32 -16.59 -5.27
C MET N 99 -31.21 -15.88 -6.30
N GLY N 100 -30.61 -15.41 -7.40
CA GLY N 100 -31.36 -14.82 -8.51
C GLY N 100 -32.27 -15.83 -9.20
N SER N 101 -31.76 -17.05 -9.38
CA SER N 101 -32.56 -18.10 -10.01
C SER N 101 -33.63 -18.61 -9.02
N PHE N 102 -33.32 -18.55 -7.72
CA PHE N 102 -34.29 -18.92 -6.69
C PHE N 102 -35.51 -17.98 -6.74
N LEU N 103 -35.24 -16.67 -6.87
CA LEU N 103 -36.31 -15.68 -6.94
C LEU N 103 -37.10 -15.82 -8.25
N LEU N 104 -36.42 -16.15 -9.35
CA LEU N 104 -37.09 -16.37 -10.61
C LEU N 104 -38.15 -17.47 -10.44
N ALA N 105 -37.75 -18.57 -9.79
CA ALA N 105 -38.61 -19.74 -9.57
C ALA N 105 -39.75 -19.42 -8.59
N ALA N 106 -39.63 -18.32 -7.82
CA ALA N 106 -40.56 -17.95 -6.76
C ALA N 106 -41.77 -17.17 -7.30
N GLY N 107 -41.76 -16.79 -8.57
CA GLY N 107 -42.87 -16.07 -9.18
C GLY N 107 -44.15 -16.92 -9.17
N ALA N 108 -45.30 -16.25 -9.37
CA ALA N 108 -46.61 -16.91 -9.45
C ALA N 108 -46.57 -18.03 -10.50
N LYS N 109 -47.10 -19.19 -10.15
CA LYS N 109 -47.11 -20.35 -11.05
C LYS N 109 -47.88 -19.98 -12.32
N GLY N 110 -47.29 -20.29 -13.47
CA GLY N 110 -47.81 -19.91 -14.77
C GLY N 110 -47.28 -18.57 -15.25
N LYS N 111 -46.59 -17.80 -14.40
CA LYS N 111 -46.20 -16.43 -14.74
C LYS N 111 -44.69 -16.21 -14.47
N ARG N 112 -43.89 -17.26 -14.66
CA ARG N 112 -42.44 -17.20 -14.59
C ARG N 112 -41.89 -17.36 -16.01
N PHE N 113 -41.12 -16.35 -16.47
CA PHE N 113 -40.65 -16.28 -17.84
C PHE N 113 -39.13 -16.05 -17.88
N ALA N 114 -38.52 -16.44 -19.00
CA ALA N 114 -37.18 -16.03 -19.36
C ALA N 114 -37.18 -15.64 -20.83
N LEU N 115 -36.38 -14.62 -21.19
CA LEU N 115 -36.17 -14.29 -22.58
C LEU N 115 -35.23 -15.34 -23.19
N PRO N 116 -35.26 -15.55 -24.53
CA PRO N 116 -34.67 -16.73 -25.14
C PRO N 116 -33.17 -16.94 -24.91
N ASN N 117 -32.42 -15.83 -24.75
CA ASN N 117 -30.96 -15.94 -24.62
C ASN N 117 -30.53 -15.72 -23.17
N ALA N 118 -31.51 -15.66 -22.25
CA ALA N 118 -31.24 -15.54 -20.82
C ALA N 118 -30.57 -16.82 -20.30
N GLU N 119 -29.70 -16.65 -19.31
CA GLU N 119 -29.03 -17.74 -18.66
C GLU N 119 -29.56 -17.89 -17.23
N VAL N 120 -29.75 -19.13 -16.81
CA VAL N 120 -30.14 -19.43 -15.46
C VAL N 120 -29.06 -20.35 -14.89
N MET N 121 -28.59 -20.07 -13.67
CA MET N 121 -27.60 -20.93 -13.07
C MET N 121 -28.04 -21.26 -11.63
N ILE N 122 -27.92 -22.55 -11.30
CA ILE N 122 -28.22 -23.04 -9.96
C ILE N 122 -26.97 -23.71 -9.41
N HIS N 123 -26.80 -23.60 -8.10
CA HIS N 123 -25.66 -24.16 -7.40
C HIS N 123 -25.94 -24.14 -5.89
N GLN N 124 -25.04 -24.74 -5.12
CA GLN N 124 -25.17 -24.76 -3.67
C GLN N 124 -24.67 -23.44 -3.10
N PRO N 125 -25.14 -23.06 -1.91
CA PRO N 125 -24.71 -21.81 -1.27
C PRO N 125 -23.23 -21.81 -0.90
N LEU N 126 -22.67 -20.60 -0.88
CA LEU N 126 -21.27 -20.34 -0.56
C LEU N 126 -21.17 -19.64 0.77
N GLY N 127 -20.07 -19.87 1.48
CA GLY N 127 -19.79 -19.18 2.72
C GLY N 127 -18.40 -19.50 3.22
N GLY N 128 -18.20 -19.22 4.50
CA GLY N 128 -16.90 -19.33 5.11
C GLY N 128 -17.00 -19.29 6.63
N ALA N 129 -15.93 -19.77 7.28
CA ALA N 129 -15.84 -19.90 8.70
C ALA N 129 -14.36 -19.98 9.08
N GLN N 130 -14.00 -19.29 10.18
CA GLN N 130 -12.68 -19.28 10.72
C GLN N 130 -12.82 -19.32 12.26
N GLY N 131 -11.93 -20.06 12.93
CA GLY N 131 -11.82 -20.03 14.39
C GLY N 131 -11.74 -21.44 14.95
N GLN N 132 -12.35 -21.63 16.12
CA GLN N 132 -12.30 -22.88 16.85
C GLN N 132 -13.13 -23.94 16.11
N ALA N 133 -12.75 -25.20 16.30
CA ALA N 133 -13.48 -26.35 15.72
C ALA N 133 -14.98 -26.21 15.94
N THR N 134 -15.38 -25.88 17.18
CA THR N 134 -16.79 -25.72 17.54
C THR N 134 -17.47 -24.61 16.73
N GLU N 135 -16.75 -23.52 16.45
CA GLU N 135 -17.29 -22.40 15.67
C GLU N 135 -17.47 -22.84 14.23
N ILE N 136 -16.51 -23.62 13.71
CA ILE N 136 -16.58 -24.09 12.34
C ILE N 136 -17.76 -25.06 12.20
N GLU N 137 -17.98 -25.89 13.22
CA GLU N 137 -19.09 -26.83 13.27
C GLU N 137 -20.41 -26.08 13.17
N ILE N 138 -20.57 -25.02 13.97
CA ILE N 138 -21.81 -24.21 13.99
C ILE N 138 -22.05 -23.61 12.60
N ALA N 139 -21.02 -23.01 12.01
CA ALA N 139 -21.12 -22.42 10.66
C ALA N 139 -21.47 -23.49 9.63
N ALA N 140 -20.85 -24.68 9.70
CA ALA N 140 -21.13 -25.74 8.75
C ALA N 140 -22.59 -26.20 8.85
N ASN N 141 -23.05 -26.42 10.08
CA ASN N 141 -24.43 -26.86 10.33
C ASN N 141 -25.40 -25.80 9.80
N HIS N 142 -25.07 -24.53 9.99
CA HIS N 142 -25.92 -23.45 9.52
C HIS N 142 -26.03 -23.45 8.00
N ILE N 143 -24.92 -23.54 7.27
CA ILE N 143 -25.00 -23.45 5.83
C ILE N 143 -25.63 -24.72 5.26
N LEU N 144 -25.47 -25.88 5.91
CA LEU N 144 -26.10 -27.11 5.45
C LEU N 144 -27.62 -27.03 5.64
N LYS N 145 -28.08 -26.47 6.76
CA LYS N 145 -29.51 -26.21 7.00
C LYS N 145 -30.05 -25.22 5.96
N THR N 146 -29.29 -24.16 5.66
CA THR N 146 -29.69 -23.20 4.66
C THR N 146 -29.89 -23.90 3.32
N ARG N 147 -28.96 -24.79 2.96
CA ARG N 147 -29.05 -25.51 1.68
C ARG N 147 -30.30 -26.41 1.66
N GLU N 148 -30.57 -27.13 2.76
CA GLU N 148 -31.77 -28.00 2.86
C GLU N 148 -33.03 -27.17 2.63
N LYS N 149 -33.10 -25.98 3.25
CA LYS N 149 -34.25 -25.08 3.13
C LYS N 149 -34.41 -24.64 1.68
N LEU N 150 -33.33 -24.21 1.03
CA LEU N 150 -33.39 -23.77 -0.37
C LEU N 150 -33.86 -24.93 -1.27
N ASN N 151 -33.30 -26.13 -1.05
CA ASN N 151 -33.56 -27.28 -1.89
C ASN N 151 -35.04 -27.71 -1.76
N ARG N 152 -35.54 -27.72 -0.52
CA ARG N 152 -36.93 -28.10 -0.25
C ARG N 152 -37.87 -27.16 -1.02
N ILE N 153 -37.65 -25.84 -0.89
CA ILE N 153 -38.52 -24.87 -1.54
C ILE N 153 -38.38 -25.02 -3.06
N LEU N 154 -37.17 -25.22 -3.55
CA LEU N 154 -36.96 -25.34 -4.98
C LEU N 154 -37.65 -26.60 -5.51
N SER N 155 -37.70 -27.66 -4.69
CA SER N 155 -38.42 -28.88 -5.02
C SER N 155 -39.92 -28.59 -5.18
N GLU N 156 -40.49 -27.86 -4.21
CA GLU N 156 -41.90 -27.47 -4.24
C GLU N 156 -42.17 -26.60 -5.47
N ARG N 157 -41.26 -25.68 -5.83
CA ARG N 157 -41.54 -24.70 -6.90
C ARG N 157 -41.33 -25.31 -8.30
N THR N 158 -40.48 -26.34 -8.42
CA THR N 158 -40.15 -26.90 -9.74
C THR N 158 -40.88 -28.22 -10.01
N GLY N 159 -41.27 -28.95 -8.97
CA GLY N 159 -41.77 -30.33 -9.10
C GLY N 159 -40.65 -31.37 -9.15
N GLN N 160 -39.38 -30.96 -9.09
CA GLN N 160 -38.27 -31.92 -9.05
C GLN N 160 -38.13 -32.44 -7.62
N SER N 161 -37.63 -33.69 -7.49
CA SER N 161 -37.35 -34.24 -6.16
C SER N 161 -36.18 -33.49 -5.51
N ILE N 162 -36.17 -33.51 -4.17
CA ILE N 162 -35.09 -32.98 -3.35
C ILE N 162 -33.76 -33.65 -3.74
N GLU N 163 -33.78 -34.97 -3.98
CA GLU N 163 -32.59 -35.74 -4.31
C GLU N 163 -32.01 -35.23 -5.64
N LYS N 164 -32.88 -34.94 -6.61
CA LYS N 164 -32.41 -34.47 -7.90
C LYS N 164 -31.85 -33.03 -7.76
N ILE N 165 -32.52 -32.16 -6.99
CA ILE N 165 -32.06 -30.79 -6.80
C ILE N 165 -30.65 -30.83 -6.19
N GLN N 166 -30.46 -31.67 -5.17
CA GLN N 166 -29.19 -31.83 -4.46
C GLN N 166 -28.06 -32.17 -5.45
N LYS N 167 -28.31 -33.15 -6.31
CA LYS N 167 -27.33 -33.61 -7.30
C LYS N 167 -27.05 -32.51 -8.33
N ASP N 168 -28.11 -31.81 -8.77
CA ASP N 168 -27.99 -30.87 -9.87
C ASP N 168 -27.38 -29.53 -9.41
N THR N 169 -27.27 -29.29 -8.11
CA THR N 169 -26.70 -28.05 -7.57
C THR N 169 -25.35 -28.30 -6.89
N ASP N 170 -24.81 -29.51 -7.02
CA ASP N 170 -23.57 -29.87 -6.35
C ASP N 170 -22.45 -28.96 -6.87
N ARG N 171 -22.45 -28.70 -8.17
CA ARG N 171 -21.56 -27.74 -8.83
C ARG N 171 -22.41 -26.75 -9.63
N ASP N 172 -21.76 -25.67 -10.12
CA ASP N 172 -22.39 -24.72 -10.98
C ASP N 172 -23.04 -25.44 -12.15
N ASN N 173 -24.34 -25.17 -12.34
CA ASN N 173 -25.15 -25.80 -13.36
C ASN N 173 -25.85 -24.70 -14.17
N PHE N 174 -25.36 -24.47 -15.39
CA PHE N 174 -25.86 -23.44 -16.29
C PHE N 174 -26.97 -24.02 -17.18
N LEU N 175 -28.13 -23.35 -17.23
CA LEU N 175 -29.28 -23.76 -18.03
C LEU N 175 -29.59 -22.67 -19.06
N THR N 176 -29.95 -23.08 -20.27
CA THR N 176 -30.64 -22.21 -21.23
C THR N 176 -32.08 -21.93 -20.72
N ALA N 177 -32.73 -20.93 -21.30
CA ALA N 177 -34.11 -20.62 -20.99
C ALA N 177 -35.00 -21.86 -21.19
N GLU N 178 -34.79 -22.54 -22.32
CA GLU N 178 -35.57 -23.73 -22.66
C GLU N 178 -35.33 -24.84 -21.62
N GLU N 179 -34.07 -25.02 -21.21
CA GLU N 179 -33.75 -26.03 -20.19
C GLU N 179 -34.37 -25.63 -18.84
N ALA N 180 -34.40 -24.33 -18.52
CA ALA N 180 -34.99 -23.87 -17.27
C ALA N 180 -36.49 -24.18 -17.25
N LYS N 181 -37.13 -24.05 -18.41
CA LYS N 181 -38.55 -24.39 -18.55
C LYS N 181 -38.75 -25.90 -18.32
N GLU N 182 -37.96 -26.73 -18.99
CA GLU N 182 -38.02 -28.18 -18.83
C GLU N 182 -37.80 -28.55 -17.36
N TYR N 183 -36.93 -27.81 -16.66
CA TYR N 183 -36.60 -28.12 -15.28
C TYR N 183 -37.76 -27.74 -14.34
N GLY N 184 -38.59 -26.77 -14.72
CA GLY N 184 -39.66 -26.27 -13.85
C GLY N 184 -39.30 -24.99 -13.10
N LEU N 185 -38.18 -24.34 -13.46
CA LEU N 185 -37.77 -23.06 -12.83
C LEU N 185 -38.62 -21.90 -13.39
N ILE N 186 -39.00 -22.01 -14.67
CA ILE N 186 -39.90 -21.07 -15.32
C ILE N 186 -41.03 -21.87 -16.00
N ASP N 187 -42.06 -21.14 -16.42
CA ASP N 187 -43.23 -21.73 -17.08
C ASP N 187 -43.13 -21.59 -18.60
N GLU N 188 -42.57 -20.47 -19.09
CA GLU N 188 -42.53 -20.18 -20.53
C GLU N 188 -41.24 -19.43 -20.91
N VAL N 189 -40.74 -19.72 -22.11
CA VAL N 189 -39.80 -18.89 -22.80
C VAL N 189 -40.59 -17.83 -23.57
N MET N 190 -40.31 -16.56 -23.27
CA MET N 190 -40.99 -15.43 -23.87
C MET N 190 -40.38 -15.17 -25.26
N VAL N 191 -41.09 -15.61 -26.29
CA VAL N 191 -40.65 -15.48 -27.70
C VAL N 191 -41.16 -14.14 -28.26
N PRO N 192 -40.44 -13.51 -29.21
CA PRO N 192 -40.88 -12.23 -29.77
C PRO N 192 -41.98 -12.36 -30.85
N GLU N 193 -42.97 -11.45 -30.82
CA GLU N 193 -43.93 -11.23 -31.94
C GLU N 193 -43.23 -10.51 -33.09
C1 SHV O 1 34.37 -6.56 33.25
O2 SHV O 1 35.34 -6.09 33.80
C2 SHV O 1 34.42 -7.68 32.19
C3 SHV O 1 35.32 -7.74 31.19
C4 SHV O 1 35.17 -8.92 30.27
C5 SHV O 1 36.21 -8.93 29.16
C6 SHV O 1 36.63 -10.37 28.99
C7 SHV O 1 36.81 -10.64 27.52
C WFP O 2 33.72 -5.71 35.78
N WFP O 2 33.02 -6.07 33.61
O WFP O 2 33.04 -6.21 36.68
F1 WFP O 2 31.29 -0.57 32.57
F2 WFP O 2 28.90 -4.17 30.76
CA WFP O 2 32.99 -5.09 34.58
CB WFP O 2 31.52 -4.80 34.89
CG WFP O 2 30.98 -3.98 33.74
CZ WFP O 2 30.07 -2.36 31.63
CD1 WFP O 2 31.33 -2.65 33.65
CD2 WFP O 2 30.13 -4.56 32.75
CE1 WFP O 2 30.89 -1.85 32.61
CE2 WFP O 2 29.69 -3.70 31.71
N SER O 3 35.21 -5.75 35.86
CA SER O 3 35.83 -6.37 37.04
C SER O 3 36.91 -5.53 37.71
N PRO O 4 37.12 -5.74 39.15
CA PRO O 4 36.37 -6.65 39.95
C PRO O 4 35.01 -6.15 39.90
C YCP O 5 32.94 -8.95 39.75
N YCP O 5 33.81 -6.93 40.25
O YCP O 5 32.49 -10.02 40.10
CA YCP O 5 33.86 -8.23 40.63
CB YCP O 5 33.14 -8.36 41.93
CD YCP O 5 31.72 -6.44 41.41
CE YCP O 5 32.51 -6.25 40.14
CG YCP O 5 32.59 -7.05 42.42
N ALA O 6 32.54 -8.40 38.48
CA ALA O 6 31.61 -9.15 37.69
C ALA O 6 31.97 -9.42 36.22
C MP8 O 7 35.07 -9.72 37.15
N MP8 O 7 33.18 -10.12 35.80
O MP8 O 7 35.40 -9.81 38.29
CA MP8 O 7 34.27 -10.62 36.56
CB MP8 O 7 34.82 -11.75 35.96
CD MP8 O 7 33.60 -10.42 34.42
CE MP8 O 7 34.89 -12.36 33.52
CG MP8 O 7 34.83 -11.20 34.58
C1 SHV P 1 45.50 6.53 13.00
O2 SHV P 1 46.45 6.83 12.29
C2 SHV P 1 45.12 5.06 13.12
C3 SHV P 1 45.91 4.09 12.63
C4 SHV P 1 45.34 2.72 12.84
C5 SHV P 1 45.38 1.79 11.61
C6 SHV P 1 45.83 0.51 12.28
C7 SHV P 1 45.53 -0.64 11.38
C WFP P 2 46.18 9.02 14.58
N WFP P 2 44.66 7.52 13.69
O WFP P 2 46.03 9.52 15.72
F1 WFP P 2 42.22 11.47 9.79
F2 WFP P 2 39.37 8.50 12.14
CA WFP P 2 45.02 8.86 13.57
CB WFP P 2 43.86 9.74 14.00
CG WFP P 2 42.77 9.79 12.95
CZ WFP P 2 40.80 9.98 10.96
CD1 WFP P 2 42.98 10.58 11.84
CD2 WFP P 2 41.53 9.04 13.11
CE1 WFP P 2 41.99 10.69 10.85
CE2 WFP P 2 40.56 9.16 12.08
N SER P 3 47.49 8.45 14.18
CA SER P 3 48.61 8.52 15.07
C SER P 3 49.69 9.34 14.43
N PRO P 4 50.45 10.30 15.25
CA PRO P 4 50.27 10.51 16.66
C PRO P 4 49.16 11.38 16.90
C YCP P 5 47.67 9.66 19.54
N YCP P 5 48.44 11.35 18.18
O YCP P 5 47.63 9.21 20.65
CA YCP P 5 48.82 10.48 19.20
CB YCP P 5 48.88 11.21 20.51
CD YCP P 5 46.94 12.53 19.72
CE YCP P 5 47.29 12.29 18.28
CG YCP P 5 48.12 12.51 20.57
N ALA P 6 46.65 9.43 18.53
CA ALA P 6 45.48 8.68 18.88
C ALA P 6 45.08 7.45 18.03
C MP8 P 7 48.24 6.65 17.46
N MP8 P 7 45.93 6.29 17.78
O MP8 P 7 49.07 7.38 17.93
CA MP8 P 7 47.29 6.02 18.15
CB MP8 P 7 47.64 4.60 18.08
CD MP8 P 7 45.56 5.08 16.98
CE MP8 P 7 46.37 2.70 17.15
CG MP8 P 7 46.75 4.21 16.97
C1 SHV Q 1 46.44 0.45 -12.42
O2 SHV Q 1 47.18 0.08 -13.32
C2 SHV Q 1 46.15 -0.34 -11.15
C3 SHV Q 1 46.62 -1.60 -10.94
C4 SHV Q 1 46.19 -2.13 -9.62
C5 SHV Q 1 45.84 -3.61 -9.59
C6 SHV Q 1 46.63 -4.09 -8.40
C7 SHV Q 1 45.89 -5.34 -8.02
C WFP Q 2 47.43 2.84 -13.66
N WFP Q 2 45.75 1.72 -12.53
O WFP Q 2 47.62 4.03 -13.54
F1 WFP Q 2 41.52 2.77 -16.22
F2 WFP Q 2 40.82 3.51 -11.52
CA WFP Q 2 45.99 2.45 -13.69
CB WFP Q 2 45.29 3.79 -13.55
CG WFP Q 2 43.81 3.53 -13.64
CZ WFP Q 2 41.03 3.07 -13.92
CD1 WFP Q 2 43.28 3.26 -14.87
CD2 WFP Q 2 42.98 3.57 -12.47
CE1 WFP Q 2 41.91 3.05 -15.00
CE2 WFP Q 2 41.59 3.38 -12.62
N SER Q 3 48.50 1.83 -13.75
CA SER Q 3 49.86 2.25 -13.72
C SER Q 3 50.58 2.10 -15.04
N PRO Q 4 51.64 3.08 -15.37
CA PRO Q 4 52.01 4.15 -14.49
C PRO Q 4 50.96 5.13 -14.66
C YCP Q 5 50.71 6.17 -11.43
N YCP Q 5 50.79 6.18 -13.65
O YCP Q 5 51.03 6.72 -10.40
CA YCP Q 5 51.62 6.20 -12.57
CB YCP Q 5 52.28 7.53 -12.55
CD YCP Q 5 49.95 8.19 -12.65
CE YCP Q 5 49.74 7.21 -13.76
CG YCP Q 5 51.33 8.67 -12.80
N ALA Q 6 49.44 5.45 -11.53
CA ALA Q 6 48.61 5.50 -10.35
C ALA Q 6 47.86 4.22 -9.94
C MP8 Q 7 50.52 2.71 -10.62
N MP8 Q 7 48.57 3.02 -9.47
O MP8 Q 7 51.50 3.29 -11.00
CA MP8 Q 7 49.96 2.80 -9.40
CB MP8 Q 7 50.44 1.49 -9.01
CD MP8 Q 7 48.00 1.75 -9.05
CE MP8 Q 7 49.09 0.30 -7.33
CG MP8 Q 7 49.13 0.83 -8.80
C1 SHV R 1 36.35 -20.65 -24.02
O2 SHV R 1 36.49 -21.72 -24.59
C2 SHV R 1 36.98 -20.42 -22.65
C3 SHV R 1 36.54 -21.12 -21.59
C4 SHV R 1 37.20 -20.81 -20.30
C5 SHV R 1 36.99 -21.91 -19.28
C6 SHV R 1 38.29 -21.82 -18.56
C7 SHV R 1 37.86 -21.23 -17.25
C WFP R 2 36.44 -19.94 -26.70
N WFP R 2 35.58 -19.56 -24.66
O WFP R 2 36.89 -18.97 -27.34
F1 WFP R 2 29.94 -20.17 -27.02
F2 WFP R 2 30.68 -17.23 -23.53
CA WFP R 2 35.12 -19.82 -25.95
CB WFP R 2 34.38 -18.62 -26.54
CG WFP R 2 32.95 -18.62 -26.02
CZ WFP R 2 30.23 -18.71 -25.22
CD1 WFP R 2 32.03 -19.37 -26.68
CD2 WFP R 2 32.50 -17.87 -24.91
CE1 WFP R 2 30.71 -19.40 -26.30
CE2 WFP R 2 31.14 -17.92 -24.55
N SER R 3 37.26 -21.19 -26.62
CA SER R 3 38.49 -21.16 -27.35
C SER R 3 38.65 -22.34 -28.30
N PRO R 4 39.45 -22.09 -29.48
CA PRO R 4 40.09 -20.84 -29.77
C PRO R 4 39.11 -19.90 -30.28
C YCP R 5 40.29 -17.02 -28.76
N YCP R 5 39.37 -18.44 -30.34
O YCP R 5 41.09 -16.17 -28.50
CA YCP R 5 40.56 -17.94 -29.88
CB YCP R 5 41.13 -17.01 -30.91
CD YCP R 5 38.88 -16.59 -31.91
CE YCP R 5 38.32 -17.59 -30.91
CG YCP R 5 40.31 -16.73 -32.15
N ALA R 6 39.12 -17.10 -27.94
CA ALA R 6 38.94 -16.13 -26.90
C ALA R 6 38.62 -16.61 -25.50
C MP8 R 7 40.82 -18.84 -26.03
N MP8 R 7 39.55 -17.39 -24.66
O MP8 R 7 41.61 -18.95 -26.93
CA MP8 R 7 40.83 -17.94 -24.98
CB MP8 R 7 41.67 -18.27 -23.88
CD MP8 R 7 39.31 -17.92 -23.30
CE MP8 R 7 40.94 -18.33 -21.45
CG MP8 R 7 40.56 -18.64 -22.95
C1 SHV S 1 22.31 -40.71 -13.26
O2 SHV S 1 22.15 -41.77 -12.69
C2 SHV S 1 23.30 -39.66 -12.70
C3 SHV S 1 24.37 -39.99 -11.93
C4 SHV S 1 25.21 -38.81 -11.50
C5 SHV S 1 25.67 -38.97 -10.05
C6 SHV S 1 27.03 -38.34 -9.95
C7 SHV S 1 27.07 -37.64 -8.62
C WFP S 2 21.50 -41.96 -16.00
N WFP S 2 21.54 -40.32 -14.45
O WFP S 2 21.51 -41.75 -17.22
F1 WFP S 2 15.52 -40.55 -13.40
F2 WFP S 2 17.75 -36.42 -13.61
CA WFP S 2 20.61 -41.15 -15.09
CB WFP S 2 19.65 -40.31 -15.93
CG WFP S 2 18.60 -39.66 -15.08
CZ WFP S 2 16.61 -38.47 -13.49
CD1 WFP S 2 17.51 -40.40 -14.63
CD2 WFP S 2 18.69 -38.28 -14.74
CE1 WFP S 2 16.54 -39.80 -13.85
CE2 WFP S 2 17.69 -37.71 -13.94
N SER S 3 22.37 -42.96 -15.39
CA SER S 3 23.28 -43.74 -16.18
C SER S 3 23.03 -45.21 -16.02
N PRO S 4 23.09 -46.05 -17.22
CA PRO S 4 23.36 -45.54 -18.52
C PRO S 4 22.18 -44.81 -18.93
C YCP S 5 23.91 -42.19 -20.35
N YCP S 5 22.35 -43.83 -20.01
O YCP S 5 24.79 -41.68 -21.05
CA YCP S 5 23.58 -43.62 -20.57
CB YCP S 5 23.34 -43.70 -22.04
CD YCP S 5 20.84 -43.50 -21.87
CE YCP S 5 21.16 -43.07 -20.46
CG YCP S 5 21.97 -44.28 -22.40
N ALA S 6 23.22 -41.44 -19.28
CA ALA S 6 23.49 -40.03 -19.12
C ALA S 6 23.76 -39.31 -17.80
C MP8 S 7 25.51 -41.81 -17.01
N MP8 S 7 24.94 -39.56 -16.97
O MP8 S 7 25.58 -42.64 -17.87
CA MP8 S 7 25.93 -40.55 -17.16
CB MP8 S 7 27.18 -40.09 -16.68
CD MP8 S 7 25.36 -38.94 -15.71
CE MP8 S 7 27.75 -38.43 -14.91
CG MP8 S 7 26.70 -39.49 -15.42
C1 SHV T 1 15.56 -44.16 11.62
O2 SHV T 1 15.63 -44.52 12.77
C2 SHV T 1 16.79 -43.48 10.94
C3 SHV T 1 18.04 -43.59 11.52
C4 SHV T 1 19.26 -42.99 10.86
C5 SHV T 1 19.61 -41.57 11.33
C6 SHV T 1 20.89 -41.23 10.59
C7 SHV T 1 21.92 -40.83 11.61
C WFP T 2 13.60 -46.54 11.38
N WFP T 2 14.31 -44.40 10.84
O WFP T 2 12.94 -47.23 10.59
F1 WFP T 2 9.63 -42.11 14.06
F2 WFP T 2 10.93 -40.11 9.96
CA WFP T 2 13.26 -45.07 11.50
CB WFP T 2 11.93 -44.83 10.79
CG WFP T 2 11.34 -43.48 11.21
CZ WFP T 2 10.26 -41.02 12.03
CD1 WFP T 2 10.72 -43.35 12.44
CD2 WFP T 2 11.41 -42.36 10.36
CE1 WFP T 2 10.19 -42.15 12.84
CE2 WFP T 2 10.86 -41.15 10.78
N SER T 3 14.70 -47.14 12.16
CA SER T 3 14.96 -48.55 11.98
C SER T 3 15.00 -49.38 13.26
N PRO T 4 14.73 -50.81 13.05
CA PRO T 4 14.45 -51.36 11.77
C PRO T 4 13.16 -50.86 11.31
C YCP T 5 13.78 -50.40 7.91
N YCP T 5 12.77 -50.92 9.87
O YCP T 5 13.89 -50.70 6.73
CA YCP T 5 13.61 -51.45 8.93
CB YCP T 5 12.87 -52.54 8.23
CD YCP T 5 11.17 -50.79 8.03
CE YCP T 5 11.46 -50.38 9.46
CG YCP T 5 11.44 -52.22 7.88
N ALA T 6 13.83 -49.00 8.30
CA ALA T 6 13.97 -48.05 7.23
C ALA T 6 14.91 -46.84 7.41
C MP8 T 7 16.62 -48.78 8.90
N MP8 T 7 16.35 -46.90 7.67
O MP8 T 7 16.38 -49.96 8.76
CA MP8 T 7 17.17 -48.03 7.94
CB MP8 T 7 18.52 -47.69 8.10
CD MP8 T 7 17.22 -45.72 7.82
CE MP8 T 7 19.68 -45.78 7.26
CG MP8 T 7 18.53 -46.24 8.21
C1 SHV U 1 -18.08 34.99 -27.21
O2 SHV U 1 -18.06 36.22 -27.26
C2 SHV U 1 -19.13 34.11 -26.51
C3 SHV U 1 -20.22 34.65 -25.88
C4 SHV U 1 -21.17 33.68 -25.26
C5 SHV U 1 -22.39 34.39 -24.71
C6 SHV U 1 -23.52 33.43 -24.60
C7 SHV U 1 -23.75 33.25 -23.12
C WFP U 2 -16.71 35.56 -29.81
N WFP U 2 -17.06 34.25 -27.92
O WFP U 2 -16.47 35.02 -30.91
F1 WFP U 2 -11.73 34.75 -25.63
F2 WFP U 2 -13.87 30.48 -25.87
CA WFP U 2 -16.07 34.99 -28.58
CB WFP U 2 -15.04 33.99 -28.98
CG WFP U 2 -14.23 33.54 -27.78
CZ WFP U 2 -12.69 32.60 -25.58
CD1 WFP U 2 -13.31 34.35 -27.20
CD2 WFP U 2 -14.43 32.21 -27.29
CE1 WFP U 2 -12.57 33.88 -26.13
CE2 WFP U 2 -13.65 31.75 -26.23
N SER U 3 -17.67 36.69 -29.63
CA SER U 3 -18.34 37.29 -30.75
C SER U 3 -18.10 38.77 -30.79
N PRO U 4 -17.88 39.37 -32.10
CA PRO U 4 -17.91 38.58 -33.27
C PRO U 4 -16.69 37.81 -33.33
C YCP U 5 -18.00 34.85 -34.42
N YCP U 5 -16.62 36.63 -34.22
O YCP U 5 -18.65 34.07 -35.09
CA YCP U 5 -17.74 36.23 -34.91
CB YCP U 5 -17.42 36.10 -36.35
CD YCP U 5 -15.21 35.29 -35.63
CE YCP U 5 -15.36 35.90 -34.27
CG YCP U 5 -15.93 36.07 -36.63
N ALA U 6 -17.48 34.40 -33.12
CA ALA U 6 -17.74 33.04 -32.72
C ALA U 6 -18.34 32.71 -31.31
C MP8 U 7 -20.40 35.20 -31.69
N MP8 U 7 -19.72 33.10 -30.86
O MP8 U 7 -20.31 35.72 -32.78
CA MP8 U 7 -20.69 33.88 -31.54
CB MP8 U 7 -22.02 33.64 -31.17
CD MP8 U 7 -20.41 32.82 -29.60
CE MP8 U 7 -22.93 32.68 -29.13
CG MP8 U 7 -21.73 33.48 -29.74
C1 SHV V 1 -16.95 45.10 -2.87
O2 SHV V 1 -17.18 45.84 -1.94
C2 SHV V 1 -18.03 44.26 -3.60
C3 SHV V 1 -19.24 43.97 -3.04
C4 SHV V 1 -20.23 43.20 -3.89
C5 SHV V 1 -20.92 41.98 -3.26
C6 SHV V 1 -21.98 41.86 -4.31
C7 SHV V 1 -22.59 40.52 -4.19
C WFP V 2 -14.99 47.23 -3.30
N WFP V 2 -15.57 45.08 -3.35
O WFP V 2 -14.20 47.64 -4.15
F1 WFP V 2 -11.53 43.68 0.83
F2 WFP V 2 -12.23 40.69 -2.74
CA WFP V 2 -14.68 45.90 -2.67
CB WFP V 2 -13.28 45.56 -3.11
CG WFP V 2 -12.80 44.29 -2.40
CZ WFP V 2 -11.85 42.14 -0.90
CD1 WFP V 2 -12.36 44.48 -1.12
CD2 WFP V 2 -12.80 43.00 -3.01
CE1 WFP V 2 -11.91 43.41 -0.40
CE2 WFP V 2 -12.29 41.94 -2.23
N SER V 3 -16.21 48.01 -2.96
CA SER V 3 -16.46 49.26 -3.63
C SER V 3 -16.58 50.40 -2.65
N PRO V 4 -16.12 51.74 -3.04
CA PRO V 4 -15.48 52.12 -4.31
C PRO V 4 -14.20 51.46 -4.42
C YCP V 5 -14.24 50.02 -7.60
N YCP V 5 -13.54 51.12 -5.73
O YCP V 5 -14.28 49.96 -8.82
CA YCP V 5 -14.09 51.36 -6.96
CB YCP V 5 -13.03 51.92 -7.83
CD YCP V 5 -11.18 51.30 -6.28
CE YCP V 5 -12.24 50.43 -5.68
CG YCP V 5 -11.80 52.37 -7.08
N ALA V 6 -14.35 48.80 -6.81
CA ALA V 6 -14.43 47.57 -7.57
C ALA V 6 -15.32 46.40 -7.10
C MP8 V 7 -17.64 48.57 -6.52
N MP8 V 7 -16.76 46.46 -7.11
O MP8 V 7 -17.38 49.71 -6.75
CA MP8 V 7 -17.63 47.56 -7.43
CB MP8 V 7 -18.71 47.02 -8.19
CD MP8 V 7 -17.71 45.42 -6.72
CE MP8 V 7 -19.88 44.85 -7.90
CG MP8 V 7 -19.00 45.95 -7.21
C1 SHV W 1 -26.71 35.35 19.18
O2 SHV W 1 -27.46 34.95 20.04
C2 SHV W 1 -27.17 35.33 17.69
C3 SHV W 1 -28.51 35.21 17.44
C4 SHV W 1 -29.09 35.19 16.04
C5 SHV W 1 -29.37 33.78 15.54
C6 SHV W 1 -29.79 33.97 14.11
C7 SHV W 1 -30.80 32.91 13.75
C WFP W 2 -25.32 37.40 21.27
N WFP W 2 -25.39 35.87 19.58
O WFP W 2 -24.43 38.26 21.10
F1 WFP W 2 -22.67 31.63 23.37
F2 WFP W 2 -21.55 31.75 18.81
CA WFP W 2 -25.02 35.93 20.93
CB WFP W 2 -23.51 35.72 21.12
CG WFP W 2 -23.02 34.28 21.06
CZ WFP W 2 -22.10 31.60 21.10
CD1 WFP W 2 -23.03 33.54 22.20
CD2 WFP W 2 -22.50 33.68 19.86
CE1 WFP W 2 -22.58 32.24 22.22
CE2 WFP W 2 -22.05 32.34 19.91
N SER W 3 -26.67 37.82 21.76
CA SER W 3 -26.92 39.21 22.06
C SER W 3 -27.74 39.34 23.32
N PRO W 4 -27.56 40.55 24.15
CA PRO W 4 -26.65 41.62 23.83
C PRO W 4 -25.32 41.08 23.83
C YCP W 5 -24.12 42.15 20.72
N YCP W 5 -24.30 41.62 22.91
O YCP W 5 -23.86 42.97 19.87
CA YCP W 5 -24.55 42.64 22.04
CB YCP W 5 -23.50 43.64 22.35
CD YCP W 5 -22.09 42.10 23.65
CE YCP W 5 -22.94 41.06 22.97
CG YCP W 5 -22.78 43.39 23.65
N ALA W 6 -24.02 40.72 20.44
CA ALA W 6 -23.55 40.33 19.16
C ALA W 6 -24.21 39.21 18.30
C MP8 W 7 -26.72 40.83 18.90
N MP8 W 7 -25.46 39.41 17.59
O MP8 W 7 -26.64 41.92 19.39
CA MP8 W 7 -26.33 40.56 17.64
CB MP8 W 7 -27.07 40.62 16.42
CD MP8 W 7 -26.18 38.45 16.72
CE MP8 W 7 -27.68 38.95 14.70
CG MP8 W 7 -27.35 39.18 16.22
C1 SHV X 1 -48.05 -4.41 4.86
O2 SHV X 1 -48.92 -4.86 4.14
C2 SHV X 1 -47.52 -2.96 4.81
C3 SHV X 1 -47.91 -2.08 3.84
C4 SHV X 1 -47.29 -0.73 3.91
C5 SHV X 1 -47.37 0.01 2.59
C6 SHV X 1 -47.78 1.41 2.98
C7 SHV X 1 -47.11 2.33 1.99
C WFP X 2 -48.99 -6.49 6.82
N WFP X 2 -47.35 -5.22 5.87
O WFP X 2 -49.04 -6.73 8.03
F1 WFP X 2 -44.15 -9.76 3.48
F2 WFP X 2 -41.97 -5.98 5.39
CA WFP X 2 -47.67 -6.55 6.06
CB WFP X 2 -46.52 -7.17 6.83
CG WFP X 2 -45.28 -7.40 5.98
CZ WFP X 2 -42.99 -7.88 4.39
CD1 WFP X 2 -45.22 -8.46 5.11
CD2 WFP X 2 -44.16 -6.55 6.07
CE1 WFP X 2 -44.11 -8.71 4.32
CE2 WFP X 2 -43.03 -6.81 5.28
N SER X 3 -50.21 -6.07 6.11
CA SER X 3 -51.47 -6.03 6.83
C SER X 3 -52.51 -6.81 6.07
N PRO X 4 -53.53 -7.49 6.89
CA PRO X 4 -53.50 -7.44 8.32
C PRO X 4 -52.27 -8.09 8.68
C YCP X 5 -51.25 -5.98 11.21
N YCP X 5 -51.67 -7.81 9.99
O YCP X 5 -51.43 -5.28 12.18
CA YCP X 5 -52.29 -6.95 10.84
CB YCP X 5 -52.56 -7.66 12.11
CD YCP X 5 -50.39 -8.71 11.81
CE YCP X 5 -50.42 -8.47 10.33
CG YCP X 5 -51.75 -8.91 12.30
N ALA X 6 -50.03 -5.85 10.41
CA ALA X 6 -49.03 -4.89 10.81
C ALA X 6 -48.46 -3.94 9.74
C MP8 X 7 -51.46 -3.34 8.95
N MP8 X 7 -49.21 -2.79 9.17
O MP8 X 7 -52.38 -3.76 9.59
CA MP8 X 7 -50.59 -2.43 9.39
CB MP8 X 7 -50.84 -1.09 9.08
CD MP8 X 7 -48.76 -1.82 8.16
CE MP8 X 7 -49.49 0.57 7.79
CG MP8 X 7 -49.91 -0.94 7.93
C1 SHV Y 1 -43.08 -4.36 -21.15
O2 SHV Y 1 -43.53 -4.15 -22.24
C2 SHV Y 1 -42.88 -3.21 -20.16
C3 SHV Y 1 -43.61 -2.06 -20.24
C4 SHV Y 1 -43.29 -1.02 -19.22
C5 SHV Y 1 -43.31 0.38 -19.79
C6 SHV Y 1 -44.17 1.15 -18.82
C7 SHV Y 1 -43.23 2.03 -18.07
C WFP Y 2 -44.29 -7.19 -21.71
N WFP Y 2 -42.71 -5.72 -20.74
O WFP Y 2 -44.66 -8.18 -21.09
F1 WFP Y 2 -38.15 -7.49 -23.67
F2 WFP Y 2 -37.68 -6.67 -19.13
CA WFP Y 2 -42.84 -6.82 -21.59
CB WFP Y 2 -42.10 -7.96 -20.93
CG WFP Y 2 -40.62 -7.65 -21.05
CZ WFP Y 2 -37.88 -7.08 -21.40
CD1 WFP Y 2 -40.03 -7.72 -22.30
CD2 WFP Y 2 -39.85 -7.27 -19.93
CE1 WFP Y 2 -38.69 -7.44 -22.47
CE2 WFP Y 2 -38.47 -7.01 -20.13
N SER Y 3 -45.21 -6.36 -22.55
CA SER Y 3 -46.61 -6.69 -22.67
C SER Y 3 -47.04 -6.96 -24.09
N PRO Y 4 -47.93 -8.10 -24.37
CA PRO Y 4 -48.40 -9.03 -23.39
C PRO Y 4 -47.38 -9.97 -23.05
C YCP Y 5 -47.99 -10.02 -19.72
N YCP Y 5 -47.50 -10.74 -21.82
O YCP Y 5 -48.61 -10.15 -18.70
CA YCP Y 5 -48.54 -10.59 -20.97
CB YCP Y 5 -48.89 -11.98 -20.57
CD YCP Y 5 -47.05 -13.09 -21.81
CE YCP Y 5 -46.46 -11.74 -21.52
CG YCP Y 5 -48.51 -13.00 -21.62
N ALA Y 6 -46.72 -9.29 -19.70
CA ALA Y 6 -46.24 -8.80 -18.43
C ALA Y 6 -45.65 -7.39 -18.32
C MP8 Y 7 -48.06 -6.26 -20.06
N MP8 Y 7 -46.43 -6.17 -18.47
O MP8 Y 7 -48.66 -7.22 -20.45
CA MP8 Y 7 -47.79 -6.01 -18.79
CB MP8 Y 7 -48.36 -4.84 -18.11
CD MP8 Y 7 -45.95 -4.78 -18.36
CE MP8 Y 7 -47.02 -2.93 -17.13
CG MP8 Y 7 -47.17 -3.96 -18.30
C1 MPD Z . 6.65 -5.65 37.20
C2 MPD Z . 7.74 -5.43 36.16
O2 MPD Z . 7.77 -4.11 35.64
CM MPD Z . 9.13 -5.48 36.79
C3 MPD Z . 7.54 -6.47 35.04
C4 MPD Z . 6.38 -6.24 34.06
O4 MPD Z . 6.60 -5.05 33.29
C5 MPD Z . 6.23 -7.33 32.99
C1 MPD AA . 22.77 17.65 24.95
C2 MPD AA . 23.22 16.66 23.91
O2 MPD AA . 23.13 17.17 22.59
CM MPD AA . 24.71 16.50 24.06
C3 MPD AA . 22.56 15.28 24.04
C4 MPD AA . 21.07 15.04 23.79
O4 MPD AA . 20.58 15.40 22.50
C5 MPD AA . 20.77 13.55 23.82
C1 MPD BA . 30.48 22.33 -4.51
C2 MPD BA . 30.46 20.84 -4.80
O2 MPD BA . 29.67 20.53 -5.99
CM MPD BA . 31.86 20.43 -5.23
C3 MPD BA . 30.04 20.10 -3.48
C4 MPD BA . 28.57 20.13 -3.06
O4 MPD BA . 27.74 19.56 -4.07
C5 MPD BA . 28.23 19.33 -1.79
C1 MPD CA . 24.40 4.50 -28.88
C2 MPD CA . 24.42 3.23 -28.06
O2 MPD CA . 23.25 2.45 -28.27
CM MPD CA . 25.43 2.26 -28.62
C3 MPD CA . 24.68 3.53 -26.57
C4 MPD CA . 23.59 4.33 -25.85
O4 MPD CA . 22.39 3.56 -25.69
C5 MPD CA . 23.92 4.71 -24.42
C1 MPD DA . 8.79 -22.60 -29.74
C2 MPD DA . 9.41 -22.79 -28.36
O2 MPD DA . 8.42 -23.01 -27.30
CM MPD DA . 10.25 -24.08 -28.32
C3 MPD DA . 10.28 -21.52 -28.04
C4 MPD DA . 9.51 -20.27 -27.49
O4 MPD DA . 8.82 -20.60 -26.29
C5 MPD DA . 10.36 -19.07 -27.03
C1 MPD EA . -4.86 -37.78 -6.64
C2 MPD EA . -3.71 -37.13 -5.89
O2 MPD EA . -4.23 -36.48 -4.72
CM MPD EA . -2.75 -38.20 -5.36
C3 MPD EA . -2.91 -36.20 -6.85
C4 MPD EA . -3.45 -34.77 -7.06
O4 MPD EA . -3.87 -34.13 -5.84
C5 MPD EA . -2.41 -33.85 -7.67
C1 MPD FA . -5.69 -29.99 22.86
C2 MPD FA . -4.33 -29.31 22.76
O2 MPD FA . -4.34 -27.98 23.30
CM MPD FA . -3.27 -29.99 23.62
C3 MPD FA . -3.84 -29.34 21.29
C4 MPD FA . -4.58 -28.39 20.32
O4 MPD FA . -4.25 -27.04 20.62
C5 MPD FA . -4.16 -28.55 18.86
C1 MPD GA . -18.14 -12.13 -31.33
C2 MPD GA . -18.41 -10.72 -30.81
O2 MPD GA . -17.28 -9.88 -30.85
CM MPD GA . -19.42 -10.09 -31.76
C3 MPD GA . -18.97 -10.69 -29.37
C4 MPD GA . -18.02 -11.15 -28.25
O4 MPD GA . -16.91 -10.26 -28.17
C5 MPD GA . -18.60 -11.10 -26.84
C1 MPD HA . -1.79 13.89 -35.50
C2 MPD HA . -2.61 14.42 -34.32
O2 MPD HA . -1.75 14.93 -33.28
CM MPD HA . -3.36 15.67 -34.76
C3 MPD HA . -3.62 13.34 -33.81
C4 MPD HA . -3.10 12.24 -32.88
O4 MPD HA . -2.27 12.74 -31.83
C5 MPD HA . -4.19 11.45 -32.12
C1 MPD IA . 6.47 34.67 -14.62
C2 MPD IA . 5.32 34.28 -13.69
O2 MPD IA . 5.83 33.96 -12.41
CM MPD IA . 4.39 35.48 -13.46
C3 MPD IA . 4.48 33.10 -14.23
C4 MPD IA . 5.23 31.79 -14.45
O4 MPD IA . 5.93 31.50 -13.25
C5 MPD IA . 4.33 30.59 -14.80
C1 MPD JA . 1.23 34.74 16.05
C2 MPD JA . -0.12 34.16 15.66
O2 MPD JA . -0.31 32.92 16.40
CM MPD JA . -1.16 35.16 16.12
C3 MPD JA . -0.26 33.91 14.12
C4 MPD JA . 0.49 32.68 13.58
O4 MPD JA . -0.02 31.57 14.28
C5 MPD JA . 0.31 32.24 12.12
C1 MPD KA . -14.44 14.22 33.06
C2 MPD KA . -15.14 13.86 31.78
O2 MPD KA . -14.97 12.46 31.65
CM MPD KA . -16.65 14.06 31.86
C3 MPD KA . -14.57 14.73 30.57
C4 MPD KA . -13.32 14.29 29.76
O4 MPD KA . -13.51 13.07 29.06
C5 MPD KA . -13.01 15.24 28.62
C1 MPD LA . -28.34 -11.43 23.36
C2 MPD LA . -28.46 -10.85 21.97
O2 MPD LA . -27.97 -11.71 20.92
CM MPD LA . -29.93 -10.73 21.66
C3 MPD LA . -27.80 -9.44 21.91
C4 MPD LA . -26.27 -9.44 21.74
O4 MPD LA . -26.01 -9.82 20.41
C5 MPD LA . -25.54 -8.10 21.76
C1 MPD MA . -30.04 -23.18 -4.93
C2 MPD MA . -29.85 -21.90 -5.73
O2 MPD MA . -28.76 -22.03 -6.63
CM MPD MA . -31.08 -21.68 -6.64
C3 MPD MA . -29.56 -20.71 -4.75
C4 MPD MA . -28.33 -20.87 -3.82
O4 MPD MA . -27.13 -21.02 -4.56
C5 MPD MA . -28.04 -19.65 -2.94
#